data_5Y3R
#
_entry.id   5Y3R
#
_cell.length_a   1.0
_cell.length_b   1.0
_cell.length_c   1.0
_cell.angle_alpha   90.0
_cell.angle_beta   90.0
_cell.angle_gamma   90.0
#
_symmetry.space_group_name_H-M   'P 1'
#
loop_
_entity.id
_entity.type
_entity.pdbx_description
1 polymer 'X-ray repair cross-complementing protein 6'
2 polymer 'X-ray repair cross-complementing protein 5'
3 polymer PRKDC-Helix
4 polymer 'DNA (34-MER)'
5 polymer 'DNA (36-MER)'
6 polymer 'DNA-dependent protein kinase catalytic subunit'
#
loop_
_entity_poly.entity_id
_entity_poly.type
_entity_poly.pdbx_seq_one_letter_code
_entity_poly.pdbx_strand_id
1 'polypeptide(L)'
;GRDSLIFLVDASKAMFESQSEDELTPFDMSIQCIQSVYISKIISSDRDLLAVVFYGTEKDKNSVNFKNIYVLQELDNPGA
KRILELDQFKGQQGQKRFQDMMGHGSDYSLSEVLWVCANLFSDVQFKMSHKRIMLFTNEDNPHGNDSAKASRARTKAGDL
RDTGIFLDLMHLKKPGGFDISLFYRDIISIAEDEDLRVHFEESSKLEDLLRKVRAKETRKRALSRLKLKLNKDIVISVGI
YNLVQKALKPPPIKLYRETNEPVKTKTRTFNTSTGGLLLPSDTKRSQIYGSRQIILEKEETEELKRFDDPGLMLMGFKPL
VLLKKHHYLRPSLFVYPEESLVIGSSTLFSALLIKCLEKEVAALCRYTPRRNIPPYFVALVPQEEELDDQKIQVTPPGFQ
LVFLPFADDKRKMPFTEKIMATPEQVGKMKAIVEKLRFTYRSDSFENPVLQQHFRNLEALALDLMEPEQAVDLTLPKVEA
MNKRLGSLVDEFKELVYPPDY
;
A
2 'polypeptide(L)'
;NKAAVVLCMDVGFTMSNSIPGIESPFEQAKKVITMFVQRQVFAENKDEIALVLFGTDGTDNPLSGGDQYQNITVHRHLML
PDFDLLEDIESKIQPGSQQADFLDALIVSMDVIQHETIGKKFEKRHIEIFTDLSSRFSKSQLDIIIHSLKKCDISLQFFL
PFSLGKEDGSGDRGDGPFRLGGHGPSFPLKGITEQQKEGLEIVKMVMISLEGEDGLDEIYSFSESLRKLCVFKKIERHSI
HWPCRLTIGSNLSIRIAAYKSILQERVKKTWTVVDAKTLKKEDIQKETVYCLNDDDETEVLKEDIIQGFRYGSDIVPFSK
VDEEQMKYKSEGKCFSVLGFCKSSQVQRRFFMGNQVLKVFAARDDEAAAVALSSLIHALDDLDMVAIVRYAYDKRANPQV
GVAFPHIKHNYECLVYVQLPFMEDLRQYMFSSLKNSKKYAPTEAQLNAVDALIDSMSLAKKDEKTDTLEDLFPTTKIPNP
RFQRLFQCLLHRALHPREPLPPIQQHIWNMLNPPAEVTTKSQIPLSKIKTLFPLIE
;
B
3 'polypeptide(L)' AAAAAAAAAAAAAAA K
4 'polydeoxyribonucleotide'
;(DT)(DA)(DA)(DA)(DA)(DA)(DC)(DT)(DA)(DT)(DT)(DA)(DT)(DT)(DA)(DT)(DG)(DG)(DT)(DA)
(DT)(DT)(DA)(DT)(DG)(DG)(DC)(DC)(DT)(DT)(DG)(DG)(DG)(DC)
;
D
5 'polydeoxyribonucleotide'
;(DC)(DA)(DG)(DC)(DT)(DA)(DA)(DT)(DG)(DG)(DC)(DC)(DA)(DT)(DA)(DA)(DT)(DA)(DC)(DC)
(DA)(DT)(DA)(DA)(DT)(DA)(DA)(DT)(DA)(DG)(DT)(DT)(DT)(DT)(DT)(DA)
;
E
6 'polypeptide(L)'
;CSLLRLQETLSAADRCGAALAGHQLIRGLGQECVLSSSPAVLALQTSLVFSRDFGLLVFVRKSLNSIEFRECREEILKFL
CIFLEKMGQKIAPYSVEIKNTCTSVYTKDRAAKCKIPALDLLIKLLQTFRSSRLMDEFKIGELFSKFYGELALKKKIPDT
VLEKVYELLGLLGEVHPSEMINNAENLFRAFLGELKTQMTSAVREPKLPVLAGCLKGLSSLLCNFTKSMEEDPQTSREIF
NFVLKAIRPQIDLKRYAVPSAGLRLFALHASQFSTCLLDNYVSLFEVLLKWCAHTNVELKKAALSALESFLKQVSNMVAK
NAEMHKNKLQYFMEQFYGIIRNVDSNNKELSIAIRGYGLFAGPCKVINAKDVDFMYVELIQRCKQMFLTQTDTGDDRVYQ
MPSFLQSVASVLLYLDTVPEVYTPVLEHLVVMQIDSFPQYSPKMQLVCCRAIVKVFLALAAKGPVLRNCISTVVHQGLIR
ICSKPVVLPKGPESESEDHRASGEVRTGKWKVPTYKDYVDLFRHLLSSDQMMDSILADEAFFSVNSSSESLNHLLYDEFV
KSVLKIVEKLDLTLEIQTVGEQENGDEAPGVWMIPTSDPAANLHPAKPKDFSAFINLVEFCREILPEKQAEFFEPWVYSF
SYELILQSTRLPLISGFYKLLSITVRNAKKIKYFEGVSPKSLKHSPEDPEKYSCFALFVKFGKEVAVKMKQYKDELLASC
LTFLLSLPHNIIELDVRAYVPALQMAFKLGLSYTPLAEVGLNALEEWSIYIDRHVMQPYYKDILPCLDGYLKTSALSDET
KNNWEVSALSRAAQKGFNKVVLKHLKKTKNLSSNEAISLEEIRIRVVQMLGSLGGQINKNLLTVTSSDEMMKSYVAWDRE
KRLSFAVPFREMKPVIFLDVFLPRVTELALTASDRQTKVAACELLHSMVMFMLGKATQMPEGGQGAPPMYQLYKRTFPVL
LRLACDVDQVTRQLYEPLVMQLIHWFTNNKKFESQDTVALLEAILDGIVDPVDSTLRDFCGRCIREFLKWSIKQITPQQQ
EKSPVNTKSLFKRLYSLALHPNAFKRLGASLAFNNIYREFREEESLVEQFVFEALVIYMESLALAHADEKSLGTIQQCCD
AIDHLCRIIEKKHVSLNKAKKRRLPRGFPPSASLCLLDLVKWLLAHCGRPQTECRHKSIELFYKFVPLLPGNRSPNLWLK
DVLKEEGVSFLINTFEGGGCGQPSGILAQPTLLYLRGPFSLQATLCWLDLLLAALECYNTFIGERTVGALQVLGTEAQSS
LLKAVAFFLESIAMHDIIAAEKCFGTGAAGNRTSPQEGERYNYSKCTVVVRIMEFTTTLLNTSPEGWKLLKKDLCNTHLM
RVLVQTLCEPASIGFNIGDVQVMAHLPDVCVNLMKALKMSPYKDILETHLREKITAQSIEELCAVNLYGPDAQVDRSRLA
AVVSACKQLHRAGLLHNILPSQSTDLHHSVGTELLSLVYKGIAPGDERQCLPSLDLSCKQLASGLLELAFAFGGLCERLV
SLLLNPAVLSTASLGSSQGSVIHFSHGEYFYSLFSETINTELLKNLDLAVLELMQSSVDNTKMVSAVLNGMLDQSFRERA
NQKHQGLKLATTILQHWKKCDSWWAKDSPLETKMAVLALLAKILQIDSSVSFNTSHGSFPEVFTTYISLLADTKLDLHLK
GQAVTLLPFFTSLTGGSLEELRRVLEQLIVAHFPMQSREFPPGTPRFNNYVDCMKKFLDALELSQSPMLLELMTEVLCRE
QQHVMEELFQSSFRRIARRGSCVTQVGLLESVYEMFRKDDPRLSFTRQSFVDRSLLTLLWHCSLDALREFFSTIVVDAID
VLKSRFTKLNESTFDTQITKKMGYYKILDVMYSRLPKDDVHAKESKINQVFHGSCITEGNELTKTLIKLCYDAFTENMAG
ENQLLERRRLYHCAAYNCAISVICCVFNELKFYQGFLFSEKPEKNLLIFENLIDLKRRYNFPVEVEVPMERKKKYIEIRK
EAREAANGDSDGPSYMSSLSYLADSTLSEEMSQFDFSTGVQSYSYSSQDPRPATGRFRRREQRDPTVHDDVLELEMDELN
RHECMAPLTALVKHMHRSLGPPQGEEDSVPRDLPSWMKFLHGKLGNPIVPLNIRLFLAKLVINTEEVFRPYAKHWLSPLL
QLAASENNGGEGIHYMVVEIVATILSWTGLATPTGVPKDEVLANRLLNFLMKHVFHPKRAVFRHNLEIIKTLVECWKDCL
SIPYRLIFEKFSGKDPNSKDNSVGIQLLGIVMANDLPPYDPQCGIQSSEYFQALVNNMSFVRYKEVYAAAAEVLGLILRY
VMERKNILEESLCELVAKQLKQHQNTMEDKFIVCLNKVTKSFPPLADRFMNAVFFLLPKFHGVLKTLCLEVVLCRVEGMT
ELYFQLKSKDFVQVMRHRDDERQKVCLDIIYKMMPKLKPVELRELLNPVVEFVSHPSTTCREQMYNILMWIHDNYRDPES
ETDNDSQEIFKLAKDVLIQGLIDENPGLQLIIRNFWSHETRLPSNTLDRLLALNSLYSPKIEVHFLSLATNFLLEMTSMS
PDYPNPMFEHPLSECEFQEYTIDSDWRFRSTVLTPMFVETQASQGTLQTRTQEGSLSARWPVAGQIRATQQQHDFTLTQT
ADGRSSFDWLTGSSTDPLVDHTSPSSDSLLFAHKRSERLQRAPLKSVGPDFGKKRLGLPGDEVDNKVKGAAGRTDLLRLR
RRFMRDQEKLSLMYARKGVAEQKREKEIKSELKMKQDAQVVLYRSYRHGDLPDIQIKHSSLITPLQAVAQRDPIIAKQLF
SSLFSGILKEMDKFKTLSEKNNITQKLLQDFNRFLNTTFSFFPPFVSCIQDISCQHAALLSLDPAAVSAGCLASLQQPVG
IRLLEEALLRLLPAELPAKRVRGKARLPPDVLRWVELAKLYRSIGEYDVLRGIFTSEIGTKQITQSALLAEARSDYSEAA
KQYDEALNKQDWVDGEPTEAEKDFWELASLDCYNHLAEWKSLEYCSTASIDSENPPDLNKIWSEPFYQETYLPYMIRSKL
KLLLQGEADQSLLTFIDKAMHGELQKAILELHYSQELSLLYLLQDDVDRAKYYIQNGIQSFMQNYSSIDVLLHQSRLTKL
QSVQALTEIQEFISFISKQGNLSSQVPLKRLLNTWTNRYPDAKMDPMNIWDDIITNRCFFLSKIEEKLTPLPEDNSMNVD
QDGDPSDRMEVQEQEEDISSLIRSCKFSMKMKMIDSARKQNNFSLAMKLLKELHKESKTRDDWLVSWVQSYCRLSHCRSR
SQGCSEQVLTVLKTVSLLDENNVSSYLSKNILAFRDQNILLGTTYRIIANALSSEPACLAEIEEDKARRILELSGSSSED
SEKVIAGLYQRAFQHLSEAVQAAEEEAQPPSWSCGPAAGVIDAYMTLADFCDQQLRKEEENASVIDSAELQAYPALVVEK
MLKALKLNSNEARLKFPRLLQIIERYPEETLSLMTKEISSVPCWQFISWISHMVALLDKDQAVAVQHSVEEITDNYPQAI
VYPFIISSESYSFKDTSTGHKNKEFVARIKSKLDQGGVIQDFINALDQLSNPELLFKDWSNDVRAELAKTPVNKKNIEKM
YERMYAALGDPKAPGLGAFRRKFIQTFGKEFDKHFGKGGSKLLRMKLSDFNDITNMLLLKMNKDSKPPGNLKECSPWMSD
FKVEFLRNELEIPGQYDGRGKPLPEYHVRIAGFDERVTVMASLRRPKRIIIRGHDEREHPFLVKGGEDLRQDQRVEQLFQ
VMNGILAQDSACSQRALQLRTYSVVPMTSRLGLIEWLENTVTLKDLLLNTMSQEEKAAYLSDPRAPPCEYKDWLTKMSGK
HDVGAYMLMYKGANRTETVTSFRKRESKVPADLLKRAFVRMSTSPEAFLALRSHFASSHALICISHWILGIGDRHLNNFM
VAMETGGVIGIDFGHAFGSATQFLPVPELMPFRLTRQFINLMLPMKETGLMYSIMVHALRAFRSDPGLLTNTMDVFVKEP
SFDWKNFEQKMLKKGGSWIQEINVAEKNWYPRQKICYAKRKLAGANPAVITCDELLLGHEKAPAFRDYVAVARGSKDHNI
RAQEPESGLSEETQVKCLMDQATDPNILGRTWEGWEPWM
;
C
#
loop_
_chem_comp.id
_chem_comp.type
_chem_comp.name
_chem_comp.formula
DA DNA linking 2'-DEOXYADENOSINE-5'-MONOPHOSPHATE 'C10 H14 N5 O6 P'
DC DNA linking 2'-DEOXYCYTIDINE-5'-MONOPHOSPHATE 'C9 H14 N3 O7 P'
DG DNA linking 2'-DEOXYGUANOSINE-5'-MONOPHOSPHATE 'C10 H14 N5 O7 P'
DT DNA linking THYMIDINE-5'-MONOPHOSPHATE 'C10 H15 N2 O8 P'
#
# COMPACT_ATOMS: atom_id res chain seq x y z
N GLY A 1 36.82 34.31 10.68
CA GLY A 1 37.70 33.73 11.67
C GLY A 1 39.04 33.40 11.06
N ARG A 2 38.99 32.83 9.87
CA ARG A 2 40.17 32.63 9.06
C ARG A 2 39.91 33.36 7.75
N ASP A 3 40.64 34.42 7.52
CA ASP A 3 40.08 35.60 6.90
C ASP A 3 40.52 35.76 5.45
N SER A 4 40.17 36.90 4.88
CA SER A 4 40.44 37.21 3.49
C SER A 4 41.62 38.15 3.38
N LEU A 5 42.49 37.89 2.41
CA LEU A 5 43.52 38.84 2.03
C LEU A 5 43.75 38.69 0.54
N ILE A 6 43.95 39.81 -0.15
CA ILE A 6 43.69 39.86 -1.58
C ILE A 6 44.81 40.58 -2.33
N PHE A 7 45.32 39.93 -3.38
CA PHE A 7 46.24 40.55 -4.33
C PHE A 7 45.43 41.05 -5.52
N LEU A 8 45.77 42.23 -6.02
CA LEU A 8 45.23 42.68 -7.29
C LEU A 8 46.19 43.61 -8.01
N VAL A 9 46.25 43.48 -9.33
CA VAL A 9 46.94 44.42 -10.20
C VAL A 9 45.92 45.20 -11.00
N ASP A 10 46.02 46.52 -10.95
CA ASP A 10 45.29 47.39 -11.84
C ASP A 10 45.74 47.20 -13.28
N ALA A 11 44.83 47.41 -14.21
CA ALA A 11 45.26 47.58 -15.58
C ALA A 11 44.44 48.66 -16.27
N SER A 12 45.16 49.64 -16.82
CA SER A 12 44.65 50.47 -17.90
C SER A 12 45.25 49.99 -19.21
N LYS A 13 46.51 50.35 -19.50
CA LYS A 13 47.31 49.60 -20.46
C LYS A 13 48.74 49.42 -19.98
N ALA A 14 49.48 50.53 -19.93
CA ALA A 14 50.93 50.55 -19.84
C ALA A 14 51.45 49.90 -18.57
N MET A 15 50.55 49.49 -17.69
CA MET A 15 50.96 49.03 -16.38
C MET A 15 51.80 47.76 -16.45
N PHE A 16 51.30 46.75 -17.17
CA PHE A 16 52.12 45.54 -17.31
C PHE A 16 53.38 45.83 -18.09
N GLU A 17 53.36 46.87 -18.91
CA GLU A 17 54.55 47.43 -19.49
C GLU A 17 55.40 48.07 -18.41
N SER A 18 56.66 48.32 -18.74
CA SER A 18 57.62 48.83 -17.78
C SER A 18 57.65 50.35 -17.71
N GLN A 19 56.71 51.03 -18.36
CA GLN A 19 56.83 52.46 -18.66
C GLN A 19 58.08 52.71 -19.48
N SER A 20 58.53 51.67 -20.18
CA SER A 20 59.79 51.63 -20.89
C SER A 20 60.96 51.88 -19.96
N GLU A 21 60.78 51.70 -18.66
CA GLU A 21 61.86 51.94 -17.73
C GLU A 21 62.78 50.73 -17.71
N ASP A 22 64.03 50.97 -17.38
CA ASP A 22 65.11 50.04 -17.64
C ASP A 22 65.37 49.06 -16.48
N GLU A 23 64.53 49.06 -15.45
CA GLU A 23 64.66 48.05 -14.41
C GLU A 23 63.62 46.95 -14.58
N LEU A 24 62.37 47.26 -14.27
CA LEU A 24 61.29 46.29 -14.33
C LEU A 24 60.01 47.03 -14.67
N THR A 25 58.99 46.29 -15.10
CA THR A 25 57.66 46.84 -14.99
C THR A 25 57.23 46.78 -13.53
N PRO A 26 56.86 47.92 -12.95
CA PRO A 26 56.40 47.90 -11.55
C PRO A 26 55.27 46.91 -11.38
N PHE A 27 54.60 46.62 -12.49
CA PHE A 27 53.77 45.43 -12.59
C PHE A 27 54.50 44.20 -12.05
N ASP A 28 55.72 43.97 -12.52
CA ASP A 28 56.42 42.78 -12.05
C ASP A 28 56.77 42.89 -10.58
N MET A 29 57.26 44.06 -10.17
CA MET A 29 57.49 44.28 -8.75
C MET A 29 56.29 43.80 -7.94
N SER A 30 55.10 44.25 -8.35
CA SER A 30 53.86 43.72 -7.82
C SER A 30 53.84 42.21 -7.88
N ILE A 31 54.25 41.63 -9.01
CA ILE A 31 54.24 40.18 -9.16
C ILE A 31 54.95 39.54 -7.97
N GLN A 32 56.19 39.93 -7.73
CA GLN A 32 56.88 39.36 -6.61
C GLN A 32 56.24 39.74 -5.29
N CYS A 33 55.46 40.82 -5.25
CA CYS A 33 54.71 41.13 -4.03
C CYS A 33 53.68 40.04 -3.77
N ILE A 34 52.85 39.76 -4.77
CA ILE A 34 51.92 38.65 -4.70
C ILE A 34 52.63 37.41 -4.22
N GLN A 35 53.72 37.07 -4.93
CA GLN A 35 54.59 36.00 -4.49
C GLN A 35 54.85 36.11 -3.01
N SER A 36 55.03 37.32 -2.54
CA SER A 36 55.64 37.51 -1.24
C SER A 36 54.63 37.27 -0.15
N VAL A 37 53.39 37.70 -0.35
CA VAL A 37 52.42 37.45 0.70
C VAL A 37 51.88 36.05 0.58
N TYR A 38 51.62 35.60 -0.64
CA TYR A 38 51.11 34.26 -0.77
C TYR A 38 52.13 33.28 -0.22
N ILE A 39 53.37 33.37 -0.69
CA ILE A 39 54.48 32.68 -0.06
C ILE A 39 54.49 32.96 1.43
N SER A 40 54.26 34.21 1.80
CA SER A 40 54.39 34.60 3.20
C SER A 40 53.53 33.72 4.06
N LYS A 41 52.37 33.37 3.56
CA LYS A 41 51.44 32.56 4.31
C LYS A 41 51.77 31.10 4.19
N ILE A 42 52.84 30.75 3.50
CA ILE A 42 53.46 29.47 3.76
C ILE A 42 54.05 29.46 5.15
N ILE A 43 54.94 30.43 5.41
CA ILE A 43 55.62 30.60 6.68
C ILE A 43 54.57 30.79 7.75
N SER A 44 53.91 31.96 7.68
CA SER A 44 52.87 32.26 8.64
C SER A 44 51.83 31.18 8.62
N SER A 45 51.69 30.51 7.48
CA SER A 45 50.82 29.36 7.35
C SER A 45 49.43 29.74 7.87
N ASP A 46 48.84 30.70 7.19
CA ASP A 46 47.65 31.38 7.70
C ASP A 46 46.39 30.82 7.06
N ARG A 47 45.47 30.36 7.91
CA ARG A 47 44.15 29.94 7.46
C ARG A 47 43.38 31.09 6.85
N ASP A 48 43.90 32.31 6.94
CA ASP A 48 43.49 33.37 6.04
C ASP A 48 43.61 32.87 4.61
N LEU A 49 42.70 33.31 3.77
CA LEU A 49 42.78 32.91 2.37
C LEU A 49 43.28 34.05 1.52
N LEU A 50 43.97 33.68 0.45
CA LEU A 50 44.66 34.63 -0.39
C LEU A 50 44.05 34.67 -1.77
N ALA A 51 44.23 35.81 -2.42
CA ALA A 51 43.60 36.08 -3.70
C ALA A 51 44.64 36.52 -4.72
N VAL A 52 44.52 36.02 -5.93
CA VAL A 52 45.34 36.44 -7.06
C VAL A 52 44.40 36.64 -8.26
N VAL A 53 44.31 37.88 -8.73
CA VAL A 53 43.44 38.26 -9.84
C VAL A 53 43.98 39.54 -10.48
N PHE A 54 43.80 39.66 -11.80
CA PHE A 54 44.08 40.88 -12.53
C PHE A 54 42.86 41.27 -13.35
N TYR A 55 42.89 42.46 -13.92
CA TYR A 55 41.76 42.92 -14.70
C TYR A 55 42.28 43.92 -15.72
N GLY A 56 41.35 44.63 -16.35
CA GLY A 56 41.70 45.79 -17.15
C GLY A 56 42.43 45.45 -18.42
N THR A 57 42.15 44.30 -19.00
CA THR A 57 43.12 43.62 -19.81
C THR A 57 42.46 43.14 -21.11
N GLU A 58 43.17 42.34 -21.89
CA GLU A 58 42.64 41.86 -23.16
C GLU A 58 41.62 40.75 -22.96
N LYS A 59 42.07 39.55 -22.61
CA LYS A 59 41.16 38.42 -22.46
C LYS A 59 40.60 38.47 -21.03
N ASP A 60 39.86 37.42 -20.63
CA ASP A 60 39.35 37.30 -19.29
C ASP A 60 39.65 35.95 -18.65
N LYS A 61 39.75 35.97 -17.34
CA LYS A 61 39.41 34.83 -16.51
C LYS A 61 38.43 35.36 -15.48
N ASN A 62 37.17 34.92 -15.56
CA ASN A 62 36.22 35.26 -14.50
C ASN A 62 34.99 34.38 -14.67
N SER A 63 34.10 34.48 -13.70
CA SER A 63 32.72 34.05 -13.85
C SER A 63 31.77 35.19 -14.09
N VAL A 64 32.24 36.43 -14.06
CA VAL A 64 31.34 37.56 -14.27
C VAL A 64 31.28 37.97 -15.72
N ASN A 65 32.15 37.42 -16.54
CA ASN A 65 31.89 37.32 -17.95
C ASN A 65 31.92 38.69 -18.63
N PHE A 66 32.85 39.54 -18.23
CA PHE A 66 32.94 40.89 -18.72
C PHE A 66 34.33 41.15 -19.26
N LYS A 67 34.47 42.25 -19.99
CA LYS A 67 35.73 42.57 -20.62
C LYS A 67 36.75 43.03 -19.59
N ASN A 68 38.03 42.85 -19.92
CA ASN A 68 39.16 43.44 -19.18
C ASN A 68 39.32 42.89 -17.77
N ILE A 69 39.37 41.56 -17.63
CA ILE A 69 39.50 40.91 -16.34
C ILE A 69 40.40 39.69 -16.51
N TYR A 70 41.02 39.24 -15.41
CA TYR A 70 41.30 37.83 -15.28
C TYR A 70 41.22 37.44 -13.83
N VAL A 71 40.51 36.37 -13.53
CA VAL A 71 40.83 35.67 -12.30
C VAL A 71 42.23 35.12 -12.47
N LEU A 72 42.91 34.92 -11.35
CA LEU A 72 44.05 34.02 -11.38
C LEU A 72 43.71 32.76 -10.59
N GLN A 73 43.49 32.90 -9.30
CA GLN A 73 43.03 31.78 -8.50
C GLN A 73 41.91 32.27 -7.58
N GLU A 74 41.07 31.34 -7.15
CA GLU A 74 40.09 31.62 -6.11
C GLU A 74 40.74 31.55 -4.72
N LEU A 75 40.06 32.17 -3.76
CA LEU A 75 40.56 32.34 -2.41
C LEU A 75 41.09 31.02 -1.84
N ASP A 76 42.27 31.09 -1.24
CA ASP A 76 42.90 29.84 -0.82
C ASP A 76 43.85 30.07 0.33
N ASN A 77 43.88 29.12 1.20
CA ASN A 77 45.17 28.90 1.79
C ASN A 77 46.07 28.24 0.75
N PRO A 78 47.37 28.52 0.76
CA PRO A 78 48.17 28.32 -0.44
C PRO A 78 48.31 26.89 -0.89
N GLY A 79 49.04 26.72 -2.00
CA GLY A 79 49.38 25.39 -2.45
C GLY A 79 50.71 25.42 -3.17
N ALA A 80 51.41 24.29 -3.09
CA ALA A 80 52.79 24.25 -3.54
C ALA A 80 52.88 24.52 -5.03
N LYS A 81 52.01 23.88 -5.79
CA LYS A 81 51.88 24.12 -7.22
C LYS A 81 50.74 25.10 -7.48
N ARG A 82 50.13 25.60 -6.43
CA ARG A 82 49.53 26.92 -6.52
C ARG A 82 50.62 27.97 -6.55
N ILE A 83 51.62 27.82 -5.69
CA ILE A 83 52.81 28.66 -5.82
C ILE A 83 53.40 28.49 -7.21
N LEU A 84 53.93 27.30 -7.50
CA LEU A 84 54.49 27.01 -8.81
C LEU A 84 53.53 27.45 -9.89
N GLU A 85 52.24 27.13 -9.72
CA GLU A 85 51.29 27.45 -10.78
C GLU A 85 51.35 28.93 -11.08
N LEU A 86 51.63 29.73 -10.06
CA LEU A 86 51.75 31.15 -10.32
C LEU A 86 53.18 31.56 -10.62
N ASP A 87 54.14 30.65 -10.46
CA ASP A 87 55.55 31.00 -10.53
C ASP A 87 55.99 31.29 -11.95
N GLN A 88 55.11 31.11 -12.93
CA GLN A 88 55.50 31.38 -14.30
C GLN A 88 55.74 32.86 -14.55
N PHE A 89 55.34 33.73 -13.62
CA PHE A 89 54.98 35.10 -13.99
C PHE A 89 56.12 36.10 -13.80
N LYS A 90 57.25 35.68 -13.25
CA LYS A 90 58.43 36.51 -13.30
C LYS A 90 59.06 36.46 -14.69
N GLY A 91 59.90 37.44 -14.96
CA GLY A 91 60.75 37.42 -16.14
C GLY A 91 60.06 38.01 -17.36
N GLN A 92 60.87 38.62 -18.22
CA GLN A 92 60.34 39.29 -19.41
C GLN A 92 59.72 38.28 -20.35
N GLN A 93 60.36 37.13 -20.51
CA GLN A 93 59.73 36.01 -21.18
C GLN A 93 58.42 35.66 -20.51
N GLY A 94 58.39 35.72 -19.18
CA GLY A 94 57.19 35.42 -18.45
C GLY A 94 56.29 36.62 -18.27
N GLN A 95 56.86 37.82 -18.27
CA GLN A 95 56.09 39.03 -18.40
C GLN A 95 55.22 38.86 -19.63
N LYS A 96 55.86 38.89 -20.79
CA LYS A 96 55.14 38.79 -22.04
C LYS A 96 54.27 37.53 -22.08
N ARG A 97 54.88 36.35 -22.06
CA ARG A 97 54.10 35.13 -22.20
C ARG A 97 52.91 35.15 -21.26
N PHE A 98 53.13 35.59 -20.04
CA PHE A 98 52.04 35.77 -19.10
C PHE A 98 50.99 36.71 -19.70
N GLN A 99 51.43 37.87 -20.16
CA GLN A 99 50.59 38.89 -20.78
C GLN A 99 49.79 38.31 -21.92
N ASP A 100 50.46 38.08 -23.03
CA ASP A 100 49.85 37.67 -24.27
C ASP A 100 49.12 36.35 -24.13
N MET A 101 49.82 35.33 -23.62
CA MET A 101 49.17 34.05 -23.41
C MET A 101 47.85 34.25 -22.69
N MET A 102 47.81 35.17 -21.75
CA MET A 102 46.54 35.59 -21.20
C MET A 102 45.93 36.75 -21.95
N GLY A 103 46.71 37.48 -22.74
CA GLY A 103 46.27 38.73 -23.33
C GLY A 103 46.53 39.83 -22.33
N HIS A 104 46.96 41.00 -22.80
CA HIS A 104 47.40 42.05 -21.89
C HIS A 104 46.93 43.42 -22.35
N GLY A 105 45.95 43.96 -21.63
CA GLY A 105 45.55 45.35 -21.61
C GLY A 105 44.69 45.69 -22.81
N SER A 106 43.55 46.31 -22.54
CA SER A 106 42.76 46.95 -23.58
C SER A 106 42.13 48.19 -22.99
N ASP A 107 41.25 47.94 -22.03
CA ASP A 107 40.42 48.93 -21.38
C ASP A 107 40.19 48.44 -19.96
N TYR A 108 39.30 49.10 -19.24
CA TYR A 108 38.72 48.59 -18.00
C TYR A 108 37.60 49.55 -17.63
N SER A 109 36.91 49.24 -16.53
CA SER A 109 36.07 50.24 -15.90
C SER A 109 36.08 49.99 -14.40
N LEU A 110 36.28 51.05 -13.63
CA LEU A 110 36.72 50.96 -12.25
C LEU A 110 35.82 50.18 -11.29
N SER A 111 34.69 50.74 -10.89
CA SER A 111 33.95 50.10 -9.81
C SER A 111 33.42 48.77 -10.27
N GLU A 112 33.28 48.61 -11.58
CA GLU A 112 33.15 47.29 -12.14
C GLU A 112 34.20 46.38 -11.55
N VAL A 113 35.46 46.81 -11.62
CA VAL A 113 36.53 46.06 -11.00
C VAL A 113 36.28 45.93 -9.52
N LEU A 114 35.77 46.99 -8.90
CA LEU A 114 35.44 46.88 -7.49
C LEU A 114 34.64 45.62 -7.23
N TRP A 115 33.42 45.58 -7.73
CA TRP A 115 32.65 44.39 -7.46
C TRP A 115 33.23 43.18 -8.13
N VAL A 116 34.21 43.34 -8.99
CA VAL A 116 34.92 42.16 -9.44
C VAL A 116 35.53 41.53 -8.21
N CYS A 117 36.57 42.18 -7.70
CA CYS A 117 37.32 41.57 -6.64
C CYS A 117 36.46 41.40 -5.42
N ALA A 118 35.65 42.40 -5.13
CA ALA A 118 34.61 42.23 -4.14
C ALA A 118 33.90 40.92 -4.41
N ASN A 119 33.45 40.73 -5.62
CA ASN A 119 32.76 39.49 -5.85
C ASN A 119 33.69 38.30 -5.81
N LEU A 120 34.96 38.55 -5.60
CA LEU A 120 35.75 37.48 -5.01
C LEU A 120 35.53 37.39 -3.51
N PHE A 121 35.16 38.50 -2.86
CA PHE A 121 34.62 38.33 -1.52
C PHE A 121 33.32 37.55 -1.58
N SER A 122 32.69 37.46 -2.75
CA SER A 122 31.65 36.48 -2.88
C SER A 122 32.21 35.10 -2.60
N ASP A 123 33.47 34.88 -2.97
CA ASP A 123 34.00 33.53 -2.99
C ASP A 123 33.99 32.89 -1.62
N VAL A 124 33.62 33.63 -0.58
CA VAL A 124 33.73 33.10 0.76
C VAL A 124 32.65 32.04 0.97
N GLN A 125 33.07 30.82 1.25
CA GLN A 125 32.20 29.81 1.82
C GLN A 125 32.44 29.60 3.30
N PHE A 126 33.44 30.25 3.88
CA PHE A 126 33.91 29.87 5.20
C PHE A 126 33.94 31.05 6.14
N LYS A 127 34.53 30.83 7.29
CA LYS A 127 34.54 31.85 8.34
C LYS A 127 35.77 32.70 8.16
N MET A 128 35.55 33.93 7.72
CA MET A 128 36.59 34.91 7.55
C MET A 128 36.17 36.16 8.30
N SER A 129 37.12 37.05 8.50
CA SER A 129 36.80 38.32 9.12
C SER A 129 37.41 39.44 8.32
N HIS A 130 38.73 39.48 8.31
CA HIS A 130 39.42 40.58 7.67
C HIS A 130 39.08 40.59 6.18
N LYS A 131 38.55 41.70 5.73
CA LYS A 131 38.38 41.98 4.31
C LYS A 131 39.49 42.96 3.97
N ARG A 132 40.53 42.47 3.29
CA ARG A 132 41.69 43.32 3.04
C ARG A 132 42.22 43.07 1.64
N ILE A 133 42.30 44.14 0.87
CA ILE A 133 42.61 44.04 -0.54
C ILE A 133 43.71 45.04 -0.86
N MET A 134 44.44 44.78 -1.93
CA MET A 134 45.51 45.65 -2.39
C MET A 134 45.43 45.79 -3.89
N LEU A 135 45.33 47.02 -4.36
CA LEU A 135 45.48 47.29 -5.78
C LEU A 135 46.95 47.56 -6.08
N PHE A 136 47.40 47.07 -7.22
CA PHE A 136 48.71 47.40 -7.75
C PHE A 136 48.51 48.32 -8.95
N THR A 137 48.83 49.61 -8.79
CA THR A 137 48.76 50.55 -9.89
C THR A 137 49.72 51.71 -9.68
N ASN A 138 50.24 52.22 -10.78
CA ASN A 138 50.77 53.57 -10.86
C ASN A 138 49.77 54.56 -11.44
N GLU A 139 48.53 54.14 -11.69
CA GLU A 139 47.65 54.94 -12.52
C GLU A 139 47.48 56.32 -11.94
N ASP A 140 47.86 57.32 -12.72
CA ASP A 140 47.61 58.69 -12.32
C ASP A 140 46.18 59.08 -12.66
N ASN A 141 45.74 58.70 -13.86
CA ASN A 141 44.37 58.98 -14.27
C ASN A 141 43.61 57.69 -14.49
N PRO A 142 42.68 57.37 -13.61
CA PRO A 142 41.70 56.33 -13.95
C PRO A 142 41.06 56.57 -15.30
N HIS A 143 40.70 57.82 -15.56
CA HIS A 143 40.09 58.27 -16.80
C HIS A 143 39.80 59.76 -16.69
N GLY A 144 39.81 60.48 -17.80
CA GLY A 144 39.24 61.81 -17.80
C GLY A 144 37.99 61.85 -18.63
N ASN A 145 37.85 60.83 -19.47
CA ASN A 145 36.86 60.89 -20.54
C ASN A 145 35.45 60.78 -19.98
N ASP A 146 35.17 59.71 -19.26
CA ASP A 146 33.88 59.55 -18.61
C ASP A 146 34.09 59.82 -17.14
N SER A 147 33.68 60.99 -16.69
CA SER A 147 33.67 61.25 -15.26
C SER A 147 32.50 60.56 -14.59
N ALA A 148 31.58 59.99 -15.36
CA ALA A 148 30.62 59.08 -14.76
C ALA A 148 31.33 57.86 -14.18
N LYS A 149 32.46 57.49 -14.77
CA LYS A 149 33.32 56.52 -14.11
C LYS A 149 33.85 57.08 -12.80
N ALA A 150 34.13 58.38 -12.74
CA ALA A 150 34.64 58.97 -11.51
C ALA A 150 33.57 58.96 -10.43
N SER A 151 32.38 59.46 -10.75
CA SER A 151 31.26 59.32 -9.85
C SER A 151 31.04 57.88 -9.47
N ARG A 152 31.38 56.95 -10.36
CA ARG A 152 31.27 55.55 -10.03
C ARG A 152 32.32 55.15 -9.00
N ALA A 153 33.51 55.73 -9.11
CA ALA A 153 34.54 55.53 -8.09
C ALA A 153 34.03 56.01 -6.74
N ARG A 154 33.79 57.30 -6.64
CA ARG A 154 33.26 57.88 -5.42
C ARG A 154 31.91 57.29 -5.03
N THR A 155 31.31 56.48 -5.90
CA THR A 155 29.98 55.91 -5.64
C THR A 155 30.10 54.51 -5.05
N LYS A 156 30.46 53.54 -5.88
CA LYS A 156 30.55 52.17 -5.37
C LYS A 156 31.66 52.05 -4.33
N ALA A 157 32.69 52.87 -4.46
CA ALA A 157 33.77 52.86 -3.47
C ALA A 157 33.19 52.82 -2.07
N GLY A 158 32.50 53.90 -1.70
CA GLY A 158 31.91 53.97 -0.38
C GLY A 158 31.09 52.76 -0.05
N ASP A 159 30.49 52.14 -1.06
CA ASP A 159 29.77 50.90 -0.83
C ASP A 159 30.74 49.84 -0.32
N LEU A 160 31.84 49.66 -1.02
CA LEU A 160 32.70 48.53 -0.76
C LEU A 160 33.47 48.72 0.53
N ARG A 161 33.88 49.95 0.83
CA ARG A 161 34.36 50.22 2.18
C ARG A 161 33.26 49.94 3.17
N ASP A 162 32.08 50.52 2.94
CA ASP A 162 30.90 50.18 3.72
C ASP A 162 30.64 48.70 3.70
N THR A 163 31.09 48.02 2.67
CA THR A 163 31.06 46.57 2.69
C THR A 163 32.08 46.01 3.68
N GLY A 164 32.81 46.88 4.35
CA GLY A 164 33.86 46.40 5.21
C GLY A 164 35.03 45.88 4.45
N ILE A 165 35.03 46.07 3.13
CA ILE A 165 36.03 45.48 2.28
C ILE A 165 37.00 46.59 1.90
N PHE A 166 38.30 46.34 2.10
CA PHE A 166 39.29 47.41 2.13
C PHE A 166 40.46 47.14 1.20
N LEU A 167 40.58 47.97 0.17
CA LEU A 167 41.72 48.03 -0.71
C LEU A 167 42.38 49.40 -0.62
N ASP A 168 43.70 49.40 -0.58
CA ASP A 168 44.45 50.63 -0.71
C ASP A 168 45.46 50.48 -1.84
N LEU A 169 46.29 51.52 -1.99
CA LEU A 169 47.41 51.50 -2.92
C LEU A 169 48.66 51.87 -2.15
N MET A 170 49.58 50.91 -2.01
CA MET A 170 50.86 51.20 -1.40
C MET A 170 51.71 52.01 -2.39
N HIS A 171 52.74 52.66 -1.86
CA HIS A 171 53.43 53.69 -2.62
C HIS A 171 54.46 52.89 -3.42
N LEU A 172 54.11 52.57 -4.67
CA LEU A 172 54.80 51.55 -5.45
C LEU A 172 55.74 52.12 -6.49
N LYS A 173 55.98 53.43 -6.43
CA LYS A 173 56.82 54.12 -7.41
C LYS A 173 56.23 54.19 -8.80
N LYS A 174 55.23 55.03 -8.92
CA LYS A 174 55.16 55.93 -10.05
C LYS A 174 56.19 56.95 -9.57
N PRO A 175 56.85 57.65 -10.48
CA PRO A 175 57.94 58.55 -10.08
C PRO A 175 57.65 59.44 -8.86
N GLY A 176 58.70 59.66 -8.06
CA GLY A 176 58.54 60.19 -6.72
C GLY A 176 58.08 59.16 -5.71
N GLY A 177 57.96 57.90 -6.11
CA GLY A 177 57.27 56.90 -5.34
C GLY A 177 55.77 57.00 -5.47
N PHE A 178 55.31 58.20 -5.85
CA PHE A 178 54.14 58.63 -6.58
C PHE A 178 54.33 60.13 -6.56
N ASP A 179 53.83 60.85 -7.54
CA ASP A 179 53.74 62.30 -7.44
C ASP A 179 52.33 62.77 -7.19
N ILE A 180 51.36 61.87 -7.13
CA ILE A 180 49.95 62.22 -7.10
C ILE A 180 49.49 62.23 -5.65
N SER A 181 48.82 63.30 -5.24
CA SER A 181 48.05 63.28 -4.01
C SER A 181 46.60 63.59 -4.37
N LEU A 182 46.31 64.86 -4.58
CA LEU A 182 45.17 65.33 -5.37
C LEU A 182 43.90 64.54 -5.10
N PHE A 183 43.20 64.07 -6.13
CA PHE A 183 41.90 63.49 -5.88
C PHE A 183 41.96 62.20 -5.08
N TYR A 184 43.14 61.67 -4.81
CA TYR A 184 43.18 60.28 -4.36
C TYR A 184 42.71 60.18 -2.92
N ARG A 185 41.55 59.57 -2.74
CA ARG A 185 41.11 58.98 -1.49
C ARG A 185 40.47 57.64 -1.84
N ASP A 186 39.47 57.71 -2.73
CA ASP A 186 38.68 56.58 -3.19
C ASP A 186 39.56 55.39 -3.50
N ILE A 187 40.71 55.63 -4.12
CA ILE A 187 41.56 54.54 -4.58
C ILE A 187 41.92 53.63 -3.43
N ILE A 188 42.27 54.22 -2.30
CA ILE A 188 42.54 53.41 -1.12
C ILE A 188 41.24 53.19 -0.39
N SER A 189 41.32 52.65 0.82
CA SER A 189 40.14 52.44 1.61
C SER A 189 40.19 53.36 2.81
N VAL A 198 49.04 48.85 20.40
CA VAL A 198 48.49 48.94 19.04
C VAL A 198 48.83 50.27 18.37
N HIS A 199 50.05 50.76 18.61
CA HIS A 199 50.61 51.92 17.89
C HIS A 199 51.73 51.43 16.98
N PHE A 200 51.70 51.87 15.73
CA PHE A 200 52.52 51.28 14.67
C PHE A 200 53.08 52.34 13.72
N GLU A 201 53.65 51.85 12.62
CA GLU A 201 54.17 52.66 11.52
C GLU A 201 53.72 52.04 10.21
N GLU A 202 53.84 52.79 9.11
CA GLU A 202 53.46 52.32 7.79
C GLU A 202 54.64 52.40 6.83
N SER A 203 54.53 51.70 5.70
CA SER A 203 55.61 51.61 4.73
C SER A 203 55.06 51.61 3.31
N SER A 204 55.94 51.96 2.39
CA SER A 204 55.58 52.08 0.99
C SER A 204 55.92 50.86 0.17
N LYS A 205 56.53 49.83 0.76
CA LYS A 205 57.13 48.80 -0.07
C LYS A 205 56.83 47.42 0.46
N LEU A 206 57.32 46.45 -0.28
CA LEU A 206 57.25 45.02 -0.05
C LEU A 206 58.35 44.45 0.85
N GLU A 207 59.54 45.05 0.84
CA GLU A 207 60.64 44.49 1.61
C GLU A 207 60.22 44.22 3.05
N ASP A 208 59.67 45.25 3.68
CA ASP A 208 59.00 45.10 4.96
C ASP A 208 58.11 43.88 4.96
N LEU A 209 57.27 43.75 3.93
CA LEU A 209 56.44 42.58 3.82
C LEU A 209 57.33 41.34 3.79
N LEU A 210 58.32 41.34 2.90
CA LEU A 210 59.17 40.19 2.71
C LEU A 210 59.70 39.67 4.02
N ARG A 211 60.66 40.39 4.58
CA ARG A 211 61.30 39.90 5.78
C ARG A 211 60.30 39.76 6.91
N LYS A 212 59.47 40.79 7.10
CA LYS A 212 58.52 40.80 8.21
C LYS A 212 57.79 39.48 8.31
N VAL A 213 57.39 38.93 7.18
CA VAL A 213 56.67 37.69 7.24
C VAL A 213 57.56 36.49 6.98
N ARG A 214 58.87 36.70 6.80
CA ARG A 214 59.72 35.54 6.63
C ARG A 214 59.60 34.53 7.76
N ALA A 215 59.58 34.96 9.01
CA ALA A 215 59.40 33.99 10.08
C ALA A 215 57.99 33.95 10.65
N LYS A 216 57.08 34.82 10.20
CA LYS A 216 55.87 35.15 10.93
C LYS A 216 54.92 33.94 11.02
N GLU A 217 53.96 34.02 11.94
CA GLU A 217 53.10 32.90 12.36
C GLU A 217 51.73 33.43 12.77
N THR A 218 51.00 32.62 13.55
CA THR A 218 49.58 32.83 13.86
C THR A 218 49.28 34.19 14.45
N ARG A 219 48.03 34.65 14.26
CA ARG A 219 47.56 35.88 14.89
C ARG A 219 46.37 35.66 15.82
N LYS A 220 45.14 35.47 15.33
CA LYS A 220 44.00 35.55 16.25
C LYS A 220 43.89 34.23 16.98
N ARG A 221 44.21 34.26 18.27
CA ARG A 221 44.04 33.08 19.10
C ARG A 221 43.79 33.43 20.56
N ALA A 222 42.65 33.00 21.11
CA ALA A 222 42.43 32.84 22.56
C ALA A 222 41.47 31.67 22.76
N LEU A 223 41.85 30.66 23.54
CA LEU A 223 40.98 29.50 23.62
C LEU A 223 40.61 29.16 25.05
N SER A 224 41.40 28.34 25.76
CA SER A 224 40.86 27.60 26.89
C SER A 224 40.73 28.51 28.10
N ARG A 225 39.52 28.58 28.65
CA ARG A 225 39.20 29.62 29.62
C ARG A 225 39.00 29.02 31.00
N LEU A 226 39.89 29.36 31.92
CA LEU A 226 39.82 28.89 33.30
C LEU A 226 39.10 29.91 34.18
N LYS A 227 39.21 29.74 35.49
CA LYS A 227 38.65 30.64 36.48
C LYS A 227 39.68 30.95 37.54
N LEU A 228 39.41 31.98 38.31
CA LEU A 228 39.99 32.13 39.63
C LEU A 228 38.90 32.43 40.62
N LYS A 229 38.70 31.55 41.56
CA LYS A 229 38.02 31.99 42.76
C LYS A 229 39.00 32.87 43.52
N LEU A 230 38.56 34.06 43.89
CA LEU A 230 39.45 34.94 44.64
C LEU A 230 39.52 34.42 46.08
N ASN A 231 38.44 34.59 46.82
CA ASN A 231 38.19 33.86 48.04
C ASN A 231 37.28 32.71 47.71
N LYS A 232 36.80 32.01 48.73
CA LYS A 232 35.74 31.05 48.48
C LYS A 232 34.44 31.76 48.09
N ASP A 233 34.30 33.02 48.44
CA ASP A 233 33.01 33.70 48.36
C ASP A 233 32.84 34.61 47.15
N ILE A 234 33.85 34.79 46.31
CA ILE A 234 33.76 35.80 45.27
C ILE A 234 34.51 35.32 44.03
N VAL A 235 34.14 35.89 42.88
CA VAL A 235 34.32 35.23 41.59
C VAL A 235 35.22 36.04 40.68
N ILE A 236 36.07 35.33 39.94
CA ILE A 236 36.53 35.80 38.64
C ILE A 236 36.74 34.57 37.78
N SER A 237 36.54 34.74 36.48
CA SER A 237 36.94 33.72 35.52
C SER A 237 38.10 34.26 34.72
N VAL A 238 39.09 33.41 34.48
CA VAL A 238 40.40 33.88 34.02
C VAL A 238 40.63 33.40 32.60
N GLY A 239 40.94 34.37 31.72
CA GLY A 239 41.35 34.04 30.37
C GLY A 239 42.80 33.56 30.31
N ILE A 240 43.01 32.36 29.79
CA ILE A 240 44.35 31.84 29.53
C ILE A 240 44.77 32.38 28.18
N TYR A 241 45.99 32.86 28.09
CA TYR A 241 46.50 33.39 26.84
C TYR A 241 47.95 33.03 26.65
N ASN A 242 48.32 32.80 25.39
CA ASN A 242 49.72 32.62 25.02
C ASN A 242 50.16 33.89 24.32
N LEU A 243 50.98 34.70 25.01
CA LEU A 243 51.73 35.69 24.27
C LEU A 243 52.49 34.99 23.15
N VAL A 244 53.01 33.82 23.46
CA VAL A 244 53.44 32.81 22.51
C VAL A 244 53.48 31.49 23.27
N GLN A 245 53.80 30.41 22.58
CA GLN A 245 54.17 29.16 23.23
C GLN A 245 55.69 28.93 23.27
N LYS A 246 56.48 29.91 22.84
CA LYS A 246 57.79 29.74 22.19
C LYS A 246 57.48 29.04 20.87
N ALA A 247 56.81 29.77 19.99
CA ALA A 247 56.14 29.16 18.86
C ALA A 247 57.05 28.20 18.13
N LEU A 248 56.50 27.07 17.73
CA LEU A 248 57.22 26.10 16.95
C LEU A 248 56.40 25.80 15.71
N LYS A 249 56.89 24.87 14.91
CA LYS A 249 56.23 24.53 13.67
C LYS A 249 55.02 23.65 13.93
N PRO A 250 54.12 23.56 12.97
CA PRO A 250 53.42 22.32 12.78
C PRO A 250 54.43 21.24 12.41
N PRO A 251 54.44 20.12 13.13
CA PRO A 251 55.62 19.28 13.17
C PRO A 251 55.56 18.18 12.12
N PRO A 252 56.61 17.38 11.96
CA PRO A 252 56.67 16.47 10.81
C PRO A 252 55.45 15.58 10.70
N ILE A 253 54.91 15.51 9.50
CA ILE A 253 53.64 14.83 9.25
C ILE A 253 53.92 13.56 8.47
N LYS A 254 53.15 12.51 8.76
CA LYS A 254 53.43 11.19 8.20
C LYS A 254 52.78 11.03 6.82
N LEU A 255 53.62 10.79 5.82
CA LEU A 255 53.20 10.59 4.44
C LEU A 255 54.08 9.48 3.88
N TYR A 256 53.50 8.49 3.22
CA TYR A 256 54.29 7.31 2.89
C TYR A 256 54.92 7.46 1.52
N ARG A 257 56.24 7.65 1.51
CA ARG A 257 57.10 7.34 0.39
C ARG A 257 56.47 7.64 -0.96
N GLU A 258 56.54 6.69 -1.89
CA GLU A 258 56.06 6.95 -3.25
C GLU A 258 54.60 7.33 -3.24
N THR A 259 53.82 6.76 -2.33
CA THR A 259 52.41 7.08 -2.28
C THR A 259 52.20 8.53 -1.95
N ASN A 260 53.13 9.13 -1.21
CA ASN A 260 53.14 10.55 -0.92
C ASN A 260 52.04 10.87 0.07
N GLU A 261 51.15 9.95 0.29
CA GLU A 261 49.93 10.25 0.99
C GLU A 261 50.06 9.98 2.47
N PRO A 262 49.21 10.61 3.28
CA PRO A 262 49.25 10.37 4.72
C PRO A 262 49.16 8.89 5.02
N VAL A 263 49.97 8.45 5.99
CA VAL A 263 49.99 7.03 6.31
C VAL A 263 48.65 6.60 6.89
N LYS A 264 48.00 7.48 7.64
CA LYS A 264 46.91 7.11 8.53
C LYS A 264 47.33 5.90 9.36
N THR A 265 48.62 5.86 9.69
CA THR A 265 49.10 4.91 10.66
C THR A 265 48.30 5.01 11.94
N LYS A 266 48.18 3.90 12.63
CA LYS A 266 47.40 3.85 13.83
C LYS A 266 48.25 3.19 14.90
N THR A 267 47.81 3.27 16.13
CA THR A 267 48.56 2.53 17.12
C THR A 267 47.64 2.10 18.24
N ARG A 268 47.90 0.89 18.72
CA ARG A 268 47.23 0.23 19.82
C ARG A 268 48.25 -0.76 20.35
N THR A 269 47.82 -1.78 21.07
CA THR A 269 48.76 -2.79 21.55
C THR A 269 48.28 -4.19 21.23
N PHE A 270 48.98 -4.85 20.33
CA PHE A 270 49.01 -6.29 20.28
C PHE A 270 49.66 -6.81 21.54
N ASN A 271 49.36 -8.05 21.91
CA ASN A 271 50.21 -8.74 22.85
C ASN A 271 51.59 -8.87 22.26
N THR A 272 52.59 -8.52 23.06
CA THR A 272 53.96 -8.56 22.60
C THR A 272 54.63 -9.87 22.98
N SER A 273 53.93 -10.77 23.64
CA SER A 273 54.43 -12.13 23.74
C SER A 273 53.65 -13.01 22.78
N THR A 274 52.42 -13.35 23.15
CA THR A 274 51.55 -14.04 22.24
C THR A 274 51.08 -13.07 21.16
N GLY A 275 50.60 -13.64 20.05
CA GLY A 275 50.20 -12.82 18.92
C GLY A 275 48.89 -12.09 19.13
N GLY A 276 48.39 -12.12 20.36
CA GLY A 276 47.15 -11.46 20.68
C GLY A 276 47.32 -9.97 20.79
N LEU A 277 46.33 -9.34 21.41
CA LEU A 277 46.24 -7.90 21.54
C LEU A 277 46.65 -7.52 22.95
N LEU A 278 46.51 -6.24 23.28
CA LEU A 278 46.59 -5.78 24.66
C LEU A 278 45.57 -4.67 24.83
N LEU A 279 45.06 -4.50 26.05
CA LEU A 279 44.08 -3.47 26.30
C LEU A 279 44.40 -2.71 27.58
N PRO A 280 43.96 -1.44 27.66
CA PRO A 280 44.35 -0.63 28.83
C PRO A 280 43.99 -1.29 30.13
N SER A 281 42.87 -2.00 30.15
CA SER A 281 42.61 -2.98 31.19
C SER A 281 43.85 -3.83 31.42
N ASP A 282 44.25 -4.54 30.37
CA ASP A 282 45.26 -5.58 30.48
C ASP A 282 46.56 -5.05 31.01
N THR A 283 46.73 -3.74 31.03
CA THR A 283 47.94 -3.10 31.51
C THR A 283 47.59 -2.06 32.56
N LYS A 284 48.57 -1.27 32.98
CA LYS A 284 48.40 -0.29 34.04
C LYS A 284 49.63 0.62 34.00
N ARG A 285 49.74 1.53 34.97
CA ARG A 285 50.85 2.48 34.99
C ARG A 285 51.75 2.26 36.20
N SER A 286 53.00 1.89 35.94
CA SER A 286 53.84 1.39 37.02
C SER A 286 55.02 2.30 37.31
N GLN A 287 55.48 2.18 38.54
CA GLN A 287 56.80 2.60 38.93
C GLN A 287 57.51 1.34 39.39
N ILE A 288 58.80 1.24 39.10
CA ILE A 288 59.58 0.06 39.45
C ILE A 288 60.91 0.54 40.00
N TYR A 289 61.40 -0.14 41.03
CA TYR A 289 62.74 0.11 41.53
C TYR A 289 63.28 -1.19 42.08
N GLY A 290 64.60 -1.33 42.08
CA GLY A 290 65.25 -2.39 42.83
C GLY A 290 64.60 -3.73 42.57
N SER A 291 64.24 -4.41 43.65
CA SER A 291 63.42 -5.60 43.51
C SER A 291 62.00 -5.27 43.09
N ARG A 292 61.33 -4.34 43.77
CA ARG A 292 59.89 -4.23 43.67
C ARG A 292 59.47 -3.48 42.41
N GLN A 293 58.74 -4.20 41.56
CA GLN A 293 57.80 -3.61 40.61
C GLN A 293 56.51 -3.22 41.33
N ILE A 294 55.97 -2.06 40.98
CA ILE A 294 54.78 -1.54 41.62
C ILE A 294 53.88 -0.93 40.57
N ILE A 295 52.61 -1.29 40.61
CA ILE A 295 51.73 -1.03 39.48
C ILE A 295 50.47 -0.36 39.98
N LEU A 296 50.14 0.79 39.40
CA LEU A 296 48.95 1.52 39.83
C LEU A 296 48.28 2.19 38.64
N GLU A 297 46.99 2.39 38.76
CA GLU A 297 46.18 2.55 37.58
C GLU A 297 46.46 3.87 36.88
N LYS A 298 46.45 3.82 35.54
CA LYS A 298 46.48 5.04 34.75
C LYS A 298 45.46 6.03 35.27
N GLU A 299 44.27 5.55 35.59
CA GLU A 299 43.37 6.33 36.43
C GLU A 299 44.13 6.72 37.68
N GLU A 300 44.46 5.75 38.52
CA GLU A 300 45.02 6.03 39.84
C GLU A 300 46.09 7.12 39.75
N THR A 301 46.90 7.03 38.71
CA THR A 301 47.83 8.11 38.44
C THR A 301 47.10 9.41 38.15
N GLU A 302 46.23 9.41 37.16
CA GLU A 302 45.68 10.66 36.66
C GLU A 302 44.81 11.37 37.68
N GLU A 303 44.15 10.64 38.55
CA GLU A 303 43.47 11.27 39.67
C GLU A 303 44.37 11.43 40.88
N LEU A 304 45.56 10.83 40.92
CA LEU A 304 46.39 11.19 42.05
C LEU A 304 46.81 12.63 41.95
N LYS A 305 46.71 13.21 40.75
CA LYS A 305 46.82 14.65 40.60
C LYS A 305 45.90 15.36 41.57
N ARG A 306 44.69 14.84 41.74
CA ARG A 306 43.56 15.64 42.21
C ARG A 306 43.85 16.30 43.54
N PHE A 307 43.71 17.62 43.57
CA PHE A 307 43.51 18.38 44.80
C PHE A 307 42.23 19.16 44.75
N ASP A 308 42.09 20.10 43.82
CA ASP A 308 40.85 20.85 43.77
C ASP A 308 40.17 20.63 42.44
N ASP A 309 40.66 21.33 41.44
CA ASP A 309 40.04 21.41 40.13
C ASP A 309 40.76 22.48 39.33
N PRO A 310 40.77 22.40 38.00
CA PRO A 310 41.28 23.52 37.21
C PRO A 310 40.59 24.80 37.65
N GLY A 311 41.38 25.81 37.93
CA GLY A 311 40.87 27.03 38.49
C GLY A 311 41.94 27.66 39.34
N LEU A 312 41.64 28.84 39.85
CA LEU A 312 42.70 29.60 40.47
C LEU A 312 42.20 30.29 41.73
N MET A 313 43.15 30.65 42.58
CA MET A 313 42.88 31.17 43.90
C MET A 313 43.83 32.31 44.19
N LEU A 314 43.30 33.48 44.52
CA LEU A 314 44.18 34.47 45.11
C LEU A 314 44.80 33.87 46.36
N MET A 315 46.12 33.72 46.35
CA MET A 315 46.78 33.19 47.52
C MET A 315 47.49 34.25 48.35
N GLY A 316 47.50 35.49 47.90
CA GLY A 316 48.03 36.54 48.74
C GLY A 316 48.69 37.64 47.94
N PHE A 317 49.60 38.33 48.61
CA PHE A 317 50.18 39.59 48.17
C PHE A 317 51.65 39.67 48.56
N LYS A 318 52.50 40.01 47.61
CA LYS A 318 53.94 39.96 47.83
C LYS A 318 54.61 41.20 47.24
N PRO A 319 55.73 41.62 47.81
CA PRO A 319 56.53 42.64 47.14
C PRO A 319 56.89 42.18 45.74
N LEU A 320 56.58 43.04 44.77
CA LEU A 320 57.01 42.77 43.41
C LEU A 320 58.52 42.64 43.36
N VAL A 321 59.22 43.59 43.96
CA VAL A 321 60.67 43.56 43.90
C VAL A 321 61.24 42.44 44.74
N LEU A 322 60.38 41.74 45.49
CA LEU A 322 60.91 40.72 46.39
C LEU A 322 61.74 39.72 45.61
N LEU A 323 61.32 39.38 44.41
CA LEU A 323 62.01 38.41 43.59
C LEU A 323 62.18 38.97 42.19
N LYS A 324 63.43 39.20 41.78
CA LYS A 324 63.68 39.66 40.43
C LYS A 324 64.14 38.50 39.56
N LYS A 325 65.42 38.15 39.66
CA LYS A 325 65.85 36.81 39.32
C LYS A 325 66.88 36.37 40.35
N HIS A 326 66.43 35.58 41.30
CA HIS A 326 67.24 34.61 42.01
C HIS A 326 67.09 33.28 41.31
N HIS A 327 66.48 33.32 40.13
CA HIS A 327 65.50 32.36 39.65
C HIS A 327 65.00 32.78 38.28
N TYR A 328 64.46 31.79 37.53
CA TYR A 328 63.47 31.91 36.46
C TYR A 328 63.25 30.53 35.86
N LEU A 329 62.09 30.34 35.25
CA LEU A 329 61.73 29.06 34.65
C LEU A 329 60.54 29.30 33.73
N ARG A 330 59.89 28.23 33.31
CA ARG A 330 58.89 28.18 32.28
C ARG A 330 57.95 29.36 32.43
N PRO A 331 57.70 30.08 31.37
CA PRO A 331 57.19 31.43 31.52
C PRO A 331 55.75 31.43 31.98
N SER A 332 55.35 32.57 32.51
CA SER A 332 54.01 33.01 32.22
C SER A 332 53.86 32.98 30.72
N LEU A 333 52.88 32.28 30.24
CA LEU A 333 52.22 32.89 29.11
C LEU A 333 51.21 33.81 29.78
N PHE A 334 50.49 34.62 29.04
CA PHE A 334 49.72 35.64 29.72
C PHE A 334 48.25 35.28 29.81
N VAL A 335 47.80 35.06 31.04
CA VAL A 335 46.40 35.09 31.40
C VAL A 335 45.98 36.53 31.52
N TYR A 336 45.01 36.93 30.71
CA TYR A 336 44.25 38.13 31.04
C TYR A 336 43.01 37.71 31.79
N PRO A 337 42.80 38.21 32.99
CA PRO A 337 41.53 37.97 33.66
C PRO A 337 40.40 38.43 32.78
N GLU A 338 39.43 37.55 32.58
CA GLU A 338 38.28 37.88 31.76
C GLU A 338 37.48 38.94 32.49
N GLU A 339 37.20 40.07 31.83
CA GLU A 339 36.04 40.85 32.25
C GLU A 339 35.21 41.22 31.03
N SER A 340 34.21 40.38 30.78
CA SER A 340 32.94 40.71 30.14
C SER A 340 31.93 39.86 30.89
N LEU A 341 32.16 38.55 30.76
CA LEU A 341 31.51 37.48 31.50
C LEU A 341 31.45 37.81 32.98
N VAL A 342 32.61 37.84 33.67
CA VAL A 342 32.68 38.36 35.04
C VAL A 342 33.34 39.72 34.96
N ILE A 343 32.56 40.78 35.11
CA ILE A 343 33.10 42.14 35.19
C ILE A 343 33.05 42.58 36.64
N GLY A 344 33.40 43.84 36.87
CA GLY A 344 33.43 44.38 38.21
C GLY A 344 34.80 44.04 38.76
N SER A 345 35.34 42.91 38.31
CA SER A 345 36.78 42.75 38.23
C SER A 345 37.32 43.61 37.12
N SER A 346 36.44 44.10 36.27
CA SER A 346 36.71 45.38 35.62
C SER A 346 37.16 46.37 36.66
N THR A 347 36.25 46.73 37.55
CA THR A 347 36.63 47.58 38.66
C THR A 347 37.55 46.86 39.64
N LEU A 348 37.11 45.71 40.16
CA LEU A 348 37.92 45.00 41.15
C LEU A 348 39.32 44.80 40.63
N PHE A 349 39.45 43.93 39.63
CA PHE A 349 40.73 43.69 39.00
C PHE A 349 41.44 45.00 38.66
N SER A 350 40.68 46.01 38.24
CA SER A 350 41.29 47.29 37.91
C SER A 350 42.06 47.84 39.10
N ALA A 351 41.34 48.29 40.12
CA ALA A 351 42.00 48.86 41.28
C ALA A 351 42.93 47.87 41.93
N LEU A 352 42.69 46.58 41.74
CA LEU A 352 43.60 45.55 42.20
C LEU A 352 44.96 45.88 41.64
N LEU A 353 45.07 45.83 40.32
CA LEU A 353 46.34 46.14 39.70
C LEU A 353 46.82 47.54 40.08
N ILE A 354 45.91 48.50 40.09
CA ILE A 354 46.23 49.88 40.45
C ILE A 354 47.09 49.84 41.69
N LYS A 355 46.49 49.41 42.78
CA LYS A 355 47.06 49.60 44.10
C LYS A 355 48.08 48.53 44.46
N CYS A 356 47.88 47.30 44.01
CA CYS A 356 48.87 46.26 44.25
C CYS A 356 50.17 46.59 43.56
N LEU A 357 50.10 47.02 42.30
CA LEU A 357 51.25 47.66 41.70
C LEU A 357 51.73 48.84 42.53
N GLU A 358 50.80 49.70 42.95
CA GLU A 358 51.16 50.77 43.87
C GLU A 358 51.86 50.20 45.10
N LYS A 359 51.28 49.14 45.68
CA LYS A 359 51.96 48.50 46.79
C LYS A 359 53.23 47.81 46.37
N GLU A 360 53.51 47.71 45.08
CA GLU A 360 54.54 46.81 44.62
C GLU A 360 54.22 45.41 45.14
N VAL A 361 52.95 45.10 45.24
CA VAL A 361 52.53 43.85 45.81
C VAL A 361 51.80 43.10 44.71
N ALA A 362 51.69 41.78 44.89
CA ALA A 362 51.21 40.90 43.85
C ALA A 362 50.28 39.87 44.48
N ALA A 363 49.49 39.24 43.61
CA ALA A 363 48.51 38.24 43.99
C ALA A 363 49.07 36.86 43.68
N LEU A 364 49.45 36.13 44.72
CA LEU A 364 49.87 34.76 44.52
C LEU A 364 48.68 33.88 44.21
N CYS A 365 48.90 32.86 43.39
CA CYS A 365 47.86 31.90 43.14
C CYS A 365 48.44 30.50 43.15
N ARG A 366 47.52 29.54 43.17
CA ARG A 366 47.83 28.15 42.92
C ARG A 366 47.11 27.80 41.63
N TYR A 367 47.87 27.67 40.55
CA TYR A 367 47.25 27.44 39.27
C TYR A 367 47.01 25.96 39.06
N THR A 368 45.85 25.65 38.50
CA THR A 368 45.44 24.27 38.30
C THR A 368 45.14 24.11 36.82
N PRO A 369 46.08 23.61 36.06
CA PRO A 369 45.87 23.42 34.63
C PRO A 369 44.70 22.52 34.26
N ARG A 370 44.59 22.31 32.97
CA ARG A 370 43.37 21.87 32.33
C ARG A 370 43.18 20.38 32.49
N ARG A 371 41.92 19.97 32.62
CA ARG A 371 41.57 18.66 33.16
C ARG A 371 42.52 18.32 34.30
N ASN A 372 42.37 19.11 35.33
CA ASN A 372 43.19 19.06 36.52
C ASN A 372 44.66 19.07 36.17
N ILE A 373 45.43 18.49 37.08
CA ILE A 373 46.88 18.52 37.13
C ILE A 373 47.12 18.20 38.61
N PRO A 374 48.33 17.96 39.07
CA PRO A 374 48.71 18.51 40.36
C PRO A 374 48.94 20.00 40.22
N PRO A 375 48.26 20.83 40.99
CA PRO A 375 48.35 22.28 40.75
C PRO A 375 49.66 22.83 41.27
N TYR A 376 49.98 24.10 41.10
CA TYR A 376 51.26 24.54 41.61
C TYR A 376 51.19 25.97 42.11
N PHE A 377 52.12 26.30 42.99
CA PHE A 377 52.23 27.65 43.50
C PHE A 377 52.91 28.52 42.46
N VAL A 378 52.22 29.56 42.03
CA VAL A 378 52.78 30.48 41.05
C VAL A 378 52.32 31.87 41.45
N ALA A 379 53.25 32.82 41.50
CA ALA A 379 52.87 34.18 41.79
C ALA A 379 52.14 34.76 40.60
N LEU A 380 51.35 35.77 40.85
CA LEU A 380 50.81 36.61 39.79
C LEU A 380 51.23 38.04 40.09
N VAL A 381 52.17 38.54 39.32
CA VAL A 381 52.36 39.98 39.38
C VAL A 381 51.15 40.64 38.76
N PRO A 382 50.62 41.72 39.31
CA PRO A 382 49.70 42.53 38.54
C PRO A 382 50.44 43.09 37.35
N GLN A 383 49.91 42.88 36.18
CA GLN A 383 50.47 43.45 34.98
C GLN A 383 49.81 44.78 34.66
N GLU A 384 50.64 45.81 34.58
CA GLU A 384 50.20 47.16 34.32
C GLU A 384 49.68 47.26 32.90
N GLU A 385 49.12 48.41 32.56
CA GLU A 385 48.47 48.64 31.28
C GLU A 385 49.16 49.79 30.57
N GLU A 386 49.90 49.49 29.51
CA GLU A 386 50.74 50.46 28.81
C GLU A 386 50.16 50.76 27.44
N LEU A 387 49.79 52.01 27.21
CA LEU A 387 49.33 52.45 25.89
C LEU A 387 49.79 53.88 25.63
N ASP A 388 50.31 54.13 24.43
CA ASP A 388 50.72 55.47 24.03
C ASP A 388 49.56 56.17 23.32
N ASP A 389 49.88 57.27 22.63
CA ASP A 389 48.89 58.00 21.85
C ASP A 389 48.09 57.08 20.94
N GLN A 390 48.76 56.31 20.10
CA GLN A 390 48.10 55.27 19.32
C GLN A 390 48.14 53.92 20.00
N LYS A 391 48.57 53.90 21.26
CA LYS A 391 48.33 52.77 22.16
C LYS A 391 49.17 51.53 21.83
N ILE A 392 50.49 51.71 21.65
CA ILE A 392 51.34 50.54 21.76
C ILE A 392 51.01 49.85 23.05
N GLN A 393 50.77 48.57 22.99
CA GLN A 393 50.58 47.81 24.21
C GLN A 393 51.79 46.91 24.38
N VAL A 394 52.68 47.27 25.27
CA VAL A 394 53.66 46.30 25.74
C VAL A 394 53.10 45.48 26.89
N THR A 395 52.32 46.11 27.77
CA THR A 395 51.79 45.48 28.98
C THR A 395 50.28 45.48 28.90
N PRO A 396 49.67 44.53 28.19
CA PRO A 396 48.24 44.37 28.29
C PRO A 396 47.86 44.15 29.73
N PRO A 397 46.90 44.91 30.24
CA PRO A 397 46.60 44.84 31.69
C PRO A 397 46.18 43.43 32.05
N GLY A 398 46.64 42.96 33.22
CA GLY A 398 46.56 41.53 33.46
C GLY A 398 47.35 41.09 34.67
N PHE A 399 47.86 39.87 34.60
CA PHE A 399 48.87 39.41 35.53
C PHE A 399 50.02 38.76 34.80
N GLN A 400 51.22 39.10 35.24
CA GLN A 400 52.35 38.21 35.04
C GLN A 400 52.04 36.91 35.75
N LEU A 401 52.09 35.80 35.03
CA LEU A 401 51.79 34.52 35.64
C LEU A 401 53.12 34.00 36.13
N VAL A 402 53.38 34.15 37.41
CA VAL A 402 54.74 34.03 37.89
C VAL A 402 54.85 32.72 38.61
N PHE A 403 55.47 31.76 37.97
CA PHE A 403 55.79 30.50 38.60
C PHE A 403 56.51 30.77 39.91
N LEU A 404 56.15 30.02 40.92
CA LEU A 404 57.01 30.23 42.07
C LEU A 404 58.29 29.41 41.93
N PRO A 405 59.33 29.76 42.66
CA PRO A 405 60.50 28.88 42.73
C PRO A 405 60.25 27.74 43.69
N PHE A 406 60.94 26.62 43.45
CA PHE A 406 60.69 25.41 44.19
C PHE A 406 61.99 24.64 44.36
N ALA A 407 61.86 23.46 44.97
CA ALA A 407 63.02 22.62 45.23
C ALA A 407 63.76 22.28 43.95
N ASP A 408 63.06 21.67 43.00
CA ASP A 408 63.67 21.34 41.71
C ASP A 408 64.38 22.54 41.11
N ASP A 409 63.74 23.69 41.16
CA ASP A 409 64.34 24.92 40.67
C ASP A 409 65.72 25.10 41.27
N LYS A 410 65.84 24.84 42.56
CA LYS A 410 67.08 24.92 43.28
C LYS A 410 67.76 23.57 43.45
N ARG A 411 67.25 22.52 42.80
CA ARG A 411 67.73 21.16 43.06
C ARG A 411 69.24 21.11 43.15
N LYS A 412 69.92 21.80 42.24
CA LYS A 412 71.32 22.08 42.45
C LYS A 412 71.70 23.33 41.68
N MET A 413 72.75 23.98 42.17
CA MET A 413 73.50 25.13 41.70
C MET A 413 74.69 25.29 42.64
N PRO A 414 75.88 25.49 42.12
CA PRO A 414 77.06 25.51 42.99
C PRO A 414 77.22 26.83 43.73
N PHE A 415 77.98 26.75 44.82
CA PHE A 415 78.51 27.93 45.48
C PHE A 415 79.96 27.70 45.88
N THR A 416 80.80 28.69 45.59
CA THR A 416 82.19 28.71 46.04
C THR A 416 82.59 30.19 46.08
N GLU A 417 83.88 30.45 46.25
CA GLU A 417 84.36 31.81 46.39
C GLU A 417 84.25 32.53 45.05
N LYS A 418 84.51 33.84 45.06
CA LYS A 418 84.65 34.59 43.82
C LYS A 418 85.72 35.65 44.00
N ILE A 419 86.63 35.74 43.05
CA ILE A 419 87.63 36.80 43.04
C ILE A 419 87.12 37.91 42.13
N MET A 420 87.36 39.15 42.54
CA MET A 420 86.59 40.27 42.01
C MET A 420 87.47 41.29 41.32
N ALA A 421 86.83 42.09 40.47
CA ALA A 421 87.47 43.03 39.56
C ALA A 421 87.82 44.33 40.28
N THR A 422 88.19 45.33 39.50
CA THR A 422 88.64 46.61 40.00
C THR A 422 88.07 47.73 39.13
N PRO A 423 87.96 48.95 39.66
CA PRO A 423 87.38 50.04 38.86
C PRO A 423 88.23 50.45 37.69
N GLU A 424 89.55 50.18 37.76
CA GLU A 424 90.43 50.48 36.63
C GLU A 424 89.81 49.94 35.35
N GLN A 425 89.23 48.74 35.42
CA GLN A 425 88.54 48.21 34.27
C GLN A 425 87.30 49.04 33.96
N VAL A 426 86.39 49.17 34.94
CA VAL A 426 85.05 49.66 34.62
C VAL A 426 85.12 51.02 33.95
N GLY A 427 86.12 51.83 34.29
CA GLY A 427 86.28 53.12 33.63
C GLY A 427 86.17 53.01 32.12
N LYS A 428 86.90 52.07 31.54
CA LYS A 428 86.73 51.78 30.12
C LYS A 428 85.55 50.87 29.85
N MET A 429 85.38 49.82 30.68
CA MET A 429 84.39 48.78 30.40
C MET A 429 83.05 49.39 30.06
N LYS A 430 82.64 50.43 30.80
CA LYS A 430 81.32 50.98 30.60
C LYS A 430 81.12 51.45 29.17
N ALA A 431 81.95 52.38 28.71
CA ALA A 431 81.80 52.88 27.35
C ALA A 431 82.08 51.78 26.35
N ILE A 432 83.01 50.89 26.68
CA ILE A 432 83.21 49.70 25.88
C ILE A 432 81.90 49.03 25.59
N VAL A 433 81.07 48.90 26.61
CA VAL A 433 79.75 48.34 26.40
C VAL A 433 78.88 49.32 25.63
N GLU A 434 79.06 50.61 25.87
CA GLU A 434 78.32 51.59 25.08
C GLU A 434 78.57 51.37 23.59
N LYS A 435 79.73 50.83 23.25
CA LYS A 435 80.01 50.38 21.91
C LYS A 435 79.43 49.00 21.65
N LEU A 436 79.36 48.17 22.69
CA LEU A 436 78.77 46.84 22.60
C LEU A 436 77.26 46.87 22.77
N ARG A 437 76.71 47.96 23.32
CA ARG A 437 75.28 48.07 23.53
C ARG A 437 74.57 48.40 22.24
N PHE A 438 73.32 47.99 22.15
CA PHE A 438 72.41 48.51 21.14
C PHE A 438 71.04 48.70 21.79
N THR A 439 70.31 49.72 21.34
CA THR A 439 69.04 50.07 21.95
C THR A 439 68.02 48.94 21.84
N TYR A 440 68.33 47.93 21.05
CA TYR A 440 67.51 46.73 20.88
C TYR A 440 66.12 47.18 20.41
N ARG A 441 65.08 46.45 20.79
CA ARG A 441 63.80 46.56 20.12
C ARG A 441 62.86 45.50 20.63
N SER A 442 61.62 45.52 20.17
CA SER A 442 60.77 44.35 20.30
C SER A 442 60.96 43.36 19.16
N ASP A 443 61.65 43.74 18.09
CA ASP A 443 61.40 43.16 16.78
C ASP A 443 62.66 42.52 16.19
N SER A 444 62.45 41.66 15.18
CA SER A 444 63.53 41.02 14.41
C SER A 444 64.34 40.08 15.28
N PHE A 445 63.66 39.37 16.18
CA PHE A 445 64.28 38.52 17.17
C PHE A 445 63.68 37.12 17.03
N GLU A 446 64.51 36.10 16.86
CA GLU A 446 63.98 34.76 16.66
C GLU A 446 65.07 33.72 16.80
N ASN A 447 64.70 32.47 16.50
CA ASN A 447 65.57 31.34 16.25
C ASN A 447 65.33 30.95 14.80
N PRO A 448 65.88 31.72 13.87
CA PRO A 448 65.63 31.43 12.45
C PRO A 448 66.12 30.09 12.03
N VAL A 449 67.14 29.54 12.68
CA VAL A 449 67.71 28.29 12.21
C VAL A 449 66.63 27.24 12.08
N LEU A 450 65.51 27.44 12.75
CA LEU A 450 64.34 26.64 12.39
C LEU A 450 63.61 27.27 11.20
N GLN A 451 63.53 28.59 11.14
CA GLN A 451 62.94 29.27 10.00
C GLN A 451 63.49 28.76 8.68
N GLN A 452 64.80 28.51 8.65
CA GLN A 452 65.48 28.10 7.45
C GLN A 452 64.87 26.88 6.85
N HIS A 453 64.17 26.07 7.64
CA HIS A 453 63.58 24.92 7.00
C HIS A 453 62.29 25.29 6.34
N PHE A 454 61.48 26.13 6.95
CA PHE A 454 60.36 26.48 6.11
C PHE A 454 60.80 27.40 4.97
N ARG A 455 62.03 27.87 5.00
CA ARG A 455 62.70 28.20 3.76
C ARG A 455 62.85 26.97 2.89
N ASN A 456 63.46 25.93 3.44
CA ASN A 456 63.76 24.73 2.66
C ASN A 456 62.49 24.17 2.04
N LEU A 457 61.36 24.47 2.65
CA LEU A 457 60.06 24.15 2.11
C LEU A 457 59.57 25.23 1.17
N GLU A 458 59.96 26.49 1.41
CA GLU A 458 59.73 27.50 0.39
C GLU A 458 60.30 27.01 -0.92
N ALA A 459 61.35 26.20 -0.85
CA ALA A 459 61.91 25.62 -2.07
C ALA A 459 60.84 24.90 -2.85
N LEU A 460 60.38 23.76 -2.34
CA LEU A 460 59.39 22.99 -3.06
C LEU A 460 58.16 23.83 -3.34
N ALA A 461 57.86 24.76 -2.43
CA ALA A 461 56.83 25.74 -2.66
C ALA A 461 57.00 26.41 -4.00
N LEU A 462 58.15 27.01 -4.26
CA LEU A 462 58.44 27.53 -5.58
C LEU A 462 59.05 26.48 -6.48
N ASP A 463 59.55 25.38 -5.90
CA ASP A 463 60.39 24.44 -6.62
C ASP A 463 61.50 25.18 -7.38
N LEU A 464 62.42 25.72 -6.59
CA LEU A 464 63.54 26.45 -7.15
C LEU A 464 64.86 25.97 -6.56
N MET A 465 65.93 26.72 -6.85
CA MET A 465 67.29 26.23 -6.61
C MET A 465 67.73 26.42 -5.16
N GLU A 466 67.86 27.68 -4.70
CA GLU A 466 68.34 27.97 -3.36
C GLU A 466 67.31 28.86 -2.68
N PRO A 467 67.21 28.78 -1.35
CA PRO A 467 66.15 29.54 -0.66
C PRO A 467 66.20 31.05 -0.87
N GLU A 468 65.24 31.73 -0.25
CA GLU A 468 65.39 33.16 -0.04
C GLU A 468 66.77 33.45 0.52
N GLN A 469 67.23 32.62 1.44
CA GLN A 469 68.48 32.80 2.15
C GLN A 469 68.61 34.25 2.62
N ALA A 470 67.67 34.63 3.48
CA ALA A 470 67.50 35.99 3.92
C ALA A 470 68.44 36.27 5.09
N VAL A 471 68.26 37.42 5.73
CA VAL A 471 69.18 37.87 6.77
C VAL A 471 68.38 38.37 7.96
N ASP A 472 68.58 37.72 9.10
CA ASP A 472 68.46 38.35 10.40
C ASP A 472 69.82 38.25 11.07
N LEU A 473 70.15 39.21 11.91
CA LEU A 473 71.31 39.02 12.74
C LEU A 473 70.81 38.38 14.01
N THR A 474 71.02 37.08 14.11
CA THR A 474 71.20 36.40 15.37
C THR A 474 72.67 36.15 15.64
N LEU A 475 73.52 36.62 14.73
CA LEU A 475 74.95 36.44 14.82
C LEU A 475 75.62 37.80 14.66
N PRO A 476 76.68 38.06 15.43
CA PRO A 476 77.24 39.43 15.47
C PRO A 476 78.00 39.74 14.19
N LYS A 477 78.01 41.03 13.85
CA LYS A 477 78.64 41.50 12.62
C LYS A 477 80.03 42.08 12.94
N VAL A 478 81.04 41.50 12.29
CA VAL A 478 82.42 41.74 12.69
C VAL A 478 82.84 43.16 12.40
N GLU A 479 82.44 43.69 11.25
CA GLU A 479 82.86 45.03 10.87
C GLU A 479 82.49 46.04 11.94
N ALA A 480 81.33 45.86 12.56
CA ALA A 480 80.92 46.75 13.62
C ALA A 480 81.66 46.44 14.91
N MET A 481 81.81 45.16 15.22
CA MET A 481 82.49 44.78 16.46
C MET A 481 83.90 45.34 16.49
N ASN A 482 84.68 45.03 15.48
CA ASN A 482 86.01 45.60 15.33
C ASN A 482 85.97 47.05 14.90
N LYS A 483 84.78 47.58 14.60
CA LYS A 483 84.67 48.97 14.12
C LYS A 483 84.43 49.95 15.26
N ARG A 484 83.21 49.96 15.80
CA ARG A 484 82.84 50.99 16.76
C ARG A 484 83.71 50.92 18.00
N LEU A 485 83.84 49.73 18.59
CA LEU A 485 84.65 49.59 19.78
C LEU A 485 86.15 49.56 19.45
N GLY A 486 86.51 48.73 18.48
CA GLY A 486 87.93 48.55 18.19
C GLY A 486 88.54 47.42 19.00
N SER A 487 89.86 47.49 19.17
CA SER A 487 90.63 46.45 19.82
C SER A 487 90.83 46.70 21.30
N LEU A 488 90.19 47.72 21.86
CA LEU A 488 90.38 48.07 23.27
C LEU A 488 90.23 46.84 24.17
N VAL A 489 89.50 45.85 23.68
CA VAL A 489 89.53 44.51 24.27
C VAL A 489 90.96 44.03 24.45
N ASP A 490 91.89 44.53 23.64
CA ASP A 490 93.30 44.27 23.93
C ASP A 490 93.66 44.83 25.29
N GLU A 491 93.41 46.13 25.49
CA GLU A 491 93.67 46.74 26.79
C GLU A 491 93.16 45.84 27.89
N PHE A 492 91.92 45.42 27.77
CA PHE A 492 91.34 44.54 28.78
C PHE A 492 92.11 43.24 28.87
N LYS A 493 92.52 42.70 27.73
CA LYS A 493 93.17 41.40 27.72
C LYS A 493 94.45 41.44 28.52
N GLU A 494 95.30 42.40 28.23
CA GLU A 494 96.53 42.48 28.99
C GLU A 494 96.37 43.23 30.30
N LEU A 495 95.17 43.67 30.67
CA LEU A 495 95.02 44.32 31.97
C LEU A 495 95.60 43.46 33.08
N VAL A 496 94.94 42.35 33.42
CA VAL A 496 95.48 41.46 34.44
C VAL A 496 96.15 40.21 33.85
N TYR A 497 96.13 40.01 32.53
CA TYR A 497 96.66 38.72 32.08
C TYR A 497 97.39 38.65 30.75
N PRO A 498 98.46 37.86 30.68
CA PRO A 498 98.99 37.41 29.40
C PRO A 498 98.37 36.09 29.00
N PRO A 499 97.17 36.12 28.41
CA PRO A 499 96.33 34.91 28.43
C PRO A 499 96.91 33.67 27.75
N ASP A 500 97.45 33.81 26.55
CA ASP A 500 97.57 32.67 25.62
C ASP A 500 96.20 32.02 25.46
N TYR A 501 95.19 32.84 25.67
CA TYR A 501 93.82 32.39 25.81
C TYR A 501 93.70 31.17 26.71
N ASN B 1 74.30 10.64 45.26
CA ASN B 1 75.75 10.74 45.30
C ASN B 1 76.32 9.33 45.51
N LYS B 2 77.50 9.24 46.11
CA LYS B 2 78.02 7.99 46.67
C LYS B 2 78.47 8.31 48.09
N ALA B 3 77.74 7.81 49.08
CA ALA B 3 77.92 8.36 50.42
C ALA B 3 77.41 7.39 51.46
N ALA B 4 77.84 7.65 52.70
CA ALA B 4 77.28 7.03 53.90
C ALA B 4 76.42 8.05 54.62
N VAL B 5 75.37 7.59 55.28
CA VAL B 5 74.37 8.44 55.91
C VAL B 5 74.08 7.91 57.30
N VAL B 6 74.26 8.75 58.31
CA VAL B 6 74.08 8.37 59.69
C VAL B 6 72.87 9.12 60.23
N LEU B 7 71.77 8.40 60.47
CA LEU B 7 70.59 8.97 61.11
C LEU B 7 70.63 8.61 62.59
N CYS B 8 70.76 9.61 63.44
CA CYS B 8 70.94 9.42 64.87
C CYS B 8 69.68 9.95 65.55
N MET B 9 68.85 9.03 66.06
CA MET B 9 67.44 9.30 66.31
C MET B 9 67.03 9.03 67.75
N ASP B 10 66.13 9.86 68.25
CA ASP B 10 65.56 9.73 69.59
C ASP B 10 64.08 9.38 69.48
N VAL B 11 63.72 8.20 69.99
CA VAL B 11 62.31 7.82 70.09
C VAL B 11 61.76 7.99 71.51
N GLY B 12 62.56 8.47 72.45
CA GLY B 12 62.32 8.27 73.86
C GLY B 12 61.14 9.07 74.42
N PHE B 13 61.15 9.14 75.75
CA PHE B 13 59.99 9.65 76.50
C PHE B 13 59.56 11.04 76.03
N THR B 14 60.51 11.97 75.94
CA THR B 14 60.13 13.32 75.53
C THR B 14 59.89 13.40 74.03
N MET B 15 60.53 12.52 73.27
CA MET B 15 60.10 12.31 71.89
C MET B 15 58.70 11.71 71.87
N SER B 16 58.32 11.02 72.94
CA SER B 16 56.99 10.49 73.12
C SER B 16 56.07 11.46 73.86
N ASN B 17 56.50 12.70 74.10
CA ASN B 17 55.66 13.69 74.77
C ASN B 17 54.31 13.81 74.09
N SER B 18 53.25 13.64 74.86
CA SER B 18 51.91 13.91 74.33
C SER B 18 51.79 15.40 74.11
N ILE B 19 51.50 15.79 72.88
CA ILE B 19 51.56 17.21 72.52
C ILE B 19 50.36 17.55 71.66
N PRO B 20 49.73 18.70 71.86
CA PRO B 20 48.59 19.08 71.01
C PRO B 20 49.06 19.52 69.63
N GLY B 21 48.10 19.57 68.71
CA GLY B 21 48.42 20.01 67.37
C GLY B 21 49.35 19.04 66.70
N ILE B 22 50.54 19.53 66.35
CA ILE B 22 51.58 18.77 65.68
C ILE B 22 51.86 17.47 66.42
N GLU B 23 52.26 16.44 65.67
CA GLU B 23 52.46 15.11 66.21
C GLU B 23 53.63 15.08 67.19
N SER B 24 53.65 14.02 68.01
CA SER B 24 54.68 13.90 69.04
C SER B 24 56.05 13.83 68.38
N PRO B 25 57.10 14.22 69.11
CA PRO B 25 58.42 14.33 68.48
C PRO B 25 58.92 13.05 67.85
N PHE B 26 58.61 11.86 68.37
CA PHE B 26 59.09 10.67 67.69
C PHE B 26 58.23 10.37 66.47
N GLU B 27 56.92 10.60 66.59
CA GLU B 27 56.06 10.60 65.42
C GLU B 27 56.61 11.54 64.35
N GLN B 28 56.94 12.77 64.75
CA GLN B 28 57.66 13.68 63.88
C GLN B 28 58.89 13.01 63.30
N ALA B 29 59.61 12.25 64.12
CA ALA B 29 60.88 11.69 63.70
C ALA B 29 60.69 10.68 62.58
N LYS B 30 59.71 9.80 62.70
CA LYS B 30 59.49 8.89 61.59
C LYS B 30 58.83 9.58 60.41
N LYS B 31 58.16 10.70 60.64
CA LYS B 31 57.60 11.46 59.52
C LYS B 31 58.72 12.05 58.66
N VAL B 32 59.61 12.82 59.28
CA VAL B 32 60.67 13.46 58.51
C VAL B 32 61.68 12.42 58.07
N ILE B 33 62.20 11.64 59.01
CA ILE B 33 63.16 10.56 58.73
C ILE B 33 62.61 9.61 57.69
N THR B 34 61.32 9.38 57.69
CA THR B 34 60.77 8.54 56.66
C THR B 34 60.52 9.31 55.37
N MET B 35 60.52 10.65 55.42
CA MET B 35 60.65 11.40 54.19
C MET B 35 62.07 11.30 53.66
N PHE B 36 63.04 11.17 54.56
CA PHE B 36 64.37 10.74 54.16
C PHE B 36 64.29 9.40 53.47
N VAL B 37 63.56 8.46 54.05
CA VAL B 37 63.31 7.18 53.39
C VAL B 37 62.77 7.41 51.99
N GLN B 38 61.71 8.21 51.90
CA GLN B 38 61.16 8.63 50.62
C GLN B 38 62.25 9.03 49.67
N ARG B 39 62.88 10.14 49.98
CA ARG B 39 63.89 10.74 49.13
C ARG B 39 65.05 9.83 48.85
N GLN B 40 65.27 8.79 49.67
CA GLN B 40 66.24 7.78 49.31
C GLN B 40 65.71 6.93 48.16
N VAL B 41 64.47 6.47 48.27
CA VAL B 41 63.81 5.90 47.10
C VAL B 41 63.76 6.95 46.01
N PHE B 42 63.80 8.22 46.38
CA PHE B 42 63.76 9.27 45.40
C PHE B 42 65.15 9.80 45.07
N ALA B 43 66.17 9.32 45.77
CA ALA B 43 67.55 9.65 45.41
C ALA B 43 68.02 8.81 44.24
N GLU B 44 67.81 7.49 44.33
CA GLU B 44 68.21 6.55 43.29
C GLU B 44 69.66 6.82 42.86
N ASN B 45 70.54 6.62 43.83
CA ASN B 45 71.95 6.92 43.73
C ASN B 45 72.70 5.97 44.67
N LYS B 46 73.96 6.25 44.93
CA LYS B 46 74.71 5.48 45.91
C LYS B 46 74.71 6.26 47.21
N ASP B 47 73.85 5.85 48.13
CA ASP B 47 73.69 6.45 49.45
C ASP B 47 73.37 5.29 50.39
N GLU B 48 74.01 5.26 51.55
CA GLU B 48 73.78 4.16 52.48
C GLU B 48 73.37 4.70 53.84
N ILE B 49 72.83 3.83 54.69
CA ILE B 49 72.41 4.22 56.02
C ILE B 49 72.70 3.09 56.99
N ALA B 50 73.35 3.41 58.11
CA ALA B 50 73.45 2.52 59.25
C ALA B 50 72.93 3.28 60.47
N LEU B 51 72.10 2.63 61.27
CA LEU B 51 71.19 3.31 62.19
C LEU B 51 71.70 3.32 63.63
N VAL B 52 71.71 4.49 64.24
CA VAL B 52 71.97 4.66 65.66
C VAL B 52 70.63 4.90 66.34
N LEU B 53 70.22 3.94 67.16
CA LEU B 53 68.95 4.01 67.85
C LEU B 53 69.16 4.50 69.27
N PHE B 54 68.49 5.59 69.62
CA PHE B 54 68.39 6.01 71.01
C PHE B 54 67.00 6.54 71.27
N GLY B 55 66.71 6.75 72.56
CA GLY B 55 65.35 6.81 73.02
C GLY B 55 64.69 5.46 73.14
N THR B 56 65.32 4.42 72.61
CA THR B 56 64.77 3.08 72.61
C THR B 56 64.87 2.50 74.02
N ASP B 57 64.46 1.25 74.18
CA ASP B 57 64.55 0.55 75.45
C ASP B 57 65.75 -0.39 75.55
N GLY B 58 66.61 -0.46 74.53
CA GLY B 58 67.63 -1.49 74.48
C GLY B 58 68.92 -1.02 73.84
N THR B 59 69.92 -1.90 73.91
CA THR B 59 71.28 -1.59 73.47
C THR B 59 71.78 -2.65 72.51
N ASP B 60 72.10 -2.23 71.28
CA ASP B 60 72.76 -3.07 70.28
C ASP B 60 73.85 -2.24 69.63
N ASN B 61 75.11 -2.69 69.77
CA ASN B 61 76.26 -1.86 69.40
C ASN B 61 77.56 -2.60 69.69
N PRO B 62 78.68 -2.21 69.06
CA PRO B 62 79.92 -2.99 69.21
C PRO B 62 80.32 -3.28 70.64
N LEU B 63 80.30 -2.28 71.50
CA LEU B 63 80.44 -2.47 72.94
C LEU B 63 79.09 -2.21 73.57
N SER B 64 78.68 -3.04 74.50
CA SER B 64 77.48 -2.74 75.26
C SER B 64 77.77 -2.05 76.58
N GLY B 65 79.04 -1.97 76.99
CA GLY B 65 79.40 -1.54 78.31
C GLY B 65 79.84 -0.09 78.37
N GLY B 66 80.79 0.18 79.26
CA GLY B 66 81.43 1.47 79.34
C GLY B 66 80.75 2.50 80.20
N ASP B 67 79.48 2.27 80.56
CA ASP B 67 78.48 3.18 81.13
C ASP B 67 77.86 4.02 80.03
N GLN B 68 78.55 4.10 78.91
CA GLN B 68 77.95 4.56 77.68
C GLN B 68 77.40 3.34 76.96
N TYR B 69 77.04 3.50 75.70
CA TYR B 69 76.44 2.46 74.89
C TYR B 69 75.04 2.13 75.40
N GLN B 70 74.71 2.62 76.59
CA GLN B 70 73.38 2.47 77.14
C GLN B 70 72.35 2.98 76.17
N ASN B 71 71.31 2.19 75.95
CA ASN B 71 70.23 2.53 75.03
C ASN B 71 70.79 2.94 73.67
N ILE B 72 71.69 2.11 73.13
CA ILE B 72 72.21 2.31 71.79
C ILE B 72 72.00 1.01 71.04
N THR B 73 71.12 1.04 70.04
CA THR B 73 70.78 -0.13 69.26
C THR B 73 71.19 0.09 67.82
N VAL B 74 71.83 -0.93 67.23
CA VAL B 74 72.18 -0.90 65.82
C VAL B 74 71.13 -1.73 65.10
N HIS B 75 70.21 -1.04 64.42
CA HIS B 75 69.26 -1.72 63.54
C HIS B 75 69.84 -2.03 62.17
N ARG B 76 70.42 -1.03 61.54
CA ARG B 76 70.62 -1.06 60.09
C ARG B 76 72.08 -0.87 59.77
N HIS B 77 72.46 -1.33 58.59
CA HIS B 77 73.84 -1.25 58.13
C HIS B 77 73.89 -0.56 56.78
N LEU B 78 74.92 0.26 56.60
CA LEU B 78 75.10 1.01 55.37
C LEU B 78 75.11 0.06 54.18
N MET B 79 74.19 0.27 53.26
CA MET B 79 73.99 -0.63 52.14
C MET B 79 73.32 0.16 51.03
N LEU B 80 73.47 -0.31 49.81
CA LEU B 80 72.66 0.23 48.74
C LEU B 80 71.21 -0.02 49.11
N PRO B 81 70.35 0.98 49.13
CA PRO B 81 69.03 0.81 49.73
C PRO B 81 68.25 -0.32 49.09
N ASP B 82 67.31 -0.88 49.86
CA ASP B 82 66.42 -1.93 49.40
C ASP B 82 65.11 -1.85 50.18
N PHE B 83 64.07 -2.51 49.63
CA PHE B 83 62.72 -2.27 50.07
C PHE B 83 62.44 -2.83 51.45
N ASP B 84 63.16 -3.87 51.85
CA ASP B 84 63.05 -4.33 53.23
C ASP B 84 63.51 -3.24 54.18
N LEU B 85 64.62 -2.58 53.86
CA LEU B 85 65.01 -1.36 54.56
C LEU B 85 63.90 -0.32 54.53
N LEU B 86 63.03 -0.34 53.53
CA LEU B 86 61.83 0.48 53.64
C LEU B 86 60.89 -0.11 54.68
N GLU B 87 60.84 -1.44 54.77
CA GLU B 87 59.83 -2.11 55.58
C GLU B 87 60.11 -1.99 57.06
N ASP B 88 61.38 -1.82 57.45
CA ASP B 88 61.70 -1.70 58.87
C ASP B 88 61.05 -0.48 59.49
N ILE B 89 60.91 0.60 58.73
CA ILE B 89 60.05 1.70 59.17
C ILE B 89 58.66 1.17 59.51
N GLU B 90 58.06 0.46 58.56
CA GLU B 90 56.72 -0.08 58.70
C GLU B 90 56.63 -1.15 59.79
N SER B 91 57.77 -1.61 60.32
CA SER B 91 57.78 -2.73 61.25
C SER B 91 58.28 -2.30 62.62
N LYS B 92 59.58 -2.07 62.77
CA LYS B 92 60.16 -1.81 64.09
C LYS B 92 59.50 -0.64 64.78
N ILE B 93 59.23 0.44 64.04
CA ILE B 93 58.99 1.74 64.65
C ILE B 93 57.88 1.67 65.69
N GLN B 94 58.13 2.31 66.84
CA GLN B 94 57.21 2.35 67.97
C GLN B 94 57.51 3.61 68.77
N PRO B 95 56.75 3.91 69.87
CA PRO B 95 57.18 4.95 70.83
C PRO B 95 58.12 4.41 71.91
N GLY B 96 59.18 3.74 71.49
CA GLY B 96 60.14 3.21 72.43
C GLY B 96 60.69 4.32 73.30
N SER B 97 60.57 4.18 74.62
CA SER B 97 60.98 5.24 75.52
C SER B 97 61.88 4.66 76.61
N GLN B 98 63.16 5.04 76.56
CA GLN B 98 64.18 4.78 77.55
C GLN B 98 65.42 5.48 77.02
N GLN B 99 66.35 5.80 77.91
CA GLN B 99 67.24 6.92 77.65
C GLN B 99 68.67 6.47 77.40
N ALA B 100 69.26 7.00 76.34
CA ALA B 100 70.69 7.03 76.16
C ALA B 100 71.17 8.45 76.45
N ASP B 101 72.49 8.65 76.45
CA ASP B 101 73.01 10.00 76.52
C ASP B 101 73.53 10.39 75.13
N PHE B 102 73.92 11.65 75.00
CA PHE B 102 74.13 12.21 73.68
C PHE B 102 75.51 11.88 73.10
N LEU B 103 76.57 12.10 73.88
CA LEU B 103 77.88 11.69 73.38
C LEU B 103 77.95 10.21 73.09
N ASP B 104 77.08 9.42 73.73
CA ASP B 104 77.03 7.98 73.49
C ASP B 104 76.66 7.69 72.04
N ALA B 105 75.49 8.16 71.61
CA ALA B 105 75.09 7.98 70.22
C ALA B 105 75.96 8.78 69.27
N LEU B 106 76.64 9.81 69.78
CA LEU B 106 77.56 10.56 68.95
C LEU B 106 78.79 9.74 68.59
N ILE B 107 79.37 9.05 69.56
CA ILE B 107 80.54 8.23 69.25
C ILE B 107 80.13 6.94 68.55
N VAL B 108 78.95 6.40 68.88
CA VAL B 108 78.43 5.27 68.12
C VAL B 108 78.26 5.66 66.66
N SER B 109 77.69 6.84 66.41
CA SER B 109 77.58 7.35 65.05
C SER B 109 78.95 7.52 64.42
N MET B 110 79.94 7.97 65.21
CA MET B 110 81.31 8.01 64.74
C MET B 110 81.69 6.68 64.13
N ASP B 111 81.53 5.60 64.91
CA ASP B 111 81.90 4.29 64.40
C ASP B 111 81.07 3.92 63.17
N VAL B 112 79.80 4.27 63.17
CA VAL B 112 78.96 4.05 62.00
C VAL B 112 79.66 4.58 60.76
N ILE B 113 80.20 5.79 60.87
CA ILE B 113 81.05 6.29 59.79
C ILE B 113 82.29 5.41 59.65
N GLN B 114 82.96 5.11 60.76
CA GLN B 114 84.32 4.61 60.72
C GLN B 114 84.47 3.36 59.88
N HIS B 115 84.03 2.23 60.43
CA HIS B 115 84.49 0.95 59.93
C HIS B 115 83.71 0.51 58.69
N GLU B 116 82.47 0.96 58.56
CA GLU B 116 81.71 0.54 57.39
C GLU B 116 82.16 1.28 56.15
N THR B 117 82.27 2.61 56.23
CA THR B 117 82.86 3.35 55.12
C THR B 117 84.23 2.79 54.78
N ILE B 118 84.98 2.35 55.79
CA ILE B 118 86.12 1.50 55.48
C ILE B 118 85.59 0.29 54.75
N GLY B 119 86.09 0.06 53.55
CA GLY B 119 85.50 -0.93 52.68
C GLY B 119 84.32 -0.43 51.87
N LYS B 120 83.88 0.81 52.08
CA LYS B 120 82.84 1.41 51.24
C LYS B 120 83.23 2.81 50.84
N LYS B 121 83.47 3.02 49.55
CA LYS B 121 84.07 4.26 49.07
C LYS B 121 83.01 5.35 48.99
N PHE B 122 83.16 6.39 49.81
CA PHE B 122 82.18 7.46 49.93
C PHE B 122 82.90 8.78 50.01
N GLU B 123 82.65 9.66 49.04
CA GLU B 123 83.29 10.96 49.02
C GLU B 123 82.70 11.92 50.04
N LYS B 124 81.40 11.85 50.29
CA LYS B 124 80.77 12.76 51.23
C LYS B 124 80.11 11.94 52.32
N ARG B 125 80.04 12.51 53.52
CA ARG B 125 79.42 11.84 54.66
C ARG B 125 78.79 12.86 55.57
N HIS B 126 77.91 12.38 56.45
CA HIS B 126 77.14 13.22 57.34
C HIS B 126 76.77 12.39 58.56
N ILE B 127 76.57 13.07 59.69
CA ILE B 127 75.92 12.47 60.85
C ILE B 127 74.90 13.46 61.37
N GLU B 128 73.67 12.98 61.56
CA GLU B 128 72.54 13.83 61.93
C GLU B 128 71.87 13.26 63.17
N ILE B 129 71.95 14.01 64.27
CA ILE B 129 71.42 13.55 65.53
C ILE B 129 70.11 14.27 65.76
N PHE B 130 69.01 13.55 65.66
CA PHE B 130 67.70 14.16 65.76
C PHE B 130 67.16 13.84 67.14
N THR B 131 67.17 14.83 68.00
CA THR B 131 66.86 14.59 69.39
C THR B 131 66.33 15.86 70.04
N ASP B 132 65.41 15.68 70.97
CA ASP B 132 64.86 16.81 71.68
C ASP B 132 65.69 17.22 72.88
N LEU B 133 66.82 16.55 73.13
CA LEU B 133 67.77 16.95 74.18
C LEU B 133 67.17 16.85 75.58
N SER B 134 66.66 15.66 75.91
CA SER B 134 66.24 15.35 77.27
C SER B 134 67.12 14.24 77.82
N SER B 135 67.99 14.59 78.77
CA SER B 135 68.91 13.64 79.41
C SER B 135 69.81 14.37 80.39
N ARG B 136 70.70 13.63 81.05
CA ARG B 136 71.84 14.22 81.72
C ARG B 136 72.97 14.26 80.70
N PHE B 137 73.37 15.46 80.32
CA PHE B 137 74.14 15.64 79.10
C PHE B 137 75.63 15.47 79.39
N SER B 138 76.25 14.57 78.64
CA SER B 138 77.68 14.36 78.70
C SER B 138 78.34 15.46 77.87
N LYS B 139 79.18 16.25 78.52
CA LYS B 139 80.08 17.16 77.84
C LYS B 139 81.48 16.59 77.72
N SER B 140 81.68 15.36 78.19
CA SER B 140 83.00 14.74 78.32
C SER B 140 83.77 14.69 77.01
N GLN B 141 83.33 13.84 76.09
CA GLN B 141 84.08 13.54 74.87
C GLN B 141 83.70 14.46 73.72
N LEU B 142 82.94 15.53 74.00
CA LEU B 142 82.32 16.34 72.94
C LEU B 142 83.31 16.70 71.83
N ASP B 143 84.34 17.48 72.16
CA ASP B 143 85.20 17.99 71.09
C ASP B 143 86.02 16.89 70.45
N ILE B 144 86.31 15.82 71.20
CA ILE B 144 86.92 14.62 70.61
C ILE B 144 86.10 14.14 69.42
N ILE B 145 84.87 13.72 69.70
CA ILE B 145 83.92 13.29 68.67
C ILE B 145 83.81 14.36 67.59
N ILE B 146 83.89 15.62 67.96
CA ILE B 146 83.64 16.72 67.03
C ILE B 146 84.73 16.80 65.97
N HIS B 147 85.98 16.92 66.38
CA HIS B 147 87.03 17.04 65.37
C HIS B 147 87.44 15.69 64.79
N SER B 148 87.05 14.59 65.44
CA SER B 148 87.28 13.30 64.81
C SER B 148 86.25 13.05 63.72
N LEU B 149 85.03 13.56 63.89
CA LEU B 149 84.09 13.56 62.80
C LEU B 149 84.43 14.62 61.76
N LYS B 150 85.21 15.63 62.16
CA LYS B 150 85.93 16.40 61.16
C LYS B 150 86.84 15.47 60.36
N LYS B 151 87.62 14.65 61.06
CA LYS B 151 88.39 13.61 60.37
C LYS B 151 87.49 12.70 59.56
N CYS B 152 86.25 12.54 59.99
CA CYS B 152 85.26 11.76 59.26
C CYS B 152 84.46 12.60 58.27
N ASP B 153 84.87 13.86 58.07
CA ASP B 153 84.22 14.86 57.23
C ASP B 153 82.70 14.79 57.35
N ILE B 154 82.23 15.06 58.56
CA ILE B 154 80.83 14.91 58.92
C ILE B 154 80.18 16.28 58.99
N SER B 155 79.33 16.57 58.03
CA SER B 155 78.33 17.62 58.19
C SER B 155 77.24 17.10 59.12
N LEU B 156 76.52 18.03 59.73
CA LEU B 156 75.83 17.73 60.97
C LEU B 156 74.46 18.41 61.02
N GLN B 157 73.49 17.72 61.63
CA GLN B 157 72.13 18.22 61.78
C GLN B 157 71.57 17.84 63.15
N PHE B 158 70.55 18.58 63.57
CA PHE B 158 69.82 18.24 64.78
C PHE B 158 68.36 18.62 64.63
N PHE B 159 67.48 17.70 65.04
CA PHE B 159 66.05 17.97 65.07
C PHE B 159 65.54 17.83 66.49
N LEU B 160 64.53 18.65 66.80
CA LEU B 160 63.92 18.79 68.11
C LEU B 160 62.54 19.40 67.95
N PRO B 161 61.75 19.60 69.01
CA PRO B 161 60.44 20.23 68.80
C PRO B 161 60.35 21.71 69.11
N PHE B 162 61.16 22.57 68.46
CA PHE B 162 61.07 24.00 68.73
C PHE B 162 62.05 24.84 67.93
N SER B 163 61.95 26.15 68.10
CA SER B 163 62.88 27.10 67.50
C SER B 163 63.83 27.62 68.58
N LEU B 164 65.07 27.90 68.16
CA LEU B 164 66.04 28.49 69.08
C LEU B 164 65.54 29.81 69.65
N GLY B 165 64.77 30.57 68.88
CA GLY B 165 64.22 31.82 69.35
C GLY B 165 62.70 31.83 69.35
N GLY B 176 43.20 27.81 61.65
CA GLY B 176 44.46 28.47 61.95
C GLY B 176 45.36 27.70 62.91
N PRO B 177 45.89 26.57 62.46
CA PRO B 177 46.70 25.74 63.35
C PRO B 177 48.13 26.24 63.47
N PHE B 178 48.97 25.46 64.16
CA PHE B 178 50.41 25.60 64.08
C PHE B 178 50.90 24.47 63.16
N ARG B 179 51.34 24.84 61.96
CA ARG B 179 51.70 23.84 60.97
C ARG B 179 52.79 22.90 61.48
N LEU B 180 52.69 21.63 61.11
CA LEU B 180 53.82 20.73 61.29
C LEU B 180 54.79 20.84 60.12
N GLY B 181 54.35 21.44 59.02
CA GLY B 181 55.25 21.81 57.94
C GLY B 181 54.69 23.01 57.20
N GLY B 182 55.58 23.79 56.63
CA GLY B 182 55.32 25.09 56.04
C GLY B 182 55.34 26.21 57.06
N HIS B 183 55.81 27.37 56.60
CA HIS B 183 55.74 28.64 57.32
C HIS B 183 56.39 28.56 58.72
N GLY B 184 57.70 28.33 58.72
CA GLY B 184 58.55 28.66 59.84
C GLY B 184 58.15 28.01 61.16
N PRO B 185 58.78 28.45 62.25
CA PRO B 185 58.47 27.82 63.55
C PRO B 185 57.01 27.99 63.90
N SER B 186 56.34 26.86 64.21
CA SER B 186 54.94 26.89 64.62
C SER B 186 54.78 26.02 65.85
N PHE B 187 54.50 26.66 66.99
CA PHE B 187 54.25 26.10 68.31
C PHE B 187 54.26 27.31 69.21
N PRO B 188 53.66 27.27 70.40
CA PRO B 188 53.84 28.39 71.33
C PRO B 188 55.31 28.53 71.69
N LEU B 189 55.86 29.72 71.47
CA LEU B 189 57.30 29.86 71.28
C LEU B 189 58.08 29.34 72.47
N LYS B 190 57.55 29.51 73.68
CA LYS B 190 58.25 29.11 74.89
C LYS B 190 57.94 27.67 75.28
N GLY B 191 57.24 26.92 74.43
CA GLY B 191 56.91 25.55 74.76
C GLY B 191 58.13 24.70 75.10
N ILE B 192 59.33 25.19 74.83
CA ILE B 192 60.55 24.49 75.20
C ILE B 192 60.53 24.15 76.69
N THR B 193 60.76 22.87 76.98
CA THR B 193 61.12 22.47 78.33
C THR B 193 62.60 22.76 78.52
N GLU B 194 62.93 23.44 79.61
CA GLU B 194 64.24 24.06 79.67
C GLU B 194 65.34 23.05 79.87
N GLN B 195 65.01 21.85 80.37
CA GLN B 195 65.94 20.74 80.27
C GLN B 195 66.49 20.64 78.86
N GLN B 196 65.58 20.64 77.90
CA GLN B 196 65.96 20.64 76.51
C GLN B 196 66.62 21.93 76.09
N LYS B 197 66.57 22.98 76.91
CA LYS B 197 67.37 24.16 76.62
C LYS B 197 68.81 24.03 77.14
N GLU B 198 69.04 23.31 78.23
CA GLU B 198 70.42 23.00 78.57
C GLU B 198 71.02 22.06 77.54
N GLY B 199 70.26 21.04 77.13
CA GLY B 199 70.68 20.27 75.98
C GLY B 199 70.90 21.15 74.76
N LEU B 200 70.04 22.15 74.59
CA LEU B 200 70.24 23.14 73.54
C LEU B 200 71.65 23.72 73.62
N GLU B 201 72.07 24.12 74.81
CA GLU B 201 73.43 24.62 74.94
C GLU B 201 74.45 23.55 74.59
N ILE B 202 74.16 22.30 74.96
CA ILE B 202 75.07 21.20 74.64
C ILE B 202 75.32 21.14 73.13
N VAL B 203 74.25 21.00 72.37
CA VAL B 203 74.37 20.95 70.93
C VAL B 203 74.98 22.23 70.39
N LYS B 204 74.64 23.36 70.99
CA LYS B 204 75.32 24.61 70.64
C LYS B 204 76.82 24.42 70.66
N MET B 205 77.32 23.80 71.72
CA MET B 205 78.76 23.58 71.84
C MET B 205 79.24 22.63 70.75
N VAL B 206 78.51 21.54 70.53
CA VAL B 206 78.94 20.56 69.54
C VAL B 206 79.05 21.21 68.16
N MET B 207 78.02 21.96 67.78
CA MET B 207 77.94 22.51 66.44
C MET B 207 78.93 23.65 66.26
N ILE B 208 78.94 24.58 67.21
CA ILE B 208 79.92 25.66 67.17
C ILE B 208 81.31 25.07 67.13
N SER B 209 81.48 23.85 67.63
CA SER B 209 82.79 23.20 67.64
C SER B 209 83.17 22.65 66.28
N LEU B 210 82.25 21.91 65.63
CA LEU B 210 82.66 21.21 64.42
C LEU B 210 82.66 22.14 63.21
N GLU B 211 81.48 22.50 62.73
CA GLU B 211 81.36 23.34 61.55
C GLU B 211 81.35 24.83 61.87
N GLY B 212 81.39 25.20 63.14
CA GLY B 212 81.34 26.59 63.55
C GLY B 212 79.99 26.97 64.14
N GLU B 213 79.96 28.20 64.67
CA GLU B 213 78.76 28.71 65.34
C GLU B 213 77.58 28.82 64.38
N ASP B 214 77.84 28.94 63.09
CA ASP B 214 76.76 29.00 62.10
C ASP B 214 75.77 27.86 62.28
N GLY B 215 76.24 26.73 62.81
CA GLY B 215 75.37 25.59 63.02
C GLY B 215 74.21 25.85 63.95
N LEU B 216 74.20 27.00 64.64
CA LEU B 216 73.07 27.32 65.47
C LEU B 216 71.83 27.65 64.66
N ASP B 217 72.00 28.03 63.39
CA ASP B 217 70.88 28.03 62.46
C ASP B 217 70.64 26.61 61.94
N GLU B 218 71.72 25.83 61.79
CA GLU B 218 71.62 24.40 61.49
C GLU B 218 71.03 23.62 62.66
N ILE B 219 70.85 24.25 63.81
CA ILE B 219 69.88 23.74 64.76
C ILE B 219 68.53 23.72 64.05
N TYR B 220 67.89 22.55 64.00
CA TYR B 220 66.58 22.46 63.38
C TYR B 220 65.62 21.73 64.28
N SER B 221 64.35 21.82 63.92
CA SER B 221 63.31 21.05 64.55
C SER B 221 62.90 19.90 63.65
N PHE B 222 61.98 19.07 64.14
CA PHE B 222 61.37 18.07 63.28
C PHE B 222 60.24 18.69 62.45
N SER B 223 59.54 19.68 62.99
CA SER B 223 58.44 20.28 62.26
C SER B 223 58.96 21.19 61.15
N GLU B 224 59.92 22.05 61.48
CA GLU B 224 60.59 22.80 60.42
C GLU B 224 61.27 21.86 59.46
N SER B 225 61.70 20.69 59.94
CA SER B 225 62.18 19.65 59.06
C SER B 225 61.09 19.21 58.10
N LEU B 226 59.83 19.46 58.45
CA LEU B 226 58.76 19.32 57.48
C LEU B 226 58.44 20.63 56.76
N ARG B 227 58.99 21.76 57.22
CA ARG B 227 58.79 23.01 56.50
C ARG B 227 59.81 23.20 55.38
N LYS B 228 61.06 22.83 55.64
CA LYS B 228 62.17 23.07 54.74
C LYS B 228 62.44 21.86 53.87
N LEU B 229 63.44 22.00 53.02
CA LEU B 229 64.07 20.92 52.28
C LEU B 229 65.29 20.37 53.00
N CYS B 230 65.51 20.80 54.25
CA CYS B 230 66.82 21.05 54.83
C CYS B 230 67.87 20.01 54.47
N VAL B 231 67.54 18.74 54.64
CA VAL B 231 68.55 17.72 54.38
C VAL B 231 68.92 17.70 52.90
N PHE B 232 68.08 18.27 52.04
CA PHE B 232 68.30 18.12 50.60
C PHE B 232 69.65 18.67 50.19
N LYS B 233 70.06 19.82 50.74
CA LYS B 233 71.36 20.36 50.35
C LYS B 233 72.34 19.96 51.43
N LYS B 234 73.05 18.85 51.17
CA LYS B 234 74.18 18.40 51.98
C LYS B 234 75.31 17.87 51.10
N ILE B 235 75.05 16.73 50.47
CA ILE B 235 76.08 15.82 50.01
C ILE B 235 76.35 15.89 48.51
N GLU B 236 75.62 16.69 47.74
CA GLU B 236 75.38 16.35 46.35
C GLU B 236 76.20 17.18 45.36
N ARG B 237 76.49 16.56 44.21
CA ARG B 237 77.33 17.13 43.16
C ARG B 237 76.87 18.52 42.72
N HIS B 238 77.84 19.38 42.46
CA HIS B 238 77.55 20.67 41.87
C HIS B 238 77.22 20.55 40.40
N SER B 239 76.63 21.61 39.86
CA SER B 239 76.46 21.67 38.42
C SER B 239 77.79 21.46 37.73
N ILE B 240 77.75 20.77 36.60
CA ILE B 240 78.94 20.33 35.90
C ILE B 240 79.26 21.34 34.81
N HIS B 241 80.55 21.56 34.57
CA HIS B 241 81.02 22.53 33.59
C HIS B 241 80.35 22.30 32.24
N TRP B 242 79.79 23.36 31.66
CA TRP B 242 79.40 23.26 30.26
C TRP B 242 80.48 23.96 29.46
N PRO B 243 81.33 23.20 28.77
CA PRO B 243 82.39 23.81 27.98
C PRO B 243 81.86 24.49 26.73
N CYS B 244 82.23 25.75 26.56
CA CYS B 244 82.43 26.42 25.29
C CYS B 244 82.98 27.80 25.55
N ARG B 245 83.10 28.58 24.50
CA ARG B 245 83.51 29.98 24.61
C ARG B 245 82.27 30.85 24.55
N LEU B 246 82.13 31.77 25.50
CA LEU B 246 81.33 32.94 25.26
C LEU B 246 82.15 33.91 24.44
N THR B 247 81.68 34.20 23.25
CA THR B 247 82.31 35.19 22.40
C THR B 247 81.75 36.54 22.81
N ILE B 248 82.63 37.45 23.18
CA ILE B 248 82.25 38.84 23.41
C ILE B 248 82.83 39.62 22.23
N GLY B 249 82.00 39.87 21.24
CA GLY B 249 82.51 40.50 20.04
C GLY B 249 83.41 39.56 19.24
N SER B 250 83.59 39.83 17.95
CA SER B 250 84.75 39.25 17.27
C SER B 250 86.01 39.61 18.03
N ASN B 251 85.94 40.70 18.79
CA ASN B 251 87.00 41.08 19.69
C ASN B 251 87.34 39.97 20.68
N LEU B 252 86.36 39.55 21.48
CA LEU B 252 86.65 38.71 22.63
C LEU B 252 85.91 37.39 22.55
N SER B 253 86.64 36.32 22.83
CA SER B 253 86.09 34.99 23.07
C SER B 253 86.74 34.44 24.33
N ILE B 254 85.98 33.67 25.10
CA ILE B 254 86.41 33.25 26.42
C ILE B 254 85.95 31.82 26.67
N ARG B 255 86.86 30.96 27.09
CA ARG B 255 86.46 29.67 27.63
C ARG B 255 85.72 29.87 28.93
N ILE B 256 84.51 29.30 29.03
CA ILE B 256 83.62 29.54 30.14
C ILE B 256 82.88 28.25 30.47
N ALA B 257 82.25 28.23 31.63
CA ALA B 257 81.48 27.10 32.12
C ALA B 257 80.03 27.50 32.23
N ALA B 258 79.20 27.00 31.32
CA ALA B 258 77.78 27.23 31.48
C ALA B 258 77.22 26.23 32.48
N TYR B 259 76.16 26.65 33.16
CA TYR B 259 75.59 25.90 34.27
C TYR B 259 74.08 26.04 34.27
N LYS B 260 73.39 24.93 34.50
CA LYS B 260 71.94 24.96 34.52
C LYS B 260 71.47 25.29 35.92
N SER B 261 70.76 26.40 36.03
CA SER B 261 70.45 26.99 37.32
C SER B 261 69.02 26.71 37.75
N ILE B 262 68.04 27.29 37.08
CA ILE B 262 66.64 27.11 37.45
C ILE B 262 65.91 26.53 36.25
N LEU B 263 65.29 25.38 36.46
CA LEU B 263 64.70 24.63 35.36
C LEU B 263 63.66 23.68 35.93
N GLN B 264 62.81 23.16 35.06
CA GLN B 264 61.62 22.43 35.45
C GLN B 264 61.90 20.95 35.69
N GLU B 265 61.27 20.41 36.72
CA GLU B 265 61.36 18.99 36.98
C GLU B 265 60.51 18.21 35.99
N ARG B 266 60.59 16.89 36.11
CA ARG B 266 59.73 15.98 35.40
C ARG B 266 59.69 14.69 36.19
N VAL B 267 59.15 13.65 35.57
CA VAL B 267 58.97 12.40 36.26
C VAL B 267 60.30 11.73 36.47
N LYS B 268 60.28 10.61 37.18
CA LYS B 268 61.39 9.70 37.22
C LYS B 268 61.16 8.54 36.28
N LYS B 269 59.99 8.50 35.65
CA LYS B 269 59.58 7.47 34.71
C LYS B 269 58.16 7.78 34.29
N THR B 270 57.71 7.12 33.25
CA THR B 270 56.54 7.54 32.49
C THR B 270 55.24 7.14 33.13
N TRP B 271 55.28 6.58 34.34
CA TRP B 271 54.24 5.64 34.75
C TRP B 271 54.28 4.42 33.86
N THR B 272 55.23 3.55 34.13
CA THR B 272 55.50 2.42 33.26
C THR B 272 54.19 1.73 32.90
N VAL B 273 53.97 1.58 31.61
CA VAL B 273 52.65 1.33 31.05
C VAL B 273 52.45 -0.17 30.94
N VAL B 274 53.39 -0.93 31.49
CA VAL B 274 53.48 -2.35 31.19
C VAL B 274 52.35 -3.13 31.85
N ASP B 275 52.48 -4.46 31.85
CA ASP B 275 51.35 -5.36 31.89
C ASP B 275 50.56 -5.25 33.18
N ALA B 276 49.33 -5.74 33.13
CA ALA B 276 48.55 -6.03 34.32
C ALA B 276 48.23 -7.53 34.35
N LYS B 277 47.91 -8.01 35.55
CA LYS B 277 47.62 -9.42 35.86
C LYS B 277 48.91 -10.22 35.94
N THR B 278 49.99 -9.67 35.38
CA THR B 278 51.31 -10.28 35.41
C THR B 278 52.27 -9.20 35.89
N LEU B 279 52.22 -8.07 35.17
CA LEU B 279 53.09 -6.91 35.19
C LEU B 279 54.22 -7.17 34.22
N LYS B 280 54.24 -8.32 33.58
CA LYS B 280 55.38 -8.71 32.76
C LYS B 280 55.31 -7.98 31.43
N LYS B 281 56.31 -7.14 31.18
CA LYS B 281 56.38 -6.33 29.97
C LYS B 281 56.50 -7.18 28.72
N GLU B 282 56.70 -8.48 28.87
CA GLU B 282 56.82 -9.37 27.72
C GLU B 282 55.62 -9.23 26.79
N ASP B 283 54.41 -9.31 27.33
CA ASP B 283 53.23 -9.07 26.52
C ASP B 283 53.18 -7.66 25.97
N ILE B 284 54.04 -6.76 26.43
CA ILE B 284 53.83 -5.32 26.32
C ILE B 284 54.64 -4.74 25.17
N GLN B 285 53.95 -4.01 24.30
CA GLN B 285 54.48 -3.08 23.30
C GLN B 285 53.27 -2.52 22.57
N LYS B 286 53.46 -1.34 21.97
CA LYS B 286 52.36 -0.69 21.29
C LYS B 286 52.38 -1.13 19.82
N GLU B 287 51.37 -0.73 19.07
CA GLU B 287 51.20 -1.19 17.70
C GLU B 287 51.73 -0.16 16.72
N THR B 288 52.78 -0.52 16.00
CA THR B 288 53.26 0.29 14.89
C THR B 288 52.10 0.72 14.00
N VAL B 289 51.42 -0.25 13.38
CA VAL B 289 50.20 -0.06 12.61
C VAL B 289 50.31 1.18 11.74
N TYR B 290 51.11 1.07 10.69
CA TYR B 290 51.14 2.06 9.64
C TYR B 290 50.26 1.58 8.49
N CYS B 291 49.54 2.51 7.89
CA CYS B 291 48.42 2.18 7.05
C CYS B 291 48.62 2.81 5.69
N LEU B 292 47.79 2.41 4.74
CA LEU B 292 47.73 3.25 3.56
C LEU B 292 46.73 4.38 3.82
N ASN B 293 46.63 5.30 2.85
CA ASN B 293 45.95 6.56 3.09
C ASN B 293 44.43 6.48 2.96
N ASP B 294 43.91 5.91 1.88
CA ASP B 294 42.49 6.05 1.60
C ASP B 294 42.00 4.83 0.83
N ASP B 295 40.69 4.69 0.79
CA ASP B 295 40.01 3.67 0.00
C ASP B 295 40.54 2.28 0.38
N ASP B 296 40.13 1.92 1.59
CA ASP B 296 40.52 0.73 2.34
C ASP B 296 41.90 0.92 2.94
N GLU B 297 42.67 1.90 2.42
CA GLU B 297 43.79 2.52 3.12
C GLU B 297 44.63 1.52 3.89
N THR B 298 44.93 0.38 3.28
CA THR B 298 45.27 -0.81 4.04
C THR B 298 46.66 -0.70 4.66
N GLU B 299 47.12 -1.80 5.24
CA GLU B 299 48.38 -1.80 5.94
C GLU B 299 49.50 -1.37 5.01
N VAL B 300 50.52 -0.75 5.60
CA VAL B 300 51.79 -0.57 4.94
C VAL B 300 52.87 -1.07 5.89
N LEU B 301 53.92 -1.64 5.32
CA LEU B 301 54.98 -2.28 6.09
C LEU B 301 56.30 -1.66 5.69
N LYS B 302 57.34 -1.97 6.45
CA LYS B 302 58.60 -1.27 6.29
C LYS B 302 58.36 0.20 6.58
N GLU B 303 58.33 0.52 7.87
CA GLU B 303 57.78 1.76 8.40
C GLU B 303 58.15 2.98 7.58
N ASP B 304 59.32 2.94 6.97
CA ASP B 304 59.86 4.11 6.30
C ASP B 304 58.85 4.73 5.34
N ILE B 305 58.79 6.05 5.37
CA ILE B 305 57.86 6.84 4.60
C ILE B 305 58.63 8.09 4.20
N ILE B 306 58.05 8.90 3.31
CA ILE B 306 58.72 10.19 3.15
C ILE B 306 58.42 10.99 4.39
N GLN B 307 59.05 12.13 4.53
CA GLN B 307 58.77 12.99 5.68
C GLN B 307 58.29 14.32 5.14
N GLY B 308 57.00 14.60 5.32
CA GLY B 308 56.37 15.67 4.60
C GLY B 308 55.21 16.22 5.40
N PHE B 309 54.44 17.08 4.76
CA PHE B 309 53.33 17.72 5.44
C PHE B 309 52.19 17.92 4.47
N ARG B 310 51.12 18.51 4.96
CA ARG B 310 50.37 19.53 4.25
C ARG B 310 50.76 20.81 4.95
N TYR B 311 50.75 21.92 4.23
CA TYR B 311 50.49 23.20 4.87
C TYR B 311 49.51 23.94 4.00
N GLY B 312 48.98 25.04 4.51
CA GLY B 312 48.04 25.83 3.74
C GLY B 312 46.94 24.95 3.22
N SER B 313 46.76 24.97 1.92
CA SER B 313 46.01 23.93 1.27
C SER B 313 46.92 22.85 0.69
N ASP B 314 48.22 22.93 0.92
CA ASP B 314 49.16 22.13 0.14
C ASP B 314 49.83 21.03 0.95
N ILE B 315 49.68 19.80 0.46
CA ILE B 315 50.53 18.71 0.91
C ILE B 315 51.97 19.12 0.74
N VAL B 316 52.79 18.72 1.68
CA VAL B 316 54.18 19.12 1.65
C VAL B 316 55.03 17.87 1.56
N PRO B 317 55.04 17.17 0.43
CA PRO B 317 55.95 16.02 0.28
C PRO B 317 57.38 16.48 0.46
N PHE B 318 58.19 15.65 1.08
CA PHE B 318 59.54 16.01 1.48
C PHE B 318 60.10 14.75 2.11
N SER B 319 61.39 14.76 2.46
CA SER B 319 61.94 13.56 3.08
C SER B 319 62.55 13.95 4.41
N LYS B 320 63.18 12.97 5.06
CA LYS B 320 64.14 13.30 6.10
C LYS B 320 65.50 13.64 5.50
N VAL B 321 65.80 13.12 4.32
CA VAL B 321 67.04 13.43 3.63
C VAL B 321 67.15 14.92 3.39
N ASP B 322 66.28 15.42 2.53
CA ASP B 322 66.28 16.84 2.18
C ASP B 322 66.20 17.73 3.42
N GLU B 323 65.57 17.26 4.48
CA GLU B 323 65.69 17.91 5.77
C GLU B 323 67.16 18.02 6.16
N GLU B 324 67.74 16.85 6.49
CA GLU B 324 69.07 16.76 7.07
C GLU B 324 70.06 17.62 6.30
N GLN B 325 70.14 17.38 4.99
CA GLN B 325 71.03 18.16 4.15
C GLN B 325 70.64 19.64 4.16
N MET B 326 69.40 19.95 3.80
CA MET B 326 69.00 21.30 3.47
C MET B 326 68.97 22.19 4.70
N LYS B 327 69.31 21.60 5.84
CA LYS B 327 69.26 22.23 7.15
C LYS B 327 70.58 22.91 7.47
N TYR B 328 70.57 24.25 7.51
CA TYR B 328 71.60 25.01 8.19
C TYR B 328 71.45 24.86 9.70
N LYS B 329 72.55 25.06 10.42
CA LYS B 329 72.59 24.75 11.84
C LYS B 329 73.68 25.56 12.51
N SER B 330 73.89 25.27 13.80
CA SER B 330 75.14 25.59 14.47
C SER B 330 76.13 24.48 14.16
N GLU B 331 77.22 24.43 14.92
CA GLU B 331 78.27 23.50 14.56
C GLU B 331 78.21 22.24 15.43
N GLY B 332 78.88 22.24 16.58
CA GLY B 332 78.46 21.40 17.69
C GLY B 332 78.07 22.18 18.93
N LYS B 333 78.61 23.39 19.04
CA LYS B 333 78.37 24.26 20.19
C LYS B 333 78.78 25.68 19.80
N CYS B 334 78.35 26.64 20.61
CA CYS B 334 78.94 27.97 20.67
C CYS B 334 78.13 28.80 21.66
N PHE B 335 78.78 29.84 22.17
CA PHE B 335 78.10 30.84 22.98
C PHE B 335 78.70 32.19 22.62
N SER B 336 77.90 33.10 22.07
CA SER B 336 78.49 34.33 21.54
C SER B 336 77.60 35.51 21.89
N VAL B 337 78.17 36.50 22.58
CA VAL B 337 77.38 37.70 22.85
C VAL B 337 76.92 38.28 21.53
N LEU B 338 75.63 38.49 21.41
CA LEU B 338 75.04 39.11 20.25
C LEU B 338 74.90 40.62 20.41
N GLY B 339 75.12 41.12 21.61
CA GLY B 339 75.11 42.55 21.84
C GLY B 339 74.57 42.82 23.23
N PHE B 340 74.27 44.09 23.49
CA PHE B 340 73.89 44.53 24.82
C PHE B 340 72.81 45.60 24.75
N CYS B 341 72.11 45.78 25.86
CA CYS B 341 71.15 46.88 25.91
C CYS B 341 70.88 47.28 27.35
N LYS B 342 70.32 48.47 27.53
CA LYS B 342 69.85 48.90 28.83
C LYS B 342 68.63 48.07 29.26
N SER B 343 68.35 48.09 30.55
CA SER B 343 67.21 47.34 31.06
C SER B 343 65.92 48.13 31.09
N SER B 344 65.94 49.41 30.73
CA SER B 344 64.78 50.27 30.91
C SER B 344 63.59 49.81 30.08
N GLN B 345 63.78 49.72 28.76
CA GLN B 345 62.70 49.30 27.88
C GLN B 345 62.26 47.86 28.11
N VAL B 346 62.93 47.16 29.02
CA VAL B 346 62.92 45.70 29.09
C VAL B 346 61.97 45.23 30.18
N GLN B 347 61.34 44.06 29.98
CA GLN B 347 60.24 43.60 30.80
C GLN B 347 60.41 42.16 31.24
N ARG B 348 60.01 41.91 32.49
CA ARG B 348 60.11 40.58 33.07
C ARG B 348 59.34 39.57 32.24
N ARG B 349 58.07 39.85 31.94
CA ARG B 349 57.34 38.97 31.03
C ARG B 349 58.17 38.67 29.82
N PHE B 350 58.84 39.69 29.35
CA PHE B 350 59.65 39.61 28.18
C PHE B 350 61.00 39.06 28.53
N PHE B 351 61.16 38.62 29.75
CA PHE B 351 62.13 37.57 30.02
C PHE B 351 61.38 36.28 29.78
N MET B 352 61.83 35.46 28.81
CA MET B 352 61.15 34.21 28.56
C MET B 352 62.10 33.03 28.71
N GLY B 353 61.53 31.87 28.99
CA GLY B 353 62.28 30.63 28.94
C GLY B 353 61.79 29.69 30.01
N ASN B 354 62.52 28.58 30.14
CA ASN B 354 62.34 27.73 31.31
C ASN B 354 63.72 27.40 31.88
N GLN B 355 64.55 26.75 31.08
CA GLN B 355 65.91 26.43 31.48
C GLN B 355 66.73 27.70 31.61
N VAL B 356 67.55 27.76 32.65
CA VAL B 356 68.29 28.96 32.98
C VAL B 356 69.70 28.57 33.38
N LEU B 357 70.67 29.36 32.96
CA LEU B 357 72.06 29.00 33.15
C LEU B 357 72.74 30.00 34.06
N LYS B 358 73.00 29.60 35.30
CA LYS B 358 74.09 30.19 36.05
C LYS B 358 75.39 29.84 35.34
N VAL B 359 76.16 30.84 34.98
CA VAL B 359 77.34 30.60 34.16
C VAL B 359 78.55 31.06 34.95
N PHE B 360 79.40 30.12 35.32
CA PHE B 360 80.61 30.45 36.04
C PHE B 360 81.82 30.10 35.17
N ALA B 361 83.01 30.38 35.69
CA ALA B 361 84.23 30.39 34.92
C ALA B 361 84.70 28.99 34.55
N ALA B 362 85.53 28.96 33.50
CA ALA B 362 86.34 27.83 33.07
C ALA B 362 87.66 27.78 33.82
N ARG B 363 87.70 28.38 35.01
CA ARG B 363 88.75 29.13 35.70
C ARG B 363 90.05 28.38 35.91
N ASP B 364 90.90 28.90 36.80
CA ASP B 364 92.27 28.40 36.96
C ASP B 364 93.08 28.85 35.77
N ASP B 365 93.68 30.03 35.93
CA ASP B 365 93.71 31.14 34.98
C ASP B 365 92.34 31.75 35.00
N GLU B 366 92.07 32.40 36.13
CA GLU B 366 90.78 33.00 36.44
C GLU B 366 90.66 34.44 35.99
N ALA B 367 91.68 34.95 35.27
CA ALA B 367 91.75 36.38 35.00
C ALA B 367 90.49 36.88 34.31
N ALA B 368 90.14 36.30 33.17
CA ALA B 368 88.96 36.75 32.45
C ALA B 368 87.67 36.49 33.22
N ALA B 369 87.73 35.76 34.32
CA ALA B 369 86.60 35.76 35.23
C ALA B 369 86.58 37.03 36.07
N VAL B 370 87.76 37.57 36.36
CA VAL B 370 87.83 38.84 37.05
C VAL B 370 87.41 39.97 36.12
N ALA B 371 88.03 40.04 34.95
CA ALA B 371 87.58 41.00 33.95
C ALA B 371 86.13 40.74 33.59
N LEU B 372 85.71 39.48 33.65
CA LEU B 372 84.30 39.17 33.59
C LEU B 372 83.56 39.95 34.63
N SER B 373 84.05 39.95 35.88
CA SER B 373 83.42 40.77 36.89
C SER B 373 83.41 42.22 36.47
N SER B 374 84.48 42.66 35.81
CA SER B 374 84.56 44.03 35.34
C SER B 374 83.38 44.35 34.44
N LEU B 375 83.21 43.57 33.38
CA LEU B 375 82.08 43.80 32.49
C LEU B 375 80.77 43.63 33.22
N ILE B 376 80.75 42.78 34.24
CA ILE B 376 79.54 42.58 35.00
C ILE B 376 79.10 43.88 35.64
N HIS B 377 79.98 44.47 36.44
CA HIS B 377 79.60 45.74 37.05
C HIS B 377 79.52 46.84 36.02
N ALA B 378 80.12 46.63 34.86
CA ALA B 378 79.81 47.50 33.75
C ALA B 378 78.37 47.33 33.31
N LEU B 379 77.80 46.15 33.54
CA LEU B 379 76.40 45.92 33.19
C LEU B 379 75.47 46.45 34.27
N ASP B 380 75.79 46.18 35.54
CA ASP B 380 74.83 46.38 36.61
C ASP B 380 74.60 47.85 36.91
N ASP B 381 75.67 48.66 36.91
CA ASP B 381 75.53 50.10 37.03
C ASP B 381 74.48 50.64 36.08
N LEU B 382 74.58 50.26 34.81
CA LEU B 382 73.84 50.87 33.72
C LEU B 382 72.58 50.11 33.33
N ASP B 383 72.17 49.14 34.14
CA ASP B 383 71.06 48.21 33.89
C ASP B 383 71.19 47.55 32.52
N MET B 384 72.29 46.84 32.37
CA MET B 384 72.67 46.33 31.07
C MET B 384 72.50 44.83 31.00
N VAL B 385 71.91 44.41 29.90
CA VAL B 385 71.50 43.03 29.66
C VAL B 385 72.28 42.51 28.47
N ALA B 386 72.44 41.19 28.45
CA ALA B 386 73.28 40.49 27.50
C ALA B 386 72.46 39.79 26.43
N ILE B 387 72.95 39.84 25.20
CA ILE B 387 72.32 39.27 24.03
C ILE B 387 73.32 38.26 23.48
N VAL B 388 73.02 36.96 23.60
CA VAL B 388 74.05 35.94 23.37
C VAL B 388 73.48 34.72 22.65
N ARG B 389 74.17 34.28 21.61
CA ARG B 389 73.92 32.97 21.04
C ARG B 389 74.36 31.90 22.03
N TYR B 390 73.62 30.81 22.12
CA TYR B 390 74.08 29.64 22.85
C TYR B 390 73.77 28.39 22.07
N ALA B 391 74.80 27.65 21.69
CA ALA B 391 74.63 26.32 21.13
C ALA B 391 75.13 25.32 22.16
N TYR B 392 74.20 24.54 22.70
CA TYR B 392 74.52 23.50 23.67
C TYR B 392 75.54 22.54 23.06
N ASP B 393 76.40 22.00 23.91
CA ASP B 393 77.66 21.43 23.43
C ASP B 393 77.52 19.95 23.06
N LYS B 394 77.22 19.10 24.05
CA LYS B 394 77.54 17.67 23.95
C LYS B 394 77.05 17.04 22.65
N ARG B 395 75.80 17.30 22.24
CA ARG B 395 75.32 16.79 20.96
C ARG B 395 74.60 17.86 20.14
N ALA B 396 75.26 18.39 19.10
CA ALA B 396 74.65 18.97 17.90
C ALA B 396 73.37 19.82 18.04
N ASN B 397 73.41 21.02 18.63
CA ASN B 397 72.22 21.89 18.48
C ASN B 397 72.53 23.38 18.41
N PRO B 398 71.90 24.12 17.49
CA PRO B 398 71.85 25.59 17.61
C PRO B 398 70.73 26.11 18.49
N GLN B 399 71.04 27.20 19.22
CA GLN B 399 70.04 28.04 19.90
C GLN B 399 70.60 29.43 20.12
N VAL B 400 69.71 30.36 20.45
CA VAL B 400 70.06 31.75 20.71
C VAL B 400 69.14 32.30 21.79
N GLY B 401 69.69 33.17 22.64
CA GLY B 401 68.86 33.67 23.72
C GLY B 401 69.46 34.87 24.44
N VAL B 402 68.65 35.42 25.34
CA VAL B 402 69.10 36.47 26.25
C VAL B 402 69.91 35.85 27.39
N ALA B 403 70.76 36.66 28.00
CA ALA B 403 71.44 36.21 29.21
C ALA B 403 71.71 37.42 30.07
N PHE B 404 71.63 37.24 31.38
CA PHE B 404 71.75 38.42 32.16
C PHE B 404 72.45 38.16 33.49
N PRO B 405 73.28 39.09 33.94
CA PRO B 405 73.89 38.94 35.26
C PRO B 405 72.86 39.08 36.36
N HIS B 406 72.85 38.13 37.28
CA HIS B 406 72.15 38.33 38.54
C HIS B 406 73.16 38.66 39.63
N ILE B 407 72.77 39.54 40.54
CA ILE B 407 73.68 40.02 41.57
C ILE B 407 73.13 39.65 42.93
N LYS B 408 73.81 38.73 43.60
CA LYS B 408 73.64 38.51 45.02
C LYS B 408 75.06 38.50 45.59
N HIS B 409 75.33 39.43 46.48
CA HIS B 409 76.66 39.97 46.72
C HIS B 409 77.75 38.91 46.79
N ASN B 410 77.47 37.79 47.44
CA ASN B 410 78.54 36.84 47.72
C ASN B 410 79.06 36.18 46.45
N TYR B 411 78.17 35.79 45.55
CA TYR B 411 78.64 35.29 44.26
C TYR B 411 77.57 35.57 43.23
N GLU B 412 78.01 35.81 42.00
CA GLU B 412 77.12 36.19 40.93
C GLU B 412 77.53 35.50 39.65
N CYS B 413 76.57 35.37 38.74
CA CYS B 413 76.83 34.82 37.41
C CYS B 413 75.84 35.45 36.44
N LEU B 414 76.13 35.29 35.17
CA LEU B 414 75.14 35.59 34.15
C LEU B 414 74.39 34.32 33.82
N VAL B 415 73.12 34.47 33.53
CA VAL B 415 72.22 33.35 33.35
C VAL B 415 71.72 33.36 31.93
N TYR B 416 71.89 32.23 31.25
CA TYR B 416 71.38 32.16 29.89
C TYR B 416 69.94 31.68 29.94
N VAL B 417 69.15 32.31 29.10
CA VAL B 417 67.70 32.31 29.18
C VAL B 417 67.23 32.65 27.78
N GLN B 418 65.97 32.41 27.48
CA GLN B 418 65.56 32.68 26.11
C GLN B 418 65.13 34.13 25.95
N LEU B 419 65.76 34.79 25.01
CA LEU B 419 65.22 36.03 24.53
C LEU B 419 63.90 35.72 23.87
N PRO B 420 62.79 36.25 24.37
CA PRO B 420 61.53 36.11 23.64
C PRO B 420 61.69 36.64 22.23
N PHE B 421 61.27 35.82 21.28
CA PHE B 421 61.56 36.00 19.87
C PHE B 421 60.39 36.63 19.14
N MET B 422 60.69 37.47 18.15
CA MET B 422 59.78 38.50 17.68
C MET B 422 58.35 38.01 17.52
N GLU B 423 58.18 36.80 17.00
CA GLU B 423 56.84 36.21 16.93
C GLU B 423 56.19 36.16 18.31
N ASP B 424 57.00 36.12 19.35
CA ASP B 424 56.53 35.64 20.63
C ASP B 424 55.45 36.49 21.24
N LEU B 425 55.07 37.59 20.63
CA LEU B 425 54.06 38.45 21.24
C LEU B 425 52.74 38.27 20.53
N ARG B 426 51.79 37.70 21.25
CA ARG B 426 50.39 37.75 20.87
C ARG B 426 49.77 39.04 21.37
N GLN B 427 48.90 39.62 20.56
CA GLN B 427 48.25 40.86 20.97
C GLN B 427 46.86 40.90 20.38
N TYR B 428 45.96 41.48 21.14
CA TYR B 428 44.52 41.46 20.86
C TYR B 428 44.03 42.86 20.55
N MET B 429 42.72 42.98 20.35
CA MET B 429 42.04 44.24 20.12
C MET B 429 41.59 44.86 21.43
N PHE B 430 42.03 44.30 22.55
CA PHE B 430 41.43 44.50 23.86
C PHE B 430 41.17 45.97 24.17
N SER B 431 39.94 46.26 24.54
CA SER B 431 39.59 47.61 24.95
C SER B 431 40.19 47.87 26.33
N SER B 432 40.73 49.07 26.50
CA SER B 432 41.59 49.34 27.63
C SER B 432 40.85 49.20 28.94
N LEU B 433 41.52 48.61 29.92
CA LEU B 433 41.09 48.83 31.29
C LEU B 433 41.31 50.27 31.70
N LYS B 434 42.23 50.96 31.02
CA LYS B 434 42.28 52.41 31.14
C LYS B 434 40.91 53.01 30.92
N ASN B 435 40.06 52.32 30.18
CA ASN B 435 38.66 52.68 30.16
C ASN B 435 38.01 51.83 31.24
N SER B 436 37.71 52.49 32.35
CA SER B 436 36.76 51.99 33.33
C SER B 436 35.41 52.68 33.19
N LYS B 437 35.24 53.53 32.16
CA LYS B 437 34.09 54.41 32.11
C LYS B 437 32.77 53.66 32.25
N LYS B 438 32.80 52.34 32.04
CA LYS B 438 31.67 51.50 32.37
C LYS B 438 31.77 50.86 33.75
N TYR B 439 32.92 50.98 34.43
CA TYR B 439 33.05 50.38 35.76
C TYR B 439 33.78 51.32 36.71
N ALA B 440 33.06 51.89 37.66
CA ALA B 440 33.68 52.47 38.84
C ALA B 440 32.75 52.35 40.04
N PRO B 441 33.26 52.03 41.20
CA PRO B 441 32.51 52.15 42.44
C PRO B 441 32.87 53.43 43.16
N THR B 442 32.40 53.54 44.40
CA THR B 442 33.09 54.37 45.36
C THR B 442 34.41 53.71 45.75
N GLU B 443 35.45 54.54 45.85
CA GLU B 443 36.70 54.06 46.44
C GLU B 443 36.49 53.44 47.81
N ALA B 444 35.51 53.96 48.56
CA ALA B 444 35.38 53.69 49.98
C ALA B 444 35.43 52.21 50.29
N GLN B 445 35.04 51.35 49.36
CA GLN B 445 35.34 49.94 49.48
C GLN B 445 36.78 49.64 49.05
N LEU B 446 37.23 50.30 47.99
CA LEU B 446 38.46 49.90 47.35
C LEU B 446 39.63 50.07 48.30
N ASN B 447 39.74 51.23 48.91
CA ASN B 447 40.73 51.45 49.96
C ASN B 447 40.68 50.37 51.03
N ALA B 448 39.50 50.06 51.55
CA ALA B 448 39.43 49.12 52.65
C ALA B 448 40.02 47.79 52.25
N VAL B 449 39.55 47.24 51.14
CA VAL B 449 40.11 45.98 50.67
C VAL B 449 41.58 46.12 50.32
N ASP B 450 42.06 47.33 50.09
CA ASP B 450 43.51 47.53 50.08
C ASP B 450 44.08 47.15 51.43
N ALA B 451 43.57 47.77 52.49
CA ALA B 451 44.01 47.40 53.83
C ALA B 451 43.97 45.90 53.99
N LEU B 452 42.95 45.26 53.44
CA LEU B 452 42.99 43.82 53.29
C LEU B 452 44.26 43.36 52.60
N ILE B 453 44.57 43.98 51.46
CA ILE B 453 45.74 43.56 50.69
C ILE B 453 46.98 43.58 51.56
N ASP B 454 47.01 44.46 52.56
CA ASP B 454 48.05 44.39 53.58
C ASP B 454 47.84 43.20 54.48
N SER B 455 46.66 43.09 55.09
CA SER B 455 46.38 41.95 55.94
C SER B 455 46.62 40.66 55.18
N MET B 456 46.40 40.69 53.88
CA MET B 456 46.73 39.58 53.02
C MET B 456 48.11 39.73 52.39
N SER B 457 48.87 40.77 52.74
CA SER B 457 50.21 40.83 52.20
C SER B 457 51.01 39.67 52.77
N LEU B 458 51.47 38.79 51.87
CA LEU B 458 52.13 37.57 52.31
C LEU B 458 53.49 37.87 52.91
N ALA B 459 54.26 38.69 52.24
CA ALA B 459 55.50 39.21 52.77
C ALA B 459 55.22 40.56 53.37
N LYS B 460 55.33 40.65 54.68
CA LYS B 460 55.38 41.91 55.38
C LYS B 460 56.74 41.97 56.06
N LYS B 461 57.20 43.18 56.35
CA LYS B 461 58.54 43.37 56.89
C LYS B 461 58.70 42.59 58.20
N ASP B 462 59.72 41.74 58.27
CA ASP B 462 59.95 40.90 59.43
C ASP B 462 61.41 41.01 59.85
N GLU B 463 61.66 40.62 61.11
CA GLU B 463 62.98 40.58 61.71
C GLU B 463 63.57 41.97 61.86
N LYS B 464 62.89 42.97 61.30
CA LYS B 464 63.45 44.29 61.03
C LYS B 464 64.76 44.18 60.27
N THR B 465 64.90 43.09 59.52
CA THR B 465 65.90 42.94 58.48
C THR B 465 65.39 43.46 57.16
N ASP B 466 64.20 44.04 57.16
CA ASP B 466 63.45 44.37 55.95
C ASP B 466 63.29 43.14 55.09
N THR B 467 63.38 41.96 55.69
CA THR B 467 63.07 40.76 54.95
C THR B 467 61.61 40.55 55.21
N LEU B 468 60.80 40.83 54.21
CA LEU B 468 59.37 40.66 54.35
C LEU B 468 59.13 39.18 54.16
N GLU B 469 58.64 38.49 55.17
CA GLU B 469 58.60 37.05 55.08
C GLU B 469 57.31 36.72 54.37
N ASP B 470 57.43 36.24 53.15
CA ASP B 470 56.23 36.02 52.37
C ASP B 470 55.59 34.78 52.92
N LEU B 471 54.38 34.91 53.38
CA LEU B 471 53.70 33.70 53.79
C LEU B 471 53.31 33.02 52.49
N PHE B 472 53.57 31.71 52.40
CA PHE B 472 54.00 31.10 51.14
C PHE B 472 55.33 31.70 50.69
N PRO B 473 56.44 31.45 51.42
CA PRO B 473 57.75 31.99 51.02
C PRO B 473 58.45 31.10 50.02
N THR B 474 57.71 30.64 49.01
CA THR B 474 58.27 29.87 47.91
C THR B 474 59.25 28.83 48.40
N THR B 475 60.42 28.78 47.77
CA THR B 475 61.61 28.16 48.33
C THR B 475 61.44 26.71 48.74
N LYS B 476 61.85 26.42 49.98
CA LYS B 476 61.93 25.06 50.49
C LYS B 476 60.58 24.41 50.53
N ILE B 477 59.54 25.18 50.23
CA ILE B 477 58.19 24.65 50.08
C ILE B 477 58.06 24.10 48.67
N PRO B 478 57.88 22.81 48.50
CA PRO B 478 57.84 22.20 47.16
C PRO B 478 56.52 22.32 46.42
N ASN B 479 56.38 21.55 45.35
CA ASN B 479 55.16 21.40 44.58
C ASN B 479 54.58 20.01 44.75
N PRO B 480 53.29 19.85 44.50
CA PRO B 480 52.69 18.55 44.80
C PRO B 480 53.29 17.44 43.99
N ARG B 481 53.30 17.58 42.67
CA ARG B 481 53.16 16.41 41.82
C ARG B 481 53.99 15.28 42.38
N PHE B 482 55.25 15.59 42.63
CA PHE B 482 56.15 14.66 43.27
C PHE B 482 55.72 14.36 44.70
N GLN B 483 55.49 15.38 45.52
CA GLN B 483 55.11 15.14 46.90
C GLN B 483 53.88 14.23 46.98
N ARG B 484 52.81 14.65 46.32
CA ARG B 484 51.58 13.89 46.18
C ARG B 484 51.91 12.43 45.89
N LEU B 485 52.57 12.22 44.77
CA LEU B 485 52.99 10.87 44.46
C LEU B 485 53.69 10.25 45.64
N PHE B 486 54.65 10.97 46.24
CA PHE B 486 55.48 10.39 47.28
C PHE B 486 54.63 9.77 48.36
N GLN B 487 53.60 10.49 48.78
CA GLN B 487 52.63 9.87 49.67
C GLN B 487 52.04 8.62 49.01
N CYS B 488 51.70 8.72 47.72
CA CYS B 488 51.25 7.51 47.03
C CYS B 488 52.29 6.41 47.11
N LEU B 489 53.57 6.78 47.19
CA LEU B 489 54.69 5.87 47.04
C LEU B 489 54.94 5.09 48.31
N LEU B 490 55.04 5.80 49.43
CA LEU B 490 55.14 5.09 50.69
C LEU B 490 53.89 4.24 50.90
N HIS B 491 52.74 4.82 50.62
CA HIS B 491 51.51 4.08 50.87
C HIS B 491 51.49 2.81 50.04
N ARG B 492 51.28 2.96 48.73
CA ARG B 492 51.08 1.79 47.89
C ARG B 492 52.35 0.96 47.77
N ALA B 493 53.49 1.62 47.63
CA ALA B 493 54.74 0.88 47.60
C ALA B 493 54.88 0.02 48.84
N LEU B 494 54.56 0.60 49.99
CA LEU B 494 54.75 -0.07 51.25
C LEU B 494 53.48 -0.71 51.80
N HIS B 495 52.35 -0.55 51.12
CA HIS B 495 51.09 -1.12 51.59
C HIS B 495 50.26 -1.48 50.37
N PRO B 496 49.33 -2.43 50.50
CA PRO B 496 48.60 -2.88 49.30
C PRO B 496 47.78 -1.78 48.65
N ARG B 497 47.16 -2.12 47.53
CA ARG B 497 46.33 -1.19 46.78
C ARG B 497 45.27 -0.59 47.68
N GLU B 498 45.00 0.69 47.49
CA GLU B 498 44.01 1.38 48.31
C GLU B 498 43.40 2.50 47.48
N PRO B 499 42.38 3.17 48.02
CA PRO B 499 41.94 4.45 47.44
C PRO B 499 42.91 5.57 47.78
N LEU B 500 42.46 6.81 47.60
CA LEU B 500 43.31 7.97 47.79
C LEU B 500 44.13 7.85 49.07
N PRO B 501 45.44 8.02 49.00
CA PRO B 501 46.28 7.82 50.17
C PRO B 501 46.24 9.04 51.07
N PRO B 502 46.90 8.99 52.23
CA PRO B 502 46.92 10.16 53.11
C PRO B 502 47.42 11.42 52.42
N ILE B 503 46.66 12.49 52.55
CA ILE B 503 46.97 13.81 52.00
C ILE B 503 47.64 14.71 53.04
N GLN B 504 48.29 14.13 54.05
CA GLN B 504 48.39 14.71 55.39
C GLN B 504 48.71 16.19 55.35
N GLN B 505 47.92 16.94 56.09
CA GLN B 505 47.70 18.35 55.81
C GLN B 505 48.97 19.18 55.89
N HIS B 506 50.06 18.63 56.41
CA HIS B 506 51.34 19.27 56.16
C HIS B 506 51.45 19.56 54.68
N ILE B 507 50.94 18.63 53.88
CA ILE B 507 50.57 18.89 52.50
C ILE B 507 49.85 20.22 52.44
N TRP B 508 48.64 20.25 52.96
CA TRP B 508 47.79 21.41 52.74
C TRP B 508 48.28 22.61 53.53
N ASN B 509 48.97 22.34 54.65
CA ASN B 509 49.74 23.39 55.31
C ASN B 509 50.53 24.15 54.28
N MET B 510 51.44 23.45 53.63
CA MET B 510 52.11 24.03 52.48
C MET B 510 51.12 24.66 51.53
N LEU B 511 50.01 23.98 51.27
CA LEU B 511 49.12 24.44 50.22
C LEU B 511 48.46 25.74 50.56
N ASN B 512 48.35 26.05 51.83
CA ASN B 512 47.46 27.11 52.24
C ASN B 512 48.21 28.05 53.16
N PRO B 513 48.00 29.34 53.03
CA PRO B 513 48.81 30.28 53.78
C PRO B 513 48.36 30.31 55.22
N PRO B 514 49.09 31.01 56.09
CA PRO B 514 48.73 31.01 57.50
C PRO B 514 47.56 31.94 57.81
N ALA B 515 46.83 31.55 58.84
CA ALA B 515 45.55 32.15 59.14
C ALA B 515 45.66 33.35 60.06
N GLU B 516 46.85 33.80 60.38
CA GLU B 516 46.92 35.15 60.90
C GLU B 516 46.68 36.13 59.76
N VAL B 517 47.33 35.91 58.63
CA VAL B 517 47.00 36.65 57.43
C VAL B 517 45.55 36.41 57.05
N THR B 518 45.16 35.14 56.99
CA THR B 518 43.82 34.81 56.51
C THR B 518 42.77 35.37 57.46
N THR B 519 42.98 35.18 58.75
CA THR B 519 42.09 35.78 59.74
C THR B 519 42.01 37.27 59.54
N LYS B 520 43.15 37.92 59.37
CA LYS B 520 43.15 39.33 59.04
C LYS B 520 42.43 39.62 57.74
N SER B 521 42.23 38.59 56.91
CA SER B 521 41.40 38.77 55.74
C SER B 521 39.92 38.61 56.04
N GLN B 522 39.56 37.91 57.12
CA GLN B 522 38.19 37.44 57.30
C GLN B 522 37.17 38.57 57.17
N ILE B 523 37.21 39.54 58.08
CA ILE B 523 36.30 40.67 57.97
C ILE B 523 36.53 41.42 56.68
N PRO B 524 37.76 41.58 56.18
CA PRO B 524 37.88 41.98 54.78
C PRO B 524 37.30 40.96 53.82
N LEU B 525 37.48 39.67 54.08
CA LEU B 525 36.75 38.68 53.31
C LEU B 525 35.26 38.96 53.37
N SER B 526 34.79 39.56 54.47
CA SER B 526 33.42 40.02 54.53
C SER B 526 33.19 41.21 53.61
N LYS B 527 34.04 42.24 53.72
CA LYS B 527 33.83 43.43 52.92
C LYS B 527 33.85 43.12 51.43
N ILE B 528 34.45 42.01 51.05
CA ILE B 528 34.35 41.55 49.68
C ILE B 528 32.88 41.35 49.33
N LYS B 529 32.28 40.30 49.90
CA LYS B 529 30.89 39.99 49.61
C LYS B 529 30.01 41.20 49.75
N THR B 530 30.12 41.90 50.89
CA THR B 530 29.29 43.07 51.15
C THR B 530 29.49 44.13 50.08
N LEU B 531 30.66 44.76 50.10
CA LEU B 531 30.91 45.88 49.23
C LEU B 531 30.96 45.48 47.77
N PHE B 532 31.41 44.28 47.48
CA PHE B 532 31.66 43.87 46.10
C PHE B 532 30.69 42.76 45.76
N PRO B 533 29.69 43.03 44.95
CA PRO B 533 28.69 42.00 44.63
C PRO B 533 29.16 41.10 43.51
N LEU B 534 28.26 40.27 43.01
CA LEU B 534 28.53 39.39 41.88
C LEU B 534 27.40 39.51 40.87
N ILE B 535 27.65 38.98 39.67
CA ILE B 535 26.63 38.91 38.62
C ILE B 535 26.55 37.46 38.19
N GLU B 536 25.85 37.19 37.09
CA GLU B 536 25.64 35.86 36.53
C GLU B 536 24.47 35.18 37.23
N ALA C 1 -9.58 24.55 28.20
CA ALA C 1 -8.85 25.66 27.57
C ALA C 1 -7.99 25.13 26.44
N ALA C 2 -8.41 24.01 25.85
CA ALA C 2 -7.71 23.43 24.71
C ALA C 2 -8.60 23.46 23.48
N ALA C 3 -9.61 22.59 23.39
CA ALA C 3 -10.69 22.83 22.44
C ALA C 3 -11.47 24.07 22.83
N ALA C 4 -11.50 24.39 24.13
CA ALA C 4 -12.00 25.67 24.58
C ALA C 4 -11.13 26.80 24.09
N ALA C 5 -9.81 26.57 23.99
CA ALA C 5 -8.95 27.57 23.38
C ALA C 5 -9.42 27.91 21.98
N ALA C 6 -9.88 26.91 21.24
CA ALA C 6 -10.52 27.17 19.97
C ALA C 6 -11.88 27.84 20.18
N ALA C 7 -12.56 27.51 21.28
CA ALA C 7 -13.90 28.05 21.51
C ALA C 7 -13.85 29.56 21.68
N ALA C 8 -13.12 30.02 22.69
CA ALA C 8 -13.02 31.46 22.92
C ALA C 8 -12.11 32.12 21.90
N ALA C 9 -11.07 31.42 21.44
CA ALA C 9 -10.30 31.91 20.32
C ALA C 9 -11.22 32.30 19.18
N ALA C 10 -12.23 31.47 18.93
CA ALA C 10 -13.25 31.82 17.95
C ALA C 10 -14.17 32.91 18.45
N ALA C 11 -14.42 32.97 19.76
CA ALA C 11 -15.30 33.99 20.30
C ALA C 11 -14.78 35.39 19.96
N ALA C 12 -13.50 35.63 20.23
CA ALA C 12 -12.92 36.89 19.84
C ALA C 12 -12.74 36.97 18.32
N ALA C 13 -12.08 35.97 17.73
CA ALA C 13 -11.71 36.05 16.33
C ALA C 13 -12.90 36.32 15.42
N ALA C 14 -14.06 35.78 15.75
CA ALA C 14 -15.25 36.05 14.96
C ALA C 14 -15.85 37.40 15.32
N ALA C 15 -15.65 37.85 16.55
CA ALA C 15 -16.19 39.12 16.98
C ALA C 15 -15.59 40.25 16.15
N CYS F 1 12.79 7.65 -11.93
CA CYS F 1 13.36 8.22 -13.15
C CYS F 1 13.90 9.62 -12.90
N SER F 2 13.05 10.64 -12.80
CA SER F 2 13.55 11.91 -12.29
C SER F 2 14.30 11.67 -11.00
N LEU F 3 13.76 10.78 -10.17
CA LEU F 3 14.54 10.16 -9.12
C LEU F 3 15.84 9.61 -9.70
N LEU F 4 15.71 8.70 -10.65
CA LEU F 4 16.84 7.94 -11.17
C LEU F 4 17.68 8.75 -12.12
N ARG F 5 17.04 9.37 -13.11
CA ARG F 5 17.79 10.21 -14.02
C ARG F 5 18.44 11.36 -13.27
N LEU F 6 17.64 12.15 -12.56
CA LEU F 6 18.23 13.27 -11.84
C LEU F 6 19.31 12.80 -10.88
N GLN F 7 19.16 11.62 -10.28
CA GLN F 7 20.17 11.19 -9.31
C GLN F 7 21.46 10.80 -10.02
N GLU F 8 21.38 9.88 -10.99
CA GLU F 8 22.61 9.37 -11.55
C GLU F 8 23.25 10.42 -12.43
N THR F 9 22.44 11.31 -12.99
CA THR F 9 22.90 12.38 -13.85
C THR F 9 23.53 13.48 -13.01
N LEU F 10 22.70 14.23 -12.27
CA LEU F 10 23.29 15.31 -11.50
C LEU F 10 24.34 14.78 -10.55
N SER F 11 24.06 13.68 -9.86
CA SER F 11 25.08 13.02 -9.04
C SER F 11 26.28 12.65 -9.89
N ALA F 12 26.07 12.35 -11.17
CA ALA F 12 27.19 11.95 -12.00
C ALA F 12 28.06 13.13 -12.38
N ALA F 13 27.46 14.21 -12.88
CA ALA F 13 28.20 15.45 -13.08
C ALA F 13 28.93 15.84 -11.81
N ASP F 14 28.35 15.52 -10.66
CA ASP F 14 28.95 15.79 -9.38
C ASP F 14 30.33 15.14 -9.21
N ARG F 15 30.66 14.13 -10.01
CA ARG F 15 31.93 13.44 -9.85
C ARG F 15 33.13 14.33 -10.12
N CYS F 16 32.92 15.57 -10.55
CA CYS F 16 33.96 16.58 -10.59
C CYS F 16 33.96 17.46 -9.33
N GLY F 17 33.17 17.10 -8.34
CA GLY F 17 32.88 17.87 -7.15
C GLY F 17 31.54 18.54 -7.25
N ALA F 18 30.82 18.58 -6.12
CA ALA F 18 29.40 18.91 -6.11
C ALA F 18 29.14 19.97 -5.06
N ALA F 19 29.48 19.69 -3.81
CA ALA F 19 29.20 20.53 -2.66
C ALA F 19 27.68 20.64 -2.57
N LEU F 20 27.15 21.83 -2.30
CA LEU F 20 25.73 22.00 -2.07
C LEU F 20 24.93 21.28 -3.14
N ALA F 21 25.41 21.38 -4.39
CA ALA F 21 24.73 20.77 -5.52
C ALA F 21 24.35 19.33 -5.24
N GLY F 22 25.33 18.49 -4.89
CA GLY F 22 25.00 17.10 -4.66
C GLY F 22 24.07 16.94 -3.49
N HIS F 23 24.38 17.65 -2.41
CA HIS F 23 23.74 17.38 -1.14
C HIS F 23 22.25 17.62 -1.21
N GLN F 24 21.87 18.83 -1.60
CA GLN F 24 20.47 19.13 -1.84
C GLN F 24 19.88 18.16 -2.84
N LEU F 25 20.66 17.83 -3.88
CA LEU F 25 20.33 16.76 -4.79
C LEU F 25 19.92 15.58 -3.95
N ILE F 26 20.90 15.05 -3.22
CA ILE F 26 20.65 13.96 -2.29
C ILE F 26 19.43 14.26 -1.44
N ARG F 27 19.35 15.50 -0.95
CA ARG F 27 18.16 15.90 -0.22
C ARG F 27 16.92 15.69 -1.06
N GLY F 28 16.74 16.50 -2.11
CA GLY F 28 15.43 16.61 -2.68
C GLY F 28 14.96 15.28 -3.20
N LEU F 29 15.70 14.74 -4.18
CA LEU F 29 15.38 13.42 -4.69
C LEU F 29 15.32 12.40 -3.57
N GLY F 30 16.27 12.47 -2.63
CA GLY F 30 16.19 11.60 -1.48
C GLY F 30 14.98 11.91 -0.62
N GLN F 31 14.85 13.17 -0.19
CA GLN F 31 13.83 13.46 0.79
C GLN F 31 12.45 13.41 0.13
N GLU F 32 12.27 14.18 -0.96
CA GLU F 32 11.07 14.03 -1.76
C GLU F 32 10.93 12.63 -2.33
N CYS F 33 11.94 11.77 -2.15
CA CYS F 33 11.73 10.35 -2.33
C CYS F 33 10.45 9.90 -1.64
N VAL F 34 10.46 9.87 -0.31
CA VAL F 34 9.42 9.11 0.36
C VAL F 34 8.14 9.91 0.54
N LEU F 35 8.24 11.23 0.78
CA LEU F 35 7.02 12.03 0.86
C LEU F 35 6.17 11.90 -0.40
N SER F 36 6.78 11.53 -1.51
CA SER F 36 6.05 11.15 -2.71
C SER F 36 6.07 9.63 -2.74
N SER F 37 4.94 9.01 -2.41
CA SER F 37 4.90 7.56 -2.29
C SER F 37 3.50 7.07 -2.61
N SER F 38 3.42 5.93 -3.29
CA SER F 38 2.20 5.25 -3.62
C SER F 38 2.47 3.75 -3.64
N PRO F 39 1.50 2.94 -3.25
CA PRO F 39 1.64 1.50 -3.42
C PRO F 39 1.78 1.20 -4.90
N ALA F 40 2.23 -0.01 -5.25
CA ALA F 40 2.44 -0.28 -6.66
C ALA F 40 3.42 0.77 -7.16
N VAL F 41 2.89 1.72 -7.93
CA VAL F 41 3.65 2.68 -8.71
C VAL F 41 4.86 3.11 -7.92
N LEU F 42 4.62 3.85 -6.85
CA LEU F 42 5.78 4.42 -6.20
C LEU F 42 6.48 3.42 -5.29
N ALA F 43 5.77 2.46 -4.71
CA ALA F 43 6.41 1.55 -3.78
C ALA F 43 7.50 0.72 -4.45
N LEU F 44 7.14 -0.08 -5.43
CA LEU F 44 8.16 -0.89 -6.06
C LEU F 44 8.93 -0.09 -7.09
N GLN F 45 8.29 0.92 -7.69
CA GLN F 45 9.04 1.85 -8.51
C GLN F 45 10.27 2.33 -7.78
N THR F 46 10.07 2.79 -6.54
CA THR F 46 11.22 2.97 -5.66
C THR F 46 12.04 1.72 -5.63
N SER F 47 11.43 0.58 -5.33
CA SER F 47 12.23 -0.62 -5.07
C SER F 47 13.35 -0.75 -6.10
N LEU F 48 13.06 -0.40 -7.35
CA LEU F 48 14.11 -0.29 -8.35
C LEU F 48 14.90 1.01 -8.19
N VAL F 49 14.21 2.10 -7.84
CA VAL F 49 14.88 3.38 -7.63
C VAL F 49 15.95 3.24 -6.56
N PHE F 50 15.51 2.96 -5.32
CA PHE F 50 16.40 2.56 -4.25
C PHE F 50 17.42 1.55 -4.75
N SER F 51 16.97 0.49 -5.42
CA SER F 51 17.87 -0.56 -5.85
C SER F 51 19.10 -0.01 -6.57
N ARG F 52 18.86 0.78 -7.60
CA ARG F 52 19.92 1.18 -8.50
C ARG F 52 20.63 2.44 -8.04
N ASP F 53 20.06 3.16 -7.08
CA ASP F 53 20.86 4.16 -6.37
C ASP F 53 21.74 3.53 -5.30
N PHE F 54 21.34 2.37 -4.77
CA PHE F 54 22.28 1.54 -4.03
C PHE F 54 23.48 1.26 -4.90
N GLY F 55 23.24 0.50 -5.98
CA GLY F 55 24.30 0.20 -6.92
C GLY F 55 25.10 1.43 -7.29
N LEU F 56 24.43 2.57 -7.43
CA LEU F 56 25.16 3.82 -7.58
C LEU F 56 26.07 4.13 -6.40
N LEU F 57 25.48 4.58 -5.28
CA LEU F 57 26.27 5.33 -4.32
C LEU F 57 27.37 4.48 -3.72
N VAL F 58 27.14 3.17 -3.62
CA VAL F 58 28.25 2.32 -3.22
C VAL F 58 29.46 2.66 -4.06
N PHE F 59 29.28 2.62 -5.37
CA PHE F 59 30.32 3.07 -6.29
C PHE F 59 30.71 4.50 -5.98
N VAL F 60 29.73 5.42 -6.05
CA VAL F 60 29.96 6.85 -6.07
C VAL F 60 30.76 7.28 -4.87
N ARG F 61 30.11 7.31 -3.72
CA ARG F 61 30.80 7.81 -2.55
C ARG F 61 31.88 6.84 -2.09
N LYS F 62 31.80 5.56 -2.46
CA LYS F 62 32.94 4.68 -2.23
C LYS F 62 34.20 5.28 -2.83
N SER F 63 34.14 5.63 -4.10
CA SER F 63 35.22 6.37 -4.73
C SER F 63 35.50 7.66 -3.98
N LEU F 64 34.46 8.48 -3.80
CA LEU F 64 34.65 9.84 -3.30
C LEU F 64 35.45 9.81 -2.01
N ASN F 65 36.40 10.74 -1.89
CA ASN F 65 37.36 10.59 -0.82
C ASN F 65 36.73 11.04 0.49
N SER F 66 36.69 12.34 0.73
CA SER F 66 35.91 12.85 1.84
C SER F 66 35.15 14.12 1.48
N ILE F 67 35.89 15.23 1.51
CA ILE F 67 35.53 16.55 1.00
C ILE F 67 34.08 16.92 1.27
N GLU F 68 33.46 17.52 0.25
CA GLU F 68 32.04 17.80 0.25
C GLU F 68 31.28 16.57 0.65
N PHE F 69 31.81 15.43 0.30
CA PHE F 69 31.05 14.22 0.19
C PHE F 69 31.07 13.44 1.49
N ARG F 70 31.92 13.84 2.43
CA ARG F 70 31.59 13.56 3.80
C ARG F 70 30.20 14.05 4.09
N GLU F 71 29.89 15.26 3.66
CA GLU F 71 28.57 15.80 3.90
C GLU F 71 27.56 15.19 2.93
N CYS F 72 28.00 14.81 1.74
CA CYS F 72 27.09 14.10 0.86
C CYS F 72 26.66 12.79 1.49
N ARG F 73 27.55 12.15 2.23
CA ARG F 73 27.11 10.95 2.92
C ARG F 73 26.50 11.25 4.27
N GLU F 74 26.59 12.50 4.76
CA GLU F 74 25.59 12.91 5.73
C GLU F 74 24.25 12.71 5.08
N GLU F 75 24.00 13.54 4.06
CA GLU F 75 22.69 13.58 3.41
C GLU F 75 22.23 12.18 3.09
N ILE F 76 23.05 11.46 2.32
CA ILE F 76 22.73 10.08 1.97
C ILE F 76 22.59 9.25 3.22
N LEU F 77 23.72 8.93 3.88
CA LEU F 77 23.73 7.90 4.91
C LEU F 77 22.56 8.06 5.86
N LYS F 78 22.23 9.30 6.21
CA LYS F 78 20.99 9.56 6.92
C LYS F 78 19.82 9.02 6.12
N PHE F 79 19.67 9.47 4.88
CA PHE F 79 18.61 8.91 4.07
C PHE F 79 18.72 7.41 3.90
N LEU F 80 19.90 6.84 4.09
CA LEU F 80 20.07 5.40 3.96
C LEU F 80 19.47 4.69 5.15
N CYS F 81 20.13 4.85 6.30
CA CYS F 81 19.67 4.22 7.53
C CYS F 81 18.19 4.45 7.74
N ILE F 82 17.68 5.61 7.32
CA ILE F 82 16.24 5.78 7.40
C ILE F 82 15.53 5.03 6.29
N PHE F 83 16.17 4.81 5.15
CA PHE F 83 15.54 4.01 4.09
C PHE F 83 15.68 2.52 4.32
N LEU F 84 16.36 2.09 5.38
CA LEU F 84 16.31 0.69 5.76
C LEU F 84 14.88 0.29 6.05
N GLU F 85 14.26 1.00 6.99
CA GLU F 85 12.90 0.74 7.38
C GLU F 85 11.95 0.74 6.20
N LYS F 86 12.29 1.45 5.12
CA LYS F 86 11.53 1.34 3.88
C LYS F 86 11.30 -0.11 3.49
N MET F 87 12.38 -0.87 3.37
CA MET F 87 12.28 -2.29 3.09
C MET F 87 12.86 -3.04 4.27
N GLY F 88 11.98 -3.69 5.04
CA GLY F 88 12.45 -4.65 6.01
C GLY F 88 13.11 -5.83 5.33
N GLN F 89 12.64 -6.19 4.14
CA GLN F 89 13.15 -7.31 3.37
C GLN F 89 13.07 -6.92 1.90
N LYS F 90 13.22 -7.91 1.02
CA LYS F 90 13.63 -7.69 -0.36
C LYS F 90 14.99 -7.03 -0.38
N ILE F 91 15.65 -7.21 0.75
CA ILE F 91 16.93 -6.63 1.06
C ILE F 91 18.07 -7.42 0.45
N ALA F 92 17.89 -8.73 0.28
CA ALA F 92 19.02 -9.65 0.07
C ALA F 92 20.09 -9.12 -0.87
N PRO F 93 19.78 -8.69 -2.10
CA PRO F 93 20.86 -8.14 -2.94
C PRO F 93 21.53 -6.98 -2.25
N TYR F 94 20.71 -6.10 -1.72
CA TYR F 94 21.17 -4.93 -1.01
C TYR F 94 21.49 -5.27 0.43
N SER F 95 21.00 -6.41 0.92
CA SER F 95 21.48 -6.90 2.20
C SER F 95 22.97 -7.01 2.08
N VAL F 96 23.44 -8.00 1.32
CA VAL F 96 24.86 -8.28 1.28
C VAL F 96 25.63 -7.11 0.67
N GLU F 97 25.11 -6.57 -0.42
CA GLU F 97 25.78 -5.46 -1.09
C GLU F 97 26.01 -4.32 -0.14
N ILE F 98 24.96 -3.87 0.53
CA ILE F 98 25.14 -2.84 1.55
C ILE F 98 25.96 -3.36 2.71
N LYS F 99 25.97 -4.67 2.93
CA LYS F 99 26.74 -5.22 4.03
C LYS F 99 28.21 -4.88 3.88
N ASN F 100 28.85 -5.42 2.85
CA ASN F 100 30.24 -5.05 2.74
C ASN F 100 30.39 -3.61 2.28
N THR F 101 29.34 -3.03 1.71
CA THR F 101 29.37 -1.62 1.37
C THR F 101 29.63 -0.77 2.60
N CYS F 102 28.63 -0.68 3.48
CA CYS F 102 28.78 0.11 4.69
C CYS F 102 29.91 -0.43 5.55
N THR F 103 30.27 -1.70 5.40
CA THR F 103 31.54 -2.17 5.92
C THR F 103 32.64 -1.22 5.46
N SER F 104 32.74 -1.06 4.16
CA SER F 104 33.71 -0.14 3.61
C SER F 104 33.37 1.31 3.90
N VAL F 105 32.20 1.59 4.44
CA VAL F 105 31.97 2.97 4.85
C VAL F 105 32.54 3.19 6.24
N TYR F 106 32.48 2.18 7.10
CA TYR F 106 33.41 2.16 8.23
C TYR F 106 34.78 2.46 7.74
N THR F 107 35.17 1.77 6.66
CA THR F 107 36.45 2.07 6.03
C THR F 107 36.55 3.51 5.57
N LYS F 108 35.44 4.13 5.18
CA LYS F 108 35.56 5.51 4.74
C LYS F 108 35.79 6.44 5.91
N ASP F 109 35.16 6.16 7.03
CA ASP F 109 35.58 6.76 8.28
C ASP F 109 37.02 6.42 8.58
N ARG F 110 37.47 5.24 8.15
CA ARG F 110 38.83 4.78 8.46
C ARG F 110 39.85 5.59 7.70
N ALA F 111 39.48 6.10 6.52
CA ALA F 111 40.36 7.04 5.82
C ALA F 111 40.58 8.28 6.67
N ALA F 112 39.51 8.98 7.01
CA ALA F 112 39.58 10.07 7.96
C ALA F 112 38.39 9.94 8.91
N LYS F 113 38.69 9.76 10.18
CA LYS F 113 37.65 9.73 11.20
C LYS F 113 37.28 11.16 11.60
N CYS F 114 36.45 11.26 12.63
CA CYS F 114 36.33 12.45 13.49
C CYS F 114 35.88 13.66 12.69
N LYS F 115 36.50 14.82 12.87
CA LYS F 115 36.03 16.17 12.52
C LYS F 115 34.63 16.32 13.13
N ILE F 116 33.76 17.04 12.43
CA ILE F 116 32.31 16.91 12.60
C ILE F 116 31.80 15.67 11.86
N PRO F 117 32.04 15.54 10.55
CA PRO F 117 31.26 14.56 9.78
C PRO F 117 31.48 13.12 10.16
N ALA F 118 32.73 12.65 10.18
CA ALA F 118 32.95 11.21 10.20
C ALA F 118 32.28 10.59 11.41
N LEU F 119 32.05 11.40 12.44
CA LEU F 119 31.05 11.08 13.43
C LEU F 119 29.78 10.70 12.71
N ASP F 120 29.16 11.70 12.07
CA ASP F 120 27.90 11.47 11.38
C ASP F 120 28.00 10.26 10.48
N LEU F 121 29.18 10.02 9.93
CA LEU F 121 29.43 8.86 9.12
C LEU F 121 29.13 7.59 9.89
N LEU F 122 30.00 7.23 10.82
CA LEU F 122 29.82 5.94 11.46
C LEU F 122 28.50 5.89 12.22
N ILE F 123 28.14 7.00 12.86
CA ILE F 123 26.87 7.07 13.58
C ILE F 123 25.72 6.66 12.67
N LYS F 124 25.59 7.32 11.51
CA LYS F 124 24.52 6.95 10.59
C LYS F 124 24.68 5.52 10.08
N LEU F 125 25.91 5.04 9.98
CA LEU F 125 26.09 3.63 9.64
C LEU F 125 25.55 2.72 10.73
N LEU F 126 25.46 3.21 11.96
CA LEU F 126 25.10 2.31 13.04
C LEU F 126 23.61 1.98 12.99
N GLN F 127 22.77 3.00 12.84
CA GLN F 127 21.37 2.67 12.58
C GLN F 127 21.21 2.13 11.18
N THR F 128 22.15 2.43 10.30
CA THR F 128 22.21 1.67 9.06
C THR F 128 22.38 0.19 9.35
N PHE F 129 22.99 -0.13 10.50
CA PHE F 129 23.53 -1.47 10.70
C PHE F 129 22.44 -2.49 11.01
N ARG F 130 21.61 -2.23 12.03
CA ARG F 130 20.89 -3.33 12.64
C ARG F 130 19.51 -3.53 12.02
N SER F 131 18.67 -2.49 12.03
CA SER F 131 17.36 -2.64 11.39
C SER F 131 17.52 -3.21 10.00
N SER F 132 18.67 -2.97 9.39
CA SER F 132 19.09 -3.79 8.27
C SER F 132 18.94 -5.26 8.58
N ARG F 133 19.42 -5.69 9.73
CA ARG F 133 19.69 -7.10 9.98
C ARG F 133 18.39 -7.85 10.23
N LEU F 134 18.16 -8.86 9.41
CA LEU F 134 17.08 -9.82 9.54
C LEU F 134 17.51 -11.14 10.15
N MET F 135 18.76 -11.24 10.62
CA MET F 135 19.56 -12.48 10.57
C MET F 135 19.79 -12.76 9.09
N ASP F 136 19.40 -13.91 8.55
CA ASP F 136 19.42 -14.17 7.10
C ASP F 136 20.82 -14.22 6.49
N GLU F 137 21.84 -13.90 7.27
CA GLU F 137 23.22 -14.09 6.83
C GLU F 137 23.93 -14.94 7.85
N PHE F 138 25.06 -15.51 7.45
CA PHE F 138 25.85 -16.23 8.45
C PHE F 138 27.23 -15.62 8.61
N LYS F 139 28.16 -15.90 7.71
CA LYS F 139 29.47 -15.26 7.74
C LYS F 139 29.58 -14.05 6.83
N ILE F 140 28.54 -13.75 6.05
CA ILE F 140 28.55 -12.48 5.34
C ILE F 140 28.64 -11.36 6.36
N GLY F 141 27.79 -11.41 7.37
CA GLY F 141 28.02 -10.60 8.54
C GLY F 141 29.21 -11.07 9.35
N GLU F 142 29.18 -12.33 9.83
CA GLU F 142 30.12 -12.80 10.85
C GLU F 142 31.55 -12.40 10.52
N LEU F 143 31.94 -12.62 9.28
CA LEU F 143 33.20 -12.11 8.78
C LEU F 143 33.36 -10.64 9.20
N PHE F 144 32.43 -9.79 8.73
CA PHE F 144 32.42 -8.38 9.11
C PHE F 144 32.54 -8.23 10.62
N SER F 145 31.68 -8.94 11.34
CA SER F 145 31.62 -8.87 12.79
C SER F 145 32.99 -8.99 13.41
N LYS F 146 33.79 -9.91 12.90
CA LYS F 146 35.10 -10.16 13.47
C LYS F 146 35.85 -8.86 13.68
N PHE F 147 36.27 -8.24 12.59
CA PHE F 147 37.20 -7.15 12.74
C PHE F 147 36.52 -5.79 12.71
N TYR F 148 35.19 -5.76 12.65
CA TYR F 148 34.52 -4.68 13.37
C TYR F 148 34.87 -4.77 14.84
N GLY F 149 34.56 -5.91 15.44
CA GLY F 149 34.87 -6.16 16.82
C GLY F 149 36.33 -6.01 17.12
N GLU F 150 37.18 -5.99 16.10
CA GLU F 150 38.48 -5.39 16.29
C GLU F 150 38.43 -3.87 16.18
N LEU F 151 37.76 -3.33 15.16
CA LEU F 151 37.91 -1.90 14.90
C LEU F 151 37.43 -1.06 16.07
N ALA F 152 36.41 -1.54 16.77
CA ALA F 152 35.97 -0.91 18.01
C ALA F 152 36.68 -1.45 19.23
N LEU F 153 37.42 -2.55 19.08
CA LEU F 153 38.09 -3.16 20.23
C LEU F 153 39.12 -2.22 20.83
N LYS F 154 39.33 -1.06 20.20
CA LYS F 154 40.53 -0.28 20.34
C LYS F 154 40.16 1.16 20.00
N LYS F 155 41.17 1.97 19.65
CA LYS F 155 40.96 3.24 18.97
C LYS F 155 40.34 4.36 19.79
N LYS F 156 41.15 5.05 20.60
CA LYS F 156 40.67 6.27 21.24
C LYS F 156 40.11 7.25 20.24
N ILE F 157 38.92 7.75 20.54
CA ILE F 157 38.07 8.44 19.57
C ILE F 157 37.18 9.43 20.31
N PRO F 158 36.34 10.21 19.62
CA PRO F 158 35.53 11.22 20.32
C PRO F 158 34.49 10.63 21.25
N ASP F 159 34.15 11.43 22.27
CA ASP F 159 33.21 11.09 23.35
C ASP F 159 31.84 10.76 22.80
N THR F 160 31.64 11.13 21.54
CA THR F 160 30.34 11.24 20.93
C THR F 160 29.95 9.93 20.25
N VAL F 161 30.78 9.50 19.33
CA VAL F 161 30.57 8.33 18.51
C VAL F 161 30.76 7.05 19.33
N LEU F 162 31.10 7.17 20.60
CA LEU F 162 31.52 6.03 21.40
C LEU F 162 30.51 4.89 21.41
N GLU F 163 29.29 5.13 20.93
CA GLU F 163 28.35 4.06 20.71
C GLU F 163 29.01 2.94 19.93
N LYS F 164 29.74 3.30 18.88
CA LYS F 164 30.42 2.30 18.08
C LYS F 164 31.38 1.50 18.93
N VAL F 165 31.98 2.13 19.93
CA VAL F 165 32.87 1.42 20.84
C VAL F 165 32.21 0.13 21.29
N TYR F 166 30.94 0.24 21.65
CA TYR F 166 30.18 -0.93 22.00
C TYR F 166 29.24 -1.41 20.90
N GLU F 167 29.14 -0.66 19.80
CA GLU F 167 28.01 -0.79 18.89
C GLU F 167 27.67 -2.23 18.60
N LEU F 168 28.59 -2.93 17.97
CA LEU F 168 28.27 -4.23 17.42
C LEU F 168 28.57 -5.37 18.38
N LEU F 169 29.05 -5.05 19.59
CA LEU F 169 29.57 -6.07 20.48
C LEU F 169 28.50 -7.05 20.90
N GLY F 170 27.26 -6.59 21.01
CA GLY F 170 26.16 -7.52 21.17
C GLY F 170 25.43 -7.75 19.87
N LEU F 171 25.60 -6.84 18.90
CA LEU F 171 25.01 -7.10 17.60
C LEU F 171 25.65 -8.32 16.98
N LEU F 172 26.94 -8.50 17.24
CA LEU F 172 27.59 -9.76 16.95
C LEU F 172 26.99 -10.89 17.79
N GLY F 173 26.45 -10.55 18.96
CA GLY F 173 25.73 -11.55 19.73
C GLY F 173 24.53 -12.07 18.98
N GLU F 174 23.75 -11.17 18.38
CA GLU F 174 22.68 -11.62 17.50
C GLU F 174 23.21 -12.42 16.33
N VAL F 175 24.52 -12.38 16.09
CA VAL F 175 25.11 -13.34 15.18
C VAL F 175 25.56 -14.52 16.03
N HIS F 176 24.83 -15.57 15.93
CA HIS F 176 24.87 -16.75 16.77
C HIS F 176 26.17 -17.53 16.65
N PRO F 177 26.81 -17.56 15.48
CA PRO F 177 28.04 -18.35 15.34
C PRO F 177 29.03 -18.13 16.45
N SER F 178 29.53 -19.24 16.99
CA SER F 178 30.25 -19.29 18.24
C SER F 178 31.54 -18.48 18.28
N GLU F 179 32.57 -18.98 17.60
CA GLU F 179 33.93 -18.73 18.09
C GLU F 179 34.26 -17.25 18.11
N MET F 180 33.69 -16.44 17.22
CA MET F 180 33.82 -15.01 17.40
C MET F 180 33.12 -14.56 18.65
N ILE F 181 31.92 -15.09 18.91
CA ILE F 181 31.24 -14.82 20.17
C ILE F 181 32.18 -15.13 21.32
N ASN F 182 32.84 -16.28 21.25
CA ASN F 182 33.88 -16.60 22.23
C ASN F 182 34.87 -15.46 22.34
N ASN F 183 35.42 -15.05 21.20
CA ASN F 183 36.41 -13.98 21.19
C ASN F 183 35.93 -12.80 21.99
N ALA F 184 34.74 -12.32 21.68
CA ALA F 184 34.24 -11.09 22.29
C ALA F 184 33.96 -11.26 23.78
N GLU F 185 33.13 -12.24 24.16
CA GLU F 185 32.78 -12.34 25.57
C GLU F 185 33.98 -12.65 26.43
N ASN F 186 35.01 -13.28 25.87
CA ASN F 186 36.30 -13.25 26.54
C ASN F 186 36.82 -11.82 26.64
N LEU F 187 36.87 -11.13 25.50
CA LEU F 187 37.41 -9.78 25.45
C LEU F 187 36.52 -8.80 26.18
N PHE F 188 35.22 -8.78 25.85
CA PHE F 188 34.35 -7.71 26.31
C PHE F 188 34.44 -7.56 27.82
N ARG F 189 34.85 -8.63 28.49
CA ARG F 189 35.23 -8.54 29.89
C ARG F 189 36.18 -7.39 30.12
N ALA F 190 36.93 -7.00 29.09
CA ALA F 190 37.59 -5.72 29.11
C ALA F 190 36.54 -4.64 29.34
N PHE F 191 35.69 -4.39 28.34
CA PHE F 191 34.72 -3.31 28.42
C PHE F 191 34.03 -3.30 29.75
N LEU F 192 33.64 -4.48 30.20
CA LEU F 192 33.21 -4.68 31.57
C LEU F 192 34.20 -4.05 32.54
N GLY F 193 35.48 -4.36 32.37
CA GLY F 193 36.47 -3.89 33.30
C GLY F 193 36.67 -2.39 33.25
N GLU F 194 37.02 -1.84 32.08
CA GLU F 194 37.38 -0.44 32.03
C GLU F 194 36.17 0.47 32.22
N LEU F 195 34.96 -0.06 32.05
CA LEU F 195 33.85 0.76 32.52
C LEU F 195 33.66 0.62 34.00
N LYS F 196 33.84 -0.60 34.52
CA LYS F 196 33.91 -0.79 35.97
C LYS F 196 34.86 0.22 36.56
N THR F 197 35.91 0.55 35.83
CA THR F 197 36.82 1.61 36.24
C THR F 197 36.19 2.97 36.03
N GLN F 198 35.70 3.25 34.82
CA GLN F 198 35.31 4.62 34.53
C GLN F 198 34.18 5.07 35.44
N MET F 199 33.49 4.13 36.09
CA MET F 199 32.46 4.51 37.04
C MET F 199 33.05 5.11 38.30
N THR F 200 34.37 5.04 38.48
CA THR F 200 34.97 5.32 39.78
C THR F 200 35.46 6.75 39.94
N SER F 201 36.57 7.09 39.28
CA SER F 201 37.35 8.26 39.66
C SER F 201 37.11 9.50 38.82
N ALA F 202 36.34 9.41 37.73
CA ALA F 202 35.98 10.62 36.99
C ALA F 202 34.62 11.07 37.50
N VAL F 203 34.66 12.17 38.25
CA VAL F 203 33.50 12.81 38.88
C VAL F 203 32.60 11.76 39.52
N ARG F 204 33.20 10.68 40.02
CA ARG F 204 32.53 9.48 40.53
C ARG F 204 31.63 8.83 39.49
N GLU F 205 31.81 9.12 38.22
CA GLU F 205 30.80 8.73 37.25
C GLU F 205 31.44 8.29 35.94
N PRO F 206 30.89 7.29 35.30
CA PRO F 206 31.41 6.81 34.02
C PRO F 206 31.05 7.73 32.88
N LYS F 207 31.23 7.27 31.63
CA LYS F 207 30.50 7.90 30.55
C LYS F 207 29.32 7.04 30.16
N LEU F 208 28.12 7.51 30.46
CA LEU F 208 26.87 6.79 30.32
C LEU F 208 26.54 6.42 28.87
N PRO F 209 26.93 7.20 27.87
CA PRO F 209 26.94 6.62 26.52
C PRO F 209 27.63 5.27 26.53
N VAL F 210 28.75 5.22 27.24
CA VAL F 210 29.63 4.07 27.16
C VAL F 210 29.04 2.90 27.95
N LEU F 211 28.37 3.18 29.07
CA LEU F 211 27.64 2.10 29.73
C LEU F 211 26.44 1.66 28.92
N ALA F 212 25.70 2.62 28.36
CA ALA F 212 24.57 2.31 27.50
C ALA F 212 24.95 1.29 26.45
N GLY F 213 26.15 1.42 25.88
CA GLY F 213 26.65 0.38 25.00
C GLY F 213 27.02 -0.89 25.74
N CYS F 214 27.87 -0.76 26.77
CA CYS F 214 28.41 -1.92 27.46
C CYS F 214 27.31 -2.88 27.85
N LEU F 215 26.42 -2.40 28.69
CA LEU F 215 25.18 -3.09 28.95
C LEU F 215 24.43 -3.41 27.66
N LYS F 216 24.36 -2.43 26.75
CA LYS F 216 23.49 -2.54 25.59
C LYS F 216 23.67 -3.87 24.88
N GLY F 217 24.83 -4.08 24.27
CA GLY F 217 25.09 -5.36 23.65
C GLY F 217 25.41 -6.43 24.66
N LEU F 218 25.84 -6.01 25.85
CA LEU F 218 25.97 -6.94 26.94
C LEU F 218 24.70 -7.72 27.11
N SER F 219 23.59 -7.19 26.62
CA SER F 219 22.38 -7.95 26.46
C SER F 219 22.71 -9.28 25.82
N SER F 220 23.09 -9.23 24.53
CA SER F 220 23.38 -10.45 23.79
C SER F 220 24.45 -11.27 24.49
N LEU F 221 25.46 -10.60 25.02
CA LEU F 221 26.52 -11.34 25.68
C LEU F 221 25.94 -12.24 26.76
N LEU F 222 25.25 -11.63 27.72
CA LEU F 222 24.55 -12.36 28.75
C LEU F 222 23.67 -13.43 28.17
N CYS F 223 22.95 -13.10 27.09
CA CYS F 223 22.13 -14.08 26.42
C CYS F 223 22.94 -15.30 26.10
N ASN F 224 24.23 -15.13 25.90
CA ASN F 224 25.07 -16.25 25.60
C ASN F 224 25.83 -16.79 26.79
N PHE F 225 25.64 -16.23 27.99
CA PHE F 225 26.64 -16.51 29.04
C PHE F 225 26.62 -17.97 29.45
N THR F 226 25.46 -18.49 29.86
CA THR F 226 25.35 -19.67 30.71
C THR F 226 25.93 -19.39 32.11
N LYS F 227 25.16 -18.68 32.94
CA LYS F 227 25.44 -18.52 34.36
C LYS F 227 26.71 -17.76 34.67
N SER F 228 26.65 -16.44 34.52
CA SER F 228 27.63 -15.62 35.20
C SER F 228 27.46 -15.80 36.70
N MET F 229 28.55 -15.57 37.43
CA MET F 229 28.53 -15.75 38.88
C MET F 229 29.15 -14.57 39.63
N GLU F 230 30.43 -14.29 39.40
CA GLU F 230 31.18 -13.51 40.37
C GLU F 230 30.94 -12.01 40.22
N GLU F 231 31.56 -11.43 39.22
CA GLU F 231 31.65 -9.98 39.11
C GLU F 231 30.40 -9.40 38.52
N ASP F 232 29.89 -10.10 37.53
CA ASP F 232 28.87 -9.55 36.66
C ASP F 232 27.62 -9.12 37.43
N PRO F 233 27.18 -9.84 38.46
CA PRO F 233 26.04 -9.35 39.24
C PRO F 233 26.28 -7.95 39.71
N GLN F 234 27.46 -7.74 40.25
CA GLN F 234 27.82 -6.44 40.76
C GLN F 234 27.99 -5.47 39.62
N THR F 235 28.39 -5.99 38.47
CA THR F 235 28.57 -5.16 37.30
C THR F 235 27.28 -4.44 37.01
N SER F 236 26.34 -5.22 36.51
CA SER F 236 24.98 -4.75 36.28
C SER F 236 24.52 -3.94 37.46
N ARG F 237 24.51 -4.61 38.60
CA ARG F 237 23.94 -4.12 39.83
C ARG F 237 24.35 -2.68 40.06
N GLU F 238 25.66 -2.48 40.12
CA GLU F 238 26.26 -1.17 40.15
C GLU F 238 25.63 -0.28 39.11
N ILE F 239 25.82 -0.63 37.83
CA ILE F 239 25.45 0.29 36.76
C ILE F 239 24.07 0.87 37.00
N PHE F 240 23.11 -0.01 37.26
CA PHE F 240 21.77 0.49 37.54
C PHE F 240 21.78 1.36 38.78
N ASN F 241 22.46 0.92 39.83
CA ASN F 241 22.44 1.67 41.07
C ASN F 241 23.00 3.07 40.87
N PHE F 242 23.92 3.22 39.93
CA PHE F 242 24.46 4.53 39.61
C PHE F 242 23.66 5.23 38.54
N VAL F 243 22.65 4.59 37.98
CA VAL F 243 21.86 5.31 36.98
C VAL F 243 20.87 6.23 37.66
N LEU F 244 20.91 6.31 38.99
CA LEU F 244 19.76 6.69 39.80
C LEU F 244 19.67 8.17 40.17
N LYS F 245 20.50 9.04 39.62
CA LYS F 245 20.34 10.46 39.89
C LYS F 245 20.45 11.22 38.58
N ALA F 246 20.52 12.54 38.66
CA ALA F 246 21.00 13.33 37.55
C ALA F 246 22.53 13.25 37.60
N ILE F 247 23.15 12.72 36.54
CA ILE F 247 24.60 12.48 36.53
C ILE F 247 25.27 13.28 35.42
N ARG F 248 25.17 12.81 34.18
CA ARG F 248 25.42 13.60 32.97
C ARG F 248 24.19 13.43 32.11
N PRO F 249 23.04 14.01 32.52
CA PRO F 249 21.78 13.64 31.87
C PRO F 249 21.84 14.00 30.41
N GLN F 250 21.64 13.00 29.57
CA GLN F 250 21.69 13.16 28.13
C GLN F 250 20.42 12.53 27.60
N ILE F 251 19.63 13.32 26.89
CA ILE F 251 18.34 12.93 26.35
C ILE F 251 17.70 12.19 27.51
N ASP F 252 17.38 12.94 28.57
CA ASP F 252 17.50 12.42 29.92
C ASP F 252 16.95 11.01 30.07
N LEU F 253 15.93 10.66 29.28
CA LEU F 253 15.48 9.26 29.25
C LEU F 253 16.60 8.32 28.83
N LYS F 254 17.59 8.81 28.09
CA LYS F 254 18.75 7.97 27.84
C LYS F 254 19.37 7.51 29.14
N ARG F 255 19.56 8.44 30.06
CA ARG F 255 19.94 8.06 31.40
C ARG F 255 19.11 6.91 31.86
N TYR F 256 17.80 7.03 31.70
CA TYR F 256 16.86 5.98 32.03
C TYR F 256 16.81 4.89 30.97
N ALA F 257 17.12 5.21 29.72
CA ALA F 257 17.15 4.17 28.71
C ALA F 257 18.23 3.16 29.01
N VAL F 258 19.29 3.58 29.70
CA VAL F 258 20.39 2.69 30.04
C VAL F 258 19.79 1.49 30.79
N PRO F 259 19.17 1.67 31.96
CA PRO F 259 18.56 0.52 32.62
C PRO F 259 17.35 -0.01 31.91
N SER F 260 16.82 0.74 30.94
CA SER F 260 15.50 0.46 30.39
C SER F 260 15.42 -0.97 29.92
N ALA F 261 16.05 -1.27 28.79
CA ALA F 261 16.21 -2.66 28.46
C ALA F 261 17.17 -3.34 29.41
N GLY F 262 17.98 -2.55 30.13
CA GLY F 262 19.10 -3.07 30.87
C GLY F 262 18.74 -4.14 31.86
N LEU F 263 17.89 -3.82 32.81
CA LEU F 263 17.40 -4.92 33.62
C LEU F 263 16.54 -5.84 32.79
N ARG F 264 15.70 -5.27 31.93
CA ARG F 264 14.68 -6.00 31.18
C ARG F 264 15.20 -7.27 30.55
N LEU F 265 16.01 -7.10 29.52
CA LEU F 265 16.47 -8.26 28.79
C LEU F 265 17.29 -9.17 29.66
N PHE F 266 17.56 -8.77 30.89
CA PHE F 266 18.44 -9.55 31.72
C PHE F 266 17.53 -10.39 32.57
N ALA F 267 17.18 -11.54 32.01
CA ALA F 267 16.26 -12.49 32.59
C ALA F 267 16.95 -13.75 33.08
N LEU F 268 18.27 -13.82 32.94
CA LEU F 268 19.00 -15.07 32.96
C LEU F 268 18.89 -15.72 34.33
N HIS F 269 19.46 -16.93 34.43
CA HIS F 269 19.78 -17.47 35.74
C HIS F 269 21.04 -16.82 36.28
N ALA F 270 21.93 -16.40 35.38
CA ALA F 270 22.88 -15.36 35.74
C ALA F 270 22.12 -14.12 36.19
N SER F 271 21.00 -13.83 35.56
CA SER F 271 20.12 -12.79 36.05
C SER F 271 19.26 -13.29 37.18
N GLN F 272 19.49 -14.50 37.63
CA GLN F 272 19.04 -14.89 38.95
C GLN F 272 20.30 -14.73 39.79
N PHE F 273 20.39 -13.59 40.46
CA PHE F 273 21.66 -13.16 41.04
C PHE F 273 21.46 -12.58 42.43
N SER F 274 20.80 -11.42 42.50
CA SER F 274 20.57 -10.77 43.77
C SER F 274 19.72 -11.61 44.68
N THR F 275 19.18 -12.73 44.20
CA THR F 275 18.76 -13.76 45.13
C THR F 275 19.87 -14.03 46.12
N CYS F 276 21.12 -13.84 45.67
CA CYS F 276 22.19 -13.62 46.62
C CYS F 276 21.93 -12.38 47.47
N LEU F 277 21.73 -11.22 46.85
CA LEU F 277 21.71 -9.94 47.56
C LEU F 277 20.31 -9.42 47.88
N LEU F 278 19.27 -10.20 47.61
CA LEU F 278 17.92 -9.66 47.57
C LEU F 278 17.50 -8.93 48.83
N ASP F 279 17.39 -9.62 49.98
CA ASP F 279 16.84 -8.96 51.16
C ASP F 279 17.44 -7.57 51.33
N ASN F 280 18.75 -7.47 51.14
CA ASN F 280 19.37 -6.19 50.84
C ASN F 280 18.76 -5.53 49.62
N TYR F 281 18.79 -6.24 48.50
CA TYR F 281 18.52 -5.61 47.22
C TYR F 281 17.13 -5.00 47.14
N VAL F 282 16.10 -5.80 47.36
CA VAL F 282 14.70 -5.44 47.15
C VAL F 282 14.46 -4.03 47.62
N SER F 283 15.13 -3.67 48.71
CA SER F 283 15.26 -2.26 49.06
C SER F 283 15.62 -1.52 47.79
N LEU F 284 16.83 -1.76 47.29
CA LEU F 284 17.29 -1.08 46.09
C LEU F 284 16.31 -1.25 44.95
N PHE F 285 15.73 -2.44 44.82
CA PHE F 285 14.74 -2.78 43.82
C PHE F 285 13.69 -1.69 43.77
N GLU F 286 12.92 -1.62 44.83
CA GLU F 286 11.88 -0.61 44.90
C GLU F 286 12.46 0.79 44.89
N VAL F 287 13.71 0.95 45.29
CA VAL F 287 14.29 2.28 45.23
C VAL F 287 14.33 2.75 43.79
N LEU F 288 14.78 1.88 42.90
CA LEU F 288 14.77 2.23 41.50
C LEU F 288 13.34 2.32 40.99
N LEU F 289 12.48 1.45 41.49
CA LEU F 289 11.08 1.46 41.09
C LEU F 289 10.50 2.83 41.31
N LYS F 290 10.41 3.19 42.58
CA LYS F 290 10.02 4.53 42.97
C LYS F 290 10.77 5.56 42.17
N TRP F 291 12.05 5.30 41.92
CA TRP F 291 12.92 6.23 41.24
C TRP F 291 12.35 6.63 39.90
N CYS F 292 12.45 5.75 38.90
CA CYS F 292 12.00 6.18 37.59
C CYS F 292 10.49 6.24 37.53
N ALA F 293 9.83 5.29 38.16
CA ALA F 293 8.38 5.24 38.25
C ALA F 293 7.90 6.63 38.60
N HIS F 294 8.30 7.10 39.77
CA HIS F 294 7.93 8.44 40.17
C HIS F 294 8.69 9.48 39.38
N THR F 295 9.87 9.16 38.88
CA THR F 295 10.54 10.13 38.04
C THR F 295 9.66 10.42 36.86
N ASN F 296 9.32 11.69 36.68
CA ASN F 296 8.34 12.00 35.64
C ASN F 296 9.07 11.91 34.32
N VAL F 297 8.68 10.93 33.49
CA VAL F 297 9.43 10.54 32.30
C VAL F 297 8.48 9.92 31.30
N GLU F 298 9.00 9.60 30.13
CA GLU F 298 8.21 8.93 29.12
C GLU F 298 8.49 7.45 29.01
N LEU F 299 9.47 6.91 29.74
CA LEU F 299 9.57 5.47 29.86
C LEU F 299 9.40 5.13 31.33
N LYS F 300 8.19 4.81 31.74
CA LYS F 300 7.97 4.15 33.01
C LYS F 300 8.11 2.66 32.84
N LYS F 301 7.71 2.21 31.66
CA LYS F 301 7.36 0.83 31.46
C LYS F 301 8.52 -0.08 31.80
N ALA F 302 9.72 0.35 31.47
CA ALA F 302 10.89 -0.44 31.81
C ALA F 302 10.85 -0.83 33.27
N ALA F 303 10.67 0.16 34.13
CA ALA F 303 10.60 -0.08 35.56
C ALA F 303 9.67 -1.24 35.77
N LEU F 304 8.46 -1.02 35.33
CA LEU F 304 7.41 -2.00 35.49
C LEU F 304 7.89 -3.35 35.04
N SER F 305 8.63 -3.35 33.96
CA SER F 305 9.06 -4.57 33.33
C SER F 305 9.90 -5.35 34.33
N ALA F 306 11.11 -4.84 34.55
CA ALA F 306 12.04 -5.57 35.39
C ALA F 306 11.45 -5.81 36.75
N LEU F 307 10.72 -4.84 37.21
CA LEU F 307 9.91 -4.92 38.39
C LEU F 307 9.25 -6.27 38.42
N GLU F 308 8.34 -6.46 37.48
CA GLU F 308 7.67 -7.73 37.37
C GLU F 308 8.67 -8.84 37.25
N SER F 309 9.84 -8.53 36.75
CA SER F 309 10.60 -9.58 36.13
C SER F 309 11.51 -10.14 37.19
N PHE F 310 12.55 -9.39 37.50
CA PHE F 310 13.38 -9.77 38.63
C PHE F 310 12.50 -10.05 39.82
N LEU F 311 11.42 -9.28 39.95
CA LEU F 311 10.33 -9.71 40.79
C LEU F 311 10.04 -11.17 40.57
N LYS F 312 9.86 -11.56 39.32
CA LYS F 312 9.55 -12.94 39.07
C LYS F 312 10.65 -13.84 39.57
N GLN F 313 11.85 -13.65 39.06
CA GLN F 313 12.96 -14.51 39.42
C GLN F 313 12.99 -14.75 40.92
N VAL F 314 12.83 -13.67 41.68
CA VAL F 314 12.58 -13.75 43.10
C VAL F 314 11.56 -14.84 43.26
N SER F 315 10.39 -14.59 42.72
CA SER F 315 9.26 -15.46 42.95
C SER F 315 9.61 -16.90 42.60
N ASN F 316 10.60 -17.07 41.74
CA ASN F 316 10.87 -18.38 41.17
C ASN F 316 11.66 -19.21 42.13
N MET F 317 12.75 -18.67 42.64
CA MET F 317 13.47 -19.42 43.65
C MET F 317 12.67 -19.46 44.92
N VAL F 318 11.92 -18.39 45.19
CA VAL F 318 10.90 -18.47 46.23
C VAL F 318 10.10 -19.73 46.04
N ALA F 319 9.66 -19.96 44.80
CA ALA F 319 8.91 -21.17 44.49
C ALA F 319 9.79 -22.39 44.73
N LYS F 320 11.09 -22.21 44.66
CA LYS F 320 11.95 -23.35 44.83
C LYS F 320 12.51 -23.46 46.23
N ASN F 321 12.21 -22.52 47.13
CA ASN F 321 12.92 -22.44 48.39
C ASN F 321 11.95 -22.21 49.55
N ALA F 322 11.92 -23.15 50.48
CA ALA F 322 11.40 -22.89 51.82
C ALA F 322 12.46 -22.29 52.73
N GLU F 323 13.68 -22.82 52.67
CA GLU F 323 14.74 -22.36 53.55
C GLU F 323 14.96 -20.87 53.36
N MET F 324 15.60 -20.53 52.25
CA MET F 324 15.94 -19.15 52.03
C MET F 324 14.73 -18.34 51.64
N HIS F 325 13.66 -18.98 51.22
CA HIS F 325 12.38 -18.29 51.19
C HIS F 325 11.42 -19.01 52.12
N LYS F 326 11.37 -18.55 53.35
CA LYS F 326 10.17 -18.64 54.17
C LYS F 326 10.08 -17.30 54.88
N ASN F 327 11.00 -17.08 55.80
CA ASN F 327 11.26 -15.74 56.30
C ASN F 327 11.66 -14.85 55.15
N LYS F 328 12.88 -15.01 54.62
CA LYS F 328 13.40 -14.06 53.62
C LYS F 328 12.44 -13.92 52.46
N LEU F 329 11.68 -14.98 52.19
CA LEU F 329 10.43 -14.85 51.47
C LEU F 329 9.68 -13.67 52.06
N GLN F 330 9.21 -13.81 53.30
CA GLN F 330 8.39 -12.80 53.93
C GLN F 330 9.11 -11.46 54.06
N TYR F 331 10.44 -11.47 54.03
CA TYR F 331 11.23 -10.27 53.92
C TYR F 331 10.83 -9.55 52.65
N PHE F 332 11.26 -10.08 51.50
CA PHE F 332 10.93 -9.46 50.23
C PHE F 332 9.44 -9.21 50.10
N MET F 333 8.67 -10.23 50.47
CA MET F 333 7.23 -10.17 50.55
C MET F 333 6.80 -8.87 51.18
N GLU F 334 7.16 -8.68 52.44
CA GLU F 334 6.68 -7.52 53.14
C GLU F 334 7.26 -6.24 52.57
N GLN F 335 8.50 -6.31 52.09
CA GLN F 335 9.14 -5.21 51.39
C GLN F 335 8.14 -4.61 50.43
N PHE F 336 7.73 -5.43 49.47
CA PHE F 336 6.69 -5.00 48.57
C PHE F 336 5.38 -4.78 49.29
N TYR F 337 5.14 -5.52 50.37
CA TYR F 337 3.80 -5.55 50.91
C TYR F 337 3.38 -4.18 51.39
N GLY F 338 4.34 -3.42 51.93
CA GLY F 338 4.08 -2.02 52.19
C GLY F 338 3.49 -1.33 50.98
N ILE F 339 3.89 -1.78 49.79
CA ILE F 339 3.26 -1.26 48.60
C ILE F 339 1.90 -1.93 48.41
N ILE F 340 1.77 -3.20 48.81
CA ILE F 340 0.52 -3.95 48.64
C ILE F 340 -0.64 -3.20 49.26
N ARG F 341 -0.52 -2.87 50.53
CA ARG F 341 -1.55 -2.03 51.08
C ARG F 341 -1.37 -0.57 50.70
N ASN F 342 -0.14 -0.17 50.34
CA ASN F 342 0.09 1.21 49.90
C ASN F 342 -0.92 1.61 48.84
N VAL F 343 -1.30 0.68 47.97
CA VAL F 343 -2.26 1.06 46.95
C VAL F 343 -3.60 1.42 47.56
N ASP F 344 -3.98 0.80 48.68
CA ASP F 344 -5.34 0.97 49.19
C ASP F 344 -5.67 2.43 49.39
N SER F 345 -4.75 3.18 50.00
CA SER F 345 -5.01 4.56 50.39
C SER F 345 -4.43 5.59 49.44
N ASN F 346 -3.71 5.20 48.39
CA ASN F 346 -3.01 6.21 47.60
C ASN F 346 -3.44 6.16 46.15
N ASN F 347 -2.81 7.03 45.35
CA ASN F 347 -3.00 7.07 43.91
C ASN F 347 -1.67 6.69 43.25
N LYS F 348 -1.59 5.47 42.73
CA LYS F 348 -0.39 4.97 42.07
C LYS F 348 -0.47 5.04 40.56
N GLU F 349 -1.62 5.39 40.01
CA GLU F 349 -1.86 5.39 38.57
C GLU F 349 -1.56 3.99 38.04
N LEU F 350 -0.94 3.87 36.87
CA LEU F 350 -0.66 2.59 36.22
C LEU F 350 0.03 1.61 37.14
N SER F 351 0.69 2.10 38.20
CA SER F 351 1.38 1.25 39.14
C SER F 351 0.49 0.18 39.71
N ILE F 352 -0.81 0.37 39.59
CA ILE F 352 -1.76 -0.66 39.98
C ILE F 352 -1.37 -2.01 39.39
N ALA F 353 -1.05 -2.05 38.10
CA ALA F 353 -0.61 -3.31 37.49
C ALA F 353 0.41 -3.97 38.37
N ILE F 354 1.39 -3.18 38.77
CA ILE F 354 2.49 -3.57 39.62
C ILE F 354 1.95 -4.50 40.68
N ARG F 355 1.10 -3.93 41.54
CA ARG F 355 0.71 -4.67 42.72
C ARG F 355 0.27 -6.05 42.34
N GLY F 356 -0.65 -6.15 41.40
CA GLY F 356 -1.27 -7.43 41.13
C GLY F 356 -0.25 -8.52 40.98
N TYR F 357 0.82 -8.22 40.25
CA TYR F 357 1.81 -9.23 39.96
C TYR F 357 2.56 -9.59 41.21
N GLY F 358 3.07 -8.59 41.91
CA GLY F 358 3.47 -8.80 43.28
C GLY F 358 2.30 -9.30 44.10
N LEU F 359 1.11 -8.74 43.88
CA LEU F 359 -0.05 -9.32 44.53
C LEU F 359 -0.21 -10.75 44.10
N PHE F 360 0.28 -11.11 42.92
CA PHE F 360 0.48 -12.52 42.69
C PHE F 360 1.75 -13.00 43.33
N ALA F 361 2.84 -12.28 43.10
CA ALA F 361 4.11 -12.78 43.51
C ALA F 361 4.09 -13.19 44.97
N GLY F 362 3.21 -12.59 45.76
CA GLY F 362 3.03 -13.06 47.10
C GLY F 362 2.46 -14.45 47.13
N PRO F 363 1.28 -14.61 46.59
CA PRO F 363 0.67 -15.93 46.43
C PRO F 363 1.05 -16.64 45.14
N CYS F 364 2.12 -17.42 45.10
CA CYS F 364 2.38 -18.13 43.87
C CYS F 364 1.98 -19.59 43.96
N LYS F 365 2.85 -20.39 44.56
CA LYS F 365 2.46 -21.64 45.18
C LYS F 365 2.25 -21.42 46.66
N VAL F 366 2.36 -20.16 47.08
CA VAL F 366 2.93 -19.84 48.35
C VAL F 366 2.05 -20.21 49.53
N ILE F 367 0.75 -20.41 49.31
CA ILE F 367 -0.12 -20.69 50.45
C ILE F 367 0.38 -21.92 51.20
N ASN F 368 1.19 -22.75 50.55
CA ASN F 368 1.81 -23.87 51.23
C ASN F 368 2.61 -23.39 52.44
N ALA F 369 3.74 -22.72 52.21
CA ALA F 369 4.59 -22.32 53.34
C ALA F 369 4.08 -21.06 54.02
N LYS F 370 3.43 -20.18 53.26
CA LYS F 370 2.89 -18.95 53.80
C LYS F 370 1.47 -18.77 53.32
N ASP F 371 0.52 -18.80 54.24
CA ASP F 371 -0.87 -18.92 53.82
C ASP F 371 -1.35 -17.63 53.20
N VAL F 372 -1.73 -17.72 51.93
CA VAL F 372 -2.39 -16.64 51.22
C VAL F 372 -3.90 -16.81 51.26
N ASP F 373 -4.38 -17.72 52.09
CA ASP F 373 -5.80 -18.04 52.14
C ASP F 373 -6.68 -16.80 52.11
N PHE F 374 -6.39 -15.79 52.92
CA PHE F 374 -7.18 -14.57 52.85
C PHE F 374 -6.96 -13.85 51.53
N MET F 375 -5.76 -13.95 50.96
CA MET F 375 -5.52 -13.53 49.60
C MET F 375 -6.33 -14.42 48.68
N TYR F 376 -6.43 -14.00 47.42
CA TYR F 376 -7.17 -14.71 46.38
C TYR F 376 -8.63 -14.78 46.79
N VAL F 377 -8.94 -14.25 47.96
CA VAL F 377 -10.30 -14.24 48.43
C VAL F 377 -10.68 -12.79 48.48
N GLU F 378 -10.22 -12.12 49.53
CA GLU F 378 -10.27 -10.68 49.57
C GLU F 378 -9.52 -10.12 48.40
N LEU F 379 -8.59 -10.88 47.86
CA LEU F 379 -7.79 -10.39 46.77
C LEU F 379 -8.58 -10.49 45.49
N ILE F 380 -9.29 -11.61 45.30
CA ILE F 380 -10.24 -11.64 44.20
C ILE F 380 -11.23 -10.51 44.35
N GLN F 381 -11.63 -10.24 45.59
CA GLN F 381 -12.37 -9.02 45.82
C GLN F 381 -11.64 -7.86 45.16
N ARG F 382 -10.39 -7.62 45.56
CA ARG F 382 -9.63 -6.51 44.99
C ARG F 382 -9.78 -6.48 43.48
N CYS F 383 -9.67 -7.65 42.85
CA CYS F 383 -9.94 -7.77 41.44
C CYS F 383 -11.24 -7.08 41.11
N LYS F 384 -12.32 -7.64 41.63
CA LYS F 384 -13.63 -7.05 41.41
C LYS F 384 -13.63 -5.57 41.69
N GLN F 385 -13.11 -5.20 42.85
CA GLN F 385 -13.07 -3.82 43.27
C GLN F 385 -12.49 -2.95 42.18
N MET F 386 -11.65 -3.54 41.34
CA MET F 386 -11.33 -2.85 40.12
C MET F 386 -12.44 -3.04 39.09
N PHE F 387 -12.91 -4.27 38.95
CA PHE F 387 -13.88 -4.61 37.91
C PHE F 387 -15.10 -3.71 37.93
N LEU F 388 -15.95 -3.85 38.93
CA LEU F 388 -17.14 -3.02 39.00
C LEU F 388 -16.79 -1.56 38.88
N THR F 389 -15.89 -1.09 39.73
CA THR F 389 -15.54 0.32 39.73
C THR F 389 -15.16 0.82 38.36
N GLN F 390 -14.75 -0.07 37.46
CA GLN F 390 -14.65 0.36 36.09
C GLN F 390 -16.00 0.70 35.48
N THR F 391 -17.11 0.47 36.19
CA THR F 391 -18.39 0.96 35.71
C THR F 391 -18.44 2.48 35.61
N ASP F 392 -17.40 3.19 36.05
CA ASP F 392 -17.45 4.62 36.17
C ASP F 392 -17.52 5.28 34.79
N THR F 393 -17.69 6.61 34.80
CA THR F 393 -17.86 7.33 33.55
C THR F 393 -16.53 7.53 32.85
N GLY F 394 -15.53 8.02 33.57
CA GLY F 394 -14.16 7.94 33.11
C GLY F 394 -13.72 6.49 33.13
N ASP F 395 -12.61 6.22 32.45
CA ASP F 395 -12.25 4.82 32.38
C ASP F 395 -11.64 4.37 33.68
N ASP F 396 -11.35 3.08 33.73
CA ASP F 396 -10.42 2.50 34.67
C ASP F 396 -9.74 1.40 33.89
N ARG F 397 -8.46 1.24 34.06
CA ARG F 397 -7.72 0.64 32.98
C ARG F 397 -7.74 -0.88 33.04
N VAL F 398 -6.84 -1.46 32.27
CA VAL F 398 -7.18 -2.61 31.47
C VAL F 398 -6.26 -3.78 31.73
N TYR F 399 -4.97 -3.61 31.43
CA TYR F 399 -3.87 -4.48 31.81
C TYR F 399 -4.06 -4.84 33.26
N GLN F 400 -4.76 -3.93 33.91
CA GLN F 400 -5.46 -4.19 35.14
C GLN F 400 -5.97 -5.59 35.12
N MET F 401 -6.89 -5.82 34.22
CA MET F 401 -7.56 -7.10 34.23
C MET F 401 -6.58 -8.25 34.04
N PRO F 402 -5.85 -8.37 32.93
CA PRO F 402 -5.00 -9.55 32.77
C PRO F 402 -4.07 -9.72 33.93
N SER F 403 -3.69 -8.64 34.56
CA SER F 403 -3.08 -8.77 35.86
C SER F 403 -3.93 -9.70 36.67
N PHE F 404 -5.21 -9.35 36.79
CA PHE F 404 -6.14 -10.29 37.40
C PHE F 404 -6.05 -11.63 36.73
N LEU F 405 -5.68 -11.66 35.47
CA LEU F 405 -5.92 -12.90 34.79
C LEU F 405 -4.81 -13.85 35.15
N GLN F 406 -3.64 -13.66 34.55
CA GLN F 406 -2.53 -14.56 34.82
C GLN F 406 -2.39 -14.76 36.30
N SER F 407 -2.70 -13.72 37.07
CA SER F 407 -2.75 -13.89 38.50
C SER F 407 -3.64 -15.07 38.86
N VAL F 408 -4.94 -14.86 38.72
CA VAL F 408 -5.88 -15.85 39.21
C VAL F 408 -5.60 -17.17 38.55
N ALA F 409 -4.99 -17.11 37.37
CA ALA F 409 -4.57 -18.28 36.66
C ALA F 409 -3.65 -19.10 37.53
N SER F 410 -2.41 -18.63 37.71
CA SER F 410 -1.48 -19.42 38.51
C SER F 410 -2.10 -19.78 39.83
N VAL F 411 -2.89 -18.86 40.37
CA VAL F 411 -3.66 -19.14 41.58
C VAL F 411 -4.31 -20.50 41.46
N LEU F 412 -5.26 -20.61 40.56
CA LEU F 412 -6.10 -21.78 40.57
C LEU F 412 -5.42 -22.97 39.94
N LEU F 413 -4.54 -22.73 38.97
CA LEU F 413 -3.68 -23.80 38.49
C LEU F 413 -3.02 -24.51 39.65
N TYR F 414 -2.62 -23.75 40.68
CA TYR F 414 -2.18 -24.39 41.90
C TYR F 414 -3.27 -25.26 42.50
N LEU F 415 -4.52 -24.85 42.34
CA LEU F 415 -5.61 -25.46 43.09
C LEU F 415 -6.37 -26.46 42.23
N ASP F 416 -6.21 -27.75 42.54
CA ASP F 416 -7.18 -28.77 42.19
C ASP F 416 -8.16 -29.01 43.34
N THR F 417 -8.10 -28.17 44.37
CA THR F 417 -8.88 -28.29 45.59
C THR F 417 -10.21 -27.56 45.52
N VAL F 418 -10.59 -27.04 44.36
CA VAL F 418 -11.94 -26.54 44.10
C VAL F 418 -12.30 -25.35 45.00
N PRO F 419 -11.75 -24.16 44.78
CA PRO F 419 -12.29 -22.99 45.47
C PRO F 419 -13.66 -22.58 44.97
N GLU F 420 -13.98 -22.84 43.71
CA GLU F 420 -15.23 -22.43 43.10
C GLU F 420 -15.49 -20.96 43.39
N VAL F 421 -16.76 -20.59 43.53
CA VAL F 421 -17.19 -19.36 44.16
C VAL F 421 -16.65 -18.15 43.43
N TYR F 422 -15.53 -18.33 42.76
CA TYR F 422 -14.95 -17.33 41.90
C TYR F 422 -15.33 -17.57 40.46
N THR F 423 -15.94 -18.71 40.20
CA THR F 423 -16.43 -19.11 38.90
C THR F 423 -17.14 -17.92 38.25
N PRO F 424 -18.11 -17.30 38.93
CA PRO F 424 -18.76 -16.13 38.31
C PRO F 424 -17.81 -14.99 38.10
N VAL F 425 -17.07 -14.64 39.15
CA VAL F 425 -16.27 -13.42 39.09
C VAL F 425 -15.19 -13.58 38.04
N LEU F 426 -14.52 -14.74 38.03
CA LEU F 426 -13.50 -14.95 37.02
C LEU F 426 -14.11 -14.94 35.64
N GLU F 427 -15.32 -15.49 35.50
CA GLU F 427 -15.82 -15.59 34.15
C GLU F 427 -16.24 -14.21 33.65
N HIS F 428 -17.34 -13.67 34.19
CA HIS F 428 -17.82 -12.40 33.65
C HIS F 428 -16.74 -11.34 33.71
N LEU F 429 -15.79 -11.54 34.60
CA LEU F 429 -14.55 -10.82 34.57
C LEU F 429 -13.90 -10.95 33.19
N VAL F 430 -13.41 -12.15 32.84
CA VAL F 430 -12.69 -12.32 31.58
C VAL F 430 -13.53 -11.84 30.42
N VAL F 431 -14.86 -11.95 30.55
CA VAL F 431 -15.70 -11.62 29.42
C VAL F 431 -15.77 -10.13 29.24
N MET F 432 -15.82 -9.37 30.33
CA MET F 432 -15.55 -7.95 30.18
C MET F 432 -14.17 -7.74 29.60
N GLN F 433 -13.21 -8.53 30.06
CA GLN F 433 -11.82 -8.36 29.69
C GLN F 433 -11.63 -8.19 28.20
N ILE F 434 -11.73 -9.31 27.51
CA ILE F 434 -10.67 -9.60 26.56
C ILE F 434 -10.57 -8.50 25.52
N ASP F 435 -11.67 -8.21 24.84
CA ASP F 435 -11.64 -7.20 23.79
C ASP F 435 -12.26 -5.86 24.16
N SER F 436 -12.59 -5.63 25.43
CA SER F 436 -13.45 -4.52 25.83
C SER F 436 -13.00 -3.15 25.37
N PHE F 437 -11.80 -3.03 24.78
CA PHE F 437 -10.98 -1.84 24.71
C PHE F 437 -11.25 -0.95 23.50
N PRO F 438 -11.16 0.39 23.68
CA PRO F 438 -10.99 1.25 22.51
C PRO F 438 -9.76 0.88 21.76
N GLN F 439 -8.67 0.70 22.48
CA GLN F 439 -7.47 0.06 21.96
C GLN F 439 -6.75 -0.56 23.15
N TYR F 440 -5.65 -1.24 22.86
CA TYR F 440 -4.63 -1.49 23.84
C TYR F 440 -3.37 -0.79 23.36
N SER F 441 -2.43 -0.64 24.26
CA SER F 441 -1.07 -0.56 23.79
C SER F 441 -0.82 -1.73 22.87
N PRO F 442 -0.46 -1.48 21.62
CA PRO F 442 -0.12 -2.58 20.72
C PRO F 442 0.82 -3.55 21.38
N LYS F 443 1.76 -3.02 22.16
CA LYS F 443 2.68 -3.84 22.92
C LYS F 443 1.95 -4.84 23.81
N MET F 444 1.05 -4.35 24.66
CA MET F 444 0.53 -5.18 25.75
C MET F 444 -0.26 -6.37 25.27
N GLN F 445 -0.50 -6.48 23.97
CA GLN F 445 -1.55 -7.36 23.51
C GLN F 445 -1.10 -8.82 23.46
N LEU F 446 0.15 -9.07 23.08
CA LEU F 446 0.66 -10.44 23.18
C LEU F 446 0.76 -10.86 24.63
N VAL F 447 1.07 -9.91 25.50
CA VAL F 447 0.94 -10.16 26.93
C VAL F 447 -0.46 -10.65 27.23
N CYS F 448 -1.47 -9.89 26.77
CA CYS F 448 -2.85 -10.29 26.92
C CYS F 448 -3.04 -11.72 26.46
N CYS F 449 -2.40 -12.07 25.36
CA CYS F 449 -2.46 -13.44 24.87
C CYS F 449 -2.02 -14.40 25.96
N ARG F 450 -0.75 -14.29 26.37
CA ARG F 450 -0.23 -15.19 27.39
C ARG F 450 -1.17 -15.25 28.56
N ALA F 451 -1.80 -14.12 28.85
CA ALA F 451 -2.79 -14.08 29.90
C ALA F 451 -3.89 -15.09 29.66
N ILE F 452 -4.73 -14.85 28.65
CA ILE F 452 -5.91 -15.69 28.57
C ILE F 452 -5.49 -17.14 28.33
N VAL F 453 -4.60 -17.35 27.37
CA VAL F 453 -4.17 -18.73 27.11
C VAL F 453 -3.82 -19.40 28.42
N LYS F 454 -3.12 -18.68 29.28
CA LYS F 454 -2.87 -19.19 30.60
C LYS F 454 -4.18 -19.54 31.29
N VAL F 455 -5.22 -18.71 31.10
CA VAL F 455 -6.49 -19.07 31.74
C VAL F 455 -6.86 -20.46 31.29
N PHE F 456 -6.52 -20.79 30.06
CA PHE F 456 -7.03 -22.04 29.57
C PHE F 456 -6.23 -23.21 30.07
N LEU F 457 -4.89 -23.08 30.15
CA LEU F 457 -4.16 -24.16 30.80
C LEU F 457 -4.70 -24.42 32.19
N ALA F 458 -4.97 -23.35 32.92
CA ALA F 458 -5.70 -23.53 34.18
C ALA F 458 -6.96 -24.34 33.94
N LEU F 459 -7.72 -23.98 32.91
CA LEU F 459 -8.96 -24.68 32.63
C LEU F 459 -8.72 -26.15 32.36
N ALA F 460 -7.51 -26.52 31.94
CA ALA F 460 -7.14 -27.92 31.77
C ALA F 460 -6.94 -28.57 33.13
N ALA F 461 -5.95 -28.09 33.87
CA ALA F 461 -5.78 -28.59 35.23
C ALA F 461 -7.06 -28.44 36.03
N LYS F 462 -7.87 -27.43 35.70
CA LYS F 462 -9.17 -27.27 36.34
C LYS F 462 -9.98 -28.55 36.36
N GLY F 463 -10.17 -29.14 35.18
CA GLY F 463 -11.02 -30.31 35.09
C GLY F 463 -12.26 -29.81 34.37
N PRO F 464 -12.44 -30.27 33.14
CA PRO F 464 -13.44 -30.03 32.11
C PRO F 464 -14.71 -29.20 32.42
N VAL F 465 -14.62 -27.99 32.97
CA VAL F 465 -15.87 -27.26 33.11
C VAL F 465 -15.90 -25.89 32.44
N LEU F 466 -15.33 -24.88 33.08
CA LEU F 466 -15.85 -23.52 32.90
C LEU F 466 -15.38 -22.90 31.60
N ARG F 467 -14.28 -23.44 31.09
CA ARG F 467 -13.66 -23.04 29.83
C ARG F 467 -14.68 -22.74 28.75
N ASN F 468 -15.36 -23.78 28.29
CA ASN F 468 -16.35 -23.67 27.24
C ASN F 468 -17.22 -22.46 27.43
N CYS F 469 -17.99 -22.48 28.51
CA CYS F 469 -18.97 -21.44 28.75
C CYS F 469 -18.33 -20.08 28.54
N ILE F 470 -17.18 -19.87 29.18
CA ILE F 470 -16.55 -18.57 29.05
C ILE F 470 -16.35 -18.23 27.57
N SER F 471 -15.75 -19.18 26.85
CA SER F 471 -15.53 -18.97 25.42
C SER F 471 -16.80 -18.48 24.76
N THR F 472 -17.91 -19.14 25.04
CA THR F 472 -19.10 -18.73 24.33
C THR F 472 -19.53 -17.34 24.75
N VAL F 473 -19.28 -16.99 26.00
CA VAL F 473 -19.68 -15.67 26.45
C VAL F 473 -18.94 -14.63 25.64
N VAL F 474 -17.64 -14.84 25.50
CA VAL F 474 -16.90 -13.87 24.76
C VAL F 474 -17.32 -13.93 23.31
N HIS F 475 -17.85 -15.06 22.87
CA HIS F 475 -18.55 -15.04 21.61
C HIS F 475 -19.65 -14.01 21.68
N GLN F 476 -20.40 -14.03 22.78
CA GLN F 476 -21.56 -13.18 22.91
C GLN F 476 -21.15 -11.74 22.72
N GLY F 477 -20.50 -11.20 23.74
CA GLY F 477 -20.13 -9.80 23.66
C GLY F 477 -19.39 -9.54 22.37
N LEU F 478 -18.51 -10.46 22.04
CA LEU F 478 -17.68 -10.42 20.85
C LEU F 478 -18.47 -9.90 19.69
N ILE F 479 -19.48 -10.64 19.31
CA ILE F 479 -20.26 -10.16 18.19
C ILE F 479 -21.13 -8.99 18.58
N ARG F 480 -21.65 -9.00 19.79
CA ARG F 480 -22.40 -7.83 20.22
C ARG F 480 -21.53 -6.61 20.11
N ILE F 481 -20.24 -6.78 20.36
CA ILE F 481 -19.29 -5.72 20.12
C ILE F 481 -19.25 -5.32 18.66
N CYS F 482 -19.84 -6.11 17.77
CA CYS F 482 -19.96 -5.60 16.40
C CYS F 482 -20.52 -4.21 16.44
N SER F 483 -21.60 -4.04 17.18
CA SER F 483 -22.11 -2.74 17.54
C SER F 483 -21.00 -1.93 18.18
N LYS F 484 -20.75 -0.74 17.68
CA LYS F 484 -21.36 -0.27 16.45
C LYS F 484 -20.51 -0.72 15.29
N PRO F 485 -21.17 -1.27 14.30
CA PRO F 485 -20.46 -1.76 13.12
C PRO F 485 -19.79 -0.63 12.40
N VAL F 486 -18.52 -0.84 12.02
CA VAL F 486 -17.71 0.25 11.47
C VAL F 486 -17.79 0.35 9.94
N VAL F 487 -18.60 -0.47 9.27
CA VAL F 487 -18.98 -0.16 7.91
C VAL F 487 -20.33 0.54 7.84
N LEU F 488 -20.98 0.71 8.99
CA LEU F 488 -22.31 1.29 9.04
C LEU F 488 -22.39 2.32 10.15
N LYS F 516 -17.66 3.55 20.92
CA LYS F 516 -16.32 3.34 20.40
C LYS F 516 -16.35 2.84 18.98
N ASP F 517 -15.50 1.86 18.72
CA ASP F 517 -15.31 1.31 17.40
C ASP F 517 -15.39 -0.21 17.49
N TYR F 518 -15.03 -0.89 16.41
CA TYR F 518 -15.38 -2.29 16.23
C TYR F 518 -14.21 -3.23 15.90
N VAL F 519 -13.47 -2.95 14.82
CA VAL F 519 -12.51 -3.89 14.22
C VAL F 519 -11.62 -4.61 15.22
N ASP F 520 -11.25 -3.96 16.32
CA ASP F 520 -10.10 -4.40 17.13
C ASP F 520 -10.09 -5.90 17.26
N LEU F 521 -11.22 -6.44 17.66
CA LEU F 521 -11.33 -7.77 18.22
C LEU F 521 -10.61 -8.74 17.32
N PHE F 522 -10.70 -8.48 16.02
CA PHE F 522 -10.15 -9.38 15.03
C PHE F 522 -8.78 -9.82 15.44
N ARG F 523 -7.86 -8.86 15.48
CA ARG F 523 -6.48 -9.20 15.72
C ARG F 523 -6.33 -9.96 17.02
N HIS F 524 -7.00 -9.48 18.07
CA HIS F 524 -6.84 -10.12 19.37
C HIS F 524 -7.28 -11.57 19.26
N LEU F 525 -8.40 -11.80 18.57
CA LEU F 525 -8.78 -13.14 18.22
C LEU F 525 -7.67 -13.83 17.45
N LEU F 526 -7.25 -13.22 16.35
CA LEU F 526 -6.06 -13.64 15.65
C LEU F 526 -4.98 -13.92 16.65
N SER F 527 -4.58 -12.85 17.34
CA SER F 527 -3.59 -12.95 18.37
C SER F 527 -3.90 -14.09 19.32
N SER F 528 -5.16 -14.21 19.72
CA SER F 528 -5.54 -15.23 20.70
C SER F 528 -4.99 -16.59 20.31
N ASP F 529 -4.88 -16.83 19.03
CA ASP F 529 -4.58 -18.15 18.53
C ASP F 529 -3.10 -18.47 18.49
N GLN F 530 -2.26 -17.45 18.47
CA GLN F 530 -1.00 -17.59 17.76
C GLN F 530 0.26 -17.76 18.61
N MET F 531 0.21 -17.65 19.93
CA MET F 531 1.48 -17.51 20.63
C MET F 531 1.88 -18.79 21.37
N MET F 532 3.09 -18.77 21.92
CA MET F 532 3.59 -19.75 22.87
C MET F 532 3.41 -21.20 22.47
N ASP F 533 2.95 -22.03 23.42
CA ASP F 533 3.15 -23.47 23.30
C ASP F 533 1.89 -24.34 23.34
N SER F 534 1.30 -24.57 24.51
CA SER F 534 0.54 -25.80 24.72
C SER F 534 -0.84 -25.73 24.07
N ILE F 535 -1.06 -26.60 23.08
CA ILE F 535 -2.32 -26.85 22.39
C ILE F 535 -3.11 -25.57 22.19
N LEU F 536 -2.56 -24.65 21.38
CA LEU F 536 -3.39 -23.57 20.87
C LEU F 536 -4.66 -24.13 20.27
N ALA F 537 -4.56 -25.35 19.73
CA ALA F 537 -5.62 -26.02 19.02
C ALA F 537 -6.91 -25.98 19.79
N ASP F 538 -7.01 -26.80 20.83
CA ASP F 538 -8.29 -27.02 21.48
C ASP F 538 -8.95 -25.68 21.75
N GLU F 539 -8.17 -24.78 22.29
CA GLU F 539 -8.59 -23.42 22.53
C GLU F 539 -9.33 -22.89 21.31
N ALA F 540 -8.60 -22.75 20.22
CA ALA F 540 -9.21 -22.32 18.98
C ALA F 540 -10.45 -23.14 18.66
N PHE F 541 -10.32 -24.45 18.74
CA PHE F 541 -11.38 -25.37 18.37
C PHE F 541 -12.70 -24.95 19.00
N PHE F 542 -12.77 -25.09 20.31
CA PHE F 542 -14.02 -24.81 20.99
C PHE F 542 -14.42 -23.37 20.76
N SER F 543 -13.42 -22.47 20.71
CA SER F 543 -13.71 -21.08 20.36
C SER F 543 -14.60 -21.04 19.13
N VAL F 544 -14.15 -21.76 18.11
CA VAL F 544 -14.91 -21.89 16.88
C VAL F 544 -16.30 -22.42 17.18
N ASN F 545 -16.39 -23.71 17.49
CA ASN F 545 -17.68 -24.38 17.43
C ASN F 545 -18.71 -23.63 18.26
N SER F 546 -18.32 -23.22 19.46
CA SER F 546 -19.25 -22.54 20.32
C SER F 546 -19.62 -21.19 19.72
N SER F 547 -18.65 -20.53 19.13
CA SER F 547 -18.96 -19.31 18.42
C SER F 547 -19.95 -19.60 17.30
N SER F 548 -19.77 -20.73 16.66
CA SER F 548 -20.60 -21.14 15.56
C SER F 548 -22.01 -21.17 16.06
N GLU F 549 -22.27 -22.17 16.88
CA GLU F 549 -23.57 -22.44 17.44
C GLU F 549 -24.14 -21.17 18.04
N SER F 550 -23.25 -20.31 18.53
CA SER F 550 -23.67 -18.99 18.96
C SER F 550 -24.38 -18.28 17.82
N LEU F 551 -23.71 -18.19 16.68
CA LEU F 551 -24.36 -17.52 15.56
C LEU F 551 -25.63 -18.24 15.19
N ASN F 552 -25.63 -19.56 15.30
CA ASN F 552 -26.90 -20.25 15.22
C ASN F 552 -27.92 -19.56 16.09
N HIS F 553 -27.56 -19.30 17.34
CA HIS F 553 -28.54 -18.77 18.27
C HIS F 553 -29.11 -17.47 17.75
N LEU F 554 -28.26 -16.57 17.29
CA LEU F 554 -28.86 -15.31 16.87
C LEU F 554 -29.65 -15.48 15.58
N LEU F 555 -29.13 -16.24 14.62
CA LEU F 555 -29.92 -16.51 13.44
C LEU F 555 -31.17 -17.28 13.81
N TYR F 556 -31.07 -18.12 14.83
CA TYR F 556 -32.26 -18.69 15.41
C TYR F 556 -33.04 -17.67 16.24
N ASP F 557 -32.52 -16.46 16.44
CA ASP F 557 -33.35 -15.42 17.06
C ASP F 557 -34.29 -14.80 16.05
N GLU F 558 -33.75 -14.05 15.10
CA GLU F 558 -34.63 -13.30 14.21
C GLU F 558 -34.35 -13.41 12.73
N PHE F 559 -33.18 -12.93 12.28
CA PHE F 559 -33.07 -12.27 10.98
C PHE F 559 -33.81 -12.96 9.85
N VAL F 560 -33.80 -14.29 9.84
CA VAL F 560 -34.62 -15.02 8.89
C VAL F 560 -35.98 -14.35 8.89
N LYS F 561 -36.62 -14.34 10.05
CA LYS F 561 -37.86 -13.59 10.24
C LYS F 561 -37.74 -12.16 9.71
N SER F 562 -36.60 -11.51 9.94
CA SER F 562 -36.50 -10.10 9.57
C SER F 562 -36.74 -9.89 8.09
N VAL F 563 -35.82 -10.38 7.27
CA VAL F 563 -35.97 -10.25 5.82
C VAL F 563 -37.35 -10.73 5.39
N LEU F 564 -37.80 -11.83 5.99
CA LEU F 564 -39.17 -12.29 5.76
C LEU F 564 -40.15 -11.14 5.88
N LYS F 565 -40.33 -10.62 7.10
CA LYS F 565 -41.40 -9.67 7.35
C LYS F 565 -41.15 -8.36 6.66
N ILE F 566 -40.13 -7.61 7.08
CA ILE F 566 -40.06 -6.26 6.56
C ILE F 566 -39.69 -6.27 5.08
N VAL F 567 -39.22 -7.39 4.55
CA VAL F 567 -39.18 -7.53 3.09
C VAL F 567 -40.57 -7.74 2.53
N GLU F 568 -41.47 -8.37 3.30
CA GLU F 568 -42.83 -8.63 2.83
C GLU F 568 -43.86 -7.61 3.34
N LYS F 569 -43.43 -6.53 3.99
CA LYS F 569 -44.29 -5.87 4.98
C LYS F 569 -45.14 -4.75 4.39
N LEU F 570 -44.49 -3.65 3.96
CA LEU F 570 -45.23 -2.49 3.46
C LEU F 570 -46.26 -2.90 2.42
N ASP F 571 -45.99 -4.00 1.72
CA ASP F 571 -46.88 -4.46 0.68
C ASP F 571 -48.25 -4.82 1.25
N LEU F 572 -48.29 -5.74 2.20
CA LEU F 572 -49.59 -6.18 2.69
C LEU F 572 -50.14 -5.23 3.74
N THR F 573 -49.31 -4.35 4.30
CA THR F 573 -49.79 -3.48 5.37
C THR F 573 -50.69 -2.35 4.87
N LEU F 574 -50.25 -1.62 3.84
CA LEU F 574 -50.91 -0.40 3.40
C LEU F 574 -51.98 -0.62 2.34
N GLU F 575 -52.12 -1.84 1.82
CA GLU F 575 -52.59 -2.01 0.45
C GLU F 575 -53.92 -1.31 0.21
N ILE F 576 -53.89 -0.40 -0.77
CA ILE F 576 -55.08 0.23 -1.33
C ILE F 576 -55.56 -0.55 -2.54
N GLN F 577 -54.89 -1.68 -2.82
CA GLN F 577 -54.95 -2.50 -4.03
C GLN F 577 -54.18 -1.80 -5.12
N THR F 578 -53.95 -0.50 -4.95
CA THR F 578 -53.09 0.25 -5.84
C THR F 578 -51.62 0.09 -5.45
N VAL F 579 -51.32 0.27 -4.16
CA VAL F 579 -49.94 0.17 -3.69
C VAL F 579 -49.53 -1.28 -3.47
N GLY F 580 -50.46 -2.12 -3.00
CA GLY F 580 -50.14 -3.51 -2.76
C GLY F 580 -49.61 -4.19 -4.00
N GLU F 581 -50.35 -4.09 -5.11
CA GLU F 581 -49.90 -4.67 -6.38
C GLU F 581 -48.45 -4.28 -6.68
N GLN F 582 -48.14 -2.98 -6.60
CA GLN F 582 -46.78 -2.52 -6.83
C GLN F 582 -45.83 -3.33 -5.97
N GLU F 583 -45.91 -3.12 -4.66
CA GLU F 583 -44.96 -3.77 -3.78
C GLU F 583 -44.96 -5.28 -3.92
N ASN F 584 -46.03 -5.88 -4.47
CA ASN F 584 -45.99 -7.29 -4.82
C ASN F 584 -44.98 -7.55 -5.93
N GLY F 585 -45.22 -6.94 -7.09
CA GLY F 585 -44.26 -7.06 -8.17
C GLY F 585 -42.90 -6.62 -7.75
N ASP F 586 -42.82 -5.85 -6.67
CA ASP F 586 -41.55 -5.40 -6.14
C ASP F 586 -40.90 -6.47 -5.28
N GLU F 587 -41.72 -7.32 -4.64
CA GLU F 587 -41.16 -8.37 -3.81
C GLU F 587 -40.60 -9.51 -4.64
N ALA F 588 -41.34 -9.91 -5.68
CA ALA F 588 -41.01 -11.17 -6.35
C ALA F 588 -39.53 -11.36 -6.72
N PRO F 589 -38.88 -10.38 -7.48
CA PRO F 589 -37.55 -10.65 -8.07
C PRO F 589 -36.42 -10.23 -7.14
N GLY F 590 -36.13 -11.07 -6.17
CA GLY F 590 -35.23 -10.57 -5.15
C GLY F 590 -36.00 -9.82 -4.09
N VAL F 591 -35.50 -9.90 -2.87
CA VAL F 591 -36.29 -9.42 -1.73
C VAL F 591 -36.34 -7.90 -1.78
N TRP F 592 -37.12 -7.31 -0.87
CA TRP F 592 -36.96 -5.88 -0.62
C TRP F 592 -35.60 -5.59 -0.04
N MET F 593 -34.90 -6.63 0.41
CA MET F 593 -33.55 -6.50 0.93
C MET F 593 -33.56 -5.66 2.19
N ILE F 594 -34.71 -5.60 2.85
CA ILE F 594 -34.89 -4.81 4.07
C ILE F 594 -34.89 -5.77 5.24
N PRO F 595 -33.96 -5.64 6.17
CA PRO F 595 -34.06 -6.35 7.44
C PRO F 595 -34.94 -5.60 8.44
N THR F 596 -35.43 -6.35 9.44
CA THR F 596 -36.34 -5.79 10.45
C THR F 596 -35.60 -5.17 11.62
N SER F 597 -35.02 -5.99 12.48
CA SER F 597 -34.25 -5.50 13.62
C SER F 597 -32.78 -5.58 13.25
N ASP F 598 -32.15 -4.42 13.12
CA ASP F 598 -30.73 -4.38 12.84
C ASP F 598 -29.88 -5.21 13.79
N PRO F 599 -30.20 -5.33 15.08
CA PRO F 599 -29.41 -6.27 15.90
C PRO F 599 -29.36 -7.64 15.28
N ALA F 600 -30.52 -8.18 14.91
CA ALA F 600 -30.54 -9.36 14.06
C ALA F 600 -29.84 -9.08 12.75
N ALA F 601 -30.25 -8.01 12.07
CA ALA F 601 -29.83 -7.75 10.70
C ALA F 601 -28.33 -7.75 10.53
N ASN F 602 -27.60 -7.59 11.61
CA ASN F 602 -26.28 -7.03 11.53
C ASN F 602 -25.33 -7.86 12.38
N LEU F 603 -25.67 -8.03 13.67
CA LEU F 603 -25.00 -9.09 14.39
C LEU F 603 -25.07 -10.36 13.57
N HIS F 604 -26.14 -10.51 12.85
CA HIS F 604 -26.31 -11.45 11.79
C HIS F 604 -25.05 -11.47 10.92
N PRO F 605 -24.66 -10.38 10.27
CA PRO F 605 -23.30 -10.34 9.73
C PRO F 605 -22.22 -10.62 10.73
N ALA F 606 -22.41 -10.21 11.98
CA ALA F 606 -21.26 -9.95 12.83
C ALA F 606 -20.27 -11.09 12.83
N LYS F 607 -20.63 -12.19 13.49
CA LYS F 607 -19.72 -13.32 13.55
C LYS F 607 -19.16 -13.54 12.17
N PRO F 608 -20.01 -13.69 11.16
CA PRO F 608 -19.45 -13.77 9.82
C PRO F 608 -18.66 -12.53 9.49
N LYS F 609 -19.27 -11.37 9.68
CA LYS F 609 -18.59 -10.13 9.34
C LYS F 609 -17.27 -10.06 10.06
N ASP F 610 -17.27 -10.42 11.33
CA ASP F 610 -16.04 -10.53 12.09
C ASP F 610 -15.05 -11.43 11.37
N PHE F 611 -15.33 -12.69 11.45
CA PHE F 611 -14.31 -13.68 11.21
C PHE F 611 -13.93 -13.75 9.80
N SER F 612 -14.56 -12.93 8.99
CA SER F 612 -14.60 -13.04 7.55
C SER F 612 -13.24 -13.47 7.06
N ALA F 613 -12.24 -12.65 7.26
CA ALA F 613 -10.92 -13.15 6.96
C ALA F 613 -10.36 -14.00 8.09
N PHE F 614 -11.07 -14.15 9.20
CA PHE F 614 -10.42 -14.72 10.37
C PHE F 614 -10.35 -16.24 10.28
N ILE F 615 -11.47 -16.92 10.46
CA ILE F 615 -11.32 -18.35 10.76
C ILE F 615 -11.11 -19.15 9.48
N ASN F 616 -11.00 -18.47 8.35
CA ASN F 616 -10.62 -19.11 7.10
C ASN F 616 -9.36 -19.96 7.26
N LEU F 617 -8.22 -19.31 7.37
CA LEU F 617 -6.98 -20.03 7.56
C LEU F 617 -6.82 -20.45 8.99
N VAL F 618 -7.46 -19.74 9.90
CA VAL F 618 -7.48 -20.16 11.27
C VAL F 618 -8.22 -21.49 11.37
N GLU F 619 -7.90 -22.24 12.42
CA GLU F 619 -8.08 -23.68 12.43
C GLU F 619 -7.55 -24.29 11.14
N PHE F 620 -6.25 -24.15 11.03
CA PHE F 620 -5.48 -25.00 10.15
C PHE F 620 -5.27 -26.37 10.76
N CYS F 621 -5.68 -26.55 12.02
CA CYS F 621 -5.20 -27.67 12.81
C CYS F 621 -5.73 -28.98 12.26
N ARG F 622 -4.85 -29.98 12.16
CA ARG F 622 -5.27 -31.26 11.65
C ARG F 622 -6.00 -32.07 12.70
N GLU F 623 -5.38 -32.19 13.89
CA GLU F 623 -5.93 -33.08 14.91
C GLU F 623 -7.38 -32.76 15.20
N ILE F 624 -7.69 -31.47 15.35
CA ILE F 624 -9.01 -31.04 15.79
C ILE F 624 -9.92 -30.72 14.63
N LEU F 625 -9.47 -30.92 13.42
CA LEU F 625 -10.37 -30.64 12.33
C LEU F 625 -10.54 -31.88 11.47
N PRO F 626 -10.99 -33.00 12.03
CA PRO F 626 -11.89 -33.88 11.27
C PRO F 626 -13.33 -33.46 11.38
N GLU F 627 -13.76 -33.14 12.60
CA GLU F 627 -15.17 -32.88 12.82
C GLU F 627 -15.55 -31.48 12.41
N LYS F 628 -14.76 -30.50 12.82
CA LYS F 628 -14.97 -29.15 12.32
C LYS F 628 -15.07 -29.17 10.83
N GLN F 629 -14.41 -30.13 10.21
CA GLN F 629 -14.68 -30.33 8.81
C GLN F 629 -16.15 -30.66 8.62
N ALA F 630 -16.50 -31.90 8.93
CA ALA F 630 -17.49 -32.59 8.13
C ALA F 630 -18.90 -32.25 8.59
N GLU F 631 -19.31 -32.80 9.71
CA GLU F 631 -20.60 -32.45 10.27
C GLU F 631 -20.58 -30.95 10.45
N PHE F 632 -19.54 -30.44 11.13
CA PHE F 632 -19.48 -29.03 11.48
C PHE F 632 -19.67 -28.12 10.28
N PHE F 633 -19.19 -28.53 9.11
CA PHE F 633 -19.68 -27.96 7.89
C PHE F 633 -21.20 -27.88 7.88
N GLU F 634 -21.82 -29.02 7.95
CA GLU F 634 -23.23 -29.23 7.61
C GLU F 634 -24.20 -28.24 8.26
N PRO F 635 -24.29 -28.24 9.58
CA PRO F 635 -25.57 -27.89 10.20
C PRO F 635 -26.13 -26.61 9.66
N TRP F 636 -25.23 -25.65 9.57
CA TRP F 636 -25.45 -24.45 8.79
C TRP F 636 -26.01 -24.81 7.43
N VAL F 637 -25.21 -25.55 6.67
CA VAL F 637 -25.55 -25.79 5.28
C VAL F 637 -26.96 -26.35 5.20
N TYR F 638 -27.32 -27.21 6.14
CA TYR F 638 -28.72 -27.57 6.28
C TYR F 638 -29.55 -26.32 6.47
N SER F 639 -29.19 -25.51 7.46
CA SER F 639 -30.00 -24.37 7.84
C SER F 639 -30.24 -23.44 6.68
N PHE F 640 -29.46 -23.59 5.62
CA PHE F 640 -29.37 -22.54 4.62
C PHE F 640 -30.71 -22.01 4.19
N SER F 641 -31.69 -22.89 3.98
CA SER F 641 -32.68 -22.66 2.94
C SER F 641 -33.24 -21.25 2.99
N TYR F 642 -33.17 -20.62 4.15
CA TYR F 642 -33.65 -19.28 4.37
C TYR F 642 -32.86 -18.25 3.56
N GLU F 643 -31.79 -18.67 2.89
CA GLU F 643 -31.08 -17.83 1.91
C GLU F 643 -30.30 -16.67 2.53
N LEU F 644 -29.53 -16.95 3.56
CA LEU F 644 -28.78 -15.90 4.24
C LEU F 644 -27.54 -15.55 3.45
N ILE F 645 -27.22 -14.27 3.41
CA ILE F 645 -25.99 -13.84 2.78
C ILE F 645 -24.88 -14.64 3.45
N LEU F 646 -25.03 -14.79 4.76
CA LEU F 646 -24.02 -15.40 5.60
C LEU F 646 -23.57 -16.73 5.06
N GLN F 647 -24.46 -17.44 4.42
CA GLN F 647 -24.46 -18.87 4.58
C GLN F 647 -23.13 -19.50 4.25
N SER F 648 -22.87 -19.60 2.95
CA SER F 648 -21.71 -20.33 2.51
C SER F 648 -20.49 -19.86 3.23
N THR F 649 -20.54 -18.63 3.67
CA THR F 649 -19.40 -17.78 3.51
C THR F 649 -18.13 -18.53 3.80
N ARG F 650 -17.91 -18.88 5.05
CA ARG F 650 -16.64 -19.50 5.36
C ARG F 650 -16.52 -20.86 4.72
N LEU F 651 -17.60 -21.63 4.76
CA LEU F 651 -17.52 -23.06 4.50
C LEU F 651 -16.68 -23.39 3.30
N PRO F 652 -16.91 -22.82 2.12
CA PRO F 652 -15.94 -23.04 1.07
C PRO F 652 -14.59 -22.53 1.47
N LEU F 653 -14.55 -21.30 1.99
CA LEU F 653 -13.27 -20.63 2.15
C LEU F 653 -12.33 -21.49 2.94
N ILE F 654 -12.75 -21.91 4.12
CA ILE F 654 -11.97 -22.89 4.86
C ILE F 654 -11.78 -24.14 4.03
N SER F 655 -12.84 -24.59 3.39
CA SER F 655 -12.81 -25.91 2.77
C SER F 655 -11.69 -25.97 1.76
N GLY F 656 -11.85 -25.24 0.67
CA GLY F 656 -10.76 -25.10 -0.30
C GLY F 656 -9.45 -24.79 0.36
N PHE F 657 -9.47 -23.88 1.34
CA PHE F 657 -8.28 -23.69 2.16
C PHE F 657 -7.80 -25.01 2.72
N TYR F 658 -8.73 -25.85 3.14
CA TYR F 658 -8.31 -27.03 3.85
C TYR F 658 -7.66 -28.03 2.91
N LYS F 659 -6.59 -28.63 3.43
CA LYS F 659 -5.61 -29.31 2.61
C LYS F 659 -6.04 -30.72 2.25
N LEU F 660 -6.72 -31.40 3.15
CA LEU F 660 -7.43 -32.59 2.72
C LEU F 660 -8.85 -32.13 2.51
N LEU F 661 -9.09 -31.72 1.29
CA LEU F 661 -10.30 -32.00 0.58
C LEU F 661 -10.11 -33.31 -0.14
N SER F 662 -8.87 -33.78 -0.18
CA SER F 662 -8.56 -35.14 -0.60
C SER F 662 -9.50 -36.12 0.05
N ILE F 663 -9.79 -35.93 1.33
CA ILE F 663 -10.94 -36.56 1.94
C ILE F 663 -12.18 -36.31 1.08
N THR F 664 -12.61 -35.05 1.04
CA THR F 664 -13.83 -34.67 0.34
C THR F 664 -13.78 -35.07 -1.13
N VAL F 665 -12.83 -34.50 -1.89
CA VAL F 665 -12.87 -34.62 -3.34
C VAL F 665 -12.80 -36.08 -3.75
N ARG F 666 -11.82 -36.80 -3.23
CA ARG F 666 -11.58 -38.17 -3.67
C ARG F 666 -12.70 -39.09 -3.22
N ASN F 667 -13.00 -39.10 -1.92
CA ASN F 667 -13.98 -40.06 -1.44
C ASN F 667 -15.36 -39.74 -2.01
N ALA F 668 -15.71 -38.45 -1.97
CA ALA F 668 -16.91 -37.99 -2.65
C ALA F 668 -16.91 -38.38 -4.11
N LYS F 669 -15.73 -38.50 -4.71
CA LYS F 669 -15.67 -39.12 -6.03
C LYS F 669 -16.03 -40.60 -5.93
N LYS F 670 -15.47 -41.29 -4.94
CA LYS F 670 -15.65 -42.73 -4.82
C LYS F 670 -17.13 -43.10 -4.85
N ILE F 671 -17.93 -42.40 -4.07
CA ILE F 671 -19.37 -42.61 -4.16
C ILE F 671 -19.89 -42.03 -5.47
N LYS F 672 -19.47 -40.81 -5.77
CA LYS F 672 -19.79 -40.16 -7.05
C LYS F 672 -19.45 -41.03 -8.23
N TYR F 673 -18.43 -41.86 -8.08
CA TYR F 673 -18.00 -42.79 -9.10
C TYR F 673 -19.12 -43.75 -9.49
N LYS F 691 -20.11 -38.43 7.12
CA LYS F 691 -18.76 -38.33 6.57
C LYS F 691 -18.85 -38.47 5.08
N TYR F 692 -18.98 -39.72 4.67
CA TYR F 692 -18.95 -40.05 3.26
C TYR F 692 -20.11 -39.41 2.53
N SER F 693 -21.33 -39.77 2.91
CA SER F 693 -22.47 -39.09 2.34
C SER F 693 -22.45 -37.62 2.69
N CYS F 694 -21.84 -37.29 3.83
CA CYS F 694 -21.59 -35.88 4.11
C CYS F 694 -20.82 -35.27 2.96
N PHE F 695 -19.83 -35.99 2.44
CA PHE F 695 -19.16 -35.47 1.26
C PHE F 695 -20.13 -35.43 0.09
N ALA F 696 -21.07 -36.37 0.05
CA ALA F 696 -21.97 -36.41 -1.09
C ALA F 696 -22.85 -35.17 -1.17
N LEU F 697 -23.68 -34.94 -0.16
CA LEU F 697 -24.49 -33.73 -0.10
C LEU F 697 -23.61 -32.51 -0.24
N PHE F 698 -22.52 -32.56 0.47
CA PHE F 698 -21.44 -31.62 0.52
C PHE F 698 -21.14 -31.22 -0.89
N VAL F 699 -21.11 -32.19 -1.77
CA VAL F 699 -21.23 -31.89 -3.19
C VAL F 699 -22.57 -31.22 -3.38
N LYS F 700 -23.61 -31.99 -3.13
CA LYS F 700 -24.79 -31.94 -3.95
C LYS F 700 -25.39 -30.56 -4.02
N PHE F 701 -24.94 -29.66 -3.16
CA PHE F 701 -25.39 -28.27 -3.25
C PHE F 701 -25.44 -27.77 -4.68
N GLY F 702 -24.49 -28.22 -5.49
CA GLY F 702 -23.94 -27.35 -6.49
C GLY F 702 -24.92 -26.68 -7.40
N LYS F 703 -25.70 -27.40 -8.19
CA LYS F 703 -26.59 -26.71 -9.11
C LYS F 703 -27.61 -25.90 -8.36
N GLU F 704 -28.24 -26.57 -7.41
CA GLU F 704 -29.34 -26.01 -6.65
C GLU F 704 -28.96 -24.63 -6.22
N VAL F 705 -27.86 -24.58 -5.51
CA VAL F 705 -27.14 -23.37 -5.22
C VAL F 705 -27.07 -22.53 -6.48
N ALA F 706 -26.36 -23.06 -7.47
CA ALA F 706 -25.84 -22.26 -8.56
C ALA F 706 -26.94 -21.46 -9.20
N VAL F 707 -27.78 -22.17 -9.93
CA VAL F 707 -28.96 -21.61 -10.54
C VAL F 707 -29.59 -20.75 -9.47
N LYS F 708 -29.90 -21.39 -8.36
CA LYS F 708 -30.77 -20.79 -7.38
C LYS F 708 -30.45 -19.33 -7.19
N MET F 709 -29.19 -19.01 -7.12
CA MET F 709 -28.86 -17.60 -7.04
C MET F 709 -28.89 -16.98 -8.41
N LYS F 710 -28.38 -17.70 -9.41
CA LYS F 710 -28.28 -17.15 -10.75
C LYS F 710 -29.58 -16.48 -11.11
N GLN F 711 -30.66 -17.19 -10.85
CA GLN F 711 -31.97 -16.65 -11.10
C GLN F 711 -32.25 -15.61 -10.02
N TYR F 712 -32.53 -16.09 -8.81
CA TYR F 712 -33.18 -15.22 -7.84
C TYR F 712 -32.20 -14.30 -7.15
N LYS F 713 -31.11 -14.83 -6.63
CA LYS F 713 -30.30 -14.03 -5.74
C LYS F 713 -29.55 -12.96 -6.53
N ASP F 714 -29.13 -11.92 -5.82
CA ASP F 714 -28.91 -10.60 -6.37
C ASP F 714 -27.44 -10.29 -6.61
N GLU F 715 -27.21 -9.22 -7.37
CA GLU F 715 -25.88 -8.64 -7.40
C GLU F 715 -25.49 -8.23 -6.00
N LEU F 716 -26.43 -7.68 -5.25
CA LEU F 716 -26.22 -7.65 -3.83
C LEU F 716 -26.09 -9.09 -3.34
N LEU F 717 -27.22 -9.79 -3.31
CA LEU F 717 -27.26 -11.11 -2.71
C LEU F 717 -26.35 -12.09 -3.42
N ALA F 718 -26.81 -12.57 -4.57
CA ALA F 718 -26.13 -13.68 -5.20
C ALA F 718 -24.66 -13.40 -5.22
N SER F 719 -24.29 -12.27 -5.80
CA SER F 719 -22.89 -12.06 -6.09
C SER F 719 -22.04 -12.53 -4.93
N CYS F 720 -22.21 -11.92 -3.76
CA CYS F 720 -21.51 -12.45 -2.62
C CYS F 720 -21.82 -13.93 -2.45
N LEU F 721 -23.09 -14.29 -2.52
CA LEU F 721 -23.48 -15.67 -2.29
C LEU F 721 -22.79 -16.63 -3.24
N THR F 722 -23.19 -16.55 -4.50
CA THR F 722 -22.62 -17.30 -5.59
C THR F 722 -21.16 -17.39 -5.47
N PHE F 723 -20.52 -16.24 -5.35
CA PHE F 723 -19.09 -16.24 -5.37
C PHE F 723 -18.57 -17.07 -4.21
N LEU F 724 -19.23 -16.96 -3.06
CA LEU F 724 -18.99 -17.96 -2.03
C LEU F 724 -19.15 -19.34 -2.62
N LEU F 725 -20.00 -19.46 -3.62
CA LEU F 725 -20.44 -20.74 -4.07
C LEU F 725 -19.73 -21.22 -5.31
N SER F 726 -18.77 -20.47 -5.81
CA SER F 726 -17.99 -20.99 -6.91
C SER F 726 -16.94 -21.95 -6.39
N LEU F 727 -16.19 -21.53 -5.39
CA LEU F 727 -15.17 -22.33 -4.74
C LEU F 727 -15.71 -23.68 -4.33
N PRO F 728 -16.98 -23.80 -4.05
CA PRO F 728 -17.54 -25.15 -4.02
C PRO F 728 -17.05 -25.98 -5.18
N HIS F 729 -16.70 -25.36 -6.30
CA HIS F 729 -15.81 -26.10 -7.16
C HIS F 729 -14.43 -26.32 -6.56
N ASN F 730 -13.87 -25.30 -5.89
CA ASN F 730 -12.52 -25.43 -5.34
C ASN F 730 -12.39 -26.71 -4.54
N ILE F 731 -13.50 -27.22 -4.02
CA ILE F 731 -13.45 -28.52 -3.40
C ILE F 731 -13.94 -29.66 -4.31
N ILE F 732 -14.59 -29.37 -5.44
CA ILE F 732 -15.15 -30.45 -6.25
C ILE F 732 -14.23 -30.87 -7.38
N GLU F 733 -12.94 -30.55 -7.31
CA GLU F 733 -12.05 -30.78 -8.45
C GLU F 733 -12.40 -32.02 -9.23
N LEU F 734 -12.17 -33.19 -8.64
CA LEU F 734 -12.67 -34.41 -9.24
C LEU F 734 -14.17 -34.29 -9.46
N ASP F 735 -14.86 -33.75 -8.48
CA ASP F 735 -16.29 -33.90 -8.38
C ASP F 735 -17.01 -32.78 -9.08
N VAL F 736 -16.28 -31.86 -9.69
CA VAL F 736 -16.83 -31.14 -10.80
C VAL F 736 -17.39 -32.16 -11.77
N ARG F 737 -18.55 -31.87 -12.35
CA ARG F 737 -18.96 -32.52 -13.58
C ARG F 737 -19.42 -31.53 -14.63
N ALA F 738 -20.54 -30.85 -14.44
CA ALA F 738 -21.06 -30.14 -15.61
C ALA F 738 -20.73 -28.67 -15.60
N TYR F 739 -21.52 -27.89 -14.87
CA TYR F 739 -21.15 -26.54 -14.48
C TYR F 739 -20.82 -25.68 -15.65
N VAL F 740 -21.27 -26.09 -16.83
CA VAL F 740 -21.11 -25.23 -17.99
C VAL F 740 -21.74 -23.88 -17.66
N PRO F 741 -22.81 -23.80 -16.85
CA PRO F 741 -23.26 -22.48 -16.43
C PRO F 741 -22.36 -21.84 -15.39
N ALA F 742 -21.56 -22.63 -14.68
CA ALA F 742 -20.97 -22.17 -13.44
C ALA F 742 -20.37 -20.81 -13.60
N LEU F 743 -19.27 -20.75 -14.30
CA LEU F 743 -18.74 -19.47 -14.72
C LEU F 743 -19.61 -18.76 -15.72
N GLN F 744 -20.48 -19.48 -16.42
CA GLN F 744 -21.21 -18.88 -17.53
C GLN F 744 -21.96 -17.66 -17.02
N MET F 745 -22.91 -17.90 -16.13
CA MET F 745 -23.44 -16.80 -15.34
C MET F 745 -22.32 -16.21 -14.48
N ALA F 746 -21.61 -17.07 -13.77
CA ALA F 746 -20.80 -16.67 -12.62
C ALA F 746 -19.72 -15.66 -12.95
N PHE F 747 -18.68 -16.08 -13.63
CA PHE F 747 -17.51 -15.24 -13.68
C PHE F 747 -17.80 -14.02 -14.52
N LYS F 748 -18.67 -14.20 -15.52
CA LYS F 748 -19.21 -13.05 -16.22
C LYS F 748 -19.71 -12.03 -15.23
N LEU F 749 -20.59 -12.45 -14.32
CA LEU F 749 -20.90 -11.57 -13.21
C LEU F 749 -19.65 -11.04 -12.55
N GLY F 750 -18.58 -11.83 -12.50
CA GLY F 750 -17.37 -11.28 -11.95
C GLY F 750 -16.91 -10.01 -12.64
N LEU F 751 -16.59 -10.07 -13.94
CA LEU F 751 -16.13 -8.85 -14.63
C LEU F 751 -17.20 -8.14 -15.46
N SER F 752 -18.45 -8.61 -15.46
CA SER F 752 -19.50 -7.84 -16.12
C SER F 752 -20.03 -6.74 -15.21
N TYR F 753 -20.64 -7.11 -14.08
CA TYR F 753 -21.21 -6.12 -13.17
C TYR F 753 -20.26 -5.58 -12.13
N THR F 754 -19.14 -6.25 -11.85
CA THR F 754 -18.08 -5.66 -11.03
C THR F 754 -16.71 -6.02 -11.57
N PRO F 755 -16.39 -5.62 -12.81
CA PRO F 755 -14.98 -5.41 -13.13
C PRO F 755 -14.43 -4.35 -12.26
N LEU F 756 -15.32 -3.50 -11.75
CA LEU F 756 -15.05 -2.56 -10.70
C LEU F 756 -14.78 -3.22 -9.36
N ALA F 757 -15.55 -4.26 -8.96
CA ALA F 757 -15.31 -4.94 -7.68
C ALA F 757 -14.78 -6.34 -7.94
N GLU F 758 -13.50 -6.52 -7.71
CA GLU F 758 -12.73 -7.72 -8.01
C GLU F 758 -13.13 -8.89 -7.14
N VAL F 759 -14.07 -8.65 -6.25
CA VAL F 759 -14.35 -9.49 -5.09
C VAL F 759 -14.31 -10.94 -5.48
N GLY F 760 -15.26 -11.36 -6.30
CA GLY F 760 -15.16 -12.71 -6.82
C GLY F 760 -14.05 -12.82 -7.81
N LEU F 761 -13.76 -11.75 -8.51
CA LEU F 761 -13.02 -11.78 -9.76
C LEU F 761 -11.76 -12.58 -9.50
N ASN F 762 -11.26 -12.38 -8.31
CA ASN F 762 -10.18 -13.14 -7.72
C ASN F 762 -10.45 -14.61 -7.97
N ALA F 763 -11.51 -15.05 -7.31
CA ALA F 763 -11.91 -16.44 -7.43
C ALA F 763 -11.97 -16.85 -8.89
N LEU F 764 -12.61 -16.04 -9.73
CA LEU F 764 -12.97 -16.50 -11.07
C LEU F 764 -11.80 -17.21 -11.70
N GLU F 765 -10.65 -16.59 -11.63
CA GLU F 765 -9.51 -17.21 -12.21
C GLU F 765 -8.81 -18.13 -11.24
N GLU F 766 -9.16 -18.10 -9.96
CA GLU F 766 -8.73 -19.23 -9.14
C GLU F 766 -9.35 -20.52 -9.65
N TRP F 767 -10.68 -20.49 -9.81
CA TRP F 767 -11.38 -21.54 -10.52
C TRP F 767 -10.64 -21.89 -11.78
N SER F 768 -10.32 -20.87 -12.57
CA SER F 768 -9.54 -21.12 -13.76
C SER F 768 -8.31 -21.94 -13.40
N ILE F 769 -7.66 -21.59 -12.30
CA ILE F 769 -6.37 -22.14 -11.96
C ILE F 769 -6.52 -23.64 -11.90
N TYR F 770 -7.44 -24.07 -11.07
CA TYR F 770 -7.46 -25.49 -10.74
C TYR F 770 -8.24 -26.29 -11.77
N ILE F 771 -9.35 -25.75 -12.23
CA ILE F 771 -10.07 -26.43 -13.30
C ILE F 771 -9.14 -26.70 -14.45
N ASP F 772 -8.26 -25.75 -14.73
CA ASP F 772 -7.09 -26.07 -15.49
C ASP F 772 -6.38 -27.22 -14.81
N ARG F 773 -5.74 -26.88 -13.69
CA ARG F 773 -4.79 -27.75 -13.06
C ARG F 773 -5.40 -29.02 -12.55
N HIS F 774 -6.72 -29.09 -12.49
CA HIS F 774 -7.34 -30.37 -12.23
C HIS F 774 -8.15 -30.71 -13.47
N VAL F 775 -7.61 -31.65 -14.26
CA VAL F 775 -8.34 -32.47 -15.21
C VAL F 775 -9.33 -31.68 -16.06
N MET F 776 -8.84 -30.92 -17.05
CA MET F 776 -9.72 -30.32 -18.05
C MET F 776 -9.72 -31.08 -19.38
N GLN F 777 -9.01 -32.19 -19.46
CA GLN F 777 -8.48 -32.72 -20.71
C GLN F 777 -9.50 -32.99 -21.80
N PRO F 778 -10.72 -33.38 -21.50
CA PRO F 778 -11.82 -33.12 -22.44
C PRO F 778 -12.40 -31.72 -22.33
N TYR F 779 -12.35 -31.20 -21.11
CA TYR F 779 -13.42 -30.30 -20.67
C TYR F 779 -13.26 -28.93 -21.26
N TYR F 780 -12.06 -28.60 -21.64
CA TYR F 780 -11.80 -27.42 -22.44
C TYR F 780 -12.74 -27.38 -23.63
N LYS F 781 -13.05 -28.54 -24.19
CA LYS F 781 -14.03 -28.59 -25.25
C LYS F 781 -15.31 -27.95 -24.78
N ASP F 782 -15.72 -28.32 -23.58
CA ASP F 782 -16.51 -27.42 -22.77
C ASP F 782 -15.79 -26.09 -22.59
N ILE F 783 -14.73 -26.11 -21.80
CA ILE F 783 -14.27 -24.90 -21.12
C ILE F 783 -13.89 -23.84 -22.14
N LEU F 784 -13.05 -24.18 -23.09
CA LEU F 784 -12.54 -23.16 -24.00
C LEU F 784 -13.64 -22.45 -24.78
N PRO F 785 -14.59 -23.13 -25.44
CA PRO F 785 -15.66 -22.40 -26.10
C PRO F 785 -16.27 -21.34 -25.22
N CYS F 786 -16.27 -21.58 -23.92
CA CYS F 786 -16.57 -20.50 -23.00
C CYS F 786 -15.39 -19.55 -22.88
N LEU F 787 -14.22 -20.08 -22.49
CA LEU F 787 -13.15 -19.27 -21.94
C LEU F 787 -12.88 -18.02 -22.76
N ASP F 788 -12.33 -18.22 -23.96
CA ASP F 788 -12.00 -17.08 -24.81
C ASP F 788 -13.20 -16.16 -24.99
N GLY F 789 -14.33 -16.72 -25.40
CA GLY F 789 -15.48 -15.89 -25.69
C GLY F 789 -16.04 -15.19 -24.49
N TYR F 790 -15.41 -15.39 -23.33
CA TYR F 790 -15.81 -14.82 -22.07
C TYR F 790 -14.59 -14.20 -21.40
N LEU F 791 -13.58 -15.03 -21.13
CA LEU F 791 -12.33 -14.53 -20.57
C LEU F 791 -11.75 -13.42 -21.43
N LYS F 792 -12.34 -13.20 -22.59
CA LYS F 792 -12.06 -12.02 -23.40
C LYS F 792 -12.03 -10.74 -22.55
N THR F 793 -12.93 -10.58 -21.60
CA THR F 793 -12.92 -9.36 -20.80
C THR F 793 -11.90 -9.44 -19.68
N SER F 794 -11.44 -10.65 -19.37
CA SER F 794 -10.32 -10.84 -18.46
C SER F 794 -9.17 -9.91 -18.80
N ALA F 795 -8.85 -9.76 -20.08
CA ALA F 795 -7.80 -8.85 -20.47
C ALA F 795 -8.27 -7.42 -20.32
N LEU F 796 -9.19 -6.97 -21.17
CA LEU F 796 -9.73 -5.64 -20.99
C LEU F 796 -11.09 -5.72 -20.35
N SER F 797 -11.11 -5.47 -19.06
CA SER F 797 -11.98 -4.47 -18.49
C SER F 797 -11.21 -3.19 -18.19
N ASP F 798 -9.90 -3.14 -18.51
CA ASP F 798 -9.04 -2.02 -18.10
C ASP F 798 -9.34 -0.72 -18.83
N GLU F 799 -9.23 -0.72 -20.14
CA GLU F 799 -9.21 0.51 -20.92
C GLU F 799 -9.70 0.21 -22.32
N THR F 800 -10.07 1.26 -23.05
CA THR F 800 -10.62 1.08 -24.37
C THR F 800 -9.53 0.68 -25.35
N ILE F 837 -7.67 -5.29 -5.33
CA ILE F 837 -6.33 -4.95 -5.75
C ILE F 837 -6.36 -4.39 -7.17
N SER F 838 -5.33 -4.64 -7.98
CA SER F 838 -5.17 -3.89 -9.22
C SER F 838 -5.85 -4.55 -10.39
N LEU F 839 -6.71 -3.79 -11.05
CA LEU F 839 -7.31 -4.21 -12.29
C LEU F 839 -6.23 -4.68 -13.26
N GLU F 840 -5.21 -3.87 -13.45
CA GLU F 840 -4.08 -4.32 -14.23
C GLU F 840 -3.62 -5.68 -13.73
N GLU F 841 -3.33 -5.78 -12.44
CA GLU F 841 -2.90 -7.05 -11.86
C GLU F 841 -3.80 -8.17 -12.31
N ILE F 842 -5.08 -7.91 -12.39
CA ILE F 842 -5.99 -8.87 -12.95
C ILE F 842 -5.39 -9.27 -14.27
N ARG F 843 -5.35 -8.31 -15.19
CA ARG F 843 -4.92 -8.56 -16.55
C ARG F 843 -3.65 -9.40 -16.57
N ILE F 844 -2.76 -9.08 -15.63
CA ILE F 844 -1.55 -9.85 -15.39
C ILE F 844 -1.92 -11.29 -15.34
N ARG F 845 -2.60 -11.63 -14.27
CA ARG F 845 -2.83 -13.02 -14.00
C ARG F 845 -3.71 -13.63 -15.07
N VAL F 846 -4.49 -12.80 -15.75
CA VAL F 846 -5.22 -13.24 -16.92
C VAL F 846 -4.27 -13.90 -17.90
N VAL F 847 -3.33 -13.13 -18.41
CA VAL F 847 -2.39 -13.71 -19.35
C VAL F 847 -1.67 -14.87 -18.70
N GLN F 848 -1.38 -14.75 -17.40
CA GLN F 848 -0.65 -15.81 -16.72
C GLN F 848 -1.38 -17.13 -16.86
N MET F 849 -2.69 -17.12 -16.68
CA MET F 849 -3.51 -18.22 -17.12
C MET F 849 -3.18 -18.56 -18.56
N LEU F 850 -3.43 -17.59 -19.45
CA LEU F 850 -3.41 -17.86 -20.87
C LEU F 850 -2.20 -18.67 -21.27
N GLY F 851 -1.02 -18.21 -20.87
CA GLY F 851 0.19 -18.92 -21.18
C GLY F 851 0.38 -20.16 -20.34
N SER F 852 -0.20 -20.18 -19.13
CA SER F 852 -0.06 -21.38 -18.33
C SER F 852 -0.52 -22.60 -19.09
N LEU F 853 -1.31 -22.41 -20.14
CA LEU F 853 -1.40 -23.40 -21.21
C LEU F 853 -1.00 -22.78 -22.54
N GLY F 854 -1.89 -22.02 -23.14
CA GLY F 854 -1.49 -21.33 -24.35
C GLY F 854 -1.67 -22.16 -25.60
N GLY F 855 -1.96 -21.47 -26.70
CA GLY F 855 -2.16 -22.04 -28.01
C GLY F 855 -3.59 -22.45 -28.29
N GLN F 856 -4.35 -22.75 -27.26
CA GLN F 856 -5.77 -23.02 -27.34
C GLN F 856 -6.60 -21.80 -27.01
N ILE F 857 -5.98 -20.77 -26.48
CA ILE F 857 -6.64 -19.73 -25.70
C ILE F 857 -7.11 -18.66 -26.66
N ASN F 858 -7.12 -19.01 -27.93
CA ASN F 858 -6.98 -18.05 -28.99
C ASN F 858 -8.28 -17.36 -29.41
N LYS F 859 -9.41 -18.05 -29.29
CA LYS F 859 -10.34 -18.03 -30.41
C LYS F 859 -11.74 -17.56 -30.02
N ASN F 860 -12.41 -18.32 -29.17
CA ASN F 860 -13.83 -18.07 -28.92
C ASN F 860 -14.08 -16.62 -28.56
N LEU F 861 -13.08 -15.98 -27.97
CA LEU F 861 -13.01 -14.54 -27.94
C LEU F 861 -13.29 -13.96 -29.31
N LEU F 862 -12.65 -14.52 -30.34
CA LEU F 862 -12.72 -13.97 -31.68
C LEU F 862 -14.04 -14.30 -32.37
N THR F 863 -14.48 -15.55 -32.32
CA THR F 863 -15.70 -15.86 -33.07
C THR F 863 -16.97 -15.50 -32.30
N VAL F 864 -16.94 -15.63 -30.98
CA VAL F 864 -18.11 -15.27 -30.18
C VAL F 864 -18.18 -13.76 -30.03
N THR F 865 -17.06 -13.15 -29.69
CA THR F 865 -16.98 -11.71 -29.81
C THR F 865 -17.43 -11.30 -31.20
N SER F 866 -17.07 -12.09 -32.21
CA SER F 866 -17.65 -11.92 -33.52
C SER F 866 -19.15 -12.12 -33.48
N SER F 867 -19.67 -12.79 -32.46
CA SER F 867 -21.11 -12.92 -32.30
C SER F 867 -21.71 -11.79 -31.48
N ASP F 868 -20.93 -10.78 -31.11
CA ASP F 868 -21.38 -9.75 -30.19
C ASP F 868 -21.88 -8.45 -30.83
N GLU F 869 -22.00 -8.37 -32.16
CA GLU F 869 -22.46 -7.17 -32.88
C GLU F 869 -21.53 -5.97 -32.64
N MET F 870 -20.32 -6.08 -33.17
CA MET F 870 -19.50 -4.89 -33.22
C MET F 870 -20.10 -3.87 -34.18
N MET F 871 -20.77 -4.36 -35.21
CA MET F 871 -20.97 -3.64 -36.45
C MET F 871 -22.35 -3.03 -36.66
N LYS F 872 -23.29 -3.17 -35.72
CA LYS F 872 -24.67 -2.84 -36.09
C LYS F 872 -24.77 -1.37 -36.50
N SER F 873 -25.23 -1.16 -37.73
CA SER F 873 -25.21 0.16 -38.37
C SER F 873 -26.64 0.59 -38.58
N TYR F 874 -27.05 1.61 -37.84
CA TYR F 874 -28.45 1.97 -37.79
C TYR F 874 -28.69 3.46 -38.02
N VAL F 875 -28.06 4.33 -37.23
CA VAL F 875 -28.38 5.75 -37.18
C VAL F 875 -28.39 6.35 -38.58
N ALA F 876 -29.21 7.39 -38.75
CA ALA F 876 -29.59 7.85 -40.07
C ALA F 876 -30.24 6.72 -40.84
N TRP F 877 -31.08 5.96 -40.14
CA TRP F 877 -31.84 4.84 -40.68
C TRP F 877 -30.96 4.00 -41.59
N ASP F 878 -30.01 3.33 -40.95
CA ASP F 878 -28.92 2.70 -41.65
C ASP F 878 -28.29 3.70 -42.60
N ARG F 879 -28.13 4.93 -42.11
CA ARG F 879 -27.16 5.87 -42.63
C ARG F 879 -27.46 6.31 -44.07
N GLU F 880 -28.68 6.77 -44.33
CA GLU F 880 -28.91 7.34 -45.65
C GLU F 880 -28.79 8.86 -45.72
N LYS F 881 -28.72 9.56 -44.59
CA LYS F 881 -28.66 11.01 -44.56
C LYS F 881 -28.02 11.43 -43.26
N ARG F 882 -28.16 12.71 -42.94
CA ARG F 882 -27.94 13.14 -41.58
C ARG F 882 -28.96 12.49 -40.66
N LEU F 883 -28.50 12.05 -39.49
CA LEU F 883 -29.44 11.73 -38.43
C LEU F 883 -30.29 12.96 -38.14
N SER F 884 -29.71 13.93 -37.44
CA SER F 884 -30.32 15.24 -37.24
C SER F 884 -29.26 16.21 -36.74
N PHE F 885 -29.52 17.51 -36.95
CA PHE F 885 -28.86 18.57 -36.20
C PHE F 885 -29.90 19.61 -35.80
N ALA F 886 -30.25 19.68 -34.52
CA ALA F 886 -31.18 20.70 -34.03
C ALA F 886 -30.58 21.80 -33.15
N VAL F 887 -29.29 21.75 -32.81
CA VAL F 887 -28.84 22.56 -31.68
C VAL F 887 -28.35 23.95 -32.10
N PRO F 888 -28.55 24.95 -31.23
CA PRO F 888 -28.31 26.36 -31.61
C PRO F 888 -26.88 26.87 -31.47
N PHE F 889 -26.07 26.70 -32.51
CA PHE F 889 -24.82 27.43 -32.61
C PHE F 889 -24.91 28.37 -33.78
N ARG F 890 -24.87 27.79 -34.97
CA ARG F 890 -25.39 28.38 -36.19
C ARG F 890 -24.75 29.71 -36.55
N GLU F 891 -23.57 29.97 -36.00
CA GLU F 891 -22.59 30.67 -36.81
C GLU F 891 -22.20 29.80 -37.99
N MET F 892 -21.71 28.60 -37.69
CA MET F 892 -21.36 27.59 -38.68
C MET F 892 -22.46 26.58 -38.97
N LYS F 893 -23.47 26.47 -38.12
CA LYS F 893 -24.53 25.50 -38.29
C LYS F 893 -23.97 24.08 -38.46
N PRO F 894 -23.39 23.50 -37.43
CA PRO F 894 -22.77 22.17 -37.57
C PRO F 894 -23.83 21.09 -37.76
N VAL F 895 -23.38 19.83 -37.69
CA VAL F 895 -24.31 18.73 -37.89
C VAL F 895 -24.22 17.67 -36.82
N ILE F 896 -23.13 16.90 -36.81
CA ILE F 896 -22.75 15.94 -35.78
C ILE F 896 -23.88 15.01 -35.33
N PHE F 897 -23.86 14.65 -34.04
CA PHE F 897 -24.80 13.71 -33.41
C PHE F 897 -24.77 12.35 -34.06
N LEU F 898 -23.72 12.07 -34.79
CA LEU F 898 -23.77 11.01 -35.78
C LEU F 898 -23.84 9.66 -35.10
N ASP F 899 -22.78 9.25 -34.44
CA ASP F 899 -22.91 8.28 -33.38
C ASP F 899 -22.59 8.99 -32.09
N VAL F 900 -23.62 9.31 -31.33
CA VAL F 900 -23.40 9.61 -29.95
C VAL F 900 -23.70 8.40 -29.09
N PHE F 901 -23.98 7.28 -29.71
CA PHE F 901 -24.86 6.28 -29.12
C PHE F 901 -24.01 5.17 -28.54
N LEU F 902 -23.37 4.39 -29.40
CA LEU F 902 -22.34 3.48 -28.92
C LEU F 902 -21.43 4.15 -27.92
N PRO F 903 -21.10 5.42 -28.04
CA PRO F 903 -20.54 6.12 -26.89
C PRO F 903 -21.41 5.94 -25.65
N ARG F 904 -22.70 6.20 -25.77
CA ARG F 904 -23.56 6.09 -24.60
C ARG F 904 -23.47 4.69 -24.03
N VAL F 905 -23.61 3.70 -24.89
CA VAL F 905 -23.43 2.29 -24.61
C VAL F 905 -22.21 2.08 -23.75
N THR F 906 -21.07 2.41 -24.34
CA THR F 906 -19.80 2.24 -23.68
C THR F 906 -19.85 2.78 -22.26
N GLU F 907 -20.46 3.95 -22.08
CA GLU F 907 -20.80 4.36 -20.73
C GLU F 907 -21.65 3.32 -20.02
N LEU F 908 -22.63 2.77 -20.72
CA LEU F 908 -23.66 2.03 -20.04
C LEU F 908 -23.09 0.80 -19.36
N ALA F 909 -22.32 0.01 -20.10
CA ALA F 909 -21.56 -1.04 -19.44
C ALA F 909 -20.71 -0.46 -18.32
N LEU F 910 -20.16 0.73 -18.53
CA LEU F 910 -19.17 1.28 -17.62
C LEU F 910 -19.83 1.86 -16.39
N THR F 911 -19.50 1.33 -15.23
CA THR F 911 -19.43 2.15 -14.03
C THR F 911 -18.04 1.97 -13.42
N ALA F 912 -17.15 2.92 -13.71
CA ALA F 912 -15.92 3.15 -12.96
C ALA F 912 -15.75 4.64 -12.84
N SER F 913 -15.54 5.26 -14.00
CA SER F 913 -15.63 6.69 -14.18
C SER F 913 -17.05 7.12 -14.38
N ASP F 914 -17.98 6.18 -14.21
CA ASP F 914 -19.41 6.43 -14.25
C ASP F 914 -19.73 7.74 -13.59
N ARG F 915 -19.02 7.98 -12.48
CA ARG F 915 -19.05 9.26 -11.82
C ARG F 915 -18.89 10.40 -12.80
N GLN F 916 -17.88 10.33 -13.68
CA GLN F 916 -17.93 11.23 -14.81
C GLN F 916 -18.76 10.68 -15.96
N THR F 917 -18.78 9.36 -16.16
CA THR F 917 -19.20 8.85 -17.46
C THR F 917 -20.66 8.42 -17.50
N LYS F 918 -20.95 7.26 -16.93
CA LYS F 918 -22.28 6.68 -17.02
C LYS F 918 -23.32 7.74 -16.71
N VAL F 919 -23.01 8.59 -15.73
CA VAL F 919 -23.82 9.76 -15.46
C VAL F 919 -24.06 10.40 -16.82
N ALA F 920 -22.99 10.83 -17.48
CA ALA F 920 -23.15 11.50 -18.76
C ALA F 920 -24.09 10.72 -19.65
N ALA F 921 -23.96 9.39 -19.65
CA ALA F 921 -24.78 8.54 -20.50
C ALA F 921 -26.23 8.90 -20.35
N CYS F 922 -26.80 8.57 -19.20
CA CYS F 922 -28.23 8.85 -19.07
C CYS F 922 -28.47 10.34 -19.21
N GLU F 923 -27.48 11.14 -18.81
CA GLU F 923 -27.66 12.58 -18.79
C GLU F 923 -28.15 13.08 -20.13
N LEU F 924 -27.41 12.80 -21.19
CA LEU F 924 -27.94 13.33 -22.42
C LEU F 924 -28.76 12.28 -23.17
N LEU F 925 -28.95 11.11 -22.56
CA LEU F 925 -30.10 10.32 -22.96
C LEU F 925 -31.39 11.10 -22.74
N HIS F 926 -31.44 11.81 -21.60
CA HIS F 926 -32.61 12.58 -21.22
C HIS F 926 -33.06 13.50 -22.35
N SER F 927 -32.17 14.39 -22.79
CA SER F 927 -32.46 15.22 -23.94
C SER F 927 -32.27 14.46 -25.24
N MET F 928 -31.78 13.24 -25.16
CA MET F 928 -31.48 12.49 -26.36
C MET F 928 -32.77 12.10 -27.06
N VAL F 929 -33.65 11.43 -26.33
CA VAL F 929 -34.92 11.04 -26.92
C VAL F 929 -35.63 12.27 -27.45
N MET F 930 -35.98 13.18 -26.53
CA MET F 930 -36.70 14.38 -26.91
C MET F 930 -35.98 15.09 -28.04
N PHE F 931 -34.69 14.89 -28.18
CA PHE F 931 -34.02 15.38 -29.37
C PHE F 931 -34.52 14.63 -30.60
N MET F 932 -34.39 13.30 -30.60
CA MET F 932 -34.77 12.54 -31.78
C MET F 932 -36.22 12.78 -32.17
N LEU F 933 -37.15 12.38 -31.31
CA LEU F 933 -38.55 12.65 -31.60
C LEU F 933 -38.76 14.13 -31.83
N GLY F 934 -37.91 14.96 -31.22
CA GLY F 934 -38.15 16.40 -31.21
C GLY F 934 -38.29 16.96 -32.61
N LYS F 935 -37.32 16.71 -33.45
CA LYS F 935 -37.48 17.05 -34.85
C LYS F 935 -38.06 15.89 -35.64
N ALA F 936 -38.47 14.84 -34.97
CA ALA F 936 -39.21 13.77 -35.62
C ALA F 936 -40.72 13.93 -35.51
N THR F 937 -41.21 14.97 -34.83
CA THR F 937 -42.65 15.09 -34.61
C THR F 937 -43.38 15.58 -35.87
N GLN F 938 -42.86 16.62 -36.50
CA GLN F 938 -43.32 16.97 -37.84
C GLN F 938 -43.02 15.86 -38.84
N MET F 939 -42.27 14.84 -38.42
CA MET F 939 -42.00 13.61 -39.15
C MET F 939 -41.30 13.83 -40.48
N PRO F 940 -40.23 14.62 -40.56
CA PRO F 940 -39.61 14.83 -41.88
C PRO F 940 -38.97 13.57 -42.44
N GLU F 941 -37.90 13.07 -41.82
CA GLU F 941 -37.59 11.65 -41.73
C GLU F 941 -37.60 11.12 -40.31
N GLY F 942 -37.73 11.99 -39.31
CA GLY F 942 -37.19 11.68 -38.01
C GLY F 942 -37.68 10.35 -37.47
N GLY F 943 -38.98 10.21 -37.35
CA GLY F 943 -39.52 8.92 -36.99
C GLY F 943 -39.33 7.94 -38.13
N GLN F 944 -39.57 8.42 -39.35
CA GLN F 944 -39.46 7.55 -40.51
C GLN F 944 -38.09 6.90 -40.55
N GLY F 945 -37.07 7.63 -40.17
CA GLY F 945 -35.77 7.01 -40.00
C GLY F 945 -35.76 6.14 -38.78
N ALA F 946 -36.51 6.53 -37.77
CA ALA F 946 -36.33 5.98 -36.43
C ALA F 946 -36.52 4.48 -36.31
N PRO F 947 -37.60 3.90 -36.81
CA PRO F 947 -38.25 2.80 -36.08
C PRO F 947 -37.26 1.75 -35.62
N PRO F 948 -36.34 1.28 -36.46
CA PRO F 948 -35.27 0.45 -35.90
C PRO F 948 -34.30 1.22 -35.04
N MET F 949 -33.93 2.42 -35.48
CA MET F 949 -32.96 3.21 -34.77
C MET F 949 -33.48 3.50 -33.38
N TYR F 950 -34.49 4.34 -33.31
CA TYR F 950 -35.16 4.58 -32.08
C TYR F 950 -35.64 3.29 -31.44
N GLN F 951 -35.85 2.24 -32.22
CA GLN F 951 -36.14 0.93 -31.65
C GLN F 951 -35.09 0.52 -30.62
N LEU F 952 -33.91 0.17 -31.10
CA LEU F 952 -32.92 -0.23 -30.12
C LEU F 952 -32.60 0.94 -29.20
N TYR F 953 -32.92 2.15 -29.63
CA TYR F 953 -32.82 3.29 -28.73
C TYR F 953 -33.69 3.05 -27.51
N LYS F 954 -34.87 2.47 -27.70
CA LYS F 954 -35.57 1.92 -26.55
C LYS F 954 -34.69 0.89 -25.87
N ARG F 955 -34.20 -0.11 -26.64
CA ARG F 955 -33.53 -1.24 -26.01
C ARG F 955 -32.50 -0.78 -25.01
N THR F 956 -31.93 0.37 -25.24
CA THR F 956 -31.02 0.97 -24.28
C THR F 956 -31.58 0.91 -22.88
N PHE F 957 -32.53 1.77 -22.69
CA PHE F 957 -33.09 2.27 -21.45
C PHE F 957 -33.39 1.15 -20.49
N PRO F 958 -33.72 -0.02 -20.98
CA PRO F 958 -33.62 -1.18 -20.11
C PRO F 958 -32.37 -1.13 -19.30
N VAL F 959 -31.23 -0.83 -19.91
CA VAL F 959 -30.02 -0.83 -19.11
C VAL F 959 -29.99 0.37 -18.17
N LEU F 960 -30.36 1.55 -18.68
CA LEU F 960 -30.37 2.78 -17.91
C LEU F 960 -31.06 2.55 -16.58
N LEU F 961 -32.34 2.29 -16.71
CA LEU F 961 -33.18 2.21 -15.54
C LEU F 961 -32.86 0.95 -14.75
N ARG F 962 -32.40 -0.10 -15.43
CA ARG F 962 -31.89 -1.27 -14.71
C ARG F 962 -30.82 -0.91 -13.70
N LEU F 963 -29.61 -0.64 -14.18
CA LEU F 963 -28.50 -0.62 -13.23
C LEU F 963 -28.40 0.70 -12.52
N ALA F 964 -29.14 1.70 -13.00
CA ALA F 964 -29.26 2.93 -12.26
C ALA F 964 -29.56 2.66 -10.80
N CYS F 965 -30.28 1.58 -10.53
CA CYS F 965 -30.48 1.11 -9.17
C CYS F 965 -29.18 1.08 -8.37
N ASP F 966 -28.29 0.13 -8.68
CA ASP F 966 -27.00 0.12 -7.98
C ASP F 966 -26.26 1.42 -8.15
N VAL F 967 -26.60 2.22 -9.15
CA VAL F 967 -25.88 3.46 -9.32
C VAL F 967 -26.69 4.61 -8.74
N ASP F 968 -27.72 5.03 -9.45
CA ASP F 968 -28.45 6.21 -9.07
C ASP F 968 -29.91 5.89 -9.00
N GLN F 969 -30.44 5.95 -7.80
CA GLN F 969 -31.85 6.22 -7.66
C GLN F 969 -32.24 7.36 -8.58
N VAL F 970 -31.39 8.39 -8.65
CA VAL F 970 -31.71 9.56 -9.43
C VAL F 970 -31.73 9.25 -10.91
N THR F 971 -31.05 8.19 -11.33
CA THR F 971 -31.03 7.91 -12.76
C THR F 971 -32.29 7.19 -13.19
N ARG F 972 -32.43 5.91 -12.82
CA ARG F 972 -33.66 5.21 -13.18
C ARG F 972 -34.87 6.01 -12.78
N GLN F 973 -34.92 6.43 -11.52
CA GLN F 973 -36.06 7.21 -11.08
C GLN F 973 -36.16 8.51 -11.85
N LEU F 974 -35.03 9.02 -12.36
CA LEU F 974 -35.11 10.20 -13.20
C LEU F 974 -35.83 9.89 -14.50
N TYR F 975 -35.56 8.74 -15.10
CA TYR F 975 -36.02 8.43 -16.43
C TYR F 975 -37.28 7.58 -16.47
N GLU F 976 -37.73 7.08 -15.33
CA GLU F 976 -39.02 6.38 -15.31
C GLU F 976 -40.16 7.30 -15.66
N PRO F 977 -40.29 8.48 -15.06
CA PRO F 977 -41.33 9.39 -15.53
C PRO F 977 -41.14 9.69 -16.98
N LEU F 978 -39.95 9.54 -17.49
CA LEU F 978 -39.76 9.85 -18.89
C LEU F 978 -40.16 8.65 -19.74
N VAL F 979 -39.79 7.44 -19.32
CA VAL F 979 -40.22 6.28 -20.09
C VAL F 979 -41.73 6.25 -20.12
N MET F 980 -42.35 6.65 -19.04
CA MET F 980 -43.79 6.62 -19.01
C MET F 980 -44.39 7.82 -19.70
N GLN F 981 -43.67 8.94 -19.72
CA GLN F 981 -44.18 10.06 -20.49
C GLN F 981 -44.13 9.73 -21.97
N LEU F 982 -43.23 8.84 -22.35
CA LEU F 982 -43.36 8.13 -23.60
C LEU F 982 -44.67 7.38 -23.64
N ILE F 983 -44.82 6.36 -22.79
CA ILE F 983 -45.88 5.39 -23.01
C ILE F 983 -47.25 6.03 -22.99
N HIS F 984 -47.36 7.20 -22.37
CA HIS F 984 -48.60 7.95 -22.42
C HIS F 984 -48.78 8.64 -23.77
N TRP F 985 -47.72 9.28 -24.24
CA TRP F 985 -47.67 10.09 -25.45
C TRP F 985 -48.31 9.44 -26.66
N PHE F 986 -47.66 8.44 -27.24
CA PHE F 986 -48.16 7.85 -28.48
C PHE F 986 -49.47 7.11 -28.27
N THR F 987 -49.75 6.68 -27.07
CA THR F 987 -51.02 6.02 -26.82
C THR F 987 -52.16 7.00 -26.97
N ASN F 988 -52.07 8.16 -26.32
CA ASN F 988 -53.08 9.17 -26.60
C ASN F 988 -52.92 9.67 -28.01
N ASN F 989 -51.73 9.55 -28.55
CA ASN F 989 -51.50 9.80 -29.96
C ASN F 989 -51.90 8.56 -30.74
N LYS F 990 -51.52 8.53 -32.02
CA LYS F 990 -51.71 7.36 -32.85
C LYS F 990 -50.72 6.27 -32.46
N LYS F 991 -51.02 5.03 -32.83
CA LYS F 991 -50.16 3.91 -32.44
C LYS F 991 -49.15 3.65 -33.55
N PHE F 992 -47.92 4.10 -33.31
CA PHE F 992 -46.75 3.80 -34.14
C PHE F 992 -45.62 3.53 -33.17
N GLU F 993 -45.32 4.51 -32.32
CA GLU F 993 -44.51 4.22 -31.15
C GLU F 993 -45.14 3.14 -30.29
N SER F 994 -46.38 2.77 -30.59
CA SER F 994 -46.89 1.50 -30.12
C SER F 994 -46.12 0.35 -30.75
N GLN F 995 -46.00 0.35 -32.08
CA GLN F 995 -45.15 -0.62 -32.77
C GLN F 995 -43.79 -0.70 -32.12
N ASP F 996 -43.43 0.33 -31.39
CA ASP F 996 -42.07 0.58 -30.98
C ASP F 996 -41.87 0.21 -29.52
N THR F 997 -42.62 0.85 -28.64
CA THR F 997 -42.57 0.51 -27.23
C THR F 997 -43.03 -0.92 -27.02
N VAL F 998 -43.97 -1.38 -27.85
CA VAL F 998 -44.23 -2.81 -27.92
C VAL F 998 -42.92 -3.56 -27.98
N ALA F 999 -42.18 -3.34 -29.05
CA ALA F 999 -40.86 -3.94 -29.13
C ALA F 999 -40.11 -3.74 -27.83
N LEU F 1000 -40.18 -2.54 -27.28
CA LEU F 1000 -39.47 -2.21 -26.06
C LEU F 1000 -39.73 -3.27 -25.00
N LEU F 1001 -40.96 -3.36 -24.55
CA LEU F 1001 -41.27 -4.32 -23.53
C LEU F 1001 -41.07 -5.76 -23.98
N GLU F 1002 -40.94 -5.99 -25.28
CA GLU F 1002 -40.91 -7.36 -25.75
C GLU F 1002 -39.86 -8.14 -25.00
N ALA F 1003 -38.59 -7.90 -25.33
CA ALA F 1003 -37.53 -8.60 -24.62
C ALA F 1003 -37.64 -8.38 -23.13
N ILE F 1004 -38.42 -7.38 -22.72
CA ILE F 1004 -38.69 -7.24 -21.30
C ILE F 1004 -39.57 -8.38 -20.88
N LEU F 1005 -39.97 -9.21 -21.83
CA LEU F 1005 -40.16 -10.59 -21.45
C LEU F 1005 -39.02 -11.09 -20.58
N ASP F 1006 -37.79 -10.76 -20.93
CA ASP F 1006 -36.66 -11.14 -20.09
C ASP F 1006 -36.30 -10.03 -19.14
N GLY F 1007 -35.12 -10.18 -18.56
CA GLY F 1007 -34.74 -9.57 -17.31
C GLY F 1007 -34.55 -10.55 -16.18
N ILE F 1008 -34.65 -11.85 -16.42
CA ILE F 1008 -34.42 -12.80 -15.33
C ILE F 1008 -33.09 -13.53 -15.53
N VAL F 1009 -32.97 -14.30 -16.62
CA VAL F 1009 -31.64 -14.71 -17.08
C VAL F 1009 -30.70 -13.54 -17.05
N ASP F 1010 -31.19 -12.41 -17.44
CA ASP F 1010 -30.57 -11.17 -17.09
C ASP F 1010 -30.65 -11.03 -15.57
N PRO F 1011 -29.54 -11.11 -14.87
CA PRO F 1011 -29.59 -11.34 -13.42
C PRO F 1011 -30.50 -10.38 -12.69
N VAL F 1012 -30.71 -9.20 -13.24
CA VAL F 1012 -31.49 -8.18 -12.57
C VAL F 1012 -32.93 -8.36 -13.01
N ASP F 1013 -33.74 -8.88 -12.11
CA ASP F 1013 -35.07 -9.28 -12.51
C ASP F 1013 -36.08 -8.19 -12.27
N SER F 1014 -35.68 -7.15 -11.56
CA SER F 1014 -36.52 -5.97 -11.39
C SER F 1014 -36.82 -5.33 -12.72
N THR F 1015 -36.06 -5.70 -13.73
CA THR F 1015 -36.37 -5.40 -15.10
C THR F 1015 -37.84 -5.65 -15.33
N LEU F 1016 -38.20 -6.84 -14.97
CA LEU F 1016 -39.56 -7.31 -15.06
C LEU F 1016 -40.46 -6.47 -14.20
N ARG F 1017 -39.99 -6.14 -13.00
CA ARG F 1017 -40.66 -5.13 -12.20
C ARG F 1017 -40.98 -3.90 -13.01
N ASP F 1018 -39.97 -3.41 -13.73
CA ASP F 1018 -40.17 -2.32 -14.65
C ASP F 1018 -41.38 -2.64 -15.53
N PHE F 1019 -41.30 -3.79 -16.17
CA PHE F 1019 -42.23 -4.19 -17.22
C PHE F 1019 -43.69 -3.98 -16.83
N CYS F 1020 -44.20 -4.83 -15.94
CA CYS F 1020 -45.60 -4.71 -15.57
C CYS F 1020 -45.90 -3.34 -14.98
N GLY F 1021 -44.95 -2.79 -14.22
CA GLY F 1021 -45.13 -1.43 -13.74
C GLY F 1021 -45.33 -0.47 -14.88
N ARG F 1022 -44.44 -0.54 -15.86
CA ARG F 1022 -44.72 0.09 -17.13
C ARG F 1022 -46.07 -0.39 -17.65
N CYS F 1023 -46.24 -1.70 -17.73
CA CYS F 1023 -47.51 -2.25 -18.21
C CYS F 1023 -48.67 -1.63 -17.49
N ILE F 1024 -48.66 -1.67 -16.16
CA ILE F 1024 -49.78 -1.10 -15.44
C ILE F 1024 -49.83 0.40 -15.68
N ARG F 1025 -48.67 1.06 -15.75
CA ARG F 1025 -48.70 2.46 -16.14
C ARG F 1025 -49.23 2.58 -17.56
N GLU F 1026 -48.77 1.71 -18.43
CA GLU F 1026 -49.39 1.46 -19.71
C GLU F 1026 -50.90 1.41 -19.57
N PHE F 1027 -51.34 0.62 -18.62
CA PHE F 1027 -52.77 0.46 -18.41
C PHE F 1027 -53.37 1.70 -17.81
N LEU F 1028 -52.63 2.36 -16.91
CA LEU F 1028 -53.05 3.69 -16.47
C LEU F 1028 -53.38 4.55 -17.68
N LYS F 1029 -52.38 4.78 -18.52
CA LYS F 1029 -52.65 5.48 -19.76
C LYS F 1029 -53.75 4.78 -20.52
N TRP F 1030 -53.72 3.46 -20.53
CA TRP F 1030 -54.80 2.74 -21.20
C TRP F 1030 -56.13 3.02 -20.51
N SER F 1031 -56.13 3.03 -19.19
CA SER F 1031 -57.29 3.52 -18.48
C SER F 1031 -57.51 4.99 -18.77
N ILE F 1032 -56.43 5.77 -18.84
CA ILE F 1032 -56.52 7.18 -19.22
C ILE F 1032 -57.30 7.29 -20.51
N LYS F 1033 -56.76 6.75 -21.59
CA LYS F 1033 -57.48 6.73 -22.85
C LYS F 1033 -57.78 5.28 -23.16
N GLN F 1034 -59.02 4.87 -22.91
CA GLN F 1034 -59.52 3.53 -23.20
C GLN F 1034 -60.40 3.44 -24.44
N ILE F 1035 -60.68 4.58 -25.10
CA ILE F 1035 -61.97 4.73 -25.78
C ILE F 1035 -62.19 3.66 -26.83
N THR F 1036 -63.36 3.06 -26.76
CA THR F 1036 -63.98 2.09 -27.66
C THR F 1036 -63.24 0.77 -27.63
N PRO F 1037 -63.97 -0.35 -27.69
CA PRO F 1037 -63.32 -1.62 -28.02
C PRO F 1037 -62.83 -1.66 -29.43
N GLN F 1038 -63.38 -0.80 -30.28
CA GLN F 1038 -62.71 -0.47 -31.53
C GLN F 1038 -61.26 -0.16 -31.28
N GLN F 1039 -61.01 0.78 -30.38
CA GLN F 1039 -59.65 1.17 -30.08
C GLN F 1039 -59.11 0.49 -28.82
N GLN F 1040 -59.92 -0.34 -28.14
CA GLN F 1040 -59.36 -1.25 -27.15
C GLN F 1040 -58.65 -2.41 -27.81
N GLU F 1041 -59.33 -3.09 -28.72
CA GLU F 1041 -58.74 -4.23 -29.41
C GLU F 1041 -57.71 -3.76 -30.43
N LYS F 1042 -58.08 -2.80 -31.26
CA LYS F 1042 -57.09 -2.17 -32.13
C LYS F 1042 -56.04 -1.39 -31.33
N SER F 1043 -56.19 -1.33 -30.01
CA SER F 1043 -54.94 -1.29 -29.28
C SER F 1043 -54.62 -2.74 -28.96
N PRO F 1044 -53.84 -3.40 -29.82
CA PRO F 1044 -53.38 -4.74 -29.48
C PRO F 1044 -52.34 -4.67 -28.41
N VAL F 1045 -51.55 -3.60 -28.50
CA VAL F 1045 -50.70 -3.13 -27.43
C VAL F 1045 -51.49 -3.07 -26.13
N ASN F 1046 -52.80 -2.91 -26.23
CA ASN F 1046 -53.63 -2.98 -25.04
C ASN F 1046 -54.48 -4.23 -25.09
N THR F 1047 -55.27 -4.37 -24.04
CA THR F 1047 -56.45 -5.19 -24.09
C THR F 1047 -56.11 -6.57 -24.62
N LYS F 1048 -56.73 -6.90 -25.75
CA LYS F 1048 -56.66 -8.24 -26.27
C LYS F 1048 -55.23 -8.69 -26.47
N SER F 1049 -54.55 -8.13 -27.47
CA SER F 1049 -53.31 -8.75 -27.92
C SER F 1049 -52.29 -8.79 -26.81
N LEU F 1050 -52.49 -7.98 -25.78
CA LEU F 1050 -51.71 -8.19 -24.58
C LEU F 1050 -51.83 -9.63 -24.15
N PHE F 1051 -52.95 -9.99 -23.54
CA PHE F 1051 -53.08 -11.35 -23.06
C PHE F 1051 -52.87 -12.34 -24.18
N LYS F 1052 -53.30 -11.96 -25.38
CA LYS F 1052 -53.12 -12.81 -26.54
C LYS F 1052 -51.70 -13.33 -26.58
N ARG F 1053 -50.75 -12.44 -26.73
CA ARG F 1053 -49.38 -12.89 -26.53
C ARG F 1053 -49.26 -13.38 -25.09
N LEU F 1054 -49.24 -12.45 -24.17
CA LEU F 1054 -48.64 -12.64 -22.87
C LEU F 1054 -48.99 -13.97 -22.25
N TYR F 1055 -50.25 -14.36 -22.33
CA TYR F 1055 -50.60 -15.72 -21.99
C TYR F 1055 -49.87 -16.69 -22.89
N SER F 1056 -50.27 -16.75 -24.15
CA SER F 1056 -49.67 -17.66 -25.09
C SER F 1056 -48.16 -17.52 -25.08
N LEU F 1057 -47.72 -16.37 -25.54
CA LEU F 1057 -46.34 -15.96 -25.45
C LEU F 1057 -45.72 -16.38 -24.15
N ALA F 1058 -46.48 -16.32 -23.06
CA ALA F 1058 -45.96 -16.90 -21.84
C ALA F 1058 -45.67 -18.36 -22.06
N LEU F 1059 -46.56 -19.02 -22.78
CA LEU F 1059 -46.47 -20.47 -22.88
C LEU F 1059 -45.39 -20.88 -23.84
N HIS F 1060 -45.35 -20.24 -25.01
CA HIS F 1060 -44.53 -20.66 -26.14
C HIS F 1060 -43.11 -21.03 -25.77
N PRO F 1061 -42.29 -20.16 -25.19
CA PRO F 1061 -40.89 -20.52 -24.96
C PRO F 1061 -40.77 -21.61 -23.95
N ASN F 1062 -41.87 -21.93 -23.29
CA ASN F 1062 -41.83 -22.67 -22.04
C ASN F 1062 -41.07 -21.82 -21.02
N ALA F 1063 -41.68 -20.69 -20.70
CA ALA F 1063 -40.91 -19.59 -20.18
C ALA F 1063 -40.86 -19.63 -18.68
N PHE F 1064 -39.72 -20.06 -18.16
CA PHE F 1064 -39.30 -19.76 -16.81
C PHE F 1064 -39.33 -18.27 -16.55
N LYS F 1065 -39.32 -17.50 -17.62
CA LYS F 1065 -39.23 -16.06 -17.61
C LYS F 1065 -40.58 -15.37 -17.57
N ARG F 1066 -41.66 -16.10 -17.38
CA ARG F 1066 -42.93 -15.44 -17.13
C ARG F 1066 -43.24 -15.28 -15.67
N LEU F 1067 -42.47 -15.92 -14.80
CA LEU F 1067 -42.95 -16.22 -13.46
C LEU F 1067 -43.45 -14.97 -12.78
N GLY F 1068 -42.54 -14.14 -12.32
CA GLY F 1068 -42.95 -12.88 -11.75
C GLY F 1068 -43.73 -12.07 -12.76
N ALA F 1069 -43.29 -12.10 -14.01
CA ALA F 1069 -44.04 -11.45 -15.08
C ALA F 1069 -45.49 -11.86 -15.00
N SER F 1070 -45.72 -13.12 -14.67
CA SER F 1070 -47.09 -13.59 -14.55
C SER F 1070 -47.73 -13.06 -13.29
N LEU F 1071 -47.07 -13.23 -12.15
CA LEU F 1071 -47.71 -12.84 -10.91
C LEU F 1071 -47.99 -11.35 -10.89
N ALA F 1072 -46.96 -10.53 -11.02
CA ALA F 1072 -47.17 -9.09 -11.08
C ALA F 1072 -48.00 -8.72 -12.28
N PHE F 1073 -47.98 -9.56 -13.30
CA PHE F 1073 -48.85 -9.40 -14.45
C PHE F 1073 -50.33 -9.35 -14.08
N ASN F 1074 -50.91 -10.47 -13.64
CA ASN F 1074 -52.33 -10.40 -13.33
C ASN F 1074 -52.59 -9.63 -12.07
N ASN F 1075 -51.62 -9.62 -11.16
CA ASN F 1075 -51.69 -8.74 -10.01
C ASN F 1075 -51.95 -7.31 -10.45
N ILE F 1076 -51.32 -6.89 -11.54
CA ILE F 1076 -51.68 -5.61 -12.15
C ILE F 1076 -53.18 -5.48 -12.23
N TYR F 1077 -53.82 -6.49 -12.78
CA TYR F 1077 -55.25 -6.46 -12.96
C TYR F 1077 -55.98 -6.46 -11.65
N ARG F 1078 -55.36 -7.06 -10.63
CA ARG F 1078 -56.06 -7.35 -9.40
C ARG F 1078 -56.82 -6.13 -8.89
N GLU F 1079 -56.41 -4.93 -9.29
CA GLU F 1079 -57.23 -3.75 -9.06
C GLU F 1079 -58.44 -3.72 -9.98
N PHE F 1080 -58.23 -3.49 -11.27
CA PHE F 1080 -59.33 -3.39 -12.21
C PHE F 1080 -59.63 -4.72 -12.89
N ARG F 1081 -58.97 -5.79 -12.48
CA ARG F 1081 -59.51 -7.12 -12.77
C ARG F 1081 -60.99 -7.17 -12.45
N GLU F 1082 -61.40 -6.56 -11.35
CA GLU F 1082 -62.81 -6.35 -11.08
C GLU F 1082 -63.47 -5.73 -12.30
N GLU F 1083 -63.22 -4.45 -12.56
CA GLU F 1083 -63.75 -3.90 -13.79
C GLU F 1083 -62.86 -2.92 -14.55
N GLU F 1084 -62.54 -3.32 -15.76
CA GLU F 1084 -62.70 -2.44 -16.91
C GLU F 1084 -63.29 -3.27 -18.02
N SER F 1085 -64.50 -2.89 -18.41
CA SER F 1085 -65.13 -3.31 -19.65
C SER F 1085 -65.10 -4.81 -19.89
N LEU F 1086 -64.97 -5.19 -21.16
CA LEU F 1086 -65.22 -6.55 -21.62
C LEU F 1086 -64.04 -7.48 -21.48
N VAL F 1087 -62.84 -7.04 -21.88
CA VAL F 1087 -61.73 -7.96 -22.14
C VAL F 1087 -61.52 -8.86 -20.94
N GLU F 1088 -61.90 -8.37 -19.76
CA GLU F 1088 -62.03 -9.22 -18.59
C GLU F 1088 -62.75 -10.51 -18.93
N GLN F 1089 -63.87 -10.43 -19.66
CA GLN F 1089 -64.65 -11.62 -19.98
C GLN F 1089 -63.76 -12.72 -20.55
N PHE F 1090 -63.01 -12.41 -21.61
CA PHE F 1090 -62.11 -13.42 -22.20
C PHE F 1090 -61.02 -13.81 -21.20
N VAL F 1091 -60.33 -12.81 -20.64
CA VAL F 1091 -59.17 -13.05 -19.81
C VAL F 1091 -59.53 -13.94 -18.63
N PHE F 1092 -60.81 -14.01 -18.33
CA PHE F 1092 -61.24 -14.93 -17.30
C PHE F 1092 -60.86 -16.35 -17.70
N GLU F 1093 -61.55 -16.91 -18.68
CA GLU F 1093 -61.26 -18.28 -19.11
C GLU F 1093 -59.82 -18.40 -19.58
N ALA F 1094 -59.45 -17.60 -20.58
CA ALA F 1094 -58.12 -17.67 -21.15
C ALA F 1094 -57.06 -17.60 -20.06
N LEU F 1095 -57.28 -16.70 -19.12
CA LEU F 1095 -56.48 -16.69 -17.91
C LEU F 1095 -56.47 -18.04 -17.23
N VAL F 1096 -57.64 -18.62 -17.02
CA VAL F 1096 -57.75 -19.86 -16.27
C VAL F 1096 -56.96 -20.98 -16.93
N ILE F 1097 -57.47 -21.49 -18.05
CA ILE F 1097 -56.79 -22.61 -18.68
C ILE F 1097 -55.38 -22.20 -19.04
N TYR F 1098 -55.14 -20.90 -19.13
CA TYR F 1098 -53.79 -20.40 -19.16
C TYR F 1098 -53.03 -20.79 -17.90
N MET F 1099 -53.69 -20.74 -16.76
CA MET F 1099 -53.03 -21.15 -15.54
C MET F 1099 -52.79 -22.64 -15.58
N GLU F 1100 -53.81 -23.36 -16.04
CA GLU F 1100 -53.78 -24.80 -16.11
C GLU F 1100 -52.62 -25.26 -16.98
N SER F 1101 -52.80 -25.06 -18.28
CA SER F 1101 -51.78 -25.34 -19.26
C SER F 1101 -50.48 -24.72 -18.86
N LEU F 1102 -50.57 -23.50 -18.34
CA LEU F 1102 -49.42 -22.80 -17.81
C LEU F 1102 -48.61 -23.74 -16.95
N ALA F 1103 -49.14 -24.04 -15.79
CA ALA F 1103 -48.52 -24.89 -14.81
C ALA F 1103 -48.00 -26.15 -15.45
N LEU F 1104 -48.94 -26.95 -15.93
CA LEU F 1104 -48.59 -28.30 -16.33
C LEU F 1104 -47.54 -28.27 -17.41
N ALA F 1105 -47.47 -27.20 -18.17
CA ALA F 1105 -46.58 -27.11 -19.32
C ALA F 1105 -45.15 -27.30 -18.90
N HIS F 1106 -44.60 -26.27 -18.28
CA HIS F 1106 -43.28 -26.34 -17.73
C HIS F 1106 -43.18 -27.36 -16.63
N ALA F 1107 -44.31 -27.95 -16.21
CA ALA F 1107 -44.41 -28.50 -14.87
C ALA F 1107 -43.29 -29.49 -14.54
N ASP F 1108 -42.40 -29.76 -15.49
CA ASP F 1108 -41.36 -30.73 -15.22
C ASP F 1108 -40.18 -30.18 -14.44
N GLU F 1109 -39.32 -29.40 -15.09
CA GLU F 1109 -37.99 -29.08 -14.58
C GLU F 1109 -37.97 -27.78 -13.80
N LYS F 1110 -39.14 -27.29 -13.41
CA LYS F 1110 -39.43 -25.90 -13.08
C LYS F 1110 -38.44 -25.27 -12.10
N SER F 1111 -38.29 -23.95 -12.21
CA SER F 1111 -37.28 -23.21 -11.47
C SER F 1111 -37.77 -23.10 -10.04
N LEU F 1112 -37.05 -23.76 -9.13
CA LEU F 1112 -37.39 -23.80 -7.73
C LEU F 1112 -38.89 -24.00 -7.59
N GLY F 1113 -39.54 -23.25 -6.69
CA GLY F 1113 -40.96 -23.07 -6.68
C GLY F 1113 -41.39 -21.70 -7.12
N THR F 1114 -40.43 -20.83 -7.45
CA THR F 1114 -40.64 -19.47 -7.93
C THR F 1114 -41.74 -19.51 -8.95
N ILE F 1115 -41.66 -20.55 -9.75
CA ILE F 1115 -42.72 -20.95 -10.64
C ILE F 1115 -44.07 -20.89 -9.92
N GLN F 1116 -44.34 -21.82 -9.01
CA GLN F 1116 -45.66 -21.81 -8.41
C GLN F 1116 -45.83 -20.66 -7.45
N GLN F 1117 -44.74 -20.05 -7.01
CA GLN F 1117 -44.90 -18.76 -6.38
C GLN F 1117 -45.78 -17.90 -7.26
N CYS F 1118 -45.45 -17.86 -8.54
CA CYS F 1118 -46.24 -17.08 -9.45
C CYS F 1118 -47.57 -17.76 -9.75
N CYS F 1119 -47.53 -19.06 -10.01
CA CYS F 1119 -48.73 -19.85 -10.30
C CYS F 1119 -49.83 -19.57 -9.31
N ASP F 1120 -49.61 -20.00 -8.09
CA ASP F 1120 -50.59 -19.77 -7.05
C ASP F 1120 -50.82 -18.29 -6.86
N ALA F 1121 -49.77 -17.47 -7.06
CA ALA F 1121 -49.91 -16.03 -6.91
C ALA F 1121 -51.10 -15.52 -7.71
N ILE F 1122 -51.23 -15.99 -8.95
CA ILE F 1122 -52.41 -15.59 -9.70
C ILE F 1122 -53.59 -16.47 -9.35
N ASP F 1123 -53.34 -17.71 -8.91
CA ASP F 1123 -54.43 -18.53 -8.42
C ASP F 1123 -55.17 -17.79 -7.33
N HIS F 1124 -54.50 -16.84 -6.70
CA HIS F 1124 -55.15 -15.96 -5.76
C HIS F 1124 -56.31 -15.21 -6.38
N LEU F 1125 -56.45 -15.21 -7.70
CA LEU F 1125 -57.67 -14.66 -8.20
C LEU F 1125 -58.56 -15.69 -8.87
N CYS F 1126 -59.53 -16.20 -8.13
CA CYS F 1126 -60.91 -16.13 -8.57
C CYS F 1126 -61.66 -15.20 -7.64
N ARG F 1127 -60.96 -14.61 -6.67
CA ARG F 1127 -61.63 -13.93 -5.57
C ARG F 1127 -62.62 -12.88 -6.03
N ILE F 1128 -62.10 -11.72 -6.45
CA ILE F 1128 -62.94 -10.70 -7.05
C ILE F 1128 -63.53 -11.27 -8.32
N ILE F 1129 -62.78 -12.12 -8.99
CA ILE F 1129 -63.26 -12.83 -10.15
C ILE F 1129 -64.55 -13.56 -9.81
N GLU F 1130 -64.73 -13.92 -8.54
CA GLU F 1130 -66.00 -14.45 -8.12
C GLU F 1130 -66.71 -13.37 -7.31
N LYS F 1131 -67.69 -12.73 -7.93
CA LYS F 1131 -68.66 -11.95 -7.20
C LYS F 1131 -69.86 -12.80 -6.85
N LYS F 1132 -69.77 -14.10 -7.15
CA LYS F 1132 -70.85 -15.05 -7.00
C LYS F 1132 -72.14 -14.48 -7.58
N HIS F 1133 -72.09 -14.23 -8.88
CA HIS F 1133 -73.33 -13.86 -9.54
C HIS F 1133 -74.15 -15.11 -9.75
N VAL F 1134 -75.36 -14.92 -10.24
CA VAL F 1134 -76.16 -16.02 -10.75
C VAL F 1134 -75.75 -16.22 -12.19
N SER F 1135 -75.33 -17.44 -12.51
CA SER F 1135 -75.01 -17.81 -13.88
C SER F 1135 -74.03 -16.83 -14.52
N LEU F 1136 -73.15 -16.23 -13.73
CA LEU F 1136 -71.93 -15.63 -14.27
C LEU F 1136 -70.76 -16.52 -13.90
N ASN F 1137 -70.31 -16.50 -12.65
CA ASN F 1137 -69.40 -17.54 -12.19
C ASN F 1137 -69.97 -18.92 -12.53
N LYS F 1138 -71.23 -19.13 -12.14
CA LYS F 1138 -71.97 -20.35 -12.42
C LYS F 1138 -72.01 -20.68 -13.91
N ALA F 1139 -71.76 -19.69 -14.75
CA ALA F 1139 -71.86 -19.86 -16.19
C ALA F 1139 -70.66 -20.60 -16.74
N LYS F 1140 -70.44 -20.41 -18.03
CA LYS F 1140 -69.33 -20.97 -18.77
C LYS F 1140 -68.04 -20.95 -17.94
N LYS F 1141 -67.85 -19.89 -17.14
CA LYS F 1141 -66.75 -19.90 -16.21
C LYS F 1141 -66.83 -21.07 -15.23
N ARG F 1142 -68.04 -21.45 -14.84
CA ARG F 1142 -68.17 -22.70 -14.11
C ARG F 1142 -68.04 -23.90 -15.04
N ARG F 1143 -68.39 -23.73 -16.32
CA ARG F 1143 -68.11 -24.81 -17.26
C ARG F 1143 -66.62 -25.12 -17.28
N LEU F 1144 -65.80 -24.18 -16.82
CA LEU F 1144 -64.37 -24.44 -16.77
C LEU F 1144 -64.02 -25.57 -15.79
N PRO F 1145 -64.30 -25.47 -14.50
CA PRO F 1145 -63.93 -26.56 -13.59
C PRO F 1145 -64.59 -27.85 -13.94
N ARG F 1146 -65.61 -27.83 -14.79
CA ARG F 1146 -66.24 -29.05 -15.25
C ARG F 1146 -65.16 -30.05 -15.62
N GLY F 1147 -64.40 -29.75 -16.65
CA GLY F 1147 -63.38 -30.66 -17.09
C GLY F 1147 -62.13 -30.63 -16.25
N PHE F 1148 -62.03 -29.73 -15.29
CA PHE F 1148 -60.73 -29.51 -14.68
C PHE F 1148 -60.27 -30.67 -13.82
N PRO F 1149 -61.03 -31.14 -12.84
CA PRO F 1149 -60.61 -32.36 -12.15
C PRO F 1149 -60.52 -33.53 -13.11
N PRO F 1150 -61.54 -33.76 -13.96
CA PRO F 1150 -61.41 -34.85 -14.93
C PRO F 1150 -60.38 -34.58 -15.98
N SER F 1151 -59.88 -33.35 -16.09
CA SER F 1151 -58.68 -33.18 -16.88
C SER F 1151 -57.66 -34.21 -16.46
N ALA F 1152 -57.75 -34.65 -15.20
CA ALA F 1152 -56.97 -35.78 -14.72
C ALA F 1152 -55.51 -35.57 -15.03
N SER F 1153 -55.13 -34.30 -15.07
CA SER F 1153 -53.94 -33.86 -15.78
C SER F 1153 -52.88 -33.43 -14.78
N LEU F 1154 -51.88 -34.28 -14.62
CA LEU F 1154 -50.62 -33.86 -14.04
C LEU F 1154 -50.78 -33.14 -12.72
N CYS F 1155 -50.48 -31.84 -12.72
CA CYS F 1155 -50.35 -31.00 -11.54
C CYS F 1155 -51.69 -30.59 -10.97
N LEU F 1156 -52.79 -31.10 -11.52
CA LEU F 1156 -54.11 -30.65 -11.12
C LEU F 1156 -54.25 -30.64 -9.60
N LEU F 1157 -53.43 -31.42 -8.90
CA LEU F 1157 -53.49 -31.45 -7.44
C LEU F 1157 -53.46 -30.05 -6.87
N ASP F 1158 -52.40 -29.31 -7.17
CA ASP F 1158 -52.29 -27.92 -6.76
C ASP F 1158 -53.54 -27.18 -7.14
N LEU F 1159 -54.06 -27.49 -8.30
CA LEU F 1159 -55.24 -26.86 -8.83
C LEU F 1159 -56.50 -27.43 -8.20
N VAL F 1160 -56.60 -28.77 -8.14
CA VAL F 1160 -57.88 -29.42 -7.86
C VAL F 1160 -58.42 -29.00 -6.52
N LYS F 1161 -57.61 -29.20 -5.50
CA LYS F 1161 -58.00 -28.80 -4.17
C LYS F 1161 -58.30 -27.31 -4.14
N TRP F 1162 -57.51 -26.54 -4.89
CA TRP F 1162 -57.81 -25.14 -5.11
C TRP F 1162 -59.26 -24.94 -5.53
N LEU F 1163 -59.71 -25.78 -6.44
CA LEU F 1163 -61.01 -25.60 -7.09
C LEU F 1163 -62.20 -25.54 -6.16
N LEU F 1164 -62.60 -26.70 -5.68
CA LEU F 1164 -64.00 -26.89 -5.38
C LEU F 1164 -64.37 -26.24 -4.07
N ALA F 1165 -63.41 -26.17 -3.15
CA ALA F 1165 -63.57 -25.28 -2.02
C ALA F 1165 -63.93 -23.90 -2.56
N HIS F 1166 -62.95 -23.24 -3.20
CA HIS F 1166 -63.20 -21.94 -3.79
C HIS F 1166 -64.26 -22.00 -4.87
N CYS F 1167 -63.86 -22.51 -6.03
CA CYS F 1167 -64.67 -22.32 -7.22
C CYS F 1167 -65.85 -23.26 -7.28
N GLY F 1168 -65.76 -24.43 -6.68
CA GLY F 1168 -66.94 -25.25 -6.57
C GLY F 1168 -68.01 -24.58 -5.75
N ARG F 1169 -67.62 -23.69 -4.84
CA ARG F 1169 -68.57 -23.10 -3.91
C ARG F 1169 -69.72 -22.36 -4.59
N PRO F 1170 -69.48 -21.41 -5.48
CA PRO F 1170 -70.59 -20.65 -6.05
C PRO F 1170 -71.59 -21.54 -6.78
N GLN F 1171 -72.77 -20.97 -7.01
CA GLN F 1171 -73.82 -21.65 -7.73
C GLN F 1171 -74.69 -20.64 -8.44
N LYS F 1204 -73.56 -24.39 -4.59
CA LYS F 1204 -73.87 -25.21 -3.43
C LYS F 1204 -72.98 -24.84 -2.27
N GLU F 1205 -72.46 -25.86 -1.59
CA GLU F 1205 -71.60 -25.60 -0.47
C GLU F 1205 -70.20 -25.33 -1.02
N GLU F 1206 -69.51 -26.40 -1.37
CA GLU F 1206 -68.36 -26.35 -2.27
C GLU F 1206 -68.73 -26.80 -3.68
N GLY F 1207 -70.01 -26.93 -3.98
CA GLY F 1207 -70.40 -27.61 -5.19
C GLY F 1207 -70.66 -29.08 -4.96
N VAL F 1208 -70.99 -29.45 -3.73
CA VAL F 1208 -70.92 -30.84 -3.29
C VAL F 1208 -71.75 -31.73 -4.21
N SER F 1209 -73.01 -31.38 -4.43
CA SER F 1209 -73.90 -32.32 -5.11
C SER F 1209 -73.98 -32.08 -6.61
N PHE F 1210 -73.31 -31.04 -7.13
CA PHE F 1210 -73.09 -31.01 -8.57
C PHE F 1210 -72.48 -32.30 -9.06
N LEU F 1211 -71.74 -32.97 -8.18
CA LEU F 1211 -70.75 -33.95 -8.55
C LEU F 1211 -71.36 -35.34 -8.76
N ILE F 1212 -72.27 -35.74 -7.87
CA ILE F 1212 -72.72 -37.12 -7.82
C ILE F 1212 -73.35 -37.57 -9.13
N ASN F 1213 -74.18 -36.72 -9.73
CA ASN F 1213 -74.87 -37.07 -10.96
C ASN F 1213 -73.90 -37.30 -12.12
N THR F 1214 -72.69 -36.72 -12.06
CA THR F 1214 -71.67 -37.08 -13.04
C THR F 1214 -70.95 -38.37 -12.65
N PHE F 1215 -70.70 -38.57 -11.36
CA PHE F 1215 -70.18 -39.88 -10.94
C PHE F 1215 -71.02 -41.00 -11.49
N GLU F 1216 -72.33 -40.76 -11.62
CA GLU F 1216 -73.22 -41.70 -12.30
C GLU F 1216 -72.55 -42.17 -13.57
N GLY F 1217 -72.33 -41.25 -14.51
CA GLY F 1217 -71.58 -41.62 -15.70
C GLY F 1217 -70.24 -42.22 -15.34
N GLY F 1218 -69.44 -41.48 -14.60
CA GLY F 1218 -68.31 -42.09 -13.96
C GLY F 1218 -67.68 -41.20 -12.91
N GLY F 1219 -67.08 -41.85 -11.93
CA GLY F 1219 -66.04 -41.25 -11.13
C GLY F 1219 -64.74 -41.71 -11.73
N CYS F 1220 -64.83 -42.79 -12.52
CA CYS F 1220 -63.66 -43.26 -13.28
C CYS F 1220 -63.14 -42.17 -14.21
N GLY F 1221 -63.99 -41.19 -14.53
CA GLY F 1221 -63.54 -40.02 -15.24
C GLY F 1221 -62.36 -39.33 -14.61
N GLN F 1222 -62.25 -39.38 -13.28
CA GLN F 1222 -61.06 -38.80 -12.64
C GLN F 1222 -59.80 -39.61 -12.89
N PRO F 1223 -59.73 -40.92 -12.59
CA PRO F 1223 -58.42 -41.57 -12.60
C PRO F 1223 -58.00 -42.18 -13.92
N SER F 1224 -56.85 -42.82 -13.88
CA SER F 1224 -56.04 -43.24 -15.03
C SER F 1224 -55.19 -44.41 -14.55
N GLY F 1225 -54.03 -44.60 -15.17
CA GLY F 1225 -53.34 -45.87 -15.10
C GLY F 1225 -53.22 -46.53 -16.44
N ILE F 1226 -53.45 -45.78 -17.51
CA ILE F 1226 -53.10 -46.23 -18.85
C ILE F 1226 -51.68 -46.75 -18.81
N LEU F 1227 -51.48 -47.97 -19.33
CA LEU F 1227 -50.16 -48.58 -19.40
C LEU F 1227 -49.45 -48.56 -18.06
N ALA F 1228 -50.16 -48.61 -16.94
CA ALA F 1228 -49.53 -48.16 -15.71
C ALA F 1228 -48.49 -49.14 -15.22
N GLN F 1229 -48.92 -50.24 -14.67
CA GLN F 1229 -47.99 -51.06 -13.90
C GLN F 1229 -47.00 -51.94 -14.68
N PRO F 1230 -47.45 -52.85 -15.56
CA PRO F 1230 -46.54 -53.92 -16.01
C PRO F 1230 -45.42 -53.47 -16.94
N THR F 1231 -45.82 -52.69 -17.95
CA THR F 1231 -44.86 -52.25 -18.95
C THR F 1231 -43.70 -51.54 -18.29
N LEU F 1232 -43.97 -50.82 -17.23
CA LEU F 1232 -42.94 -50.36 -16.30
C LEU F 1232 -42.05 -51.52 -15.88
N LEU F 1233 -42.67 -52.60 -15.42
CA LEU F 1233 -41.89 -53.72 -14.91
C LEU F 1233 -41.01 -54.29 -16.00
N TYR F 1234 -41.26 -53.90 -17.24
CA TYR F 1234 -40.50 -54.49 -18.33
C TYR F 1234 -39.41 -53.54 -18.79
N LEU F 1235 -39.79 -52.44 -19.45
CA LEU F 1235 -38.80 -51.48 -19.90
C LEU F 1235 -38.04 -50.88 -18.73
N ARG F 1236 -38.77 -50.46 -17.68
CA ARG F 1236 -38.17 -49.92 -16.46
C ARG F 1236 -37.41 -48.62 -16.73
N GLY F 1237 -37.89 -47.84 -17.70
CA GLY F 1237 -37.14 -46.74 -18.25
C GLY F 1237 -37.39 -45.37 -17.63
N PRO F 1238 -36.38 -44.50 -17.73
CA PRO F 1238 -36.58 -43.11 -17.28
C PRO F 1238 -37.56 -42.37 -18.15
N PHE F 1239 -37.45 -42.54 -19.46
CA PHE F 1239 -38.49 -42.07 -20.35
C PHE F 1239 -39.83 -42.67 -19.98
N SER F 1240 -39.81 -43.85 -19.36
CA SER F 1240 -41.05 -44.50 -18.98
C SER F 1240 -41.59 -43.95 -17.66
N LEU F 1241 -40.77 -43.25 -16.90
CA LEU F 1241 -41.27 -42.65 -15.66
C LEU F 1241 -42.16 -41.45 -15.94
N GLN F 1242 -42.30 -41.06 -17.19
CA GLN F 1242 -42.54 -39.65 -17.52
C GLN F 1242 -44.00 -39.21 -17.47
N ALA F 1243 -44.96 -40.04 -17.07
CA ALA F 1243 -46.28 -39.45 -16.89
C ALA F 1243 -47.00 -39.81 -15.60
N THR F 1244 -47.55 -41.02 -15.54
CA THR F 1244 -48.20 -41.49 -14.33
C THR F 1244 -47.16 -41.53 -13.24
N LEU F 1245 -46.20 -42.41 -13.49
CA LEU F 1245 -44.96 -42.41 -12.73
C LEU F 1245 -44.47 -41.00 -12.55
N CYS F 1246 -44.61 -40.16 -13.57
CA CYS F 1246 -44.25 -38.77 -13.34
C CYS F 1246 -45.31 -38.08 -12.53
N TRP F 1247 -46.42 -37.72 -13.14
CA TRP F 1247 -47.47 -37.06 -12.39
C TRP F 1247 -48.46 -38.03 -11.80
N LEU F 1248 -49.11 -38.78 -12.65
CA LEU F 1248 -50.46 -39.17 -12.36
C LEU F 1248 -50.51 -40.12 -11.19
N ASP F 1249 -49.34 -40.58 -10.74
CA ASP F 1249 -49.25 -41.08 -9.38
C ASP F 1249 -49.74 -40.01 -8.41
N LEU F 1250 -49.10 -38.83 -8.45
CA LEU F 1250 -49.49 -37.74 -7.55
C LEU F 1250 -50.97 -37.41 -7.74
N LEU F 1251 -51.37 -37.21 -8.99
CA LEU F 1251 -52.70 -36.68 -9.22
C LEU F 1251 -53.77 -37.67 -8.78
N LEU F 1252 -53.49 -38.97 -8.93
CA LEU F 1252 -54.28 -39.96 -8.19
C LEU F 1252 -54.35 -39.58 -6.72
N ALA F 1253 -53.21 -39.54 -6.05
CA ALA F 1253 -53.20 -39.33 -4.60
C ALA F 1253 -54.05 -38.12 -4.21
N ALA F 1254 -53.57 -36.91 -4.53
CA ALA F 1254 -54.23 -35.71 -4.03
C ALA F 1254 -55.59 -35.50 -4.68
N LEU F 1255 -55.68 -35.66 -6.01
CA LEU F 1255 -56.95 -35.54 -6.68
C LEU F 1255 -58.01 -36.34 -5.96
N GLU F 1256 -57.66 -37.54 -5.52
CA GLU F 1256 -58.61 -38.36 -4.80
C GLU F 1256 -58.73 -37.96 -3.34
N CYS F 1257 -57.68 -37.37 -2.76
CA CYS F 1257 -57.77 -36.87 -1.40
C CYS F 1257 -58.88 -35.85 -1.27
N TYR F 1258 -58.85 -34.84 -2.16
CA TYR F 1258 -59.83 -33.75 -2.13
C TYR F 1258 -61.24 -34.29 -2.32
N ASN F 1259 -61.36 -35.55 -2.76
CA ASN F 1259 -62.67 -36.15 -3.00
C ASN F 1259 -63.28 -36.64 -1.71
N THR F 1260 -62.47 -37.23 -0.82
CA THR F 1260 -62.97 -37.72 0.46
C THR F 1260 -63.88 -36.71 1.12
N PHE F 1261 -63.62 -35.43 0.88
CA PHE F 1261 -64.19 -34.33 1.61
C PHE F 1261 -65.62 -34.01 1.22
N ILE F 1262 -65.95 -34.14 -0.06
CA ILE F 1262 -67.03 -33.33 -0.60
C ILE F 1262 -68.35 -33.93 -0.21
N GLY F 1263 -68.72 -34.97 -0.91
CA GLY F 1263 -69.65 -35.92 -0.41
C GLY F 1263 -68.75 -37.05 0.04
N GLU F 1264 -69.22 -38.26 -0.18
CA GLU F 1264 -68.51 -39.48 0.15
C GLU F 1264 -67.43 -39.77 -0.87
N ARG F 1265 -67.12 -38.78 -1.71
CA ARG F 1265 -66.75 -39.01 -3.10
C ARG F 1265 -65.90 -40.25 -3.28
N THR F 1266 -64.87 -40.40 -2.45
CA THR F 1266 -64.04 -41.59 -2.51
C THR F 1266 -64.79 -42.86 -2.10
N VAL F 1267 -66.02 -42.72 -1.62
CA VAL F 1267 -66.80 -43.87 -1.18
C VAL F 1267 -68.08 -43.95 -1.98
N GLY F 1268 -68.93 -42.94 -1.83
CA GLY F 1268 -70.26 -43.03 -2.39
C GLY F 1268 -70.44 -42.23 -3.67
N ALA F 1269 -69.35 -41.82 -4.30
CA ALA F 1269 -69.44 -41.10 -5.57
C ALA F 1269 -68.47 -41.69 -6.60
N LEU F 1270 -67.15 -41.56 -6.38
CA LEU F 1270 -66.17 -42.16 -7.29
C LEU F 1270 -66.41 -43.64 -7.47
N GLN F 1271 -66.77 -44.32 -6.39
CA GLN F 1271 -66.83 -45.76 -6.31
C GLN F 1271 -68.20 -46.30 -6.70
N VAL F 1272 -69.06 -45.44 -7.26
CA VAL F 1272 -70.44 -45.80 -7.63
C VAL F 1272 -70.48 -47.08 -8.46
N LEU F 1273 -69.47 -47.33 -9.28
CA LEU F 1273 -69.41 -48.54 -10.10
C LEU F 1273 -68.46 -49.53 -9.43
N GLY F 1274 -69.02 -50.54 -8.78
CA GLY F 1274 -68.23 -51.56 -8.12
C GLY F 1274 -67.45 -51.01 -6.94
N THR F 1275 -66.90 -51.89 -6.10
CA THR F 1275 -65.87 -51.44 -5.17
C THR F 1275 -64.57 -51.19 -5.92
N GLU F 1276 -64.09 -52.20 -6.63
CA GLU F 1276 -62.92 -52.09 -7.48
C GLU F 1276 -63.25 -51.92 -8.96
N ALA F 1277 -64.52 -52.00 -9.34
CA ALA F 1277 -64.84 -52.00 -10.77
C ALA F 1277 -64.45 -50.69 -11.42
N GLN F 1278 -65.00 -49.59 -10.93
CA GLN F 1278 -64.80 -48.31 -11.60
C GLN F 1278 -63.37 -47.84 -11.49
N SER F 1279 -62.68 -48.21 -10.42
CA SER F 1279 -61.29 -47.88 -10.18
C SER F 1279 -60.33 -48.99 -10.59
N SER F 1280 -60.84 -50.06 -11.23
CA SER F 1280 -60.05 -51.23 -11.56
C SER F 1280 -58.70 -50.86 -12.13
N LEU F 1281 -58.70 -50.21 -13.28
CA LEU F 1281 -57.49 -49.80 -13.95
C LEU F 1281 -56.94 -48.52 -13.36
N LEU F 1282 -57.55 -48.05 -12.27
CA LEU F 1282 -57.24 -46.74 -11.74
C LEU F 1282 -56.59 -46.83 -10.37
N LYS F 1283 -57.38 -47.13 -9.35
CA LYS F 1283 -56.89 -47.13 -7.97
C LYS F 1283 -56.25 -48.45 -7.56
N ALA F 1284 -56.78 -49.58 -8.01
CA ALA F 1284 -56.23 -50.86 -7.60
C ALA F 1284 -54.82 -51.03 -8.15
N VAL F 1285 -54.64 -50.75 -9.44
CA VAL F 1285 -53.32 -50.72 -10.02
C VAL F 1285 -52.44 -49.74 -9.24
N ALA F 1286 -53.05 -48.76 -8.59
CA ALA F 1286 -52.24 -47.87 -7.75
C ALA F 1286 -51.72 -48.60 -6.53
N PHE F 1287 -52.55 -49.40 -5.87
CA PHE F 1287 -52.02 -50.34 -4.88
C PHE F 1287 -50.85 -51.08 -5.49
N PHE F 1288 -51.17 -51.87 -6.50
CA PHE F 1288 -50.27 -52.88 -7.00
C PHE F 1288 -48.99 -52.23 -7.48
N LEU F 1289 -49.07 -50.94 -7.79
CA LEU F 1289 -47.92 -50.11 -8.12
C LEU F 1289 -47.20 -49.62 -6.88
N GLU F 1290 -47.89 -49.49 -5.75
CA GLU F 1290 -47.12 -49.28 -4.54
C GLU F 1290 -46.39 -50.57 -4.20
N SER F 1291 -47.07 -51.70 -4.39
CA SER F 1291 -46.37 -52.97 -4.44
C SER F 1291 -45.23 -52.92 -5.44
N ILE F 1292 -45.40 -52.18 -6.53
CA ILE F 1292 -44.31 -52.01 -7.48
C ILE F 1292 -43.21 -51.16 -6.91
N ALA F 1293 -43.53 -50.30 -5.95
CA ALA F 1293 -42.44 -49.59 -5.29
C ALA F 1293 -41.65 -50.55 -4.41
N MET F 1294 -42.36 -51.32 -3.58
CA MET F 1294 -41.67 -52.34 -2.80
C MET F 1294 -40.81 -53.22 -3.71
N HIS F 1295 -41.39 -53.64 -4.83
CA HIS F 1295 -40.66 -54.42 -5.81
C HIS F 1295 -39.45 -53.64 -6.32
N ASP F 1296 -39.62 -52.34 -6.56
CA ASP F 1296 -38.54 -51.58 -7.18
C ASP F 1296 -37.39 -51.40 -6.22
N ILE F 1297 -37.63 -51.62 -4.93
CA ILE F 1297 -36.50 -51.83 -4.04
C ILE F 1297 -36.12 -53.30 -3.92
N ILE F 1298 -36.99 -54.23 -4.30
CA ILE F 1298 -36.68 -55.66 -4.18
C ILE F 1298 -35.44 -56.02 -4.97
N ALA F 1299 -35.53 -55.99 -6.29
CA ALA F 1299 -34.41 -56.40 -7.12
C ALA F 1299 -33.35 -55.31 -7.18
N SER F 1314 -24.35 -41.27 -12.83
CA SER F 1314 -25.72 -41.33 -13.36
C SER F 1314 -26.68 -40.43 -12.59
N PRO F 1315 -26.42 -39.11 -12.61
CA PRO F 1315 -27.12 -38.22 -11.67
C PRO F 1315 -28.63 -38.14 -11.87
N GLN F 1316 -29.08 -37.86 -13.09
CA GLN F 1316 -30.51 -37.66 -13.31
C GLN F 1316 -31.26 -38.94 -13.03
N GLU F 1317 -30.64 -40.06 -13.38
CA GLU F 1317 -31.15 -41.38 -13.04
C GLU F 1317 -31.53 -41.42 -11.57
N GLY F 1318 -30.56 -41.22 -10.68
CA GLY F 1318 -30.86 -41.15 -9.27
C GLY F 1318 -31.87 -40.07 -8.93
N GLU F 1319 -31.89 -39.00 -9.71
CA GLU F 1319 -32.80 -37.89 -9.45
C GLU F 1319 -34.24 -38.35 -9.45
N ARG F 1320 -34.76 -38.73 -10.61
CA ARG F 1320 -36.17 -39.08 -10.62
C ARG F 1320 -36.38 -40.49 -10.12
N TYR F 1321 -35.32 -41.28 -10.05
CA TYR F 1321 -35.46 -42.63 -9.54
C TYR F 1321 -35.72 -42.58 -8.05
N ASN F 1322 -34.85 -41.92 -7.29
CA ASN F 1322 -35.02 -41.83 -5.85
C ASN F 1322 -36.07 -40.80 -5.47
N TYR F 1323 -36.00 -39.61 -6.09
CA TYR F 1323 -37.09 -38.65 -5.99
C TYR F 1323 -38.41 -39.34 -6.19
N SER F 1324 -38.51 -40.12 -7.26
CA SER F 1324 -39.72 -40.85 -7.54
C SER F 1324 -40.04 -41.74 -6.35
N LYS F 1325 -39.27 -42.83 -6.18
CA LYS F 1325 -39.66 -43.88 -5.24
C LYS F 1325 -40.10 -43.31 -3.89
N CYS F 1326 -39.42 -42.28 -3.41
CA CYS F 1326 -39.89 -41.62 -2.20
C CYS F 1326 -41.20 -40.87 -2.47
N THR F 1327 -41.23 -40.04 -3.50
CA THR F 1327 -42.45 -39.31 -3.83
C THR F 1327 -43.62 -40.28 -3.92
N VAL F 1328 -43.34 -41.49 -4.39
CA VAL F 1328 -44.25 -42.62 -4.44
C VAL F 1328 -44.74 -42.91 -3.04
N VAL F 1329 -43.86 -43.44 -2.18
CA VAL F 1329 -44.33 -43.91 -0.88
C VAL F 1329 -45.09 -42.80 -0.17
N VAL F 1330 -44.62 -41.58 -0.32
CA VAL F 1330 -45.18 -40.49 0.45
C VAL F 1330 -46.55 -40.11 -0.08
N ARG F 1331 -46.68 -40.00 -1.41
CA ARG F 1331 -47.92 -39.48 -1.96
C ARG F 1331 -48.99 -40.57 -2.07
N ILE F 1332 -48.60 -41.74 -2.57
CA ILE F 1332 -49.54 -42.85 -2.53
C ILE F 1332 -49.96 -43.11 -1.09
N MET F 1333 -49.03 -42.95 -0.16
CA MET F 1333 -49.49 -42.91 1.21
C MET F 1333 -50.24 -41.62 1.53
N GLU F 1334 -50.21 -40.59 0.65
CA GLU F 1334 -51.00 -39.39 0.92
C GLU F 1334 -52.47 -39.71 0.79
N PHE F 1335 -52.86 -40.28 -0.33
CA PHE F 1335 -54.28 -40.58 -0.36
C PHE F 1335 -54.60 -41.86 0.36
N THR F 1336 -53.63 -42.74 0.50
CA THR F 1336 -53.75 -43.86 1.42
C THR F 1336 -54.27 -43.37 2.76
N THR F 1337 -53.46 -42.57 3.44
CA THR F 1337 -53.82 -42.11 4.76
C THR F 1337 -54.94 -41.08 4.69
N THR F 1338 -55.13 -40.45 3.52
CA THR F 1338 -56.30 -39.61 3.35
C THR F 1338 -57.55 -40.41 3.65
N LEU F 1339 -57.71 -41.51 2.91
CA LEU F 1339 -58.78 -42.45 3.21
C LEU F 1339 -58.73 -42.91 4.67
N LEU F 1340 -57.63 -43.57 5.05
CA LEU F 1340 -57.51 -44.21 6.36
C LEU F 1340 -58.02 -43.28 7.47
N ASN F 1341 -57.65 -42.02 7.37
CA ASN F 1341 -58.08 -41.06 8.37
C ASN F 1341 -59.53 -40.66 8.13
N THR F 1342 -59.88 -40.39 6.87
CA THR F 1342 -61.20 -39.85 6.59
C THR F 1342 -62.30 -40.80 7.04
N SER F 1343 -63.27 -40.20 7.74
CA SER F 1343 -64.46 -40.92 8.18
C SER F 1343 -65.15 -41.71 7.09
N PRO F 1344 -65.18 -41.27 5.82
CA PRO F 1344 -65.65 -42.18 4.79
C PRO F 1344 -64.74 -43.39 4.74
N GLU F 1345 -64.70 -44.09 5.86
CA GLU F 1345 -63.93 -45.32 6.02
C GLU F 1345 -64.95 -46.42 6.30
N GLY F 1346 -65.24 -47.21 5.26
CA GLY F 1346 -66.04 -48.41 5.40
C GLY F 1346 -65.29 -49.68 5.13
N TRP F 1347 -63.97 -49.63 5.00
CA TRP F 1347 -63.14 -50.70 4.47
C TRP F 1347 -63.42 -51.01 3.01
N LYS F 1348 -64.05 -50.09 2.28
CA LYS F 1348 -64.31 -50.34 0.86
C LYS F 1348 -63.02 -50.31 0.08
N LEU F 1349 -62.29 -49.22 0.19
CA LEU F 1349 -60.99 -49.19 -0.42
C LEU F 1349 -59.93 -49.78 0.51
N LEU F 1350 -60.26 -49.94 1.81
CA LEU F 1350 -59.31 -50.55 2.74
C LEU F 1350 -59.01 -51.99 2.40
N LYS F 1351 -60.03 -52.86 2.41
CA LYS F 1351 -59.86 -54.20 1.91
C LYS F 1351 -59.24 -54.22 0.53
N LYS F 1352 -59.46 -53.17 -0.25
CA LYS F 1352 -58.96 -53.11 -1.61
C LYS F 1352 -57.44 -53.21 -1.68
N ASP F 1353 -56.75 -53.04 -0.56
CA ASP F 1353 -55.29 -53.17 -0.56
C ASP F 1353 -54.93 -54.65 -0.58
N LEU F 1354 -54.06 -55.01 -1.50
CA LEU F 1354 -53.29 -56.22 -1.35
C LEU F 1354 -51.92 -55.94 -0.77
N CYS F 1355 -51.64 -54.67 -0.50
CA CYS F 1355 -50.37 -54.22 0.03
C CYS F 1355 -50.34 -54.28 1.55
N ASN F 1356 -51.36 -54.90 2.15
CA ASN F 1356 -51.48 -55.01 3.59
C ASN F 1356 -50.14 -55.36 4.21
N THR F 1357 -49.51 -56.42 3.72
CA THR F 1357 -48.19 -56.77 4.21
C THR F 1357 -47.11 -55.92 3.54
N HIS F 1358 -47.32 -55.53 2.29
CA HIS F 1358 -46.36 -54.69 1.59
C HIS F 1358 -46.10 -53.41 2.37
N LEU F 1359 -47.17 -52.67 2.66
CA LEU F 1359 -47.08 -51.40 3.36
C LEU F 1359 -46.22 -51.53 4.60
N MET F 1360 -46.47 -52.57 5.38
CA MET F 1360 -45.72 -52.76 6.60
C MET F 1360 -44.31 -53.23 6.32
N ARG F 1361 -44.06 -53.78 5.13
CA ARG F 1361 -42.70 -54.15 4.78
C ARG F 1361 -41.88 -52.98 4.26
N VAL F 1362 -42.51 -51.96 3.68
CA VAL F 1362 -41.76 -50.76 3.31
C VAL F 1362 -41.53 -49.87 4.52
N LEU F 1363 -42.59 -49.58 5.28
CA LEU F 1363 -42.41 -48.58 6.31
C LEU F 1363 -41.52 -49.11 7.43
N VAL F 1364 -41.52 -50.42 7.66
CA VAL F 1364 -40.69 -51.00 8.72
C VAL F 1364 -39.26 -50.56 8.57
N GLN F 1365 -38.79 -50.44 7.34
CA GLN F 1365 -37.50 -49.84 7.14
C GLN F 1365 -37.73 -48.37 6.86
N THR F 1366 -37.44 -47.57 7.88
CA THR F 1366 -36.89 -46.24 7.73
C THR F 1366 -35.38 -46.30 7.83
N LEU F 1367 -34.82 -47.51 7.88
CA LEU F 1367 -33.37 -47.74 7.97
C LEU F 1367 -32.77 -47.96 6.58
N CYS F 1368 -33.20 -49.00 5.88
CA CYS F 1368 -32.73 -49.19 4.51
C CYS F 1368 -33.20 -48.04 3.62
N GLU F 1369 -34.34 -47.44 3.94
CA GLU F 1369 -35.04 -46.45 3.12
C GLU F 1369 -34.14 -45.26 2.76
N PRO F 1370 -33.42 -44.66 3.70
CA PRO F 1370 -32.44 -43.66 3.29
C PRO F 1370 -31.32 -44.24 2.45
N ALA F 1371 -30.74 -45.35 2.87
CA ALA F 1371 -29.61 -45.94 2.17
C ALA F 1371 -29.98 -46.43 0.79
N SER F 1372 -31.26 -46.43 0.45
CA SER F 1372 -31.71 -46.97 -0.81
C SER F 1372 -32.51 -45.95 -1.61
N ILE F 1373 -33.77 -45.70 -1.23
CA ILE F 1373 -34.55 -44.70 -1.96
C ILE F 1373 -34.18 -43.35 -1.40
N GLY F 1374 -34.81 -42.30 -1.94
CA GLY F 1374 -34.37 -40.96 -1.66
C GLY F 1374 -34.22 -40.70 -0.17
N PHE F 1375 -33.07 -40.17 0.17
CA PHE F 1375 -32.78 -39.66 1.50
C PHE F 1375 -32.20 -38.26 1.45
N ASN F 1376 -31.07 -38.11 0.78
CA ASN F 1376 -30.38 -36.83 0.67
C ASN F 1376 -31.36 -35.71 0.33
N ILE F 1377 -32.24 -35.96 -0.64
CA ILE F 1377 -33.27 -35.00 -1.00
C ILE F 1377 -34.28 -34.76 0.11
N GLY F 1378 -34.23 -35.56 1.18
CA GLY F 1378 -35.29 -35.51 2.16
C GLY F 1378 -35.27 -34.29 3.06
N ASP F 1379 -34.09 -33.71 3.27
CA ASP F 1379 -33.91 -32.72 4.32
C ASP F 1379 -34.69 -31.45 4.06
N VAL F 1380 -35.23 -31.27 2.87
CA VAL F 1380 -35.70 -29.98 2.38
C VAL F 1380 -37.17 -29.77 2.70
N GLN F 1381 -37.68 -30.47 3.71
CA GLN F 1381 -39.11 -30.78 3.86
C GLN F 1381 -39.50 -31.84 2.85
N VAL F 1382 -38.68 -32.88 2.79
CA VAL F 1382 -39.11 -34.10 2.15
C VAL F 1382 -39.13 -35.21 3.19
N MET F 1383 -37.97 -35.77 3.50
CA MET F 1383 -37.92 -36.79 4.53
C MET F 1383 -37.97 -36.16 5.89
N ALA F 1384 -37.73 -34.85 5.96
CA ALA F 1384 -38.22 -34.07 7.07
C ALA F 1384 -39.69 -34.39 7.31
N HIS F 1385 -40.46 -34.47 6.23
CA HIS F 1385 -41.86 -34.80 6.41
C HIS F 1385 -42.06 -36.29 6.65
N LEU F 1386 -41.04 -37.11 6.37
CA LEU F 1386 -41.16 -38.55 6.53
C LEU F 1386 -41.81 -38.98 7.84
N PRO F 1387 -41.38 -38.51 9.00
CA PRO F 1387 -42.07 -38.95 10.23
C PRO F 1387 -43.56 -38.72 10.16
N ASP F 1388 -43.96 -37.58 9.59
CA ASP F 1388 -45.36 -37.20 9.50
C ASP F 1388 -46.19 -38.34 8.95
N VAL F 1389 -45.60 -39.11 8.05
CA VAL F 1389 -46.26 -40.30 7.51
C VAL F 1389 -46.61 -41.28 8.63
N CYS F 1390 -45.59 -41.91 9.21
CA CYS F 1390 -45.80 -43.10 10.01
C CYS F 1390 -46.93 -42.90 11.00
N VAL F 1391 -46.75 -41.95 11.91
CA VAL F 1391 -47.80 -41.56 12.84
C VAL F 1391 -49.13 -41.41 12.11
N ASN F 1392 -49.24 -40.40 11.23
CA ASN F 1392 -50.45 -40.22 10.45
C ASN F 1392 -50.89 -41.54 9.83
N LEU F 1393 -49.95 -42.24 9.21
CA LEU F 1393 -50.28 -43.55 8.67
C LEU F 1393 -50.74 -44.49 9.78
N MET F 1394 -49.86 -44.75 10.74
CA MET F 1394 -50.09 -45.87 11.66
C MET F 1394 -51.33 -45.64 12.50
N LYS F 1395 -51.61 -44.38 12.85
CA LYS F 1395 -52.80 -44.13 13.64
C LYS F 1395 -54.05 -44.05 12.77
N ALA F 1396 -53.93 -43.60 11.53
CA ALA F 1396 -55.01 -43.82 10.60
C ALA F 1396 -55.11 -45.29 10.26
N LEU F 1397 -54.06 -46.05 10.55
CA LEU F 1397 -54.12 -47.50 10.62
C LEU F 1397 -54.67 -47.98 11.95
N LYS F 1398 -54.65 -47.13 12.97
CA LYS F 1398 -55.32 -47.46 14.21
C LYS F 1398 -56.83 -47.27 14.06
N MET F 1399 -57.57 -47.80 15.04
CA MET F 1399 -59.02 -47.92 15.00
C MET F 1399 -59.46 -48.92 13.96
N SER F 1400 -60.30 -48.51 13.01
CA SER F 1400 -60.89 -49.41 12.03
C SER F 1400 -59.84 -50.33 11.41
N PRO F 1401 -58.76 -49.81 10.81
CA PRO F 1401 -57.78 -50.71 10.18
C PRO F 1401 -57.17 -51.65 11.21
N TYR F 1402 -57.07 -52.92 10.84
CA TYR F 1402 -56.74 -53.94 11.83
C TYR F 1402 -55.35 -53.75 12.38
N LYS F 1403 -55.22 -54.01 13.68
CA LYS F 1403 -54.02 -53.61 14.42
C LYS F 1403 -52.80 -54.37 13.98
N ASP F 1404 -52.98 -55.56 13.40
CA ASP F 1404 -51.82 -56.30 12.89
C ASP F 1404 -51.11 -55.53 11.81
N ILE F 1405 -51.84 -54.69 11.07
CA ILE F 1405 -51.17 -53.72 10.23
C ILE F 1405 -50.11 -53.02 11.05
N LEU F 1406 -50.53 -52.44 12.15
CA LEU F 1406 -49.63 -52.06 13.21
C LEU F 1406 -48.75 -53.21 13.65
N GLU F 1407 -49.36 -54.32 14.05
CA GLU F 1407 -48.75 -55.23 15.03
C GLU F 1407 -47.75 -56.19 14.41
N THR F 1408 -48.20 -57.06 13.51
CA THR F 1408 -47.28 -57.96 12.82
C THR F 1408 -46.11 -57.18 12.28
N HIS F 1409 -46.40 -56.03 11.68
CA HIS F 1409 -45.42 -55.03 11.34
C HIS F 1409 -44.47 -54.75 12.50
N LEU F 1410 -45.02 -54.20 13.57
CA LEU F 1410 -44.25 -54.12 14.81
C LEU F 1410 -43.63 -55.46 15.15
N ARG F 1411 -44.37 -56.54 14.98
CA ARG F 1411 -43.81 -57.84 15.31
C ARG F 1411 -42.57 -58.11 14.47
N GLU F 1412 -42.54 -57.59 13.25
CA GLU F 1412 -41.34 -57.65 12.44
C GLU F 1412 -40.10 -57.23 13.24
N LYS F 1413 -40.23 -56.20 14.06
CA LYS F 1413 -39.12 -55.72 14.85
C LYS F 1413 -38.68 -56.77 15.87
N ILE F 1414 -37.37 -56.85 16.08
CA ILE F 1414 -36.82 -57.74 17.09
C ILE F 1414 -36.17 -56.88 18.18
N THR F 1415 -35.71 -57.54 19.24
CA THR F 1415 -34.93 -56.87 20.26
C THR F 1415 -33.46 -56.80 19.93
N ALA F 1416 -32.98 -57.71 19.07
CA ALA F 1416 -31.55 -57.77 18.76
C ALA F 1416 -31.05 -56.45 18.19
N GLN F 1417 -31.92 -55.75 17.45
CA GLN F 1417 -31.60 -54.40 17.00
C GLN F 1417 -31.19 -53.53 18.16
N SER F 1418 -32.09 -53.36 19.11
CA SER F 1418 -31.90 -52.35 20.14
C SER F 1418 -30.84 -52.76 21.15
N ILE F 1419 -30.94 -53.98 21.69
CA ILE F 1419 -29.89 -54.44 22.59
C ILE F 1419 -28.54 -54.39 21.88
N GLU F 1420 -28.51 -54.83 20.64
CA GLU F 1420 -27.25 -54.90 19.92
C GLU F 1420 -26.65 -53.51 19.80
N GLU F 1421 -27.27 -52.64 19.00
CA GLU F 1421 -26.76 -51.29 18.79
C GLU F 1421 -26.45 -50.63 20.12
N LEU F 1422 -27.33 -50.85 21.10
CA LEU F 1422 -27.10 -50.40 22.45
C LEU F 1422 -25.71 -50.78 22.91
N CYS F 1423 -25.36 -52.05 22.82
CA CYS F 1423 -24.00 -52.45 23.13
C CYS F 1423 -23.00 -51.71 22.25
N ALA F 1424 -23.20 -51.79 20.94
CA ALA F 1424 -22.14 -51.48 20.00
C ALA F 1424 -21.64 -50.05 20.12
N VAL F 1425 -22.56 -49.08 20.00
CA VAL F 1425 -22.09 -47.70 19.82
C VAL F 1425 -21.19 -47.29 20.97
N ASN F 1426 -21.45 -47.80 22.16
CA ASN F 1426 -20.47 -47.64 23.23
C ASN F 1426 -19.26 -48.51 22.99
N LEU F 1427 -19.46 -49.74 22.52
CA LEU F 1427 -18.34 -50.64 22.29
C LEU F 1427 -17.35 -50.06 21.29
N TYR F 1428 -17.69 -48.97 20.60
CA TYR F 1428 -16.84 -48.41 19.56
C TYR F 1428 -15.72 -47.52 20.09
N GLY F 1429 -16.07 -46.39 20.71
CA GLY F 1429 -15.20 -45.25 20.70
C GLY F 1429 -15.18 -44.70 19.28
N PRO F 1430 -14.01 -44.63 18.66
CA PRO F 1430 -13.97 -44.50 17.21
C PRO F 1430 -14.73 -45.66 16.58
N ASP F 1431 -15.23 -45.44 15.35
CA ASP F 1431 -16.14 -46.30 14.57
C ASP F 1431 -17.62 -46.04 14.87
N ALA F 1432 -17.96 -45.08 15.74
CA ALA F 1432 -19.34 -44.88 16.15
C ALA F 1432 -20.28 -44.63 14.98
N GLN F 1433 -19.75 -44.44 13.77
CA GLN F 1433 -20.53 -44.09 12.60
C GLN F 1433 -21.77 -44.94 12.39
N VAL F 1434 -21.56 -46.19 11.97
CA VAL F 1434 -22.63 -46.92 11.29
C VAL F 1434 -23.77 -47.23 12.25
N ASP F 1435 -23.45 -47.66 13.47
CA ASP F 1435 -24.47 -47.78 14.51
C ASP F 1435 -25.09 -46.43 14.83
N ARG F 1436 -24.25 -45.48 15.27
CA ARG F 1436 -24.72 -44.19 15.74
C ARG F 1436 -25.77 -43.60 14.82
N SER F 1437 -25.58 -43.79 13.50
CA SER F 1437 -26.63 -43.53 12.54
C SER F 1437 -27.91 -44.14 13.07
N ARG F 1438 -27.93 -45.46 13.16
CA ARG F 1438 -29.16 -46.15 13.54
C ARG F 1438 -29.56 -45.88 14.98
N LEU F 1439 -28.68 -45.29 15.79
CA LEU F 1439 -29.17 -44.58 16.94
C LEU F 1439 -30.14 -43.50 16.50
N ALA F 1440 -29.65 -42.55 15.70
CA ALA F 1440 -30.51 -41.47 15.21
C ALA F 1440 -31.78 -42.02 14.56
N ALA F 1441 -31.64 -43.04 13.73
CA ALA F 1441 -32.79 -43.59 13.04
C ALA F 1441 -33.78 -44.20 14.01
N VAL F 1442 -33.34 -45.19 14.79
CA VAL F 1442 -34.25 -45.87 15.70
C VAL F 1442 -34.91 -44.87 16.63
N VAL F 1443 -34.16 -43.87 17.05
CA VAL F 1443 -34.75 -42.80 17.86
C VAL F 1443 -35.83 -42.09 17.08
N SER F 1444 -35.57 -41.79 15.81
CA SER F 1444 -36.59 -41.15 15.00
C SER F 1444 -37.85 -42.02 14.95
N ALA F 1445 -37.64 -43.32 14.79
CA ALA F 1445 -38.75 -44.25 14.92
C ALA F 1445 -39.42 -44.11 16.28
N CYS F 1446 -38.64 -43.83 17.32
CA CYS F 1446 -39.23 -43.68 18.63
C CYS F 1446 -40.09 -42.43 18.68
N LYS F 1447 -39.67 -41.38 17.99
CA LYS F 1447 -40.51 -40.21 17.82
C LYS F 1447 -41.85 -40.65 17.26
N GLN F 1448 -41.78 -41.41 16.18
CA GLN F 1448 -42.98 -41.86 15.50
C GLN F 1448 -43.84 -42.70 16.42
N LEU F 1449 -43.22 -43.47 17.31
CA LEU F 1449 -43.98 -44.20 18.31
C LEU F 1449 -44.64 -43.24 19.28
N HIS F 1450 -43.91 -42.21 19.69
CA HIS F 1450 -44.46 -41.31 20.68
C HIS F 1450 -45.70 -40.64 20.13
N ARG F 1451 -45.56 -39.93 19.02
CA ARG F 1451 -46.74 -39.37 18.40
C ARG F 1451 -47.73 -40.46 18.02
N ALA F 1452 -47.24 -41.67 17.82
CA ALA F 1452 -48.07 -42.79 17.41
C ALA F 1452 -48.45 -43.71 18.57
N GLY F 1453 -47.96 -43.47 19.78
CA GLY F 1453 -48.21 -44.38 20.86
C GLY F 1453 -47.56 -45.73 20.59
N LEU F 1454 -47.86 -46.67 21.49
CA LEU F 1454 -47.47 -48.07 21.34
C LEU F 1454 -45.97 -48.23 21.19
N LEU F 1455 -45.25 -47.22 21.66
CA LEU F 1455 -43.82 -47.31 21.83
C LEU F 1455 -43.45 -48.46 22.75
N HIS F 1456 -44.09 -48.51 23.92
CA HIS F 1456 -43.83 -49.54 24.92
C HIS F 1456 -43.89 -50.93 24.32
N ASN F 1457 -44.76 -51.13 23.33
CA ASN F 1457 -44.84 -52.42 22.67
C ASN F 1457 -43.49 -52.85 22.15
N ILE F 1458 -42.65 -51.88 21.80
CA ILE F 1458 -41.28 -52.22 21.50
C ILE F 1458 -40.45 -52.36 22.78
N LEU F 1459 -40.85 -51.72 23.88
CA LEU F 1459 -40.01 -51.67 25.09
C LEU F 1459 -40.77 -52.09 26.35
N PRO F 1460 -41.36 -53.29 26.38
CA PRO F 1460 -42.10 -53.69 27.58
C PRO F 1460 -41.22 -53.91 28.80
N SER F 1461 -40.22 -54.78 28.68
CA SER F 1461 -39.16 -54.85 29.67
C SER F 1461 -37.93 -54.07 29.22
N GLN F 1462 -37.90 -53.64 27.94
CA GLN F 1462 -36.83 -52.76 27.50
C GLN F 1462 -37.03 -51.37 28.08
N SER F 1463 -38.22 -51.11 28.60
CA SER F 1463 -38.38 -50.04 29.57
C SER F 1463 -37.34 -50.17 30.66
N THR F 1464 -37.31 -51.34 31.31
CA THR F 1464 -36.45 -51.55 32.46
C THR F 1464 -34.97 -51.38 32.14
N ASP F 1465 -34.39 -52.32 31.43
CA ASP F 1465 -32.94 -52.44 31.32
C ASP F 1465 -32.37 -51.45 30.32
N LEU F 1466 -32.84 -51.48 29.09
CA LEU F 1466 -32.28 -50.64 28.04
C LEU F 1466 -32.11 -49.20 28.53
N HIS F 1467 -33.18 -48.63 29.07
CA HIS F 1467 -33.06 -47.28 29.60
C HIS F 1467 -32.06 -47.23 30.74
N HIS F 1468 -32.05 -48.24 31.61
CA HIS F 1468 -30.98 -48.36 32.60
C HIS F 1468 -29.63 -48.40 31.92
N SER F 1469 -29.46 -49.35 30.99
CA SER F 1469 -28.18 -49.55 30.34
C SER F 1469 -27.62 -48.28 29.73
N VAL F 1470 -28.50 -47.38 29.28
CA VAL F 1470 -28.05 -46.03 28.95
C VAL F 1470 -27.28 -45.45 30.11
N GLY F 1471 -27.79 -45.64 31.32
CA GLY F 1471 -27.00 -45.37 32.49
C GLY F 1471 -25.77 -46.22 32.63
N THR F 1472 -25.80 -47.47 32.19
CA THR F 1472 -24.60 -48.29 32.24
C THR F 1472 -23.49 -47.70 31.39
N GLU F 1473 -23.85 -46.91 30.40
CA GLU F 1473 -22.96 -46.55 29.31
C GLU F 1473 -22.54 -45.10 29.42
N LEU F 1474 -23.51 -44.19 29.39
CA LEU F 1474 -23.30 -42.85 29.93
C LEU F 1474 -22.55 -42.93 31.24
N LEU F 1475 -22.89 -43.92 32.05
CA LEU F 1475 -22.00 -44.39 33.09
C LEU F 1475 -20.62 -44.72 32.53
N SER F 1476 -20.57 -45.62 31.56
CA SER F 1476 -19.34 -46.32 31.22
C SER F 1476 -18.24 -45.40 30.72
N LEU F 1477 -18.59 -44.20 30.26
CA LEU F 1477 -17.65 -43.37 29.51
C LEU F 1477 -16.42 -42.98 30.32
N VAL F 1478 -16.58 -42.81 31.63
CA VAL F 1478 -15.51 -42.27 32.46
C VAL F 1478 -14.22 -43.04 32.31
N TYR F 1479 -14.30 -44.33 31.95
CA TYR F 1479 -13.10 -45.09 31.69
C TYR F 1479 -12.23 -44.38 30.67
N LYS F 1480 -12.83 -43.88 29.59
CA LYS F 1480 -12.11 -43.05 28.65
C LYS F 1480 -12.35 -41.56 28.85
N GLY F 1481 -13.12 -41.17 29.85
CA GLY F 1481 -13.24 -39.75 30.11
C GLY F 1481 -13.89 -39.02 28.96
N ILE F 1482 -13.15 -38.09 28.36
CA ILE F 1482 -13.65 -37.34 27.21
C ILE F 1482 -14.19 -38.29 26.15
N ALA F 1483 -15.28 -37.87 25.50
CA ALA F 1483 -15.94 -38.60 24.43
C ALA F 1483 -15.90 -37.78 23.15
N PRO F 1484 -15.86 -38.45 21.99
CA PRO F 1484 -15.76 -37.72 20.72
C PRO F 1484 -16.96 -36.80 20.49
N GLY F 1485 -16.70 -35.68 19.81
CA GLY F 1485 -17.79 -34.93 19.21
C GLY F 1485 -18.70 -35.84 18.41
N ASP F 1486 -18.10 -36.87 17.81
CA ASP F 1486 -18.85 -38.05 17.41
C ASP F 1486 -19.76 -38.53 18.53
N GLU F 1487 -19.15 -39.03 19.61
CA GLU F 1487 -19.94 -39.51 20.73
C GLU F 1487 -20.78 -38.39 21.32
N ARG F 1488 -20.28 -37.16 21.25
CA ARG F 1488 -21.09 -36.01 21.67
C ARG F 1488 -22.39 -35.93 20.90
N GLN F 1489 -22.42 -36.35 19.64
CA GLN F 1489 -23.70 -36.49 18.97
C GLN F 1489 -24.34 -37.85 19.21
N CYS F 1490 -23.57 -38.85 19.69
CA CYS F 1490 -24.19 -40.11 20.09
C CYS F 1490 -25.17 -39.91 21.22
N LEU F 1491 -24.80 -39.09 22.21
CA LEU F 1491 -25.54 -39.03 23.46
C LEU F 1491 -26.99 -38.55 23.32
N PRO F 1492 -27.31 -37.52 22.50
CA PRO F 1492 -28.72 -37.08 22.41
C PRO F 1492 -29.67 -38.23 22.16
N SER F 1493 -29.25 -39.19 21.35
CA SER F 1493 -30.01 -40.41 21.13
C SER F 1493 -30.27 -41.11 22.44
N LEU F 1494 -29.21 -41.71 22.98
CA LEU F 1494 -29.38 -42.71 24.03
C LEU F 1494 -29.97 -42.12 25.29
N ASP F 1495 -29.65 -40.87 25.60
CA ASP F 1495 -30.30 -40.26 26.74
C ASP F 1495 -31.71 -39.83 26.37
N LEU F 1496 -31.85 -39.18 25.22
CA LEU F 1496 -33.13 -38.62 24.81
C LEU F 1496 -34.21 -39.68 24.79
N SER F 1497 -33.99 -40.75 24.03
CA SER F 1497 -34.92 -41.86 24.04
C SER F 1497 -34.81 -42.69 25.30
N CYS F 1498 -33.64 -42.68 25.94
CA CYS F 1498 -33.50 -43.36 27.22
C CYS F 1498 -34.63 -43.00 28.16
N LYS F 1499 -34.88 -41.72 28.32
CA LYS F 1499 -35.79 -41.27 29.34
C LYS F 1499 -37.21 -41.03 28.84
N GLN F 1500 -37.50 -41.37 27.59
CA GLN F 1500 -38.85 -41.20 27.09
C GLN F 1500 -39.86 -42.07 27.79
N LEU F 1501 -39.42 -42.99 28.65
CA LEU F 1501 -40.33 -43.94 29.26
C LEU F 1501 -40.15 -43.96 30.78
N ALA F 1502 -38.94 -44.27 31.24
CA ALA F 1502 -38.67 -44.51 32.65
C ALA F 1502 -38.48 -43.19 33.42
N SER F 1503 -37.97 -43.30 34.65
CA SER F 1503 -38.02 -42.25 35.66
C SER F 1503 -36.74 -41.42 35.68
N GLY F 1504 -36.92 -40.13 35.94
CA GLY F 1504 -35.84 -39.20 36.10
C GLY F 1504 -35.40 -39.04 37.53
N LEU F 1505 -35.82 -39.93 38.42
CA LEU F 1505 -35.33 -39.90 39.79
C LEU F 1505 -34.03 -40.66 39.91
N LEU F 1506 -34.07 -41.96 39.60
CA LEU F 1506 -32.85 -42.75 39.49
C LEU F 1506 -31.80 -42.00 38.70
N GLU F 1507 -32.25 -41.19 37.74
CA GLU F 1507 -31.44 -40.13 37.18
C GLU F 1507 -30.70 -39.36 38.26
N LEU F 1508 -31.45 -38.76 39.17
CA LEU F 1508 -30.83 -37.90 40.15
C LEU F 1508 -29.96 -38.70 41.10
N ALA F 1509 -30.47 -39.82 41.58
CA ALA F 1509 -29.74 -40.66 42.51
C ALA F 1509 -28.42 -41.11 41.92
N PHE F 1510 -28.48 -42.04 40.98
CA PHE F 1510 -27.24 -42.54 40.41
C PHE F 1510 -26.53 -41.47 39.61
N ALA F 1511 -27.20 -40.36 39.36
CA ALA F 1511 -26.49 -39.17 38.89
C ALA F 1511 -25.47 -38.84 39.95
N PHE F 1512 -25.97 -38.48 41.13
CA PHE F 1512 -25.09 -38.05 42.21
C PHE F 1512 -24.04 -39.11 42.52
N GLY F 1513 -24.50 -40.30 42.91
CA GLY F 1513 -23.57 -41.33 43.30
C GLY F 1513 -22.70 -41.78 42.14
N GLY F 1514 -23.32 -42.10 41.02
CA GLY F 1514 -22.60 -42.49 39.83
C GLY F 1514 -21.49 -41.52 39.46
N LEU F 1515 -21.69 -40.23 39.70
CA LEU F 1515 -20.60 -39.31 39.48
C LEU F 1515 -19.67 -39.23 40.69
N CYS F 1516 -20.10 -39.75 41.85
CA CYS F 1516 -19.26 -39.64 43.03
C CYS F 1516 -17.89 -40.28 42.85
N GLU F 1517 -17.66 -40.99 41.76
CA GLU F 1517 -16.31 -41.33 41.37
C GLU F 1517 -15.49 -40.07 41.18
N GLY F 1539 -1.42 -39.51 32.03
CA GLY F 1539 -2.01 -38.18 32.04
C GLY F 1539 -3.40 -38.11 31.43
N SER F 1540 -3.47 -38.22 30.10
CA SER F 1540 -4.75 -38.14 29.42
C SER F 1540 -5.76 -39.12 29.98
N VAL F 1541 -5.39 -40.39 30.09
CA VAL F 1541 -6.21 -41.36 30.82
C VAL F 1541 -6.60 -40.79 32.17
N ILE F 1542 -5.59 -40.54 33.00
CA ILE F 1542 -5.85 -40.30 34.41
C ILE F 1542 -6.27 -38.87 34.73
N HIS F 1543 -5.73 -37.84 34.04
CA HIS F 1543 -6.26 -36.50 34.30
C HIS F 1543 -7.56 -36.28 33.55
N PHE F 1544 -7.69 -36.85 32.36
CA PHE F 1544 -9.00 -36.91 31.73
C PHE F 1544 -9.98 -37.75 32.54
N SER F 1545 -9.49 -38.52 33.50
CA SER F 1545 -10.36 -39.13 34.50
C SER F 1545 -10.64 -38.19 35.67
N HIS F 1546 -9.66 -37.34 36.02
CA HIS F 1546 -9.56 -36.80 37.37
C HIS F 1546 -10.75 -35.89 37.71
N GLY F 1547 -10.99 -34.87 36.90
CA GLY F 1547 -12.00 -33.87 37.27
C GLY F 1547 -13.42 -34.35 37.09
N GLU F 1548 -13.72 -34.99 35.96
CA GLU F 1548 -15.05 -35.51 35.73
C GLU F 1548 -15.48 -36.44 36.85
N TYR F 1549 -14.52 -37.17 37.46
CA TYR F 1549 -14.80 -37.81 38.74
C TYR F 1549 -15.52 -36.85 39.64
N PHE F 1550 -14.95 -35.66 39.77
CA PHE F 1550 -15.29 -34.80 40.88
C PHE F 1550 -16.59 -34.08 40.59
N TYR F 1551 -16.72 -33.49 39.42
CA TYR F 1551 -17.94 -32.78 39.09
C TYR F 1551 -18.47 -33.13 37.72
N SER F 1552 -17.64 -32.96 36.70
CA SER F 1552 -18.12 -32.72 35.34
C SER F 1552 -19.08 -33.80 34.84
N LEU F 1553 -18.54 -34.98 34.52
CA LEU F 1553 -18.96 -35.70 33.32
C LEU F 1553 -20.49 -35.74 33.15
N PHE F 1554 -21.22 -36.03 34.22
CA PHE F 1554 -22.67 -36.00 34.02
C PHE F 1554 -23.18 -34.57 34.00
N SER F 1555 -22.61 -33.71 34.84
CA SER F 1555 -22.89 -32.28 34.72
C SER F 1555 -22.36 -31.74 33.42
N GLU F 1556 -21.65 -32.56 32.66
CA GLU F 1556 -21.23 -32.24 31.32
C GLU F 1556 -22.31 -32.61 30.33
N THR F 1557 -22.70 -33.89 30.33
CA THR F 1557 -23.82 -34.40 29.57
C THR F 1557 -25.12 -33.72 29.98
N ILE F 1558 -25.00 -32.81 30.93
CA ILE F 1558 -26.07 -32.37 31.82
C ILE F 1558 -27.35 -31.98 31.10
N ASN F 1559 -27.25 -31.45 29.89
CA ASN F 1559 -28.40 -30.76 29.27
C ASN F 1559 -29.62 -31.66 29.20
N THR F 1560 -29.49 -32.77 28.48
CA THR F 1560 -30.59 -33.72 28.34
C THR F 1560 -31.13 -34.14 29.69
N GLU F 1561 -30.22 -34.43 30.62
CA GLU F 1561 -30.59 -34.84 31.97
C GLU F 1561 -31.60 -33.85 32.54
N LEU F 1562 -31.17 -32.59 32.59
CA LEU F 1562 -32.03 -31.49 33.01
C LEU F 1562 -33.35 -31.54 32.27
N LEU F 1563 -33.30 -31.72 30.95
CA LEU F 1563 -34.51 -31.71 30.14
C LEU F 1563 -35.52 -32.74 30.65
N LYS F 1564 -35.05 -33.96 30.87
CA LYS F 1564 -35.87 -34.98 31.51
C LYS F 1564 -36.50 -34.40 32.76
N ASN F 1565 -35.63 -33.89 33.64
CA ASN F 1565 -36.11 -33.27 34.87
C ASN F 1565 -37.14 -32.18 34.61
N LEU F 1566 -37.14 -31.59 33.41
CA LEU F 1566 -38.05 -30.53 33.11
C LEU F 1566 -39.41 -31.06 32.71
N ASP F 1567 -39.42 -32.12 31.90
CA ASP F 1567 -40.68 -32.58 31.30
C ASP F 1567 -41.74 -32.97 32.33
N LEU F 1568 -41.61 -34.17 32.88
CA LEU F 1568 -42.67 -34.81 33.67
C LEU F 1568 -42.44 -34.77 35.17
N ALA F 1569 -41.31 -34.27 35.64
CA ALA F 1569 -40.99 -34.41 37.05
C ALA F 1569 -41.72 -33.38 37.88
N VAL F 1570 -42.23 -33.82 39.02
CA VAL F 1570 -42.76 -32.89 40.01
C VAL F 1570 -42.37 -33.35 41.40
N LEU F 1571 -41.65 -32.49 42.12
CA LEU F 1571 -41.28 -32.69 43.53
C LEU F 1571 -40.33 -33.86 43.67
N GLU F 1572 -40.30 -34.69 42.63
CA GLU F 1572 -39.28 -35.72 42.49
C GLU F 1572 -37.91 -35.11 42.68
N LEU F 1573 -37.77 -33.85 42.25
CA LEU F 1573 -36.65 -33.02 42.61
C LEU F 1573 -36.31 -33.14 44.08
N MET F 1574 -37.27 -32.75 44.91
CA MET F 1574 -37.00 -32.57 46.34
C MET F 1574 -36.35 -33.79 46.93
N GLN F 1575 -36.58 -34.95 46.33
CA GLN F 1575 -36.07 -36.20 46.88
C GLN F 1575 -34.54 -36.22 46.99
N SER F 1576 -33.90 -36.45 45.84
CA SER F 1576 -32.45 -36.46 45.80
C SER F 1576 -31.92 -35.10 46.18
N SER F 1577 -32.70 -34.07 45.89
CA SER F 1577 -32.38 -32.72 46.28
C SER F 1577 -32.01 -32.68 47.75
N VAL F 1578 -33.01 -32.88 48.60
CA VAL F 1578 -32.78 -32.80 50.03
C VAL F 1578 -31.71 -33.80 50.45
N ASP F 1579 -31.67 -34.97 49.81
CA ASP F 1579 -30.71 -35.97 50.21
C ASP F 1579 -29.28 -35.47 50.07
N ASN F 1580 -28.90 -35.09 48.85
CA ASN F 1580 -27.51 -34.82 48.57
C ASN F 1580 -27.11 -33.42 49.01
N THR F 1581 -28.03 -32.47 48.89
CA THR F 1581 -27.95 -31.10 49.44
C THR F 1581 -26.66 -30.36 49.06
N LYS F 1582 -26.06 -30.68 47.90
CA LYS F 1582 -24.90 -29.92 47.46
C LYS F 1582 -24.94 -29.48 46.00
N MET F 1583 -24.68 -30.40 45.09
CA MET F 1583 -24.56 -30.04 43.68
C MET F 1583 -25.91 -29.94 43.03
N VAL F 1584 -26.90 -30.54 43.66
CA VAL F 1584 -28.27 -30.51 43.18
C VAL F 1584 -28.68 -29.12 42.80
N SER F 1585 -28.31 -28.14 43.61
CA SER F 1585 -28.48 -26.75 43.29
C SER F 1585 -28.07 -26.52 41.87
N ALA F 1586 -26.76 -26.64 41.66
CA ALA F 1586 -26.21 -26.60 40.32
C ALA F 1586 -27.02 -27.46 39.39
N VAL F 1587 -27.28 -28.70 39.78
CA VAL F 1587 -28.17 -29.55 39.02
C VAL F 1587 -29.45 -28.79 38.75
N LEU F 1588 -30.16 -28.47 39.80
CA LEU F 1588 -31.34 -27.62 39.68
C LEU F 1588 -31.04 -26.39 38.84
N ASN F 1589 -29.89 -25.78 39.07
CA ASN F 1589 -29.59 -24.53 38.39
C ASN F 1589 -29.67 -24.69 36.88
N GLY F 1590 -29.06 -25.75 36.36
CA GLY F 1590 -29.17 -25.99 34.94
C GLY F 1590 -30.62 -26.09 34.52
N MET F 1591 -31.41 -26.79 35.34
CA MET F 1591 -32.84 -26.83 35.16
C MET F 1591 -33.41 -25.45 34.94
N LEU F 1592 -33.02 -24.51 35.79
CA LEU F 1592 -33.78 -23.31 36.05
C LEU F 1592 -34.30 -22.68 34.76
N ASP F 1593 -33.40 -22.08 34.01
CA ASP F 1593 -33.83 -21.36 32.83
C ASP F 1593 -33.92 -22.31 31.64
N GLN F 1594 -33.31 -23.48 31.75
CA GLN F 1594 -33.46 -24.42 30.66
C GLN F 1594 -34.94 -24.68 30.46
N SER F 1595 -35.68 -24.79 31.55
CA SER F 1595 -37.12 -24.60 31.50
C SER F 1595 -37.48 -23.22 30.97
N PHE F 1596 -37.18 -22.17 31.74
CA PHE F 1596 -37.63 -20.81 31.44
C PHE F 1596 -37.41 -20.43 29.99
N ARG F 1597 -36.15 -20.47 29.55
CA ARG F 1597 -35.83 -20.11 28.18
C ARG F 1597 -36.74 -20.82 27.18
N GLU F 1598 -36.92 -22.14 27.36
CA GLU F 1598 -37.82 -22.89 26.48
C GLU F 1598 -39.16 -22.21 26.33
N ARG F 1599 -39.72 -21.74 27.43
CA ARG F 1599 -40.94 -20.96 27.37
C ARG F 1599 -40.67 -19.47 27.38
N ALA F 1600 -39.40 -19.06 27.40
CA ALA F 1600 -39.04 -17.64 27.36
C ALA F 1600 -37.56 -17.44 27.09
N ASP F 1621 -44.40 -21.22 30.39
CA ASP F 1621 -45.09 -20.84 31.61
C ASP F 1621 -45.39 -22.10 32.36
N SER F 1622 -44.79 -23.20 31.90
CA SER F 1622 -45.25 -24.53 32.24
C SER F 1622 -44.90 -24.89 33.68
N TRP F 1623 -43.61 -25.09 33.94
CA TRP F 1623 -43.10 -25.70 35.15
C TRP F 1623 -42.76 -24.65 36.19
N TRP F 1624 -43.04 -23.40 35.87
CA TRP F 1624 -42.68 -22.27 36.69
C TRP F 1624 -43.42 -22.31 38.00
N ALA F 1625 -44.50 -23.08 38.03
CA ALA F 1625 -45.03 -23.54 39.30
C ALA F 1625 -44.22 -24.71 39.80
N LYS F 1626 -43.99 -25.72 38.94
CA LYS F 1626 -43.42 -26.98 39.40
C LYS F 1626 -42.23 -26.75 40.31
N ASP F 1627 -41.41 -25.77 39.96
CA ASP F 1627 -40.32 -25.36 40.83
C ASP F 1627 -40.83 -24.79 42.15
N SER F 1628 -41.98 -24.12 42.11
CA SER F 1628 -42.31 -23.22 43.21
C SER F 1628 -42.71 -23.96 44.50
N PRO F 1629 -43.74 -24.82 44.50
CA PRO F 1629 -44.10 -25.47 45.77
C PRO F 1629 -43.10 -26.51 46.23
N LEU F 1630 -42.38 -27.19 45.32
CA LEU F 1630 -41.35 -28.11 45.78
C LEU F 1630 -40.43 -27.40 46.75
N GLU F 1631 -40.31 -26.09 46.60
CA GLU F 1631 -39.63 -25.27 47.57
C GLU F 1631 -40.59 -24.55 48.50
N THR F 1632 -41.90 -24.67 48.30
CA THR F 1632 -42.78 -24.37 49.42
C THR F 1632 -42.45 -25.29 50.58
N LYS F 1633 -42.52 -26.59 50.33
CA LYS F 1633 -42.20 -27.57 51.35
C LYS F 1633 -40.70 -27.71 51.53
N MET F 1634 -40.01 -27.97 50.43
CA MET F 1634 -38.56 -28.10 50.48
C MET F 1634 -37.90 -26.84 51.01
N ALA F 1635 -38.60 -25.72 50.89
CA ALA F 1635 -38.22 -24.53 51.65
C ALA F 1635 -38.00 -24.89 53.10
N VAL F 1636 -38.88 -25.71 53.66
CA VAL F 1636 -38.58 -26.24 54.97
C VAL F 1636 -37.37 -27.16 54.92
N LEU F 1637 -37.11 -27.78 53.78
CA LEU F 1637 -36.36 -29.02 53.86
C LEU F 1637 -34.91 -28.87 53.48
N ALA F 1638 -34.60 -28.87 52.20
CA ALA F 1638 -33.21 -28.73 51.79
C ALA F 1638 -32.72 -27.31 51.99
N LEU F 1639 -33.61 -26.35 51.76
CA LEU F 1639 -33.30 -24.95 52.00
C LEU F 1639 -32.67 -24.74 53.37
N LEU F 1640 -33.30 -25.31 54.38
CA LEU F 1640 -33.11 -24.80 55.73
C LEU F 1640 -31.75 -25.16 56.31
N ALA F 1641 -31.42 -26.46 56.36
CA ALA F 1641 -30.16 -26.89 56.96
C ALA F 1641 -29.01 -26.11 56.35
N LYS F 1642 -29.10 -25.81 55.07
CA LYS F 1642 -28.28 -24.79 54.45
C LYS F 1642 -28.39 -23.48 55.21
N ILE F 1643 -29.59 -22.89 55.22
CA ILE F 1643 -29.82 -21.55 55.76
C ILE F 1643 -29.11 -21.37 57.08
N LEU F 1644 -29.56 -22.09 58.07
CA LEU F 1644 -28.98 -21.88 59.39
C LEU F 1644 -27.73 -22.70 59.59
N GLN F 1645 -27.26 -23.41 58.57
CA GLN F 1645 -25.85 -23.74 58.59
C GLN F 1645 -25.01 -22.50 58.35
N ILE F 1646 -25.50 -21.61 57.48
CA ILE F 1646 -24.82 -20.33 57.31
C ILE F 1646 -24.97 -19.51 58.56
N ASP F 1647 -26.21 -19.25 58.96
CA ASP F 1647 -26.44 -18.46 60.16
C ASP F 1647 -25.79 -19.12 61.37
N SER F 1648 -25.62 -20.43 61.30
CA SER F 1648 -24.87 -21.13 62.34
C SER F 1648 -23.39 -20.82 62.24
N SER F 1649 -22.83 -21.03 61.06
CA SER F 1649 -21.40 -20.97 60.88
C SER F 1649 -20.93 -19.53 61.03
N VAL F 1662 -14.65 -23.51 60.17
CA VAL F 1662 -14.21 -23.48 58.78
C VAL F 1662 -15.14 -24.35 57.95
N PHE F 1663 -15.28 -25.60 58.39
CA PHE F 1663 -16.00 -26.59 57.59
C PHE F 1663 -17.45 -26.17 57.39
N THR F 1664 -18.20 -26.05 58.48
CA THR F 1664 -19.56 -25.54 58.36
C THR F 1664 -19.57 -24.13 57.79
N THR F 1665 -18.45 -23.41 57.90
CA THR F 1665 -18.39 -22.05 57.39
C THR F 1665 -18.33 -22.04 55.87
N TYR F 1666 -17.49 -22.88 55.28
CA TYR F 1666 -17.46 -22.90 53.82
C TYR F 1666 -18.62 -23.69 53.25
N ILE F 1667 -19.09 -24.70 53.97
CA ILE F 1667 -20.36 -25.31 53.59
C ILE F 1667 -21.45 -24.25 53.64
N SER F 1668 -21.25 -23.22 54.46
CA SER F 1668 -22.17 -22.11 54.47
C SER F 1668 -22.00 -21.22 53.25
N LEU F 1669 -20.80 -20.70 53.04
CA LEU F 1669 -20.57 -19.84 51.88
C LEU F 1669 -21.02 -20.55 50.61
N LEU F 1670 -20.71 -21.83 50.54
CA LEU F 1670 -21.42 -22.79 49.72
C LEU F 1670 -22.93 -22.52 49.77
N ALA F 1671 -23.50 -22.63 50.95
CA ALA F 1671 -24.94 -22.71 51.07
C ALA F 1671 -25.57 -21.37 50.73
N ASP F 1672 -25.33 -20.36 51.55
CA ASP F 1672 -25.80 -19.02 51.27
C ASP F 1672 -25.60 -18.64 49.82
N THR F 1673 -24.48 -19.07 49.23
CA THR F 1673 -24.37 -18.97 47.78
C THR F 1673 -25.57 -19.63 47.10
N LYS F 1674 -25.84 -20.89 47.44
CA LYS F 1674 -27.06 -21.51 46.94
C LYS F 1674 -28.22 -20.55 47.13
N LEU F 1675 -28.55 -20.26 48.38
CA LEU F 1675 -29.76 -19.54 48.71
C LEU F 1675 -29.84 -18.25 47.95
N ASP F 1676 -28.70 -17.69 47.57
CA ASP F 1676 -28.69 -16.71 46.52
C ASP F 1676 -29.46 -17.33 45.40
N LEU F 1677 -28.86 -18.34 44.77
CA LEU F 1677 -29.51 -18.97 43.63
C LEU F 1677 -30.97 -19.27 43.91
N HIS F 1678 -31.22 -20.09 44.91
CA HIS F 1678 -32.57 -20.55 45.21
C HIS F 1678 -33.54 -19.38 45.25
N LEU F 1679 -33.26 -18.42 46.12
CA LEU F 1679 -34.13 -17.27 46.24
C LEU F 1679 -34.21 -16.51 44.94
N LYS F 1680 -33.21 -16.65 44.10
CA LYS F 1680 -33.07 -15.75 42.97
C LYS F 1680 -33.81 -16.32 41.76
N GLY F 1681 -33.37 -17.47 41.26
CA GLY F 1681 -34.13 -18.12 40.22
C GLY F 1681 -35.55 -18.42 40.68
N GLN F 1682 -35.68 -19.01 41.86
CA GLN F 1682 -37.01 -19.24 42.39
C GLN F 1682 -37.74 -17.91 42.50
N ALA F 1683 -37.01 -16.84 42.81
CA ALA F 1683 -37.61 -15.52 42.75
C ALA F 1683 -37.97 -15.12 41.32
N VAL F 1684 -37.36 -15.77 40.33
CA VAL F 1684 -37.65 -15.41 38.95
C VAL F 1684 -38.93 -16.08 38.49
N THR F 1685 -39.19 -17.30 38.97
CA THR F 1685 -40.54 -17.81 38.76
C THR F 1685 -41.54 -17.15 39.69
N LEU F 1686 -41.08 -16.43 40.72
CA LEU F 1686 -41.99 -15.54 41.43
C LEU F 1686 -42.28 -14.29 40.63
N LEU F 1687 -41.32 -13.87 39.80
CA LEU F 1687 -41.49 -12.66 38.97
C LEU F 1687 -42.83 -12.64 38.26
N PRO F 1688 -43.37 -13.75 37.78
CA PRO F 1688 -44.78 -13.73 37.36
C PRO F 1688 -45.67 -13.14 38.43
N PHE F 1689 -45.48 -13.53 39.69
CA PHE F 1689 -46.53 -13.21 40.63
C PHE F 1689 -46.06 -12.31 41.75
N PHE F 1690 -45.46 -12.92 42.76
CA PHE F 1690 -45.19 -12.23 44.00
C PHE F 1690 -44.05 -12.94 44.69
N THR F 1691 -43.23 -12.19 45.40
CA THR F 1691 -42.52 -12.76 46.53
C THR F 1691 -43.16 -12.40 47.87
N SER F 1692 -44.04 -11.40 47.91
CA SER F 1692 -44.55 -10.90 49.18
C SER F 1692 -45.86 -11.58 49.56
N LEU F 1693 -46.43 -12.37 48.66
CA LEU F 1693 -47.51 -13.28 49.00
C LEU F 1693 -47.02 -14.71 48.87
N THR F 1694 -46.64 -15.08 47.65
CA THR F 1694 -46.09 -16.40 47.39
C THR F 1694 -45.03 -16.72 48.43
N GLY F 1695 -43.87 -16.08 48.32
CA GLY F 1695 -42.89 -16.19 49.37
C GLY F 1695 -43.34 -15.46 50.63
N GLY F 1696 -44.23 -14.50 50.46
CA GLY F 1696 -44.72 -13.77 51.62
C GLY F 1696 -45.57 -14.65 52.51
N SER F 1697 -46.55 -15.33 51.94
CA SER F 1697 -47.33 -16.25 52.74
C SER F 1697 -46.55 -17.51 53.09
N LEU F 1698 -45.34 -17.68 52.56
CA LEU F 1698 -44.58 -18.90 52.78
C LEU F 1698 -43.27 -18.61 53.49
N GLU F 1699 -43.19 -19.09 54.72
CA GLU F 1699 -42.16 -18.73 55.67
C GLU F 1699 -40.78 -19.16 55.21
N GLU F 1700 -39.78 -18.56 55.85
CA GLU F 1700 -38.38 -18.94 55.67
C GLU F 1700 -38.05 -18.93 54.18
N LEU F 1701 -38.67 -18.00 53.49
CA LEU F 1701 -38.39 -17.74 52.10
C LEU F 1701 -38.18 -16.25 52.02
N ARG F 1702 -39.25 -15.52 52.27
CA ARG F 1702 -39.13 -14.11 52.60
C ARG F 1702 -38.09 -13.86 53.66
N ARG F 1703 -38.06 -14.68 54.70
CA ARG F 1703 -37.33 -14.30 55.90
C ARG F 1703 -35.84 -14.55 55.75
N VAL F 1704 -35.46 -15.54 54.93
CA VAL F 1704 -34.06 -15.91 54.85
C VAL F 1704 -33.25 -14.74 54.29
N LEU F 1705 -33.89 -13.91 53.47
CA LEU F 1705 -33.33 -12.63 53.06
C LEU F 1705 -32.70 -11.94 54.25
N GLU F 1706 -33.56 -11.50 55.16
CA GLU F 1706 -33.11 -10.82 56.37
C GLU F 1706 -32.16 -11.70 57.16
N GLN F 1707 -32.40 -13.01 57.16
CA GLN F 1707 -31.62 -13.94 57.97
C GLN F 1707 -30.14 -13.86 57.69
N LEU F 1708 -29.74 -14.28 56.50
CA LEU F 1708 -28.36 -14.65 56.32
C LEU F 1708 -27.41 -13.45 56.37
N ILE F 1709 -27.96 -12.25 56.50
CA ILE F 1709 -27.21 -11.00 56.37
C ILE F 1709 -26.04 -10.91 57.32
N VAL F 1710 -26.04 -11.71 58.39
CA VAL F 1710 -25.11 -11.47 59.48
C VAL F 1710 -23.68 -11.77 59.07
N ALA F 1711 -22.81 -10.79 59.27
CA ALA F 1711 -21.36 -10.96 59.40
C ALA F 1711 -20.68 -11.39 58.11
N HIS F 1712 -21.23 -11.09 56.93
CA HIS F 1712 -20.51 -11.37 55.69
C HIS F 1712 -20.74 -10.26 54.67
N PHE F 1713 -19.67 -9.59 54.25
CA PHE F 1713 -19.73 -8.63 53.14
C PHE F 1713 -19.88 -9.19 51.73
N PRO F 1714 -19.01 -10.12 51.32
CA PRO F 1714 -18.86 -10.33 49.87
C PRO F 1714 -20.16 -10.70 49.22
N MET F 1715 -20.86 -11.61 49.86
CA MET F 1715 -22.18 -11.98 49.40
C MET F 1715 -23.22 -10.97 49.83
N GLN F 1716 -22.92 -10.19 50.88
CA GLN F 1716 -23.84 -9.14 51.32
C GLN F 1716 -24.24 -8.29 50.15
N SER F 1717 -23.34 -8.19 49.17
CA SER F 1717 -23.71 -7.71 47.85
C SER F 1717 -25.00 -8.35 47.38
N ARG F 1718 -25.07 -9.67 47.48
CA ARG F 1718 -26.13 -10.39 46.80
C ARG F 1718 -27.34 -10.62 47.68
N GLU F 1719 -27.25 -10.28 48.97
CA GLU F 1719 -28.41 -10.24 49.84
C GLU F 1719 -29.56 -9.49 49.20
N PHE F 1720 -29.28 -8.26 48.80
CA PHE F 1720 -30.33 -7.29 48.54
C PHE F 1720 -31.06 -7.53 47.23
N PRO F 1721 -30.38 -7.74 46.10
CA PRO F 1721 -31.06 -7.71 44.79
C PRO F 1721 -32.29 -8.60 44.74
N PRO F 1722 -32.29 -9.75 45.40
CA PRO F 1722 -33.51 -10.56 45.42
C PRO F 1722 -34.58 -9.97 46.32
N GLY F 1723 -35.80 -10.13 45.84
CA GLY F 1723 -36.98 -9.99 46.65
C GLY F 1723 -37.42 -8.55 46.76
N THR F 1724 -38.73 -8.38 46.84
CA THR F 1724 -39.33 -7.09 47.13
C THR F 1724 -40.21 -7.33 48.34
N PRO F 1725 -39.61 -7.74 49.45
CA PRO F 1725 -40.41 -8.18 50.60
C PRO F 1725 -41.19 -7.01 51.16
N ARG F 1726 -42.28 -7.32 51.84
CA ARG F 1726 -43.24 -6.29 52.21
C ARG F 1726 -43.81 -6.56 53.58
N PHE F 1727 -44.33 -5.50 54.19
CA PHE F 1727 -44.70 -5.43 55.59
C PHE F 1727 -43.54 -5.48 56.57
N ASN F 1728 -43.59 -6.46 57.45
CA ASN F 1728 -43.22 -6.26 58.83
C ASN F 1728 -41.93 -7.00 59.14
N ASN F 1729 -41.16 -6.47 60.09
CA ASN F 1729 -39.78 -6.88 60.32
C ASN F 1729 -38.93 -6.64 59.09
N TYR F 1730 -39.34 -5.72 58.24
CA TYR F 1730 -38.69 -5.51 56.97
C TYR F 1730 -38.24 -4.07 56.92
N VAL F 1731 -39.20 -3.16 56.98
CA VAL F 1731 -38.90 -1.76 57.24
C VAL F 1731 -37.88 -1.77 58.37
N ASP F 1732 -38.20 -2.53 59.41
CA ASP F 1732 -37.42 -2.49 60.63
C ASP F 1732 -36.15 -3.34 60.52
N CYS F 1733 -36.31 -4.66 60.58
CA CYS F 1733 -35.13 -5.53 60.66
C CYS F 1733 -34.19 -5.28 59.50
N MET F 1734 -34.75 -5.09 58.31
CA MET F 1734 -33.90 -4.86 57.17
C MET F 1734 -33.35 -3.44 57.19
N LYS F 1735 -34.16 -2.48 57.65
CA LYS F 1735 -33.62 -1.14 57.86
C LYS F 1735 -32.41 -1.18 58.79
N LYS F 1736 -32.34 -2.20 59.65
CA LYS F 1736 -31.17 -2.40 60.49
C LYS F 1736 -30.04 -3.04 59.69
N PHE F 1737 -30.34 -4.09 58.94
CA PHE F 1737 -29.34 -4.78 58.14
C PHE F 1737 -28.75 -3.87 57.08
N LEU F 1738 -29.32 -2.69 56.91
CA LEU F 1738 -28.89 -1.76 55.88
C LEU F 1738 -28.31 -0.49 56.47
N ASP F 1739 -29.09 0.24 57.26
CA ASP F 1739 -28.52 1.31 58.03
C ASP F 1739 -27.37 0.80 58.88
N ALA F 1740 -27.69 0.03 59.92
CA ALA F 1740 -26.68 -0.47 60.84
C ALA F 1740 -25.61 -1.25 60.11
N LEU F 1741 -26.01 -2.28 59.38
CA LEU F 1741 -25.00 -3.14 58.78
C LEU F 1741 -24.32 -2.47 57.60
N GLU F 1742 -24.84 -1.35 57.13
CA GLU F 1742 -24.16 -0.58 56.09
C GLU F 1742 -23.09 0.29 56.72
N LEU F 1743 -23.50 1.32 57.46
CA LEU F 1743 -22.51 2.19 58.12
C LEU F 1743 -21.48 1.37 58.87
N SER F 1744 -21.89 0.23 59.42
CA SER F 1744 -20.92 -0.69 60.02
C SER F 1744 -20.08 -1.37 58.95
N GLN F 1745 -20.73 -1.92 57.93
CA GLN F 1745 -20.03 -2.67 56.89
C GLN F 1745 -19.74 -1.82 55.66
N SER F 1746 -20.10 -0.54 55.68
CA SER F 1746 -19.64 0.40 54.68
C SER F 1746 -18.99 1.58 55.38
N PRO F 1747 -17.85 2.05 54.87
CA PRO F 1747 -17.12 3.14 55.53
C PRO F 1747 -18.01 4.35 55.81
N MET F 1748 -17.86 4.89 57.03
CA MET F 1748 -18.55 6.09 57.48
C MET F 1748 -18.16 7.34 56.70
N LEU F 1749 -17.06 7.29 55.95
CA LEU F 1749 -16.40 8.51 55.51
C LEU F 1749 -17.30 9.30 54.58
N LEU F 1750 -17.58 10.54 54.97
CA LEU F 1750 -18.39 11.42 54.15
C LEU F 1750 -17.57 11.84 52.95
N GLU F 1751 -18.10 11.59 51.76
CA GLU F 1751 -17.46 11.97 50.52
C GLU F 1751 -16.08 11.34 50.37
N LEU F 1752 -15.83 10.20 51.02
CA LEU F 1752 -14.68 9.37 50.67
C LEU F 1752 -15.19 8.02 50.22
N MET F 1753 -14.91 7.68 48.96
CA MET F 1753 -15.54 6.56 48.30
C MET F 1753 -14.72 6.20 47.06
N THR F 1754 -14.96 4.98 46.55
CA THR F 1754 -14.92 4.59 45.12
C THR F 1754 -14.69 3.10 45.02
N LEU F 1789 -35.05 -8.51 23.41
CA LEU F 1789 -35.91 -9.23 22.48
C LEU F 1789 -35.38 -10.62 22.18
N GLU F 1790 -34.65 -10.75 21.06
CA GLU F 1790 -34.14 -12.03 20.60
C GLU F 1790 -32.62 -12.00 20.40
N SER F 1791 -32.19 -11.29 19.36
CA SER F 1791 -30.80 -11.29 18.90
C SER F 1791 -29.81 -10.89 19.97
N VAL F 1792 -29.76 -9.61 20.32
CA VAL F 1792 -28.82 -9.17 21.35
C VAL F 1792 -29.27 -9.63 22.72
N TYR F 1793 -30.59 -9.73 22.91
CA TYR F 1793 -31.15 -10.24 24.15
C TYR F 1793 -30.47 -11.53 24.56
N GLU F 1794 -30.17 -12.39 23.60
CA GLU F 1794 -29.65 -13.70 23.93
C GLU F 1794 -28.34 -13.64 24.69
N MET F 1795 -27.62 -12.52 24.66
CA MET F 1795 -26.38 -12.46 25.42
C MET F 1795 -26.63 -12.74 26.89
N PHE F 1796 -27.72 -12.20 27.42
CA PHE F 1796 -28.01 -12.50 28.81
C PHE F 1796 -28.64 -13.87 28.98
N ARG F 1797 -29.26 -14.42 27.93
CA ARG F 1797 -30.14 -15.55 28.13
C ARG F 1797 -29.43 -16.71 28.82
N LYS F 1798 -28.24 -17.07 28.34
CA LYS F 1798 -27.58 -18.21 28.91
C LYS F 1798 -26.59 -17.86 30.02
N ASP F 1799 -26.37 -16.58 30.28
CA ASP F 1799 -25.66 -16.16 31.49
C ASP F 1799 -26.62 -15.76 32.60
N ASP F 1800 -27.93 -16.00 32.41
CA ASP F 1800 -28.99 -15.52 33.29
C ASP F 1800 -28.73 -15.67 34.78
N PRO F 1801 -28.41 -16.84 35.34
CA PRO F 1801 -28.36 -16.97 36.80
C PRO F 1801 -27.22 -16.23 37.49
N ARG F 1802 -26.25 -15.69 36.76
CA ARG F 1802 -24.88 -15.57 37.26
C ARG F 1802 -24.24 -14.25 36.82
N LEU F 1803 -22.93 -14.14 37.06
CA LEU F 1803 -22.05 -13.22 36.34
C LEU F 1803 -22.26 -11.72 36.56
N SER F 1804 -21.69 -11.19 37.66
CA SER F 1804 -21.92 -9.82 38.09
C SER F 1804 -21.69 -8.75 37.02
N PHE F 1805 -21.02 -9.08 35.92
CA PHE F 1805 -20.72 -8.14 34.85
C PHE F 1805 -21.98 -7.65 34.13
N THR F 1806 -23.15 -8.17 34.52
CA THR F 1806 -24.36 -8.03 33.71
C THR F 1806 -24.56 -6.63 33.19
N ARG F 1807 -24.65 -5.66 34.10
CA ARG F 1807 -24.78 -4.27 33.69
C ARG F 1807 -23.44 -3.53 33.68
N GLN F 1808 -22.38 -4.13 34.24
CA GLN F 1808 -21.02 -3.70 33.92
C GLN F 1808 -20.74 -3.88 32.43
N SER F 1809 -21.59 -4.63 31.73
CA SER F 1809 -21.46 -4.82 30.30
C SER F 1809 -21.49 -3.50 29.57
N PHE F 1810 -22.68 -2.91 29.49
CA PHE F 1810 -22.90 -1.76 28.62
C PHE F 1810 -22.32 -0.47 29.17
N VAL F 1811 -21.80 -0.46 30.40
CA VAL F 1811 -21.04 0.71 30.82
C VAL F 1811 -19.74 0.77 30.05
N ASP F 1812 -19.27 -0.37 29.54
CA ASP F 1812 -18.18 -0.39 28.56
C ASP F 1812 -18.57 0.41 27.31
N ARG F 1813 -19.85 0.68 27.13
CA ARG F 1813 -20.33 1.54 26.06
C ARG F 1813 -20.75 2.91 26.60
N THR F 1847 -6.29 4.67 47.39
CA THR F 1847 -7.25 5.62 47.92
C THR F 1847 -8.62 5.00 48.07
N LYS F 1848 -9.00 4.28 47.03
CA LYS F 1848 -10.37 3.91 46.79
C LYS F 1848 -10.73 2.52 47.28
N LEU F 1849 -9.82 1.81 47.92
CA LEU F 1849 -9.92 0.33 47.92
C LEU F 1849 -10.91 -0.22 48.94
N ASN F 1850 -10.68 0.02 50.23
CA ASN F 1850 -11.79 -0.27 51.14
C ASN F 1850 -12.94 0.68 50.86
N GLU F 1851 -12.63 1.86 50.27
CA GLU F 1851 -13.68 2.68 49.69
C GLU F 1851 -14.40 1.92 48.57
N SER F 1852 -13.67 1.07 47.83
CA SER F 1852 -14.32 0.24 46.83
C SER F 1852 -15.10 -0.90 47.47
N THR F 1853 -14.73 -1.32 48.67
CA THR F 1853 -15.62 -2.15 49.45
C THR F 1853 -16.94 -1.41 49.66
N PHE F 1854 -16.84 -0.15 50.09
CA PHE F 1854 -18.00 0.70 50.30
C PHE F 1854 -18.89 0.76 49.07
N ASP F 1855 -18.46 1.49 48.03
CA ASP F 1855 -19.38 1.74 46.91
C ASP F 1855 -19.56 0.50 46.06
N THR F 1856 -18.67 -0.47 46.21
CA THR F 1856 -19.02 -1.81 45.81
C THR F 1856 -20.39 -2.05 46.37
N GLN F 1857 -20.47 -2.12 47.68
CA GLN F 1857 -21.71 -2.53 48.30
C GLN F 1857 -22.81 -1.49 48.11
N ILE F 1858 -22.46 -0.24 47.87
CA ILE F 1858 -23.47 0.80 47.75
C ILE F 1858 -24.13 0.72 46.39
N THR F 1859 -23.32 0.65 45.35
CA THR F 1859 -23.84 0.30 44.05
C THR F 1859 -24.62 -0.99 44.15
N LYS F 1860 -24.09 -1.97 44.87
CA LYS F 1860 -24.86 -3.16 45.22
C LYS F 1860 -26.19 -2.76 45.82
N LYS F 1861 -26.25 -1.60 46.44
CA LYS F 1861 -27.43 -1.27 47.19
C LYS F 1861 -28.48 -0.68 46.26
N MET F 1862 -28.34 0.59 45.92
CA MET F 1862 -29.52 1.24 45.42
C MET F 1862 -29.65 1.26 43.92
N GLY F 1863 -28.58 0.94 43.19
CA GLY F 1863 -28.76 0.71 41.78
C GLY F 1863 -29.79 -0.37 41.56
N TYR F 1864 -29.68 -1.45 42.32
CA TYR F 1864 -30.50 -2.64 42.19
C TYR F 1864 -31.95 -2.33 42.35
N TYR F 1865 -32.37 -2.12 43.57
CA TYR F 1865 -33.66 -1.52 43.79
C TYR F 1865 -33.29 -0.09 44.09
N LYS F 1866 -33.43 0.77 43.10
CA LYS F 1866 -33.85 2.11 43.42
C LYS F 1866 -35.34 2.26 43.25
N ILE F 1867 -35.94 1.35 42.50
CA ILE F 1867 -37.16 1.65 41.77
C ILE F 1867 -38.42 1.46 42.58
N LEU F 1868 -38.41 0.68 43.65
CA LEU F 1868 -39.66 0.12 44.13
C LEU F 1868 -40.20 0.75 45.41
N ASP F 1869 -39.60 0.45 46.56
CA ASP F 1869 -40.32 0.54 47.83
C ASP F 1869 -39.70 1.58 48.76
N VAL F 1870 -40.47 1.93 49.77
CA VAL F 1870 -40.21 3.14 50.52
C VAL F 1870 -39.07 2.98 51.51
N MET F 1871 -38.71 1.76 51.87
CA MET F 1871 -37.42 1.60 52.54
C MET F 1871 -36.30 1.57 51.51
N TYR F 1872 -36.53 0.86 50.39
CA TYR F 1872 -35.66 1.05 49.26
C TYR F 1872 -35.51 2.53 48.96
N SER F 1873 -36.59 3.29 49.16
CA SER F 1873 -36.52 4.74 49.07
C SER F 1873 -35.80 5.36 50.25
N ARG F 1874 -35.92 4.77 51.42
CA ARG F 1874 -35.55 5.44 52.65
C ARG F 1874 -34.06 5.37 52.88
N LEU F 1875 -33.51 4.17 52.77
CA LEU F 1875 -32.09 3.94 52.97
C LEU F 1875 -31.19 4.89 52.20
N PRO F 1876 -31.49 5.27 50.96
CA PRO F 1876 -30.64 6.27 50.30
C PRO F 1876 -30.63 7.56 51.09
N LYS F 1877 -31.81 8.04 51.43
CA LYS F 1877 -31.90 9.21 52.28
C LYS F 1877 -31.23 8.97 53.60
N ASP F 1878 -31.21 7.73 54.07
CA ASP F 1878 -30.48 7.40 55.27
C ASP F 1878 -29.01 7.75 55.08
N ASP F 1879 -28.36 7.08 54.14
CA ASP F 1879 -26.91 7.18 54.06
C ASP F 1879 -26.46 8.57 53.65
N VAL F 1880 -27.11 9.14 52.63
CA VAL F 1880 -26.65 10.41 52.07
C VAL F 1880 -26.45 11.44 53.17
N HIS F 1881 -27.40 11.52 54.07
CA HIS F 1881 -27.33 12.46 55.18
C HIS F 1881 -26.48 11.91 56.29
N ALA F 1882 -26.56 10.60 56.52
CA ALA F 1882 -25.65 9.94 57.46
C ALA F 1882 -24.22 10.19 57.04
N LYS F 1883 -23.88 9.82 55.81
CA LYS F 1883 -22.59 10.13 55.24
C LYS F 1883 -22.79 10.60 53.81
N GLU F 1884 -22.42 11.85 53.55
CA GLU F 1884 -22.54 12.40 52.21
C GLU F 1884 -21.39 11.91 51.34
N SER F 1885 -21.72 11.31 50.20
CA SER F 1885 -20.70 10.88 49.25
C SER F 1885 -21.19 11.17 47.85
N LYS F 1886 -20.36 10.86 46.87
CA LYS F 1886 -20.79 11.01 45.49
C LYS F 1886 -21.73 9.92 45.05
N ILE F 1887 -22.05 9.01 45.97
CA ILE F 1887 -23.28 8.24 45.86
C ILE F 1887 -24.40 9.14 45.41
N ASN F 1888 -24.41 10.38 45.90
CA ASN F 1888 -25.48 11.32 45.59
C ASN F 1888 -25.64 11.50 44.08
N GLN F 1889 -24.52 11.48 43.37
CA GLN F 1889 -24.54 11.54 41.91
C GLN F 1889 -25.38 10.40 41.34
N VAL F 1890 -25.13 9.19 41.83
CA VAL F 1890 -25.94 8.03 41.48
C VAL F 1890 -27.41 8.38 41.57
N PHE F 1891 -27.77 9.18 42.58
CA PHE F 1891 -29.17 9.49 42.83
C PHE F 1891 -29.86 10.01 41.60
N HIS F 1892 -29.13 10.67 40.71
CA HIS F 1892 -29.81 11.22 39.55
C HIS F 1892 -30.25 10.08 38.65
N GLY F 1893 -29.27 9.38 38.09
CA GLY F 1893 -29.58 8.18 37.33
C GLY F 1893 -30.33 7.19 38.16
N SER F 1894 -30.45 7.49 39.45
CA SER F 1894 -31.47 6.83 40.24
C SER F 1894 -32.77 7.63 40.24
N CYS F 1895 -32.80 8.71 41.01
CA CYS F 1895 -34.05 9.37 41.35
C CYS F 1895 -34.78 9.80 40.09
N ILE F 1896 -34.19 10.75 39.38
CA ILE F 1896 -34.78 11.22 38.13
C ILE F 1896 -35.23 10.02 37.32
N THR F 1897 -34.32 9.06 37.12
CA THR F 1897 -34.73 7.87 36.41
C THR F 1897 -35.92 7.24 37.08
N GLU F 1898 -35.75 6.75 38.31
CA GLU F 1898 -36.88 6.15 38.99
C GLU F 1898 -38.09 7.06 38.95
N GLY F 1899 -37.86 8.37 39.04
CA GLY F 1899 -38.97 9.29 38.95
C GLY F 1899 -39.75 9.04 37.68
N ASN F 1900 -39.09 9.16 36.54
CA ASN F 1900 -39.75 8.75 35.33
C ASN F 1900 -39.95 7.24 35.29
N GLU F 1901 -39.08 6.49 35.94
CA GLU F 1901 -39.02 5.04 35.72
C GLU F 1901 -40.17 4.29 36.37
N LEU F 1902 -40.26 4.35 37.70
CA LEU F 1902 -41.15 3.45 38.43
C LEU F 1902 -42.56 3.42 37.85
N THR F 1903 -43.01 4.56 37.33
CA THR F 1903 -44.31 4.67 36.66
C THR F 1903 -45.43 4.06 37.48
N LYS F 1904 -45.32 4.18 38.79
CA LYS F 1904 -46.39 3.81 39.71
C LYS F 1904 -46.91 5.09 40.33
N THR F 1905 -48.07 5.56 39.86
CA THR F 1905 -48.71 6.70 40.49
C THR F 1905 -48.91 6.44 41.97
N LEU F 1906 -49.03 5.17 42.32
CA LEU F 1906 -49.27 4.76 43.68
C LEU F 1906 -48.01 5.03 44.45
N ILE F 1907 -46.96 4.26 44.15
CA ILE F 1907 -45.72 4.42 44.88
C ILE F 1907 -45.19 5.83 44.69
N LYS F 1908 -45.54 6.47 43.57
CA LYS F 1908 -45.33 7.90 43.41
C LYS F 1908 -45.82 8.59 44.65
N LEU F 1909 -47.12 8.55 44.82
CA LEU F 1909 -47.72 9.13 46.00
C LEU F 1909 -47.16 8.57 47.29
N CYS F 1910 -46.55 7.38 47.23
CA CYS F 1910 -46.04 6.76 48.46
C CYS F 1910 -44.80 7.49 48.94
N TYR F 1911 -43.96 7.93 48.02
CA TYR F 1911 -42.87 8.78 48.46
C TYR F 1911 -43.31 10.22 48.55
N ASP F 1912 -44.34 10.60 47.79
CA ASP F 1912 -44.91 11.92 47.92
C ASP F 1912 -45.27 12.19 49.37
N ALA F 1913 -46.08 11.31 49.95
CA ALA F 1913 -46.37 11.39 51.36
C ALA F 1913 -45.15 11.02 52.19
N PHE F 1914 -44.47 9.93 51.83
CA PHE F 1914 -43.35 9.45 52.60
C PHE F 1914 -42.37 10.56 52.93
N THR F 1915 -41.65 11.01 51.91
CA THR F 1915 -40.83 12.20 52.05
C THR F 1915 -41.64 13.36 52.62
N GLU F 1916 -42.89 13.49 52.16
CA GLU F 1916 -43.67 14.69 52.42
C GLU F 1916 -43.72 15.01 53.90
N ASN F 1917 -44.11 14.06 54.72
CA ASN F 1917 -44.06 14.24 56.16
C ASN F 1917 -42.87 13.55 56.80
N MET F 1918 -42.00 12.91 56.02
CA MET F 1918 -40.60 12.82 56.43
C MET F 1918 -40.07 14.20 56.71
N ALA F 1919 -40.68 15.21 56.09
CA ALA F 1919 -40.46 16.59 56.45
C ALA F 1919 -41.24 16.97 57.69
N GLY F 1920 -41.94 16.03 58.30
CA GLY F 1920 -42.61 16.29 59.56
C GLY F 1920 -41.62 16.46 60.70
N GLU F 1921 -42.17 16.46 61.91
CA GLU F 1921 -41.40 16.83 63.09
C GLU F 1921 -40.45 15.70 63.44
N ASN F 1922 -39.16 15.99 63.40
CA ASN F 1922 -38.13 14.97 63.34
C ASN F 1922 -36.82 15.57 63.81
N GLN F 1923 -35.84 14.70 64.00
CA GLN F 1923 -34.48 15.10 64.36
C GLN F 1923 -33.64 15.44 63.13
N LEU F 1924 -34.28 15.63 61.98
CA LEU F 1924 -33.60 15.84 60.71
C LEU F 1924 -32.62 17.03 60.78
N LEU F 1925 -31.55 16.94 59.99
CA LEU F 1925 -30.56 18.02 59.90
C LEU F 1925 -30.71 18.78 58.59
N GLU F 1926 -29.78 19.71 58.37
CA GLU F 1926 -29.78 20.59 57.21
C GLU F 1926 -29.78 19.87 55.88
N ARG F 1927 -28.63 19.28 55.53
CA ARG F 1927 -28.54 18.45 54.34
C ARG F 1927 -29.64 17.42 54.34
N ARG F 1928 -29.96 16.95 55.54
CA ARG F 1928 -30.99 15.94 55.69
C ARG F 1928 -32.33 16.43 55.14
N ARG F 1929 -32.56 17.74 55.11
CA ARG F 1929 -33.63 18.24 54.26
C ARG F 1929 -33.18 18.58 52.85
N LEU F 1930 -31.87 18.73 52.63
CA LEU F 1930 -31.48 19.13 51.29
C LEU F 1930 -31.72 18.00 50.31
N TYR F 1931 -31.00 16.88 50.47
CA TYR F 1931 -31.23 15.79 49.53
C TYR F 1931 -32.65 15.29 49.60
N HIS F 1932 -33.29 15.48 50.76
CA HIS F 1932 -34.68 15.10 50.94
C HIS F 1932 -35.48 15.76 49.83
N CYS F 1933 -35.65 17.08 49.92
CA CYS F 1933 -36.42 17.75 48.89
C CYS F 1933 -35.73 17.67 47.54
N ALA F 1934 -34.43 17.43 47.54
CA ALA F 1934 -33.63 17.60 46.34
C ALA F 1934 -33.76 16.37 45.46
N ALA F 1935 -33.08 15.28 45.83
CA ALA F 1935 -33.26 14.02 45.10
C ALA F 1935 -34.72 13.66 45.02
N TYR F 1936 -35.47 14.04 46.04
CA TYR F 1936 -36.91 13.99 45.97
C TYR F 1936 -37.40 14.62 44.69
N ASN F 1937 -37.03 15.87 44.45
CA ASN F 1937 -37.50 16.53 43.25
C ASN F 1937 -36.89 15.88 42.00
N CYS F 1938 -35.65 15.41 42.12
CA CYS F 1938 -35.00 14.75 41.01
C CYS F 1938 -35.90 13.69 40.43
N ALA F 1939 -36.38 12.80 41.27
CA ALA F 1939 -37.39 11.88 40.80
C ALA F 1939 -38.68 12.59 40.42
N ILE F 1940 -39.07 13.62 41.18
CA ILE F 1940 -40.46 14.04 41.12
C ILE F 1940 -40.72 14.98 39.95
N SER F 1941 -39.75 15.83 39.60
CA SER F 1941 -40.00 16.74 38.48
C SER F 1941 -40.26 15.98 37.21
N VAL F 1942 -39.72 14.76 37.08
CA VAL F 1942 -39.81 13.96 35.88
C VAL F 1942 -40.93 12.93 35.95
N ILE F 1943 -41.72 12.93 37.01
CA ILE F 1943 -42.74 11.89 37.16
C ILE F 1943 -44.13 12.50 37.02
N CYS F 1944 -45.16 11.67 37.11
CA CYS F 1944 -46.49 11.99 36.58
C CYS F 1944 -47.07 13.25 37.18
N CYS F 1945 -47.51 14.14 36.29
CA CYS F 1945 -47.84 15.52 36.64
C CYS F 1945 -48.90 15.62 37.73
N VAL F 1946 -49.69 14.57 37.93
CA VAL F 1946 -50.74 14.64 38.93
C VAL F 1946 -50.12 14.10 40.21
N PHE F 1947 -49.82 14.99 41.14
CA PHE F 1947 -49.24 14.61 42.41
C PHE F 1947 -50.23 14.62 43.55
N ASN F 1948 -51.49 14.93 43.25
CA ASN F 1948 -52.64 14.60 44.08
C ASN F 1948 -52.51 15.28 45.45
N GLU F 1949 -52.89 14.61 46.53
CA GLU F 1949 -52.94 15.32 47.81
C GLU F 1949 -51.58 15.74 48.29
N LEU F 1950 -50.51 15.09 47.84
CA LEU F 1950 -49.18 15.67 48.02
C LEU F 1950 -49.24 17.15 47.71
N LYS F 1951 -49.42 17.47 46.44
CA LYS F 1951 -49.48 18.86 46.04
C LYS F 1951 -50.66 19.58 46.67
N PHE F 1952 -51.70 18.86 47.07
CA PHE F 1952 -52.77 19.54 47.79
C PHE F 1952 -52.47 19.67 49.28
N TYR F 1953 -51.93 18.63 49.91
CA TYR F 1953 -51.68 18.74 51.34
C TYR F 1953 -50.59 19.74 51.64
N GLN F 1954 -49.76 20.02 50.65
CA GLN F 1954 -48.78 21.08 50.82
C GLN F 1954 -49.46 22.43 50.66
N GLY F 1955 -50.48 22.49 49.82
CA GLY F 1955 -51.45 23.55 49.96
C GLY F 1955 -51.93 23.64 51.38
N PHE F 1956 -52.25 22.50 52.00
CA PHE F 1956 -52.57 22.51 53.40
C PHE F 1956 -51.32 22.35 54.28
N LEU F 1957 -50.14 22.25 53.67
CA LEU F 1957 -48.95 22.69 54.39
C LEU F 1957 -48.52 24.10 53.99
N PHE F 1958 -49.27 24.78 53.11
CA PHE F 1958 -48.96 26.18 52.82
C PHE F 1958 -48.99 27.02 54.07
N SER F 1959 -50.01 26.83 54.91
CA SER F 1959 -50.05 27.55 56.17
C SER F 1959 -48.94 27.09 57.10
N GLU F 1960 -48.35 25.92 56.84
CA GLU F 1960 -47.10 25.59 57.50
C GLU F 1960 -46.08 26.69 57.29
N LYS F 1961 -46.05 27.25 56.10
CA LYS F 1961 -45.14 28.34 55.83
C LYS F 1961 -45.34 29.49 56.81
N PRO F 1962 -46.51 30.12 56.93
CA PRO F 1962 -46.69 31.02 58.07
C PRO F 1962 -46.49 30.23 59.36
N GLU F 1963 -45.62 30.75 60.21
CA GLU F 1963 -45.04 29.94 61.26
C GLU F 1963 -44.07 30.82 62.02
N LYS F 1964 -43.81 30.43 63.26
CA LYS F 1964 -42.76 31.06 64.04
C LYS F 1964 -42.04 29.96 64.80
N ASN F 1965 -40.76 29.77 64.51
CA ASN F 1965 -39.90 29.14 65.49
C ASN F 1965 -38.87 30.19 65.84
N LEU F 1966 -39.06 30.82 66.97
CA LEU F 1966 -38.07 31.78 67.40
C LEU F 1966 -37.65 31.47 68.81
N LEU F 1967 -36.44 30.96 68.93
CA LEU F 1967 -35.65 30.60 67.74
C LEU F 1967 -35.30 29.14 67.79
N ILE F 1968 -34.58 28.83 68.88
CA ILE F 1968 -33.82 27.62 69.09
C ILE F 1968 -32.86 27.48 67.92
N PHE F 1969 -32.58 26.26 67.50
CA PHE F 1969 -31.46 26.02 66.61
C PHE F 1969 -31.90 25.12 65.49
N GLU F 1970 -32.06 23.84 65.81
CA GLU F 1970 -32.60 22.89 64.85
C GLU F 1970 -34.08 23.14 64.65
N ASN F 1971 -34.74 23.64 65.68
CA ASN F 1971 -36.08 24.18 65.50
C ASN F 1971 -36.04 25.38 64.59
N LEU F 1972 -34.95 26.13 64.65
CA LEU F 1972 -34.74 27.19 63.70
C LEU F 1972 -34.20 26.62 62.39
N ILE F 1973 -33.30 25.63 62.47
CA ILE F 1973 -32.75 24.98 61.29
C ILE F 1973 -33.89 24.51 60.42
N ASP F 1974 -34.57 23.47 60.86
CA ASP F 1974 -35.66 22.96 60.05
C ASP F 1974 -36.87 23.86 60.17
N LEU F 1975 -36.86 24.83 61.07
CA LEU F 1975 -37.84 25.88 60.92
C LEU F 1975 -37.75 26.33 59.48
N LYS F 1976 -36.63 26.93 59.13
CA LYS F 1976 -36.50 27.44 57.78
C LYS F 1976 -36.39 26.34 56.74
N ARG F 1977 -35.65 25.28 57.04
CA ARG F 1977 -35.55 24.13 56.13
C ARG F 1977 -36.92 23.64 55.71
N ARG F 1978 -37.89 23.67 56.63
CA ARG F 1978 -39.17 23.00 56.39
C ARG F 1978 -40.10 23.74 55.45
N TYR F 1979 -40.31 25.04 55.65
CA TYR F 1979 -41.37 25.70 54.87
C TYR F 1979 -40.89 26.15 53.51
N ASN F 1980 -39.61 26.50 53.37
CA ASN F 1980 -39.07 26.61 52.02
C ASN F 1980 -38.94 25.24 51.40
N PHE F 1981 -38.65 24.24 52.23
CA PHE F 1981 -38.50 22.87 51.77
C PHE F 1981 -39.56 22.41 50.78
N PRO F 1982 -40.86 22.61 51.02
CA PRO F 1982 -41.82 22.11 50.04
C PRO F 1982 -41.83 22.90 48.75
N VAL F 1983 -41.81 24.24 48.80
CA VAL F 1983 -41.88 24.99 47.55
C VAL F 1983 -40.67 24.67 46.71
N GLU F 1984 -39.57 24.35 47.40
CA GLU F 1984 -38.30 23.92 46.83
C GLU F 1984 -38.53 22.90 45.73
N VAL F 1985 -39.12 21.76 46.07
CA VAL F 1985 -39.51 20.84 45.01
C VAL F 1985 -40.72 21.36 44.24
N GLU F 1986 -41.71 21.87 44.97
CA GLU F 1986 -43.05 22.17 44.48
C GLU F 1986 -43.05 22.92 43.18
N VAL F 1987 -42.72 24.19 43.25
CA VAL F 1987 -42.91 25.04 42.10
C VAL F 1987 -42.03 24.56 40.96
N PRO F 1988 -40.79 24.13 41.20
CA PRO F 1988 -39.99 23.58 40.08
C PRO F 1988 -40.51 22.28 39.51
N MET F 1989 -40.83 21.29 40.34
CA MET F 1989 -41.31 20.03 39.80
C MET F 1989 -42.48 20.28 38.87
N GLU F 1990 -43.49 21.00 39.35
CA GLU F 1990 -44.46 21.70 38.51
C GLU F 1990 -44.87 22.97 39.23
N ARG F 1991 -44.92 24.08 38.53
CA ARG F 1991 -45.55 25.27 39.04
C ARG F 1991 -46.98 25.42 38.55
N LYS F 1992 -47.44 24.53 37.68
CA LYS F 1992 -48.49 24.92 36.74
C LYS F 1992 -49.52 23.83 36.58
N LYS F 1993 -50.76 24.27 36.44
CA LYS F 1993 -51.80 23.52 35.75
C LYS F 1993 -52.29 22.33 36.55
N LYS F 1994 -51.48 21.89 37.50
CA LYS F 1994 -52.03 21.31 38.72
C LYS F 1994 -52.25 22.40 39.74
N TYR F 1995 -51.62 23.54 39.50
CA TYR F 1995 -51.71 24.72 40.33
C TYR F 1995 -52.71 25.75 39.83
N ILE F 1996 -53.23 25.63 38.60
CA ILE F 1996 -53.94 26.77 38.01
C ILE F 1996 -55.37 26.96 38.50
N GLU F 1997 -56.09 25.87 38.83
CA GLU F 1997 -57.47 26.05 39.26
C GLU F 1997 -57.58 26.45 40.72
N ILE F 1998 -56.53 26.22 41.51
CA ILE F 1998 -56.61 26.42 42.95
C ILE F 1998 -56.99 27.86 43.30
N ARG F 1999 -56.86 28.77 42.36
CA ARG F 1999 -57.23 30.18 42.50
C ARG F 1999 -56.49 30.86 43.64
N LYS F 2000 -55.35 30.31 44.00
CA LYS F 2000 -54.23 31.11 44.47
C LYS F 2000 -53.33 31.17 43.25
N GLU F 2001 -53.30 32.33 42.59
CA GLU F 2001 -52.49 32.45 41.37
C GLU F 2001 -51.60 33.68 41.45
N ALA F 2002 -52.19 34.87 41.43
CA ALA F 2002 -51.52 36.10 41.83
C ALA F 2002 -51.87 36.50 43.26
N ARG F 2003 -52.63 35.68 43.98
CA ARG F 2003 -53.39 36.14 45.11
C ARG F 2003 -52.75 35.82 46.45
N GLU F 2004 -52.85 34.56 46.86
CA GLU F 2004 -52.67 34.21 48.26
C GLU F 2004 -51.27 33.74 48.62
N ALA F 2005 -50.42 33.46 47.63
CA ALA F 2005 -49.05 33.07 47.94
C ALA F 2005 -48.14 34.27 48.13
N ALA F 2006 -48.29 35.30 47.29
CA ALA F 2006 -47.39 36.47 47.32
C ALA F 2006 -47.32 37.09 48.70
N ASN F 2007 -48.28 36.75 49.55
CA ASN F 2007 -48.19 36.94 50.98
C ASN F 2007 -46.82 36.47 51.44
N GLY F 2008 -46.59 35.17 51.34
CA GLY F 2008 -45.39 34.55 51.85
C GLY F 2008 -44.11 34.86 51.11
N ASP F 2009 -44.21 35.17 49.81
CA ASP F 2009 -43.03 35.66 49.12
C ASP F 2009 -42.69 37.05 49.61
N SER F 2010 -43.61 38.00 49.43
CA SER F 2010 -43.37 39.38 49.82
C SER F 2010 -42.84 39.45 51.23
N ASP F 2011 -43.51 38.75 52.14
CA ASP F 2011 -43.19 38.84 53.54
C ASP F 2011 -42.00 37.98 53.89
N GLY F 2012 -41.93 36.80 53.30
CA GLY F 2012 -41.19 35.68 53.84
C GLY F 2012 -39.73 35.96 54.16
N PRO F 2013 -38.96 36.38 53.16
CA PRO F 2013 -37.59 36.75 53.43
C PRO F 2013 -37.59 37.98 54.31
N SER F 2014 -36.75 37.97 55.34
CA SER F 2014 -36.79 39.06 56.30
C SER F 2014 -35.48 39.81 56.32
N TYR F 2015 -35.47 40.93 57.05
CA TYR F 2015 -34.20 41.56 57.41
C TYR F 2015 -33.37 40.62 58.26
N MET F 2016 -33.93 40.21 59.40
CA MET F 2016 -33.16 39.53 60.44
C MET F 2016 -31.89 40.30 60.76
N SER F 2017 -31.96 41.63 60.61
CA SER F 2017 -30.80 42.50 60.76
C SER F 2017 -30.16 42.32 62.12
N SER F 2018 -30.97 41.97 63.11
CA SER F 2018 -30.43 41.69 64.43
C SER F 2018 -29.82 40.30 64.51
N LEU F 2019 -30.24 39.39 63.62
CA LEU F 2019 -29.66 38.05 63.68
C LEU F 2019 -28.26 38.16 63.16
N SER F 2020 -27.29 37.93 64.04
CA SER F 2020 -25.90 37.75 63.67
C SER F 2020 -25.53 36.28 63.65
N TYR F 2021 -26.51 35.41 63.83
CA TYR F 2021 -26.35 34.23 64.66
C TYR F 2021 -26.42 32.97 63.80
N LEU F 2022 -25.52 32.04 64.07
CA LEU F 2022 -25.67 30.64 63.66
C LEU F 2022 -26.05 30.53 62.19
N ALA F 2023 -25.54 31.45 61.37
CA ALA F 2023 -25.90 31.56 59.97
C ALA F 2023 -27.39 31.79 59.76
N ASP F 2024 -28.08 32.27 60.80
CA ASP F 2024 -29.39 32.89 60.60
C ASP F 2024 -29.28 34.06 59.66
N SER F 2025 -28.31 34.92 59.93
CA SER F 2025 -27.95 35.95 58.99
C SER F 2025 -27.75 35.40 57.60
N THR F 2026 -27.38 34.13 57.45
CA THR F 2026 -27.49 33.56 56.12
C THR F 2026 -28.72 32.70 56.06
N LEU F 2027 -28.57 31.47 56.55
CA LEU F 2027 -29.48 30.40 56.20
C LEU F 2027 -30.92 30.85 56.39
N SER F 2028 -31.20 31.58 57.47
CA SER F 2028 -32.54 32.10 57.68
C SER F 2028 -32.90 33.08 56.58
N GLU F 2029 -32.07 34.10 56.44
CA GLU F 2029 -32.34 35.12 55.45
C GLU F 2029 -32.11 34.54 54.07
N GLU F 2030 -30.99 33.83 53.92
CA GLU F 2030 -30.64 33.10 52.70
C GLU F 2030 -31.81 32.31 52.16
N MET F 2031 -32.16 31.25 52.86
CA MET F 2031 -33.20 30.38 52.36
C MET F 2031 -34.53 31.13 52.34
N SER F 2032 -34.68 32.10 53.23
CA SER F 2032 -35.91 32.88 53.25
C SER F 2032 -36.14 33.54 51.91
N GLN F 2033 -35.06 34.02 51.27
CA GLN F 2033 -35.15 34.54 49.92
C GLN F 2033 -35.77 33.55 48.94
N PHE F 2034 -35.74 32.26 49.26
CA PHE F 2034 -36.31 31.32 48.31
C PHE F 2034 -37.79 31.55 48.11
N ASP F 2035 -38.40 32.32 48.99
CA ASP F 2035 -39.77 32.76 48.84
C ASP F 2035 -39.91 33.45 47.49
N PHE F 2036 -39.29 34.62 47.36
CA PHE F 2036 -39.30 35.29 46.07
C PHE F 2036 -38.73 34.39 44.99
N SER F 2037 -37.69 33.64 45.30
CA SER F 2037 -37.08 32.82 44.26
C SER F 2037 -38.14 31.95 43.61
N THR F 2038 -38.63 30.98 44.37
CA THR F 2038 -39.69 30.11 43.91
C THR F 2038 -40.93 30.90 43.54
N GLY F 2039 -41.69 31.35 44.53
CA GLY F 2039 -42.99 31.92 44.21
C GLY F 2039 -42.93 32.93 43.08
N VAL F 2040 -41.97 33.84 43.14
CA VAL F 2040 -41.76 34.74 42.02
C VAL F 2040 -41.63 33.97 40.72
N GLN F 2041 -41.03 32.79 40.75
CA GLN F 2041 -40.92 32.05 39.49
C GLN F 2041 -42.30 31.70 38.97
N SER F 2042 -43.11 31.02 39.80
CA SER F 2042 -44.47 30.70 39.38
C SER F 2042 -45.15 31.93 38.86
N TYR F 2043 -44.80 33.07 39.42
CA TYR F 2043 -45.31 34.30 38.90
C TYR F 2043 -44.78 34.62 37.53
N SER F 2044 -43.54 34.22 37.24
CA SER F 2044 -42.90 34.66 36.01
C SER F 2044 -43.74 34.30 34.80
N TYR F 2045 -44.33 33.11 34.81
CA TYR F 2045 -45.29 32.77 33.78
C TYR F 2045 -46.68 33.33 34.04
N SER F 2046 -47.06 33.54 35.31
CA SER F 2046 -48.33 34.15 35.64
C SER F 2046 -48.21 35.67 35.71
N SER F 2047 -47.08 36.22 35.27
CA SER F 2047 -46.72 37.59 35.55
C SER F 2047 -47.56 38.60 34.77
N GLN F 2048 -47.89 39.70 35.45
CA GLN F 2048 -47.87 40.95 34.72
C GLN F 2048 -46.42 41.29 34.44
N ASP F 2049 -46.20 42.33 33.68
CA ASP F 2049 -44.88 42.95 33.76
C ASP F 2049 -44.72 43.72 35.06
N PRO F 2050 -45.63 44.62 35.45
CA PRO F 2050 -45.42 45.37 36.69
C PRO F 2050 -45.34 44.49 37.92
N ARG F 2051 -46.25 43.54 38.05
CA ARG F 2051 -46.49 42.84 39.29
C ARG F 2051 -45.20 42.25 39.87
N PRO F 2052 -44.54 41.32 39.19
CA PRO F 2052 -43.38 40.68 39.82
C PRO F 2052 -42.23 41.64 40.04
N ALA F 2053 -42.06 42.58 39.13
CA ALA F 2053 -40.99 43.56 39.27
C ALA F 2053 -41.17 44.37 40.54
N THR F 2054 -42.29 45.08 40.63
CA THR F 2054 -42.47 46.06 41.68
C THR F 2054 -42.78 45.39 43.02
N GLY F 2055 -43.12 44.11 43.02
CA GLY F 2055 -43.51 43.47 44.27
C GLY F 2055 -42.38 43.32 45.28
N ARG F 2056 -41.20 43.85 44.98
CA ARG F 2056 -39.99 43.53 45.70
C ARG F 2056 -39.62 44.55 46.78
N PHE F 2057 -40.48 45.52 47.06
CA PHE F 2057 -40.06 46.78 47.71
C PHE F 2057 -40.85 47.06 48.99
N ARG F 2058 -40.26 47.72 49.98
CA ARG F 2058 -38.85 48.09 50.02
C ARG F 2058 -38.02 46.89 50.43
N ARG F 2059 -36.77 46.89 49.99
CA ARG F 2059 -35.92 45.72 50.18
C ARG F 2059 -35.67 45.46 51.65
N ARG F 2060 -35.57 44.17 51.99
CA ARG F 2060 -34.90 43.78 53.21
C ARG F 2060 -33.41 44.06 53.13
N GLU F 2061 -32.89 44.32 51.93
CA GLU F 2061 -31.46 44.25 51.68
C GLU F 2061 -30.65 45.08 52.65
N GLN F 2062 -29.48 44.57 53.04
CA GLN F 2062 -28.91 43.35 52.46
C GLN F 2062 -29.68 42.06 52.72
N ARG F 2063 -29.54 41.13 51.79
CA ARG F 2063 -29.98 39.77 51.97
C ARG F 2063 -28.79 38.92 51.60
N ASP F 2064 -28.86 37.62 51.90
CA ASP F 2064 -27.70 36.78 51.67
C ASP F 2064 -27.18 36.89 50.25
N PRO F 2065 -27.99 36.65 49.20
CA PRO F 2065 -27.48 36.90 47.86
C PRO F 2065 -27.05 38.31 47.66
N THR F 2066 -27.52 39.23 48.49
CA THR F 2066 -26.97 40.57 48.50
C THR F 2066 -25.90 40.77 49.55
N VAL F 2067 -25.48 39.72 50.25
CA VAL F 2067 -24.22 39.78 51.00
C VAL F 2067 -23.21 38.97 50.19
N HIS F 2068 -22.22 39.65 49.63
CA HIS F 2068 -21.47 39.00 48.56
C HIS F 2068 -20.07 38.61 48.95
N ASP F 2069 -19.15 39.56 48.97
CA ASP F 2069 -17.77 39.18 49.00
C ASP F 2069 -17.35 38.77 50.39
N ASP F 2070 -18.31 38.72 51.31
CA ASP F 2070 -18.06 38.23 52.65
C ASP F 2070 -17.28 36.93 52.60
N VAL F 2071 -17.50 36.14 51.56
CA VAL F 2071 -16.63 35.06 51.16
C VAL F 2071 -16.52 35.08 49.64
N LEU F 2072 -15.90 34.04 49.10
CA LEU F 2072 -15.87 33.80 47.66
C LEU F 2072 -15.19 34.98 46.94
N GLU F 2073 -13.88 35.00 47.09
CA GLU F 2073 -13.02 36.10 46.68
C GLU F 2073 -12.37 35.90 45.31
N LEU F 2074 -12.59 34.75 44.68
CA LEU F 2074 -12.25 34.53 43.29
C LEU F 2074 -13.57 34.37 42.53
N GLU F 2075 -13.57 34.61 41.23
CA GLU F 2075 -14.78 34.41 40.44
C GLU F 2075 -14.69 33.08 39.70
N MET F 2076 -15.43 32.06 40.20
CA MET F 2076 -15.76 30.84 39.46
C MET F 2076 -17.21 30.39 39.68
N ASP F 2077 -17.53 29.95 40.89
CA ASP F 2077 -18.81 29.30 41.17
C ASP F 2077 -19.90 30.26 41.61
N GLU F 2078 -19.62 31.55 41.74
CA GLU F 2078 -20.72 32.48 41.94
C GLU F 2078 -21.72 32.37 40.80
N LEU F 2079 -21.25 32.00 39.61
CA LEU F 2079 -22.21 31.59 38.61
C LEU F 2079 -22.63 30.15 38.81
N ASN F 2080 -21.71 29.29 39.25
CA ASN F 2080 -22.09 27.90 39.42
C ASN F 2080 -22.84 27.67 40.72
N ARG F 2081 -22.32 28.17 41.84
CA ARG F 2081 -22.85 27.80 43.13
C ARG F 2081 -23.73 28.84 43.79
N HIS F 2082 -24.06 29.96 43.14
CA HIS F 2082 -24.95 30.91 43.79
C HIS F 2082 -26.35 30.35 43.93
N GLU F 2083 -26.78 29.51 42.99
CA GLU F 2083 -28.03 28.78 43.16
C GLU F 2083 -29.21 29.74 43.14
N CYS F 2084 -29.03 30.83 42.43
CA CYS F 2084 -29.92 31.97 42.42
C CYS F 2084 -30.24 32.30 40.98
N MET F 2085 -29.22 32.38 40.16
CA MET F 2085 -29.35 32.73 38.75
C MET F 2085 -30.57 32.07 38.15
N ALA F 2086 -30.49 30.74 37.99
CA ALA F 2086 -31.39 30.03 37.09
C ALA F 2086 -32.82 30.53 37.16
N PRO F 2087 -33.43 30.73 38.33
CA PRO F 2087 -34.70 31.44 38.33
C PRO F 2087 -34.57 32.83 37.79
N LEU F 2088 -33.54 33.56 38.18
CA LEU F 2088 -33.43 34.93 37.70
C LEU F 2088 -33.31 34.95 36.20
N THR F 2089 -32.66 33.91 35.67
CA THR F 2089 -32.43 33.76 34.25
C THR F 2089 -33.74 33.75 33.50
N ALA F 2090 -34.46 32.64 33.59
CA ALA F 2090 -35.70 32.53 32.86
C ALA F 2090 -36.70 33.58 33.32
N LEU F 2091 -36.51 34.08 34.53
CA LEU F 2091 -37.23 35.24 35.02
C LEU F 2091 -37.21 36.33 33.97
N VAL F 2092 -36.02 36.94 33.85
CA VAL F 2092 -35.94 38.07 32.96
C VAL F 2092 -36.06 37.60 31.53
N LYS F 2093 -35.84 36.32 31.28
CA LYS F 2093 -36.03 35.74 29.96
C LYS F 2093 -37.46 35.90 29.52
N HIS F 2094 -38.38 35.25 30.22
CA HIS F 2094 -39.77 35.22 29.79
C HIS F 2094 -40.44 36.55 30.00
N MET F 2095 -40.34 37.11 31.20
CA MET F 2095 -40.93 38.43 31.34
C MET F 2095 -40.25 39.43 30.42
N HIS F 2096 -39.03 39.13 29.98
CA HIS F 2096 -38.43 39.90 28.91
C HIS F 2096 -38.89 39.41 27.55
N ARG F 2097 -39.66 38.33 27.50
CA ARG F 2097 -40.39 38.05 26.29
C ARG F 2097 -41.61 38.93 26.24
N SER F 2098 -42.13 39.28 27.42
CA SER F 2098 -43.14 40.34 27.49
C SER F 2098 -42.54 41.67 27.06
N LEU F 2099 -41.45 42.07 27.71
CA LEU F 2099 -40.73 43.29 27.37
C LEU F 2099 -39.49 42.87 26.59
N GLY F 2100 -39.50 43.13 25.30
CA GLY F 2100 -38.69 42.37 24.37
C GLY F 2100 -39.05 42.77 22.95
N PRO F 2101 -38.94 41.83 22.01
CA PRO F 2101 -39.30 42.11 20.62
C PRO F 2101 -40.64 42.82 20.50
N PRO F 2102 -41.54 42.69 21.48
CA PRO F 2102 -42.61 43.69 21.59
C PRO F 2102 -42.13 45.14 21.59
N GLN F 2103 -41.13 45.49 22.40
CA GLN F 2103 -40.54 46.82 22.27
C GLN F 2103 -39.10 46.81 22.73
N GLY F 2104 -38.24 47.52 21.99
CA GLY F 2104 -36.86 47.70 22.37
C GLY F 2104 -36.62 49.09 22.92
N GLU F 2105 -35.43 49.28 23.49
CA GLU F 2105 -35.11 50.58 24.08
C GLU F 2105 -33.68 50.97 23.73
N GLU F 2106 -33.55 52.13 23.09
CA GLU F 2106 -32.28 52.82 22.94
C GLU F 2106 -31.83 53.43 24.26
N ASP F 2107 -32.65 53.34 25.30
CA ASP F 2107 -32.41 53.99 26.57
C ASP F 2107 -32.15 52.94 27.63
N SER F 2108 -31.46 53.37 28.69
CA SER F 2108 -31.31 52.51 29.86
C SER F 2108 -32.60 52.44 30.64
N VAL F 2109 -33.03 53.57 31.20
CA VAL F 2109 -34.07 53.58 32.22
C VAL F 2109 -35.34 52.82 31.82
N PRO F 2110 -35.95 53.09 30.66
CA PRO F 2110 -37.30 52.57 30.40
C PRO F 2110 -37.41 51.05 30.49
N ARG F 2111 -36.28 50.37 30.50
CA ARG F 2111 -36.26 48.92 30.71
C ARG F 2111 -35.93 48.54 32.14
N ASP F 2112 -35.83 49.48 33.06
CA ASP F 2112 -35.42 49.15 34.41
C ASP F 2112 -36.44 49.58 35.44
N LEU F 2113 -36.64 50.88 35.53
CA LEU F 2113 -37.56 51.43 36.52
C LEU F 2113 -38.92 50.75 36.49
N PRO F 2114 -39.60 50.62 35.34
CA PRO F 2114 -40.80 49.77 35.34
C PRO F 2114 -40.44 48.30 35.48
N SER F 2115 -39.26 47.92 35.01
CA SER F 2115 -38.81 46.55 35.17
C SER F 2115 -38.42 46.32 36.63
N TRP F 2116 -38.00 45.10 36.90
CA TRP F 2116 -37.19 44.82 38.07
C TRP F 2116 -35.73 44.97 37.71
N MET F 2117 -35.45 45.34 36.47
CA MET F 2117 -34.11 45.69 36.09
C MET F 2117 -33.67 46.97 36.78
N LYS F 2118 -34.62 47.77 37.29
CA LYS F 2118 -34.22 48.84 38.18
C LYS F 2118 -33.66 48.28 39.47
N PHE F 2119 -34.33 47.26 40.02
CA PHE F 2119 -33.83 46.61 41.22
C PHE F 2119 -32.34 46.32 41.05
N LEU F 2120 -31.96 45.92 39.85
CA LEU F 2120 -30.56 45.84 39.46
C LEU F 2120 -29.98 47.24 39.33
N HIS F 2121 -28.87 47.48 40.02
CA HIS F 2121 -28.13 48.72 39.87
C HIS F 2121 -26.65 48.38 39.71
N GLY F 2122 -26.07 47.77 40.74
CA GLY F 2122 -24.69 47.40 40.68
C GLY F 2122 -23.73 48.56 40.88
N LYS F 2123 -23.93 49.34 41.92
CA LYS F 2123 -22.99 50.39 42.27
C LYS F 2123 -22.56 50.28 43.71
N LEU F 2124 -21.41 50.89 43.99
CA LEU F 2124 -21.01 51.26 45.35
C LEU F 2124 -20.89 50.02 46.25
N GLY F 2125 -19.81 49.28 46.04
CA GLY F 2125 -19.43 48.18 46.92
C GLY F 2125 -19.74 46.80 46.38
N ASN F 2126 -19.82 45.84 47.30
CA ASN F 2126 -20.48 44.59 46.94
C ASN F 2126 -21.88 44.83 46.38
N PRO F 2127 -22.62 45.87 46.81
CA PRO F 2127 -23.84 46.22 46.08
C PRO F 2127 -23.66 46.24 44.58
N ILE F 2128 -22.45 46.58 44.13
CA ILE F 2128 -22.08 46.37 42.74
C ILE F 2128 -22.33 44.94 42.30
N VAL F 2129 -21.50 44.03 42.80
CA VAL F 2129 -21.02 42.91 42.01
C VAL F 2129 -22.09 41.92 41.61
N PRO F 2130 -22.79 41.27 42.54
CA PRO F 2130 -23.71 40.21 42.12
C PRO F 2130 -24.78 40.70 41.18
N LEU F 2131 -25.39 41.86 41.46
CA LEU F 2131 -26.39 42.43 40.56
C LEU F 2131 -25.91 42.38 39.14
N ASN F 2132 -24.67 42.79 38.93
CA ASN F 2132 -24.11 42.85 37.61
C ASN F 2132 -23.59 41.48 37.19
N ILE F 2133 -23.12 40.71 38.17
CA ILE F 2133 -23.10 39.26 37.98
C ILE F 2133 -24.44 38.81 37.45
N ARG F 2134 -25.51 39.33 38.05
CA ARG F 2134 -26.84 39.06 37.52
C ARG F 2134 -26.92 39.48 36.06
N LEU F 2135 -26.35 40.61 35.73
CA LEU F 2135 -26.37 41.06 34.37
C LEU F 2135 -25.71 40.09 33.41
N PHE F 2136 -24.90 39.18 33.93
CA PHE F 2136 -24.08 38.34 33.08
C PHE F 2136 -24.85 37.72 31.93
N LEU F 2137 -25.63 36.70 32.21
CA LEU F 2137 -26.41 36.16 31.12
C LEU F 2137 -27.61 37.02 30.84
N ALA F 2138 -27.90 37.96 31.74
CA ALA F 2138 -28.98 38.90 31.51
C ALA F 2138 -28.81 39.54 30.15
N LYS F 2139 -27.72 40.28 29.98
CA LYS F 2139 -27.51 40.96 28.71
C LYS F 2139 -27.52 40.01 27.54
N LEU F 2140 -27.39 38.70 27.78
CA LEU F 2140 -27.55 37.74 26.70
C LEU F 2140 -28.77 38.10 25.87
N VAL F 2141 -29.90 38.29 26.55
CA VAL F 2141 -31.10 38.73 25.87
C VAL F 2141 -31.22 40.24 25.78
N ILE F 2142 -30.49 40.99 26.61
CA ILE F 2142 -30.99 42.32 26.90
C ILE F 2142 -30.62 43.28 25.80
N ASN F 2143 -29.36 43.70 25.77
CA ASN F 2143 -28.96 44.70 24.79
C ASN F 2143 -29.96 45.84 25.01
N THR F 2144 -30.47 46.57 24.02
CA THR F 2144 -29.76 46.92 22.82
C THR F 2144 -28.83 47.98 23.32
N GLU F 2145 -29.41 49.15 23.51
CA GLU F 2145 -28.97 50.10 24.52
C GLU F 2145 -29.81 50.01 25.77
N GLU F 2146 -30.71 49.03 25.84
CA GLU F 2146 -31.51 48.92 27.05
C GLU F 2146 -30.61 48.84 28.28
N VAL F 2147 -29.45 48.21 28.16
CA VAL F 2147 -28.45 48.16 29.22
C VAL F 2147 -27.51 49.35 29.15
N PHE F 2148 -27.95 50.43 28.48
CA PHE F 2148 -27.18 51.64 28.30
C PHE F 2148 -26.40 52.06 29.53
N ARG F 2149 -27.08 52.51 30.57
CA ARG F 2149 -26.36 52.82 31.80
C ARG F 2149 -25.71 51.57 32.36
N PRO F 2150 -26.39 50.42 32.42
CA PRO F 2150 -25.69 49.20 32.85
C PRO F 2150 -24.40 48.99 32.12
N TYR F 2151 -24.30 49.46 30.88
CA TYR F 2151 -23.01 49.47 30.24
C TYR F 2151 -22.01 50.24 31.09
N ALA F 2152 -22.36 51.49 31.43
CA ALA F 2152 -21.50 52.27 32.31
C ALA F 2152 -21.19 51.49 33.57
N LYS F 2153 -22.17 50.75 34.07
CA LYS F 2153 -21.89 49.81 35.16
C LYS F 2153 -20.77 48.88 34.77
N HIS F 2154 -20.76 48.43 33.52
CA HIS F 2154 -19.83 47.37 33.16
C HIS F 2154 -18.40 47.90 33.11
N TRP F 2155 -18.16 48.95 32.32
CA TRP F 2155 -16.80 49.47 32.33
C TRP F 2155 -16.44 50.01 33.71
N LEU F 2156 -17.45 50.39 34.49
CA LEU F 2156 -17.18 50.74 35.88
C LEU F 2156 -16.70 49.54 36.67
N SER F 2157 -17.17 48.37 36.31
CA SER F 2157 -17.07 47.17 37.12
C SER F 2157 -15.64 46.82 37.47
N PRO F 2158 -14.74 46.71 36.49
CA PRO F 2158 -13.42 46.14 36.78
C PRO F 2158 -12.57 47.01 37.66
N LEU F 2159 -12.94 48.27 37.84
CA LEU F 2159 -11.93 49.29 38.01
C LEU F 2159 -11.20 49.13 39.33
N LEU F 2160 -11.85 49.45 40.44
CA LEU F 2160 -11.33 49.07 41.73
C LEU F 2160 -12.03 47.86 42.31
N GLN F 2161 -12.99 47.29 41.58
CA GLN F 2161 -13.81 46.21 42.10
C GLN F 2161 -13.28 44.84 41.67
N LEU F 2162 -13.24 44.55 40.37
CA LEU F 2162 -12.48 43.39 39.95
C LEU F 2162 -11.07 43.50 40.50
N ALA F 2163 -10.53 44.71 40.52
CA ALA F 2163 -9.33 44.97 41.28
C ALA F 2163 -9.51 44.57 42.73
N ALA F 2164 -10.59 45.03 43.37
CA ALA F 2164 -10.85 44.56 44.73
C ALA F 2164 -10.91 43.04 44.77
N SER F 2165 -11.44 42.42 43.72
CA SER F 2165 -11.37 40.97 43.62
C SER F 2165 -10.05 40.50 43.06
N GLU F 2166 -9.20 41.43 42.61
CA GLU F 2166 -7.85 41.15 42.12
C GLU F 2166 -7.96 40.17 40.95
N ASN F 2167 -7.04 39.21 40.86
CA ASN F 2167 -7.06 38.19 39.81
C ASN F 2167 -8.38 37.43 39.83
N ASN F 2168 -8.95 37.21 41.02
CA ASN F 2168 -10.34 36.80 41.17
C ASN F 2168 -10.57 35.41 40.58
N GLY F 2169 -9.52 34.59 40.62
CA GLY F 2169 -9.48 33.29 39.98
C GLY F 2169 -8.74 33.31 38.66
N GLY F 2170 -8.04 32.20 38.38
CA GLY F 2170 -7.15 32.16 37.24
C GLY F 2170 -7.79 32.64 35.96
N GLU F 2171 -9.02 32.21 35.69
CA GLU F 2171 -9.76 32.66 34.54
C GLU F 2171 -10.67 33.84 34.86
N GLY F 2172 -10.55 34.39 36.07
CA GLY F 2172 -11.49 35.40 36.50
C GLY F 2172 -11.49 36.66 35.65
N ILE F 2173 -10.31 37.25 35.45
CA ILE F 2173 -10.23 38.54 34.77
C ILE F 2173 -11.04 38.49 33.48
N HIS F 2174 -10.82 37.43 32.71
CA HIS F 2174 -11.74 37.06 31.65
C HIS F 2174 -13.13 37.16 32.21
N TYR F 2175 -13.45 36.30 33.17
CA TYR F 2175 -14.83 36.08 33.53
C TYR F 2175 -15.59 37.39 33.61
N MET F 2176 -15.00 38.39 34.23
CA MET F 2176 -15.58 39.72 34.09
C MET F 2176 -15.54 40.25 32.66
N VAL F 2177 -14.33 40.59 32.23
CA VAL F 2177 -14.25 41.51 31.13
C VAL F 2177 -14.78 40.89 29.86
N VAL F 2178 -14.82 39.56 29.83
CA VAL F 2178 -15.04 38.82 28.60
C VAL F 2178 -16.22 39.39 27.86
N GLU F 2179 -17.35 39.47 28.51
CA GLU F 2179 -18.39 40.22 27.88
C GLU F 2179 -18.51 41.61 28.44
N ILE F 2180 -17.71 41.98 29.45
CA ILE F 2180 -17.69 43.42 29.75
C ILE F 2180 -17.47 44.18 28.46
N VAL F 2181 -16.40 43.86 27.77
CA VAL F 2181 -16.20 44.46 26.46
C VAL F 2181 -16.92 43.67 25.39
N ALA F 2182 -16.88 42.34 25.49
CA ALA F 2182 -17.42 41.58 24.40
C ALA F 2182 -18.87 41.95 24.14
N THR F 2183 -19.53 42.58 25.10
CA THR F 2183 -20.75 43.28 24.75
C THR F 2183 -20.45 44.56 24.00
N ILE F 2184 -19.36 45.26 24.33
CA ILE F 2184 -19.04 46.51 23.63
C ILE F 2184 -19.12 46.29 22.15
N LEU F 2185 -18.73 45.10 21.70
CA LEU F 2185 -18.89 44.81 20.28
C LEU F 2185 -20.23 44.17 19.95
N SER F 2186 -21.12 44.02 20.93
CA SER F 2186 -22.44 43.51 20.57
C SER F 2186 -23.16 44.43 19.61
N TRP F 2187 -22.55 45.56 19.28
CA TRP F 2187 -23.07 46.56 18.36
C TRP F 2187 -21.90 47.28 17.71
N THR F 2188 -22.20 48.04 16.66
CA THR F 2188 -21.20 48.91 16.07
C THR F 2188 -21.40 50.36 16.47
N GLY F 2189 -22.38 51.02 15.85
CA GLY F 2189 -22.60 52.43 16.13
C GLY F 2189 -23.00 52.68 17.57
N LEU F 2190 -23.55 51.65 18.22
CA LEU F 2190 -23.88 51.79 19.62
C LEU F 2190 -22.63 51.79 20.48
N ALA F 2191 -21.47 51.53 19.89
CA ALA F 2191 -20.21 51.76 20.55
C ALA F 2191 -19.76 53.20 20.42
N THR F 2192 -20.31 53.94 19.45
CA THR F 2192 -20.21 55.39 19.52
C THR F 2192 -20.53 55.86 20.92
N PRO F 2193 -21.56 55.35 21.59
CA PRO F 2193 -21.60 55.48 23.04
C PRO F 2193 -20.37 54.92 23.74
N THR F 2194 -19.90 53.73 23.37
CA THR F 2194 -18.85 53.13 24.18
C THR F 2194 -17.64 54.05 24.19
N GLY F 2195 -17.37 54.71 23.07
CA GLY F 2195 -16.35 55.70 23.10
C GLY F 2195 -16.75 56.98 23.79
N VAL F 2196 -17.72 57.69 23.22
CA VAL F 2196 -17.80 59.12 23.53
C VAL F 2196 -18.41 59.50 24.87
N PRO F 2197 -19.74 59.33 25.10
CA PRO F 2197 -20.41 60.27 26.01
C PRO F 2197 -20.03 60.19 27.49
N LYS F 2198 -20.20 59.03 28.10
CA LYS F 2198 -19.99 58.91 29.54
C LYS F 2198 -18.74 58.14 29.90
N ASP F 2199 -18.02 57.63 28.90
CA ASP F 2199 -16.80 56.84 29.07
C ASP F 2199 -15.76 57.69 29.76
N GLU F 2200 -16.17 58.91 30.09
CA GLU F 2200 -15.37 60.09 30.25
C GLU F 2200 -14.04 59.75 30.89
N VAL F 2201 -14.05 59.33 32.14
CA VAL F 2201 -12.86 58.75 32.73
C VAL F 2201 -12.78 57.25 32.50
N LEU F 2202 -13.88 56.63 32.12
CA LEU F 2202 -14.10 55.23 32.41
C LEU F 2202 -13.04 54.34 31.76
N ALA F 2203 -13.12 54.21 30.45
CA ALA F 2203 -12.27 53.24 29.77
C ALA F 2203 -10.80 53.56 29.96
N ASN F 2204 -10.47 54.82 30.19
CA ASN F 2204 -9.06 55.16 30.35
C ASN F 2204 -8.44 54.35 31.48
N ARG F 2205 -8.87 54.64 32.71
CA ARG F 2205 -8.47 53.85 33.86
C ARG F 2205 -8.64 52.38 33.56
N LEU F 2206 -9.81 52.05 33.00
CA LEU F 2206 -10.13 50.67 32.71
C LEU F 2206 -8.95 49.99 32.03
N LEU F 2207 -8.65 50.42 30.80
CA LEU F 2207 -7.49 49.99 30.05
C LEU F 2207 -6.30 49.90 30.95
N ASN F 2208 -5.94 51.02 31.56
CA ASN F 2208 -4.74 51.09 32.38
C ASN F 2208 -4.60 49.85 33.21
N PHE F 2209 -5.54 49.64 34.11
CA PHE F 2209 -5.53 48.42 34.90
C PHE F 2209 -5.44 47.19 34.01
N LEU F 2210 -6.39 47.06 33.12
CA LEU F 2210 -6.56 45.85 32.35
C LEU F 2210 -5.22 45.41 31.82
N MET F 2211 -4.69 46.28 30.97
CA MET F 2211 -3.36 46.10 30.45
C MET F 2211 -2.41 45.74 31.56
N LYS F 2212 -2.35 46.61 32.56
CA LYS F 2212 -1.41 46.51 33.66
C LYS F 2212 -1.30 45.08 34.13
N HIS F 2213 -2.41 44.57 34.65
CA HIS F 2213 -2.54 43.16 34.96
C HIS F 2213 -2.04 42.30 33.81
N VAL F 2214 -2.80 42.29 32.73
CA VAL F 2214 -2.79 41.18 31.80
C VAL F 2214 -1.41 40.94 31.24
N PHE F 2215 -0.56 41.95 31.30
CA PHE F 2215 0.82 41.76 30.92
C PHE F 2215 1.38 40.50 31.51
N HIS F 2216 1.51 40.48 32.82
CA HIS F 2216 2.23 39.39 33.47
C HIS F 2216 1.57 38.05 33.33
N PRO F 2217 0.33 37.84 33.77
CA PRO F 2217 -0.11 36.47 34.12
C PRO F 2217 0.26 35.44 33.09
N LYS F 2218 0.28 35.83 31.82
CA LYS F 2218 0.98 35.06 30.82
C LYS F 2218 2.40 34.77 31.30
N ARG F 2219 3.14 35.84 31.61
CA ARG F 2219 4.43 35.71 32.28
C ARG F 2219 4.31 34.81 33.51
N ALA F 2220 3.22 34.95 34.24
CA ALA F 2220 3.04 34.07 35.39
C ALA F 2220 2.84 32.64 34.94
N VAL F 2221 1.86 32.41 34.08
CA VAL F 2221 1.48 31.03 33.83
C VAL F 2221 1.79 30.64 32.39
N PHE F 2222 0.97 31.07 31.43
CA PHE F 2222 1.30 30.75 30.04
C PHE F 2222 0.55 31.69 29.09
N ARG F 2223 0.69 31.38 27.82
CA ARG F 2223 0.90 32.44 26.83
C ARG F 2223 -0.42 33.04 26.34
N HIS F 2224 -1.09 32.33 25.45
CA HIS F 2224 -2.08 33.04 24.64
C HIS F 2224 -3.28 33.44 25.45
N ASN F 2225 -3.27 33.10 26.72
CA ASN F 2225 -4.16 33.63 27.71
C ASN F 2225 -4.33 35.11 27.49
N LEU F 2226 -3.25 35.87 27.68
CA LEU F 2226 -3.33 37.30 27.41
C LEU F 2226 -3.94 37.55 26.06
N GLU F 2227 -3.39 36.91 25.06
CA GLU F 2227 -3.75 37.18 23.69
C GLU F 2227 -5.25 37.25 23.62
N ILE F 2228 -5.92 36.37 24.36
CA ILE F 2228 -7.36 36.48 24.52
C ILE F 2228 -7.71 37.92 24.82
N ILE F 2229 -6.90 38.55 25.63
CA ILE F 2229 -7.14 39.93 25.92
C ILE F 2229 -6.67 40.79 24.78
N LYS F 2230 -5.48 40.50 24.29
CA LYS F 2230 -4.84 41.27 23.25
C LYS F 2230 -5.87 41.55 22.19
N THR F 2231 -6.72 40.57 21.95
CA THR F 2231 -7.94 40.79 21.22
C THR F 2231 -8.60 42.04 21.74
N LEU F 2232 -9.12 41.91 22.95
CA LEU F 2232 -9.99 42.94 23.50
C LEU F 2232 -9.37 44.28 23.27
N VAL F 2233 -8.09 44.33 23.54
CA VAL F 2233 -7.21 45.43 23.27
C VAL F 2233 -7.51 45.92 21.88
N GLU F 2234 -7.25 45.07 20.90
CA GLU F 2234 -7.54 45.41 19.51
C GLU F 2234 -8.93 45.97 19.42
N CYS F 2235 -9.86 45.27 20.04
CA CYS F 2235 -11.27 45.54 19.84
C CYS F 2235 -11.59 46.95 20.21
N TRP F 2236 -10.78 47.54 21.08
CA TRP F 2236 -11.13 48.81 21.67
C TRP F 2236 -11.34 49.92 20.64
N LYS F 2237 -10.32 50.19 19.86
CA LYS F 2237 -9.94 51.57 19.60
C LYS F 2237 -10.43 52.02 18.25
N ASP F 2238 -11.48 52.83 18.24
CA ASP F 2238 -11.64 53.75 17.13
C ASP F 2238 -11.36 55.20 17.48
N CYS F 2239 -11.43 55.58 18.76
CA CYS F 2239 -10.84 56.83 19.23
C CYS F 2239 -10.25 56.63 20.63
N LEU F 2240 -11.16 56.50 21.57
CA LEU F 2240 -11.06 56.17 22.99
C LEU F 2240 -10.14 57.13 23.77
N SER F 2241 -9.48 56.59 24.80
CA SER F 2241 -8.89 57.38 25.87
C SER F 2241 -7.38 57.50 25.80
N ILE F 2242 -6.73 56.72 24.95
CA ILE F 2242 -5.29 56.80 24.74
C ILE F 2242 -4.49 56.84 26.04
N PRO F 2243 -4.41 55.76 26.78
CA PRO F 2243 -3.32 55.60 27.77
C PRO F 2243 -2.09 54.98 27.15
N TYR F 2244 -1.64 55.53 26.03
CA TYR F 2244 -0.82 54.77 25.12
C TYR F 2244 0.65 55.18 25.21
N ARG F 2245 0.94 56.46 25.06
CA ARG F 2245 2.26 56.96 25.46
C ARG F 2245 2.59 56.32 26.79
N LEU F 2246 1.58 56.19 27.63
CA LEU F 2246 1.76 55.52 28.89
C LEU F 2246 2.00 54.05 28.65
N ILE F 2247 1.32 53.46 27.67
CA ILE F 2247 1.65 52.08 27.31
C ILE F 2247 3.12 51.97 27.00
N PHE F 2248 3.64 52.89 26.19
CA PHE F 2248 5.08 52.97 26.00
C PHE F 2248 5.75 52.86 27.34
N GLU F 2249 5.44 53.84 28.20
CA GLU F 2249 6.04 53.96 29.51
C GLU F 2249 6.12 52.59 30.14
N LYS F 2250 4.96 51.98 30.30
CA LYS F 2250 4.79 50.65 30.84
C LYS F 2250 5.86 49.78 30.24
N PHE F 2251 5.73 49.58 28.93
CA PHE F 2251 6.72 48.78 28.24
C PHE F 2251 8.09 49.40 28.35
N SER F 2252 8.22 50.63 27.90
CA SER F 2252 9.52 51.18 27.59
C SER F 2252 10.44 51.06 28.78
N GLY F 2253 11.73 50.84 28.50
CA GLY F 2253 12.72 50.59 29.52
C GLY F 2253 13.23 49.18 29.60
N LYS F 2254 12.79 48.29 28.73
CA LYS F 2254 13.29 46.92 28.76
C LYS F 2254 14.77 46.93 28.40
N ASP F 2255 15.45 45.84 28.74
CA ASP F 2255 16.91 45.87 28.77
C ASP F 2255 17.54 44.56 28.30
N PRO F 2256 18.88 44.44 28.36
CA PRO F 2256 19.51 43.17 27.99
C PRO F 2256 18.90 41.98 28.70
N ASN F 2257 18.66 40.92 27.94
CA ASN F 2257 18.06 39.70 28.44
C ASN F 2257 16.70 39.94 29.09
N SER F 2258 16.04 41.04 28.75
CA SER F 2258 14.77 41.33 29.40
C SER F 2258 13.66 40.69 28.58
N LYS F 2259 13.05 39.65 29.14
CA LYS F 2259 11.92 39.06 28.46
C LYS F 2259 10.66 39.84 28.73
N ASP F 2260 10.73 40.79 29.67
CA ASP F 2260 9.57 41.60 30.01
C ASP F 2260 9.15 42.47 28.85
N ASN F 2261 10.08 42.80 27.97
CA ASN F 2261 9.71 43.37 26.69
C ASN F 2261 8.58 42.58 26.04
N SER F 2262 8.69 41.26 26.05
CA SER F 2262 7.92 40.40 25.14
C SER F 2262 6.45 40.77 25.10
N VAL F 2263 5.83 40.88 26.27
CA VAL F 2263 4.47 41.39 26.34
C VAL F 2263 4.49 42.73 25.65
N GLY F 2264 5.20 43.68 26.25
CA GLY F 2264 5.06 45.06 25.85
C GLY F 2264 5.15 45.20 24.36
N ILE F 2265 6.25 44.70 23.79
CA ILE F 2265 6.43 44.70 22.36
C ILE F 2265 5.19 44.15 21.66
N GLN F 2266 4.84 42.88 21.92
CA GLN F 2266 3.76 42.25 21.19
C GLN F 2266 2.58 43.19 21.14
N LEU F 2267 2.20 43.68 22.29
CA LEU F 2267 1.22 44.73 22.33
C LEU F 2267 1.60 45.86 21.40
N LEU F 2268 2.67 46.56 21.74
CA LEU F 2268 2.99 47.84 21.16
C LEU F 2268 2.80 47.79 19.68
N GLY F 2269 3.30 46.73 19.07
CA GLY F 2269 2.94 46.50 17.69
C GLY F 2269 1.44 46.44 17.52
N ILE F 2270 0.78 45.58 18.28
CA ILE F 2270 -0.64 45.38 18.06
C ILE F 2270 -1.40 46.68 18.27
N VAL F 2271 -1.13 47.38 19.36
CA VAL F 2271 -1.63 48.73 19.56
C VAL F 2271 -1.37 49.57 18.34
N MET F 2272 -0.10 49.92 18.14
CA MET F 2272 0.26 50.76 17.02
C MET F 2272 -0.40 50.24 15.77
N ALA F 2273 -0.52 48.91 15.65
CA ALA F 2273 -1.13 48.30 14.47
C ALA F 2273 -2.46 48.92 14.18
N ASN F 2274 -3.00 49.64 15.12
CA ASN F 2274 -4.21 50.38 14.87
C ASN F 2274 -3.77 51.70 14.29
N ASP F 2275 -3.91 51.82 12.98
CA ASP F 2275 -4.46 53.01 12.35
C ASP F 2275 -3.83 54.33 12.80
N LEU F 2276 -2.58 54.60 12.41
CA LEU F 2276 -2.02 55.94 12.56
C LEU F 2276 -2.19 56.46 13.97
N PRO F 2277 -1.39 56.04 14.95
CA PRO F 2277 -1.74 56.29 16.32
C PRO F 2277 -2.06 57.76 16.49
N PRO F 2278 -3.27 58.06 16.92
CA PRO F 2278 -3.82 59.40 16.77
C PRO F 2278 -3.27 60.35 17.80
N TYR F 2279 -3.34 61.63 17.47
CA TYR F 2279 -2.69 62.68 18.26
C TYR F 2279 -1.21 62.35 18.38
N ASP F 2280 -0.74 61.58 17.38
CA ASP F 2280 0.55 60.92 17.33
C ASP F 2280 0.55 59.78 18.33
N PRO F 2281 1.35 58.74 18.15
CA PRO F 2281 1.61 57.84 19.27
C PRO F 2281 2.18 58.55 20.49
N GLN F 2282 2.56 59.83 20.34
CA GLN F 2282 3.39 60.55 21.29
C GLN F 2282 4.71 59.84 21.44
N CYS F 2283 5.04 58.99 20.48
CA CYS F 2283 6.29 58.25 20.57
C CYS F 2283 7.45 59.19 20.46
N GLY F 2284 7.24 60.35 19.84
CA GLY F 2284 8.08 61.50 20.06
C GLY F 2284 7.46 62.63 20.86
N ILE F 2285 6.13 62.66 20.98
CA ILE F 2285 5.48 63.87 21.46
C ILE F 2285 5.48 63.92 22.99
N GLN F 2286 5.20 62.79 23.62
CA GLN F 2286 5.38 62.75 25.07
C GLN F 2286 6.87 62.69 25.41
N SER F 2287 7.64 61.91 24.65
CA SER F 2287 9.08 62.03 24.54
C SER F 2287 9.52 61.45 23.21
N SER F 2288 10.58 62.01 22.64
CA SER F 2288 11.12 61.45 21.41
C SER F 2288 11.63 60.05 21.63
N GLU F 2289 12.59 59.90 22.52
CA GLU F 2289 13.42 58.72 22.53
C GLU F 2289 12.69 57.48 23.00
N TYR F 2290 11.39 57.59 23.25
CA TYR F 2290 10.57 56.39 23.17
C TYR F 2290 11.02 55.63 21.93
N PHE F 2291 11.22 56.40 20.85
CA PHE F 2291 11.94 55.93 19.69
C PHE F 2291 13.13 55.10 20.09
N GLN F 2292 14.11 55.79 20.68
CA GLN F 2292 15.39 55.21 21.02
C GLN F 2292 15.19 53.87 21.67
N ALA F 2293 14.52 53.88 22.83
CA ALA F 2293 14.29 52.66 23.57
C ALA F 2293 13.77 51.57 22.66
N LEU F 2294 12.77 51.89 21.87
CA LEU F 2294 12.25 50.89 20.95
C LEU F 2294 13.35 50.38 20.06
N VAL F 2295 14.17 51.29 19.56
CA VAL F 2295 15.23 50.96 18.64
C VAL F 2295 16.24 50.02 19.27
N ASN F 2296 17.03 50.55 20.20
CA ASN F 2296 18.04 49.75 20.86
C ASN F 2296 17.44 48.45 21.27
N ASN F 2297 16.23 48.54 21.80
CA ASN F 2297 15.50 47.36 22.16
C ASN F 2297 15.48 46.40 21.00
N MET F 2298 15.15 46.89 19.80
CA MET F 2298 15.26 46.02 18.64
C MET F 2298 16.61 45.36 18.63
N SER F 2299 17.64 46.13 18.87
CA SER F 2299 18.96 45.55 18.81
C SER F 2299 19.14 44.43 19.82
N PHE F 2300 18.40 44.48 20.93
CA PHE F 2300 18.98 44.06 22.19
C PHE F 2300 19.82 42.79 22.11
N VAL F 2301 19.28 41.72 21.57
CA VAL F 2301 20.00 40.47 21.80
C VAL F 2301 19.87 39.52 20.64
N ARG F 2302 20.36 38.30 20.86
CA ARG F 2302 20.04 37.23 19.96
C ARG F 2302 18.56 36.92 19.99
N TYR F 2303 17.94 37.04 21.17
CA TYR F 2303 16.54 36.71 21.31
C TYR F 2303 15.73 37.60 20.36
N LYS F 2304 14.92 36.95 19.54
CA LYS F 2304 14.45 37.60 18.33
C LYS F 2304 13.51 38.76 18.61
N GLU F 2305 12.82 38.72 19.74
CA GLU F 2305 11.41 39.06 19.75
C GLU F 2305 11.15 40.37 19.04
N VAL F 2306 12.14 41.24 19.07
CA VAL F 2306 12.01 42.60 18.55
C VAL F 2306 11.49 42.59 17.13
N TYR F 2307 11.76 41.50 16.45
CA TYR F 2307 11.83 41.52 15.01
C TYR F 2307 10.56 42.07 14.40
N ALA F 2308 9.55 41.23 14.40
CA ALA F 2308 8.28 41.60 13.84
C ALA F 2308 7.83 42.85 14.53
N ALA F 2309 7.98 42.87 15.84
CA ALA F 2309 7.68 44.04 16.63
C ALA F 2309 8.29 45.21 15.92
N ALA F 2310 9.61 45.28 15.96
CA ALA F 2310 10.30 46.35 15.25
C ALA F 2310 9.75 46.43 13.85
N ALA F 2311 9.79 45.31 13.14
CA ALA F 2311 9.25 45.21 11.81
C ALA F 2311 7.87 45.83 11.74
N GLU F 2312 6.95 45.23 12.48
CA GLU F 2312 5.60 45.77 12.51
C GLU F 2312 5.69 47.25 12.75
N VAL F 2313 6.42 47.62 13.79
CA VAL F 2313 6.76 49.02 13.97
C VAL F 2313 7.26 49.59 12.67
N LEU F 2314 8.45 49.19 12.32
CA LEU F 2314 9.22 49.97 11.39
C LEU F 2314 8.63 49.94 10.00
N GLY F 2315 8.27 48.77 9.49
CA GLY F 2315 7.68 48.78 8.18
C GLY F 2315 6.48 49.68 8.17
N LEU F 2316 5.51 49.35 9.01
CA LEU F 2316 4.39 50.23 9.15
C LEU F 2316 4.84 51.63 9.54
N ILE F 2317 5.90 51.74 10.34
CA ILE F 2317 6.29 53.06 10.81
C ILE F 2317 6.40 54.02 9.62
N LEU F 2318 6.88 53.53 8.50
CA LEU F 2318 6.87 54.45 7.36
C LEU F 2318 5.50 54.49 6.74
N ARG F 2319 4.89 53.32 6.59
CA ARG F 2319 3.51 53.28 6.14
C ARG F 2319 2.68 54.20 7.01
N TYR F 2320 2.97 54.21 8.31
CA TYR F 2320 2.41 55.24 9.15
C TYR F 2320 2.70 56.61 8.59
N VAL F 2321 3.96 57.00 8.65
CA VAL F 2321 4.26 58.40 8.70
C VAL F 2321 3.89 59.10 7.41
N MET F 2322 3.52 58.31 6.39
CA MET F 2322 3.05 58.90 5.15
C MET F 2322 1.82 59.77 5.37
N GLU F 2323 0.76 59.19 5.94
CA GLU F 2323 -0.54 59.88 6.01
C GLU F 2323 -0.51 61.11 6.90
N ARG F 2324 0.58 61.35 7.60
CA ARG F 2324 0.69 62.46 8.53
C ARG F 2324 2.09 63.04 8.34
N LYS F 2325 2.50 63.90 9.26
CA LYS F 2325 3.84 64.45 9.19
C LYS F 2325 4.85 63.31 9.18
N ASN F 2326 5.66 63.28 8.12
CA ASN F 2326 6.51 62.12 7.85
C ASN F 2326 7.79 62.12 8.65
N ILE F 2327 8.20 63.28 9.16
CA ILE F 2327 9.61 63.54 9.38
C ILE F 2327 10.21 62.60 10.42
N LEU F 2328 9.73 62.68 11.66
CA LEU F 2328 10.56 62.23 12.75
C LEU F 2328 10.68 60.72 12.76
N GLU F 2329 9.67 60.05 12.23
CA GLU F 2329 9.81 58.64 11.91
C GLU F 2329 11.08 58.37 11.13
N GLU F 2330 11.36 59.20 10.13
CA GLU F 2330 12.34 58.88 9.10
C GLU F 2330 13.75 58.62 9.60
N SER F 2331 14.45 59.65 10.06
CA SER F 2331 15.83 59.44 10.45
C SER F 2331 15.95 58.41 11.55
N LEU F 2332 14.96 58.36 12.43
CA LEU F 2332 14.91 57.32 13.44
C LEU F 2332 15.16 55.96 12.82
N CYS F 2333 14.51 55.68 11.69
CA CYS F 2333 14.93 54.52 10.94
C CYS F 2333 16.41 54.52 10.82
N GLU F 2334 16.95 55.52 10.14
CA GLU F 2334 18.36 55.56 9.81
C GLU F 2334 19.20 55.16 10.99
N LEU F 2335 18.80 55.58 12.18
CA LEU F 2335 19.32 54.96 13.39
C LEU F 2335 19.17 53.46 13.28
N VAL F 2336 17.93 53.00 13.20
CA VAL F 2336 17.65 51.57 13.18
C VAL F 2336 18.44 50.90 12.07
N ALA F 2337 18.75 51.64 11.03
CA ALA F 2337 19.76 51.18 10.10
C ALA F 2337 21.05 50.94 10.85
N LYS F 2338 21.72 52.02 11.27
CA LYS F 2338 23.03 51.85 11.88
C LYS F 2338 23.03 50.70 12.85
N GLN F 2339 21.94 50.58 13.59
CA GLN F 2339 21.60 49.43 14.36
C GLN F 2339 21.87 48.25 13.45
N LEU F 2340 21.03 48.12 12.43
CA LEU F 2340 21.20 47.09 11.42
C LEU F 2340 22.64 46.95 10.97
N LYS F 2341 23.17 47.97 10.29
CA LYS F 2341 24.46 47.86 9.64
C LYS F 2341 25.47 47.25 10.57
N GLN F 2342 25.47 47.72 11.81
CA GLN F 2342 26.14 46.97 12.85
C GLN F 2342 25.76 45.51 12.76
N HIS F 2343 24.53 45.18 13.12
CA HIS F 2343 24.15 43.79 13.34
C HIS F 2343 24.73 42.92 12.25
N GLN F 2344 24.50 43.35 11.02
CA GLN F 2344 25.15 42.75 9.87
C GLN F 2344 26.62 42.54 10.16
N ASN F 2345 27.33 43.63 10.31
CA ASN F 2345 28.78 43.57 10.29
C ASN F 2345 29.30 42.88 11.53
N THR F 2346 28.62 43.09 12.65
CA THR F 2346 28.99 42.51 13.93
C THR F 2346 29.10 41.01 13.83
N MET F 2347 28.02 40.36 13.46
CA MET F 2347 28.07 38.93 13.27
C MET F 2347 27.05 38.55 12.22
N GLU F 2348 27.28 37.37 11.65
CA GLU F 2348 26.68 36.88 10.43
C GLU F 2348 25.17 36.76 10.41
N ASP F 2349 24.64 35.74 11.06
CA ASP F 2349 23.40 35.16 10.56
C ASP F 2349 22.18 35.80 11.18
N LYS F 2350 21.92 35.40 12.42
CA LYS F 2350 20.72 35.81 13.11
C LYS F 2350 20.53 37.31 13.01
N PHE F 2351 21.61 38.05 13.13
CA PHE F 2351 21.56 39.50 13.03
C PHE F 2351 20.83 39.91 11.77
N ILE F 2352 21.48 39.75 10.63
CA ILE F 2352 20.86 40.24 9.43
C ILE F 2352 19.51 39.59 9.23
N VAL F 2353 19.47 38.27 9.27
CA VAL F 2353 18.27 37.56 8.84
C VAL F 2353 17.08 38.09 9.61
N CYS F 2354 17.25 38.25 10.91
CA CYS F 2354 16.32 39.03 11.68
C CYS F 2354 16.04 40.31 10.96
N LEU F 2355 17.09 41.12 10.76
CA LEU F 2355 16.93 42.46 10.22
C LEU F 2355 16.04 42.43 9.02
N ASN F 2356 15.89 41.25 8.47
CA ASN F 2356 15.38 41.14 7.14
C ASN F 2356 13.93 40.76 7.21
N LYS F 2357 13.63 39.60 7.76
CA LYS F 2357 12.24 39.29 8.01
C LYS F 2357 11.58 40.47 8.68
N VAL F 2358 12.31 41.11 9.57
CA VAL F 2358 11.95 42.45 9.95
C VAL F 2358 11.68 43.26 8.72
N THR F 2359 12.70 43.42 7.90
CA THR F 2359 12.70 44.40 6.83
C THR F 2359 11.54 44.10 5.90
N LYS F 2360 10.87 42.99 6.15
CA LYS F 2360 9.71 42.55 5.41
C LYS F 2360 8.81 43.74 5.18
N SER F 2361 8.26 44.25 6.26
CA SER F 2361 7.41 45.41 6.09
C SER F 2361 8.21 46.64 5.70
N PHE F 2362 9.54 46.61 5.84
CA PHE F 2362 10.31 47.85 5.80
C PHE F 2362 10.35 48.65 4.50
N PRO F 2363 10.39 48.02 3.33
CA PRO F 2363 11.33 48.55 2.34
C PRO F 2363 11.39 50.02 1.98
N PRO F 2364 10.27 50.68 1.65
CA PRO F 2364 10.49 51.51 0.45
C PRO F 2364 11.47 52.66 0.59
N LEU F 2365 12.67 52.35 1.09
CA LEU F 2365 13.92 53.07 0.89
C LEU F 2365 15.03 52.03 1.06
N ALA F 2366 16.09 52.12 0.26
CA ALA F 2366 16.77 50.85 0.05
C ALA F 2366 18.22 50.66 0.52
N ASP F 2367 19.20 51.09 -0.28
CA ASP F 2367 20.48 50.37 -0.32
C ASP F 2367 21.08 50.10 1.04
N ARG F 2368 20.64 50.86 2.05
CA ARG F 2368 21.18 50.76 3.39
C ARG F 2368 21.35 49.32 3.80
N PHE F 2369 20.32 48.54 3.57
CA PHE F 2369 20.48 47.10 3.63
C PHE F 2369 21.09 46.56 2.34
N MET F 2370 20.62 47.05 1.19
CA MET F 2370 20.83 46.32 -0.04
C MET F 2370 22.29 46.03 -0.26
N ASN F 2371 23.08 47.05 -0.55
CA ASN F 2371 24.36 46.73 -1.14
C ASN F 2371 25.17 45.84 -0.22
N ALA F 2372 24.80 45.78 1.05
CA ALA F 2372 25.20 44.67 1.88
C ALA F 2372 24.61 43.39 1.32
N VAL F 2373 23.28 43.30 1.39
CA VAL F 2373 22.58 42.05 1.20
C VAL F 2373 23.02 41.50 -0.12
N PHE F 2374 23.53 42.42 -0.92
CA PHE F 2374 24.26 42.10 -2.12
C PHE F 2374 25.17 40.93 -1.87
N PHE F 2375 26.19 41.10 -1.05
CA PHE F 2375 26.99 39.91 -0.75
C PHE F 2375 26.27 39.00 0.21
N LEU F 2376 25.42 39.60 1.01
CA LEU F 2376 24.93 38.87 2.15
C LEU F 2376 24.32 37.59 1.68
N LEU F 2377 23.22 37.75 1.04
CA LEU F 2377 22.41 36.67 0.56
C LEU F 2377 23.25 35.60 -0.10
N PRO F 2378 24.04 35.93 -1.10
CA PRO F 2378 24.80 34.87 -1.76
C PRO F 2378 25.76 34.22 -0.81
N LYS F 2379 26.48 35.03 -0.03
CA LYS F 2379 27.30 34.41 0.98
C LYS F 2379 26.45 33.49 1.81
N PHE F 2380 25.15 33.76 1.85
CA PHE F 2380 24.29 32.95 2.68
C PHE F 2380 23.87 31.68 1.98
N HIS F 2381 23.96 31.65 0.65
CA HIS F 2381 24.15 30.36 0.01
C HIS F 2381 25.37 29.70 0.61
N GLY F 2382 26.40 30.49 0.91
CA GLY F 2382 27.47 29.98 1.75
C GLY F 2382 26.94 29.53 3.09
N VAL F 2383 25.96 30.26 3.62
CA VAL F 2383 25.53 30.03 4.99
C VAL F 2383 24.34 29.10 5.05
N LEU F 2384 23.91 28.57 3.90
CA LEU F 2384 23.29 27.25 3.95
C LEU F 2384 21.91 27.15 4.60
N LYS F 2385 20.83 27.18 3.79
CA LYS F 2385 19.49 26.79 4.25
C LYS F 2385 18.59 27.76 5.00
N THR F 2386 17.63 28.33 4.27
CA THR F 2386 16.45 29.05 4.75
C THR F 2386 16.79 30.51 4.76
N LEU F 2387 18.06 30.74 4.59
CA LEU F 2387 18.51 32.04 4.16
C LEU F 2387 17.96 32.31 2.80
N CYS F 2388 18.15 31.35 1.90
CA CYS F 2388 17.50 31.47 0.63
C CYS F 2388 16.06 31.85 0.87
N LEU F 2389 15.41 31.12 1.75
CA LEU F 2389 14.13 31.61 2.20
C LEU F 2389 14.29 32.98 2.80
N GLU F 2390 14.75 32.98 4.03
CA GLU F 2390 14.46 34.13 4.86
C GLU F 2390 15.10 35.33 4.25
N VAL F 2391 16.39 35.25 4.14
CA VAL F 2391 17.19 36.15 3.34
C VAL F 2391 16.58 36.36 1.98
N VAL F 2392 16.73 35.37 1.11
CA VAL F 2392 16.56 35.66 -0.30
C VAL F 2392 15.27 36.39 -0.49
N LEU F 2393 14.25 35.80 0.04
CA LEU F 2393 12.96 36.39 0.25
C LEU F 2393 13.10 37.86 0.55
N CYS F 2394 13.66 38.13 1.70
CA CYS F 2394 13.66 39.50 2.14
C CYS F 2394 14.31 40.36 1.08
N ARG F 2395 15.56 40.04 0.75
CA ARG F 2395 16.27 40.85 -0.22
C ARG F 2395 15.41 41.10 -1.42
N VAL F 2396 14.86 40.03 -1.94
CA VAL F 2396 14.34 40.09 -3.28
C VAL F 2396 13.12 40.97 -3.32
N GLU F 2397 12.26 40.86 -2.32
CA GLU F 2397 11.27 41.91 -2.27
C GLU F 2397 11.93 43.22 -1.92
N GLY F 2398 13.16 43.18 -1.47
CA GLY F 2398 13.90 44.41 -1.41
C GLY F 2398 14.24 44.95 -2.78
N MET F 2399 14.37 44.08 -3.76
CA MET F 2399 14.95 44.50 -5.04
C MET F 2399 13.93 45.32 -5.80
N THR F 2400 12.83 44.68 -6.13
CA THR F 2400 11.58 45.37 -6.35
C THR F 2400 11.77 46.33 -7.52
N GLU F 2401 11.32 47.56 -7.43
CA GLU F 2401 11.45 48.48 -8.55
C GLU F 2401 12.90 48.86 -8.75
N LEU F 2402 13.27 49.00 -10.00
CA LEU F 2402 14.37 49.86 -10.44
C LEU F 2402 15.74 49.37 -9.96
N TYR F 2403 15.89 48.10 -9.62
CA TYR F 2403 17.23 47.51 -9.53
C TYR F 2403 17.69 46.82 -10.80
N PHE F 2404 16.77 46.53 -11.71
CA PHE F 2404 16.77 45.26 -12.42
C PHE F 2404 18.15 44.82 -12.91
N GLN F 2405 19.07 45.76 -13.11
CA GLN F 2405 20.30 45.52 -13.87
C GLN F 2405 21.04 44.25 -13.50
N LEU F 2406 21.66 44.23 -12.34
CA LEU F 2406 22.67 43.20 -12.17
C LEU F 2406 22.06 41.90 -11.69
N LYS F 2407 20.74 41.87 -11.53
CA LYS F 2407 20.00 40.68 -11.16
C LYS F 2407 20.54 39.50 -11.94
N SER F 2408 20.78 39.76 -13.21
CA SER F 2408 21.41 38.77 -14.06
C SER F 2408 22.68 38.27 -13.45
N LYS F 2409 23.20 38.94 -12.44
CA LYS F 2409 24.49 38.62 -11.89
C LYS F 2409 24.33 38.18 -10.45
N ASP F 2410 23.79 39.05 -9.61
CA ASP F 2410 23.44 38.63 -8.28
C ASP F 2410 22.70 37.32 -8.34
N PHE F 2411 21.61 37.31 -9.08
CA PHE F 2411 20.79 36.11 -9.13
C PHE F 2411 21.51 34.99 -9.85
N VAL F 2412 22.36 35.33 -10.80
CA VAL F 2412 23.03 34.24 -11.49
C VAL F 2412 23.88 33.45 -10.53
N GLN F 2413 24.22 34.03 -9.38
CA GLN F 2413 25.05 33.34 -8.43
C GLN F 2413 24.35 32.16 -7.80
N VAL F 2414 23.06 31.96 -8.06
CA VAL F 2414 22.34 30.92 -7.34
C VAL F 2414 21.44 29.97 -8.14
N MET F 2415 20.29 30.44 -8.63
CA MET F 2415 19.04 29.71 -8.44
C MET F 2415 19.13 28.22 -8.63
N ARG F 2416 19.73 27.78 -9.74
CA ARG F 2416 19.94 26.35 -9.89
C ARG F 2416 20.74 25.78 -8.74
N HIS F 2417 21.45 26.62 -7.98
CA HIS F 2417 22.16 26.13 -6.82
C HIS F 2417 21.19 25.56 -5.80
N ARG F 2418 19.88 25.67 -6.03
CA ARG F 2418 19.02 24.71 -5.35
C ARG F 2418 18.01 24.10 -6.30
N ASP F 2419 17.95 22.78 -6.22
CA ASP F 2419 16.71 22.03 -6.38
C ASP F 2419 15.75 22.32 -5.26
N ASP F 2420 16.28 22.62 -4.08
CA ASP F 2420 15.51 22.56 -2.86
C ASP F 2420 14.36 23.55 -2.92
N GLU F 2421 13.35 23.28 -2.10
CA GLU F 2421 11.99 23.42 -2.57
C GLU F 2421 11.29 24.63 -1.96
N ARG F 2422 10.72 24.48 -0.77
CA ARG F 2422 9.59 25.32 -0.39
C ARG F 2422 9.95 26.79 -0.42
N GLN F 2423 11.23 27.10 -0.34
CA GLN F 2423 11.67 28.45 -0.61
C GLN F 2423 11.16 28.92 -1.95
N LYS F 2424 10.97 27.97 -2.87
CA LYS F 2424 11.07 28.27 -4.28
C LYS F 2424 10.12 29.36 -4.70
N VAL F 2425 9.21 29.73 -3.80
CA VAL F 2425 8.27 30.82 -3.99
C VAL F 2425 9.08 31.96 -4.57
N CYS F 2426 10.18 32.22 -3.91
CA CYS F 2426 11.19 33.18 -4.33
C CYS F 2426 11.53 33.06 -5.79
N LEU F 2427 12.19 31.95 -6.14
CA LEU F 2427 12.51 31.68 -7.53
C LEU F 2427 11.31 31.91 -8.38
N ASP F 2428 10.17 31.53 -7.85
CA ASP F 2428 8.93 31.92 -8.45
C ASP F 2428 8.86 33.43 -8.48
N ILE F 2429 8.61 33.97 -7.29
CA ILE F 2429 8.29 35.38 -7.11
C ILE F 2429 9.18 36.24 -7.97
N ILE F 2430 10.46 35.93 -7.97
CA ILE F 2430 11.46 36.90 -8.31
C ILE F 2430 11.17 37.68 -9.58
N TYR F 2431 10.43 37.14 -10.51
CA TYR F 2431 10.42 37.73 -11.83
C TYR F 2431 9.19 38.60 -11.95
N LYS F 2432 9.40 39.91 -11.83
CA LYS F 2432 8.37 40.88 -12.08
C LYS F 2432 8.64 41.74 -13.30
N MET F 2433 9.61 41.36 -14.13
CA MET F 2433 10.22 42.29 -15.07
C MET F 2433 9.37 42.31 -16.33
N MET F 2434 8.52 43.33 -16.50
CA MET F 2434 7.86 43.30 -17.79
C MET F 2434 8.78 43.84 -18.88
N PRO F 2435 9.27 45.10 -18.81
CA PRO F 2435 10.26 45.52 -19.80
C PRO F 2435 11.66 45.40 -19.24
N LYS F 2436 12.03 44.24 -18.71
CA LYS F 2436 13.28 44.17 -17.95
C LYS F 2436 13.97 42.84 -18.24
N LEU F 2437 15.26 42.94 -18.56
CA LEU F 2437 16.11 41.87 -19.11
C LEU F 2437 15.69 41.42 -20.49
N LYS F 2438 14.96 42.25 -21.22
CA LYS F 2438 14.36 41.81 -22.48
C LYS F 2438 15.36 41.19 -23.45
N PRO F 2439 16.56 41.68 -23.61
CA PRO F 2439 17.47 40.98 -24.51
C PRO F 2439 17.73 39.56 -24.07
N VAL F 2440 18.53 38.85 -24.86
CA VAL F 2440 18.61 37.40 -24.78
C VAL F 2440 18.92 36.92 -23.39
N GLU F 2441 19.61 37.72 -22.58
CA GLU F 2441 19.94 37.27 -21.23
C GLU F 2441 18.73 36.64 -20.60
N LEU F 2442 17.58 37.27 -20.79
CA LEU F 2442 16.39 36.81 -20.11
C LEU F 2442 16.10 35.36 -20.46
N ARG F 2443 16.13 35.02 -21.75
CA ARG F 2443 15.80 33.64 -22.12
C ARG F 2443 16.77 32.67 -21.47
N GLU F 2444 18.06 32.98 -21.55
CA GLU F 2444 19.05 32.22 -20.82
C GLU F 2444 18.64 32.04 -19.39
N LEU F 2445 17.95 33.03 -18.87
CA LEU F 2445 17.46 32.88 -17.52
C LEU F 2445 16.21 32.03 -17.50
N LEU F 2446 15.48 31.97 -18.60
CA LEU F 2446 14.28 31.18 -18.63
C LEU F 2446 14.58 29.73 -18.63
N ASN F 2447 15.85 29.40 -18.76
CA ASN F 2447 16.20 27.99 -18.97
C ASN F 2447 15.63 27.12 -17.87
N PRO F 2448 15.72 27.49 -16.59
CA PRO F 2448 15.12 26.65 -15.54
C PRO F 2448 13.60 26.62 -15.50
N VAL F 2449 12.91 27.52 -16.23
CA VAL F 2449 11.53 27.92 -15.95
C VAL F 2449 10.70 26.71 -15.57
N VAL F 2450 10.53 25.77 -16.49
CA VAL F 2450 9.84 24.57 -16.08
C VAL F 2450 10.80 23.44 -15.72
N GLU F 2451 12.12 23.67 -15.86
CA GLU F 2451 13.08 22.69 -15.38
C GLU F 2451 12.69 22.27 -13.98
N PHE F 2452 12.79 23.20 -13.03
CA PHE F 2452 12.53 22.72 -11.67
C PHE F 2452 11.11 22.97 -11.19
N VAL F 2453 10.20 23.45 -12.05
CA VAL F 2453 8.86 23.74 -11.57
C VAL F 2453 7.95 22.53 -11.61
N SER F 2454 8.48 21.39 -12.07
CA SER F 2454 7.62 20.35 -12.59
C SER F 2454 6.88 19.60 -11.48
N HIS F 2455 7.60 18.77 -10.75
CA HIS F 2455 7.07 17.81 -9.79
C HIS F 2455 6.39 18.36 -8.52
N PRO F 2456 6.87 19.44 -7.92
CA PRO F 2456 6.41 19.76 -6.57
C PRO F 2456 4.97 20.22 -6.58
N SER F 2457 4.50 20.72 -5.45
CA SER F 2457 3.24 21.42 -5.49
C SER F 2457 3.32 22.50 -6.53
N THR F 2458 2.38 22.44 -7.45
CA THR F 2458 2.36 23.34 -8.58
C THR F 2458 2.19 24.78 -8.15
N THR F 2459 1.99 25.02 -6.85
CA THR F 2459 1.81 26.37 -6.38
C THR F 2459 2.85 27.29 -6.99
N CYS F 2460 4.05 26.75 -7.21
CA CYS F 2460 5.04 27.34 -8.08
C CYS F 2460 4.45 27.75 -9.42
N ARG F 2461 4.01 26.75 -10.17
CA ARG F 2461 3.59 26.91 -11.55
C ARG F 2461 2.72 28.13 -11.65
N GLU F 2462 1.86 28.26 -10.65
CA GLU F 2462 0.76 29.20 -10.64
C GLU F 2462 1.25 30.53 -11.13
N GLN F 2463 1.97 31.19 -10.26
CA GLN F 2463 2.43 32.48 -10.65
C GLN F 2463 3.48 32.36 -11.74
N MET F 2464 4.23 31.26 -11.79
CA MET F 2464 5.31 31.22 -12.76
C MET F 2464 4.78 31.44 -14.16
N TYR F 2465 4.05 30.47 -14.65
CA TYR F 2465 3.34 30.65 -15.88
C TYR F 2465 2.57 31.95 -15.89
N ASN F 2466 1.96 32.31 -14.76
CA ASN F 2466 1.16 33.53 -14.74
C ASN F 2466 1.93 34.73 -15.27
N ILE F 2467 3.19 34.86 -14.91
CA ILE F 2467 3.97 35.92 -15.53
C ILE F 2467 4.53 35.49 -16.87
N LEU F 2468 4.67 34.19 -17.12
CA LEU F 2468 5.02 33.78 -18.48
C LEU F 2468 4.04 34.38 -19.45
N MET F 2469 2.81 34.61 -19.00
CA MET F 2469 1.88 35.49 -19.68
C MET F 2469 2.49 36.87 -19.88
N TRP F 2470 2.64 37.61 -18.77
CA TRP F 2470 2.97 39.03 -18.85
C TRP F 2470 4.07 39.21 -19.87
N ILE F 2471 5.11 38.41 -19.67
CA ILE F 2471 6.28 38.45 -20.50
C ILE F 2471 5.93 38.08 -21.93
N HIS F 2472 5.01 37.14 -22.12
CA HIS F 2472 4.74 36.73 -23.49
C HIS F 2472 4.06 37.86 -24.25
N ASP F 2473 3.12 38.54 -23.61
CA ASP F 2473 2.65 39.80 -24.16
C ASP F 2473 3.82 40.70 -24.45
N ASN F 2474 4.72 40.80 -23.50
CA ASN F 2474 5.88 41.65 -23.70
C ASN F 2474 6.70 41.18 -24.88
N TYR F 2475 6.53 39.93 -25.30
CA TYR F 2475 7.15 39.41 -26.50
C TYR F 2475 6.25 39.47 -27.71
N ARG F 2476 5.06 40.02 -27.57
CA ARG F 2476 4.03 39.75 -28.55
C ARG F 2476 4.53 40.08 -29.94
N ASP F 2477 4.44 39.09 -30.84
CA ASP F 2477 5.08 39.17 -32.16
C ASP F 2477 4.07 39.05 -33.28
N PRO F 2478 3.19 40.02 -33.48
CA PRO F 2478 2.21 39.94 -34.57
C PRO F 2478 2.73 40.56 -35.84
N GLU F 2479 3.53 39.82 -36.61
CA GLU F 2479 4.15 40.33 -37.82
C GLU F 2479 5.05 41.53 -37.51
N SER F 2480 5.52 41.57 -36.27
CA SER F 2480 6.37 42.64 -35.78
C SER F 2480 7.82 42.44 -36.16
N GLU F 2481 8.44 41.35 -35.72
CA GLU F 2481 9.89 41.20 -35.72
C GLU F 2481 10.50 42.36 -34.96
N THR F 2482 10.30 42.39 -33.66
CA THR F 2482 11.27 43.09 -32.84
C THR F 2482 12.64 42.48 -33.07
N ASP F 2483 12.68 41.20 -33.42
CA ASP F 2483 13.87 40.46 -33.82
C ASP F 2483 13.46 39.04 -34.14
N ASN F 2484 14.33 38.33 -34.85
CA ASN F 2484 14.16 36.89 -34.99
C ASN F 2484 14.24 36.19 -33.64
N ASP F 2485 15.34 36.41 -32.92
CA ASP F 2485 15.53 35.72 -31.65
C ASP F 2485 14.41 36.05 -30.68
N SER F 2486 13.92 37.28 -30.73
CA SER F 2486 12.75 37.66 -29.95
C SER F 2486 11.63 36.67 -30.13
N GLN F 2487 11.31 36.38 -31.38
CA GLN F 2487 10.25 35.44 -31.65
C GLN F 2487 10.69 34.01 -31.35
N GLU F 2488 12.00 33.75 -31.36
CA GLU F 2488 12.47 32.43 -30.98
C GLU F 2488 12.11 32.17 -29.53
N ILE F 2489 12.27 33.18 -28.69
CA ILE F 2489 11.65 33.15 -27.39
C ILE F 2489 10.18 32.93 -27.65
N PHE F 2490 9.53 33.97 -28.17
CA PHE F 2490 8.08 34.13 -28.12
C PHE F 2490 7.42 32.80 -28.38
N LYS F 2491 7.91 32.11 -29.40
CA LYS F 2491 7.51 30.73 -29.60
C LYS F 2491 7.94 29.85 -28.44
N LEU F 2492 9.25 29.78 -28.17
CA LEU F 2492 9.73 28.90 -27.11
C LEU F 2492 8.92 29.06 -25.83
N ALA F 2493 8.62 30.31 -25.50
CA ALA F 2493 7.56 30.65 -24.58
C ALA F 2493 6.38 29.77 -24.94
N LYS F 2494 5.79 29.99 -26.12
CA LYS F 2494 4.54 29.30 -26.44
C LYS F 2494 4.63 27.81 -26.19
N ASP F 2495 5.81 27.22 -26.41
CA ASP F 2495 6.08 25.82 -26.12
C ASP F 2495 5.61 25.62 -24.71
N VAL F 2496 6.33 26.32 -23.84
CA VAL F 2496 5.96 26.29 -22.45
C VAL F 2496 4.48 26.58 -22.28
N LEU F 2497 4.03 27.70 -22.84
CA LEU F 2497 2.73 28.28 -22.51
C LEU F 2497 1.62 27.27 -22.67
N ILE F 2498 1.62 26.60 -23.80
CA ILE F 2498 0.56 25.64 -24.03
C ILE F 2498 0.87 24.35 -23.28
N GLN F 2499 2.14 24.05 -23.04
CA GLN F 2499 2.41 22.99 -22.07
C GLN F 2499 1.68 23.29 -20.79
N GLY F 2500 1.50 24.57 -20.51
CA GLY F 2500 0.64 25.11 -19.50
C GLY F 2500 -0.80 25.09 -19.87
N LEU F 2501 -1.14 25.01 -21.15
CA LEU F 2501 -2.55 24.75 -21.41
C LEU F 2501 -2.92 23.40 -20.88
N ILE F 2502 -1.94 22.62 -20.41
CA ILE F 2502 -2.23 21.31 -19.85
C ILE F 2502 -2.49 21.55 -18.38
N ASP F 2503 -3.73 21.52 -17.98
CA ASP F 2503 -3.93 21.43 -16.56
C ASP F 2503 -3.87 19.97 -16.14
N GLU F 2504 -3.50 19.75 -14.88
CA GLU F 2504 -3.90 18.47 -14.33
C GLU F 2504 -4.70 18.63 -13.05
N ASN F 2505 -4.05 18.77 -11.92
CA ASN F 2505 -4.91 18.68 -10.75
C ASN F 2505 -5.73 19.94 -10.61
N PRO F 2506 -5.13 21.12 -10.61
CA PRO F 2506 -5.95 22.34 -10.62
C PRO F 2506 -6.62 22.53 -11.98
N GLY F 2507 -7.89 22.85 -11.95
CA GLY F 2507 -8.54 23.18 -13.20
C GLY F 2507 -8.14 24.59 -13.59
N LEU F 2508 -8.13 25.46 -12.58
CA LEU F 2508 -7.89 26.88 -12.78
C LEU F 2508 -6.67 27.12 -13.64
N GLN F 2509 -5.73 26.18 -13.59
CA GLN F 2509 -4.63 26.10 -14.53
C GLN F 2509 -5.19 26.38 -15.90
N LEU F 2510 -5.98 25.42 -16.35
CA LEU F 2510 -6.54 25.53 -17.67
C LEU F 2510 -7.58 26.63 -17.72
N ILE F 2511 -8.13 27.03 -16.58
CA ILE F 2511 -9.13 28.09 -16.63
C ILE F 2511 -8.51 29.35 -17.16
N ILE F 2512 -7.70 29.99 -16.33
CA ILE F 2512 -7.20 31.28 -16.75
C ILE F 2512 -6.27 31.08 -17.92
N ARG F 2513 -5.62 29.92 -17.95
CA ARG F 2513 -4.86 29.51 -19.11
C ARG F 2513 -5.67 29.68 -20.39
N ASN F 2514 -6.84 29.07 -20.40
CA ASN F 2514 -7.76 29.24 -21.50
C ASN F 2514 -8.12 30.69 -21.69
N PHE F 2515 -8.92 31.26 -20.78
CA PHE F 2515 -9.53 32.57 -21.06
C PHE F 2515 -8.49 33.55 -21.53
N TRP F 2516 -7.28 33.44 -20.99
CA TRP F 2516 -6.14 34.05 -21.65
C TRP F 2516 -6.08 33.63 -23.11
N SER F 2517 -6.03 32.33 -23.36
CA SER F 2517 -5.97 31.87 -24.73
C SER F 2517 -7.06 32.52 -25.56
N HIS F 2518 -8.18 32.85 -24.94
CA HIS F 2518 -9.33 33.35 -25.67
C HIS F 2518 -9.02 34.76 -26.12
N GLU F 2519 -8.98 35.68 -25.15
CA GLU F 2519 -8.85 37.06 -25.54
C GLU F 2519 -7.52 37.35 -26.22
N THR F 2520 -6.59 36.40 -26.16
CA THR F 2520 -5.23 36.68 -26.56
C THR F 2520 -4.74 35.66 -27.55
N ARG F 2521 -4.51 34.44 -27.08
CA ARG F 2521 -4.05 33.37 -27.96
C ARG F 2521 -5.06 33.10 -29.04
N LEU F 2522 -6.29 33.57 -28.88
CA LEU F 2522 -7.35 33.41 -29.86
C LEU F 2522 -7.88 34.77 -30.29
N PRO F 2523 -8.57 34.81 -31.43
CA PRO F 2523 -9.39 35.98 -31.76
C PRO F 2523 -10.72 35.88 -31.05
N SER F 2524 -11.71 36.68 -31.44
CA SER F 2524 -13.09 36.33 -31.20
C SER F 2524 -13.53 35.70 -32.52
N ASN F 2525 -13.50 34.38 -32.55
CA ASN F 2525 -13.90 33.68 -33.76
C ASN F 2525 -14.17 32.22 -33.43
N THR F 2526 -14.99 31.62 -34.28
CA THR F 2526 -15.16 30.17 -34.29
C THR F 2526 -14.21 29.54 -35.29
N LEU F 2527 -14.37 29.93 -36.54
CA LEU F 2527 -13.98 29.11 -37.67
C LEU F 2527 -12.47 29.01 -37.78
N ASP F 2528 -11.80 30.15 -37.89
CA ASP F 2528 -10.34 30.14 -37.92
C ASP F 2528 -9.81 29.57 -36.62
N ARG F 2529 -10.37 30.03 -35.50
CA ARG F 2529 -9.99 29.47 -34.21
C ARG F 2529 -10.00 27.96 -34.27
N LEU F 2530 -11.02 27.40 -34.91
CA LEU F 2530 -10.95 26.00 -35.26
C LEU F 2530 -9.73 25.70 -36.09
N LEU F 2531 -9.43 26.54 -37.06
CA LEU F 2531 -8.31 26.22 -37.93
C LEU F 2531 -7.00 26.17 -37.16
N ALA F 2532 -6.45 27.34 -36.89
CA ALA F 2532 -5.16 27.46 -36.24
C ALA F 2532 -5.20 26.94 -34.82
N LEU F 2533 -6.41 26.61 -34.38
CA LEU F 2533 -6.59 25.80 -33.20
C LEU F 2533 -5.56 24.70 -33.26
N ASN F 2534 -5.63 23.92 -34.34
CA ASN F 2534 -4.68 22.86 -34.59
C ASN F 2534 -3.25 23.31 -34.46
N SER F 2535 -2.96 24.55 -34.86
CA SER F 2535 -1.58 24.99 -35.01
C SER F 2535 -0.76 24.62 -33.80
N LEU F 2536 -1.26 24.95 -32.63
CA LEU F 2536 -0.48 24.70 -31.44
C LEU F 2536 -0.74 23.31 -30.90
N TYR F 2537 -1.52 22.52 -31.61
CA TYR F 2537 -1.74 21.17 -31.16
C TYR F 2537 -0.59 20.29 -31.56
N SER F 2538 0.01 20.57 -32.70
CA SER F 2538 1.17 19.79 -33.15
C SER F 2538 2.19 19.59 -32.05
N PRO F 2539 2.76 20.65 -31.46
CA PRO F 2539 3.90 20.44 -30.55
C PRO F 2539 3.58 19.53 -29.40
N LYS F 2540 2.30 19.36 -29.12
CA LYS F 2540 1.83 18.61 -27.98
C LYS F 2540 2.60 17.33 -27.76
N ILE F 2541 2.47 16.39 -28.69
CA ILE F 2541 3.02 15.05 -28.53
C ILE F 2541 2.52 14.56 -27.19
N GLU F 2542 1.21 14.46 -27.04
CA GLU F 2542 0.61 14.40 -25.73
C GLU F 2542 -0.90 14.36 -25.97
N VAL F 2543 -1.66 13.86 -24.98
CA VAL F 2543 -2.98 13.31 -25.31
C VAL F 2543 -4.16 14.01 -24.67
N HIS F 2544 -5.37 13.56 -25.03
CA HIS F 2544 -6.64 13.99 -24.45
C HIS F 2544 -6.99 15.40 -24.88
N PHE F 2545 -5.99 16.06 -25.40
CA PHE F 2545 -6.05 17.40 -25.94
C PHE F 2545 -7.27 17.61 -26.79
N LEU F 2546 -7.62 16.58 -27.54
CA LEU F 2546 -8.77 16.67 -28.41
C LEU F 2546 -9.94 17.21 -27.64
N SER F 2547 -10.27 16.55 -26.54
CA SER F 2547 -11.29 17.01 -25.64
C SER F 2547 -11.13 18.49 -25.44
N LEU F 2548 -9.90 18.91 -25.27
CA LEU F 2548 -9.68 20.29 -24.92
C LEU F 2548 -10.13 21.20 -26.06
N ALA F 2549 -9.53 21.03 -27.23
CA ALA F 2549 -9.89 21.86 -28.37
C ALA F 2549 -11.39 21.90 -28.55
N THR F 2550 -12.00 20.72 -28.54
CA THR F 2550 -13.44 20.63 -28.63
C THR F 2550 -14.10 21.54 -27.63
N ASN F 2551 -14.03 21.13 -26.37
CA ASN F 2551 -14.75 21.77 -25.29
C ASN F 2551 -14.58 23.27 -25.35
N PHE F 2552 -13.36 23.71 -25.67
CA PHE F 2552 -13.15 25.10 -26.02
C PHE F 2552 -14.23 25.54 -26.98
N LEU F 2553 -14.20 24.97 -28.17
CA LEU F 2553 -15.15 25.42 -29.15
C LEU F 2553 -16.56 25.03 -28.82
N LEU F 2554 -16.77 24.31 -27.72
CA LEU F 2554 -18.13 24.10 -27.26
C LEU F 2554 -18.60 25.29 -26.48
N GLU F 2555 -17.75 25.82 -25.62
CA GLU F 2555 -18.00 27.13 -25.05
C GLU F 2555 -18.16 28.17 -26.15
N MET F 2556 -17.32 28.10 -27.17
CA MET F 2556 -17.35 29.15 -28.18
C MET F 2556 -18.56 29.01 -29.07
N THR F 2557 -18.82 27.79 -29.53
CA THR F 2557 -19.80 27.58 -30.58
C THR F 2557 -21.18 28.08 -30.19
N SER F 2558 -21.51 28.01 -28.91
CA SER F 2558 -22.51 28.87 -28.32
C SER F 2558 -21.89 29.48 -27.09
N MET F 2559 -21.63 30.79 -27.13
CA MET F 2559 -21.37 31.48 -25.87
C MET F 2559 -22.69 31.56 -25.11
N SER F 2560 -23.64 32.36 -25.60
CA SER F 2560 -25.06 32.11 -25.34
C SER F 2560 -25.92 32.51 -26.54
N PRO F 2561 -25.67 31.91 -27.75
CA PRO F 2561 -26.75 31.75 -28.74
C PRO F 2561 -27.35 30.36 -28.71
N ASP F 2562 -27.72 29.89 -27.51
CA ASP F 2562 -28.10 28.51 -27.40
C ASP F 2562 -29.52 28.42 -26.85
N TYR F 2563 -29.64 28.62 -25.56
CA TYR F 2563 -30.92 28.72 -24.90
C TYR F 2563 -31.77 29.87 -25.42
N PRO F 2564 -31.20 31.03 -25.79
CA PRO F 2564 -32.01 32.04 -26.47
C PRO F 2564 -32.62 31.53 -27.75
N ASN F 2565 -32.03 30.52 -28.36
CA ASN F 2565 -32.50 29.97 -29.63
C ASN F 2565 -32.66 28.47 -29.46
N PRO F 2566 -33.49 28.06 -28.49
CA PRO F 2566 -33.29 26.75 -27.86
C PRO F 2566 -33.58 25.55 -28.75
N MET F 2567 -34.60 25.59 -29.59
CA MET F 2567 -34.77 24.53 -30.60
C MET F 2567 -33.75 24.70 -31.71
N SER F 2765 -53.94 14.30 -17.39
CA SER F 2765 -52.75 13.79 -16.71
C SER F 2765 -51.58 14.74 -16.90
N TYR F 2766 -50.66 14.76 -15.93
CA TYR F 2766 -49.42 15.50 -16.12
C TYR F 2766 -48.65 14.95 -17.31
N ARG F 2767 -48.86 13.68 -17.65
CA ARG F 2767 -48.27 13.12 -18.86
C ARG F 2767 -48.75 13.85 -20.09
N HIS F 2768 -50.03 14.25 -20.12
CA HIS F 2768 -50.47 15.15 -21.17
C HIS F 2768 -49.70 16.47 -21.14
N GLY F 2769 -49.03 16.77 -20.03
CA GLY F 2769 -48.20 17.95 -19.89
C GLY F 2769 -46.75 17.70 -20.26
N ASP F 2770 -46.34 16.43 -20.23
CA ASP F 2770 -45.07 16.06 -20.83
C ASP F 2770 -45.20 15.93 -22.34
N LEU F 2771 -46.42 15.73 -22.82
CA LEU F 2771 -46.76 15.75 -24.23
C LEU F 2771 -46.14 16.97 -24.90
N PRO F 2772 -46.45 18.20 -24.47
CA PRO F 2772 -45.77 19.34 -25.11
C PRO F 2772 -44.27 19.35 -24.86
N ASP F 2773 -43.80 18.91 -23.69
CA ASP F 2773 -42.37 18.74 -23.48
C ASP F 2773 -41.77 17.83 -24.54
N ILE F 2774 -42.47 16.77 -24.88
CA ILE F 2774 -42.06 15.89 -25.97
C ILE F 2774 -42.83 16.28 -27.23
N GLN F 2775 -43.57 17.40 -27.17
CA GLN F 2775 -44.10 18.02 -28.37
C GLN F 2775 -43.34 19.29 -28.74
N ILE F 2776 -43.57 20.40 -28.06
CA ILE F 2776 -42.81 21.61 -28.31
C ILE F 2776 -42.39 22.24 -26.98
N LYS F 2777 -41.09 22.20 -26.68
CA LYS F 2777 -40.55 23.20 -25.76
C LYS F 2777 -39.21 23.77 -26.23
N HIS F 2778 -38.11 23.05 -26.00
CA HIS F 2778 -36.79 23.52 -26.42
C HIS F 2778 -35.82 22.36 -26.53
N SER F 2779 -34.87 22.48 -27.45
CA SER F 2779 -33.77 21.52 -27.57
C SER F 2779 -32.46 22.01 -26.94
N SER F 2780 -32.43 23.21 -26.34
CA SER F 2780 -31.16 23.84 -26.01
C SER F 2780 -30.37 23.05 -24.97
N LEU F 2781 -31.05 22.48 -23.97
CA LEU F 2781 -30.38 21.87 -22.84
C LEU F 2781 -29.22 21.00 -23.26
N ILE F 2782 -29.40 20.27 -24.35
CA ILE F 2782 -28.41 19.31 -24.83
C ILE F 2782 -27.01 19.91 -24.79
N THR F 2783 -26.89 21.15 -25.24
CA THR F 2783 -25.62 21.73 -25.63
C THR F 2783 -24.56 21.52 -24.57
N PRO F 2784 -24.73 22.02 -23.34
CA PRO F 2784 -23.73 21.68 -22.32
C PRO F 2784 -23.76 20.21 -22.00
N LEU F 2785 -24.96 19.64 -21.90
CA LEU F 2785 -25.09 18.24 -21.55
C LEU F 2785 -24.16 17.44 -22.41
N GLN F 2786 -24.15 17.76 -23.68
CA GLN F 2786 -23.18 17.22 -24.61
C GLN F 2786 -21.81 17.39 -24.03
N ALA F 2787 -21.33 18.63 -24.16
CA ALA F 2787 -19.95 18.95 -23.88
C ALA F 2787 -19.51 18.31 -22.57
N VAL F 2788 -20.18 18.68 -21.49
CA VAL F 2788 -19.79 18.17 -20.19
C VAL F 2788 -19.67 16.66 -20.24
N ALA F 2789 -20.75 15.99 -20.61
CA ALA F 2789 -20.73 14.58 -20.89
C ALA F 2789 -19.50 14.34 -21.71
N GLN F 2790 -19.52 14.96 -22.87
CA GLN F 2790 -18.57 14.62 -23.90
C GLN F 2790 -17.18 15.11 -23.56
N ARG F 2791 -17.04 15.91 -22.51
CA ARG F 2791 -15.70 16.36 -22.19
C ARG F 2791 -14.89 15.22 -21.62
N ASP F 2792 -15.50 14.44 -20.76
CA ASP F 2792 -14.79 13.43 -19.98
C ASP F 2792 -14.29 12.25 -20.81
N PRO F 2793 -15.01 11.75 -21.80
CA PRO F 2793 -14.76 10.40 -22.31
C PRO F 2793 -13.50 10.20 -23.08
N ILE F 2794 -13.47 9.07 -23.81
CA ILE F 2794 -12.25 8.57 -24.39
C ILE F 2794 -12.14 8.88 -25.89
N ILE F 2795 -12.79 8.12 -26.75
CA ILE F 2795 -12.47 8.18 -28.17
C ILE F 2795 -13.42 9.09 -28.90
N ALA F 2796 -14.24 9.83 -28.14
CA ALA F 2796 -15.44 10.43 -28.71
C ALA F 2796 -15.10 11.12 -30.00
N LYS F 2797 -15.82 10.77 -31.03
CA LYS F 2797 -15.48 11.28 -32.32
C LYS F 2797 -16.36 12.42 -32.77
N GLN F 2798 -17.48 12.67 -32.07
CA GLN F 2798 -18.38 13.74 -32.50
C GLN F 2798 -17.58 15.00 -32.69
N LEU F 2799 -16.46 15.05 -31.98
CA LEU F 2799 -15.43 16.02 -32.24
C LEU F 2799 -15.16 16.13 -33.72
N PHE F 2800 -15.20 15.00 -34.42
CA PHE F 2800 -14.62 14.98 -35.74
C PHE F 2800 -15.60 15.50 -36.75
N SER F 2801 -16.88 15.20 -36.55
CA SER F 2801 -17.92 15.85 -37.31
C SER F 2801 -17.90 17.35 -37.07
N SER F 2802 -17.71 17.75 -35.82
CA SER F 2802 -17.53 19.18 -35.58
C SER F 2802 -16.38 19.71 -36.42
N LEU F 2803 -15.27 18.98 -36.43
CA LEU F 2803 -14.13 19.36 -37.25
C LEU F 2803 -14.57 19.62 -38.67
N PHE F 2804 -15.06 18.58 -39.30
CA PHE F 2804 -15.19 18.61 -40.74
C PHE F 2804 -16.33 19.51 -41.13
N SER F 2805 -17.46 19.36 -40.46
CA SER F 2805 -18.45 20.41 -40.43
C SER F 2805 -17.77 21.73 -40.17
N GLY F 2806 -16.94 21.79 -39.14
CA GLY F 2806 -16.21 23.01 -38.91
C GLY F 2806 -15.32 23.40 -40.05
N ILE F 2807 -15.14 22.55 -41.04
CA ILE F 2807 -14.45 22.96 -42.25
C ILE F 2807 -15.24 22.60 -43.49
N LEU F 2808 -15.35 21.29 -43.75
CA LEU F 2808 -15.89 20.82 -45.00
C LEU F 2808 -17.22 21.46 -45.26
N LYS F 2809 -17.92 21.86 -44.21
CA LYS F 2809 -19.09 22.71 -44.38
C LYS F 2809 -18.71 24.18 -44.48
N GLU F 2810 -17.72 24.62 -43.73
CA GLU F 2810 -17.63 26.05 -43.56
C GLU F 2810 -16.94 26.71 -44.73
N MET F 2811 -15.85 26.12 -45.20
CA MET F 2811 -15.24 26.65 -46.40
C MET F 2811 -16.21 26.64 -47.55
N ASP F 2812 -17.32 25.92 -47.41
CA ASP F 2812 -18.39 26.00 -48.39
C ASP F 2812 -18.96 27.40 -48.45
N LYS F 2813 -19.49 27.89 -47.33
CA LYS F 2813 -20.02 29.24 -47.34
C LYS F 2813 -18.95 30.23 -47.74
N PHE F 2814 -17.71 29.79 -47.74
CA PHE F 2814 -16.61 30.68 -48.04
C PHE F 2814 -16.37 30.57 -49.53
N LYS F 2815 -16.72 31.64 -50.25
CA LYS F 2815 -16.39 31.69 -51.67
C LYS F 2815 -14.92 31.40 -51.87
N THR F 2816 -14.12 31.83 -50.91
CA THR F 2816 -12.72 31.43 -50.86
C THR F 2816 -12.61 29.93 -50.84
N LEU F 2817 -11.89 29.40 -51.82
CA LEU F 2817 -11.72 27.96 -51.98
C LEU F 2817 -10.26 27.64 -52.28
N SER F 2818 -9.76 28.19 -53.38
CA SER F 2818 -8.34 28.07 -53.67
C SER F 2818 -7.52 28.38 -52.42
N GLU F 2819 -7.84 29.48 -51.77
CA GLU F 2819 -7.16 29.75 -50.52
C GLU F 2819 -7.47 28.70 -49.49
N LYS F 2820 -8.65 28.10 -49.54
CA LYS F 2820 -8.86 26.96 -48.66
C LYS F 2820 -7.85 25.87 -48.96
N ASN F 2821 -7.57 25.63 -50.23
CA ASN F 2821 -6.52 24.69 -50.58
C ASN F 2821 -5.26 25.09 -49.86
N ASN F 2822 -4.97 26.38 -49.87
CA ASN F 2822 -3.79 26.86 -49.17
C ASN F 2822 -3.87 26.51 -47.70
N ILE F 2823 -5.05 26.66 -47.13
CA ILE F 2823 -5.28 26.29 -45.75
C ILE F 2823 -4.91 24.85 -45.55
N THR F 2824 -5.52 23.98 -46.34
CA THR F 2824 -5.22 22.57 -46.29
C THR F 2824 -3.75 22.38 -46.21
N GLN F 2825 -3.01 23.01 -47.11
CA GLN F 2825 -1.58 22.78 -47.23
C GLN F 2825 -1.04 22.73 -45.83
N LYS F 2826 -1.14 23.87 -45.14
CA LYS F 2826 -0.85 23.87 -43.71
C LYS F 2826 -1.45 22.66 -43.05
N LEU F 2827 -2.77 22.57 -43.05
CA LEU F 2827 -3.48 21.58 -42.26
C LEU F 2827 -2.73 20.27 -42.36
N LEU F 2828 -2.74 19.74 -43.56
CA LEU F 2828 -2.06 18.53 -43.96
C LEU F 2828 -0.68 18.49 -43.36
N GLN F 2829 0.19 19.35 -43.87
CA GLN F 2829 1.59 19.39 -43.45
C GLN F 2829 1.70 19.25 -41.96
N ASP F 2830 1.14 20.23 -41.29
CA ASP F 2830 1.10 20.30 -39.85
C ASP F 2830 0.70 18.97 -39.27
N PHE F 2831 -0.23 18.30 -39.92
CA PHE F 2831 -0.69 17.03 -39.41
C PHE F 2831 0.32 15.95 -39.72
N ASN F 2832 1.16 16.20 -40.71
CA ASN F 2832 2.12 15.20 -41.11
C ASN F 2832 3.29 15.22 -40.16
N ARG F 2833 3.78 16.41 -39.86
CA ARG F 2833 4.58 16.59 -38.67
C ARG F 2833 3.88 15.93 -37.50
N PHE F 2834 2.61 16.27 -37.32
CA PHE F 2834 1.84 15.77 -36.20
C PHE F 2834 2.00 14.27 -36.07
N LEU F 2835 1.99 13.57 -37.20
CA LEU F 2835 2.48 12.20 -37.24
C LEU F 2835 3.89 12.16 -36.72
N ASN F 2836 4.73 12.95 -37.35
CA ASN F 2836 6.18 12.86 -37.28
C ASN F 2836 6.64 13.13 -35.87
N THR F 2837 5.70 13.40 -34.98
CA THR F 2837 5.98 13.95 -33.67
C THR F 2837 5.32 13.13 -32.57
N THR F 2838 4.00 13.08 -32.59
CA THR F 2838 3.29 12.20 -31.67
C THR F 2838 3.64 10.75 -31.97
N PHE F 2839 4.02 10.02 -30.93
CA PHE F 2839 4.31 8.60 -31.12
C PHE F 2839 3.95 7.81 -29.88
N SER F 2840 3.65 6.53 -30.11
CA SER F 2840 2.99 5.64 -29.16
C SER F 2840 1.62 6.16 -28.74
N PHE F 2841 0.99 7.01 -29.56
CA PHE F 2841 -0.29 7.63 -29.24
C PHE F 2841 -1.34 7.10 -30.21
N PHE F 2842 -2.14 6.18 -29.75
CA PHE F 2842 -3.27 5.61 -30.46
C PHE F 2842 -4.44 6.58 -30.64
N PRO F 2843 -4.76 7.45 -29.69
CA PRO F 2843 -5.84 8.40 -29.94
C PRO F 2843 -5.58 9.13 -31.24
N PRO F 2844 -4.34 9.46 -31.53
CA PRO F 2844 -4.02 9.80 -32.90
C PRO F 2844 -4.22 8.67 -33.89
N PHE F 2845 -4.15 7.39 -33.51
CA PHE F 2845 -4.58 6.40 -34.50
C PHE F 2845 -5.95 6.77 -34.98
N VAL F 2846 -6.79 7.23 -34.06
CA VAL F 2846 -8.06 7.78 -34.46
C VAL F 2846 -7.86 9.06 -35.28
N SER F 2847 -6.84 9.85 -34.95
CA SER F 2847 -6.67 11.09 -35.68
C SER F 2847 -6.42 10.83 -37.16
N CYS F 2848 -5.52 9.91 -37.49
CA CYS F 2848 -5.31 9.55 -38.88
C CYS F 2848 -6.62 9.28 -39.57
N ILE F 2849 -7.54 8.67 -38.86
CA ILE F 2849 -8.84 8.36 -39.42
C ILE F 2849 -9.64 9.63 -39.64
N GLN F 2850 -9.57 10.57 -38.70
CA GLN F 2850 -10.11 11.89 -38.97
C GLN F 2850 -9.63 12.33 -40.33
N ASP F 2851 -8.35 12.08 -40.56
CA ASP F 2851 -7.67 12.66 -41.70
C ASP F 2851 -8.15 12.03 -42.99
N ILE F 2852 -8.38 10.72 -42.98
CA ILE F 2852 -8.97 10.14 -44.17
C ILE F 2852 -10.42 10.56 -44.32
N SER F 2853 -11.12 10.83 -43.22
CA SER F 2853 -12.48 11.32 -43.34
C SER F 2853 -12.51 12.69 -43.98
N CYS F 2854 -11.40 13.40 -43.92
CA CYS F 2854 -11.26 14.68 -44.56
C CYS F 2854 -11.30 14.50 -46.08
N GLN F 2855 -11.49 15.61 -46.79
CA GLN F 2855 -11.72 15.52 -48.22
C GLN F 2855 -10.57 16.15 -48.97
N HIS F 2856 -9.62 15.31 -49.41
CA HIS F 2856 -8.50 15.59 -50.30
C HIS F 2856 -7.69 14.31 -50.45
N ALA F 2857 -6.63 14.40 -51.24
CA ALA F 2857 -5.93 13.22 -51.71
C ALA F 2857 -4.63 13.00 -50.94
N ALA F 2858 -3.58 13.74 -51.29
CA ALA F 2858 -2.38 13.76 -50.47
C ALA F 2858 -2.69 14.29 -49.10
N LEU F 2859 -3.96 14.65 -48.90
CA LEU F 2859 -4.57 14.85 -47.61
C LEU F 2859 -3.97 13.83 -46.68
N LEU F 2860 -3.72 12.65 -47.23
CA LEU F 2860 -2.98 11.63 -46.54
C LEU F 2860 -1.51 11.65 -46.95
N SER F 2861 -1.27 11.47 -48.24
CA SER F 2861 -0.02 10.91 -48.78
C SER F 2861 1.20 11.47 -48.11
N LEU F 2862 1.17 12.75 -47.78
CA LEU F 2862 2.20 13.31 -46.94
C LEU F 2862 2.36 12.50 -45.68
N ASP F 2863 1.38 11.69 -45.36
CA ASP F 2863 1.54 10.61 -44.42
C ASP F 2863 2.04 9.43 -45.22
N PRO F 2864 3.29 9.03 -45.08
CA PRO F 2864 3.67 7.67 -45.46
C PRO F 2864 3.21 6.70 -44.36
N ALA F 2865 3.62 5.44 -44.50
CA ALA F 2865 2.88 4.38 -43.81
C ALA F 2865 3.18 4.35 -42.33
N ALA F 2866 4.36 3.88 -41.97
CA ALA F 2866 4.76 3.99 -40.57
C ALA F 2866 4.62 5.42 -40.12
N VAL F 2867 4.61 6.35 -41.07
CA VAL F 2867 4.31 7.73 -40.74
C VAL F 2867 2.89 7.85 -40.21
N SER F 2868 1.96 7.05 -40.75
CA SER F 2868 0.66 6.99 -40.10
C SER F 2868 0.82 6.50 -38.68
N ALA F 2869 1.38 5.32 -38.52
CA ALA F 2869 2.08 4.95 -37.30
C ALA F 2869 2.91 3.72 -37.62
N GLY F 2870 3.70 3.32 -36.65
CA GLY F 2870 4.81 2.42 -36.87
C GLY F 2870 4.35 0.99 -36.88
N CYS F 2871 5.18 0.11 -36.35
CA CYS F 2871 4.82 -1.29 -36.25
C CYS F 2871 3.41 -1.47 -35.72
N LEU F 2872 2.96 -0.54 -34.87
CA LEU F 2872 1.54 -0.50 -34.53
C LEU F 2872 0.96 0.86 -34.89
N ALA F 2873 0.18 0.89 -35.97
CA ALA F 2873 -0.92 1.82 -36.16
C ALA F 2873 -2.29 1.17 -35.95
N SER F 2874 -2.31 -0.13 -35.75
CA SER F 2874 -3.47 -1.03 -35.93
C SER F 2874 -3.95 -0.94 -37.38
N LEU F 2875 -5.24 -1.07 -37.65
CA LEU F 2875 -5.75 -1.20 -39.01
C LEU F 2875 -6.36 0.06 -39.56
N GLN F 2876 -6.19 1.17 -38.86
CA GLN F 2876 -6.12 2.44 -39.54
C GLN F 2876 -5.15 2.32 -40.69
N GLN F 2877 -4.36 1.25 -40.67
CA GLN F 2877 -3.31 1.00 -41.64
C GLN F 2877 -3.75 1.25 -43.08
N PRO F 2878 -4.71 0.52 -43.64
CA PRO F 2878 -5.08 0.78 -45.03
C PRO F 2878 -5.85 2.06 -45.23
N VAL F 2879 -6.31 2.71 -44.17
CA VAL F 2879 -7.37 3.69 -44.33
C VAL F 2879 -6.84 4.87 -45.10
N GLY F 2880 -5.57 5.20 -44.90
CA GLY F 2880 -4.95 6.15 -45.79
C GLY F 2880 -4.99 5.62 -47.21
N ILE F 2881 -4.51 4.38 -47.36
CA ILE F 2881 -4.70 3.63 -48.59
C ILE F 2881 -6.08 3.87 -49.12
N ARG F 2882 -7.07 3.94 -48.24
CA ARG F 2882 -8.44 4.18 -48.60
C ARG F 2882 -8.51 5.26 -49.66
N LEU F 2883 -8.32 6.51 -49.24
CA LEU F 2883 -8.57 7.58 -50.18
C LEU F 2883 -7.61 7.47 -51.34
N LEU F 2884 -6.47 6.86 -51.05
CA LEU F 2884 -5.41 6.61 -51.98
C LEU F 2884 -6.04 6.16 -53.26
N GLU F 2885 -6.68 5.00 -53.24
CA GLU F 2885 -7.09 4.44 -54.50
C GLU F 2885 -8.17 5.29 -55.15
N GLU F 2886 -9.11 5.83 -54.38
CA GLU F 2886 -10.26 6.43 -55.02
C GLU F 2886 -9.90 7.73 -55.70
N ALA F 2887 -9.31 8.64 -54.95
CA ALA F 2887 -9.25 10.04 -55.33
C ALA F 2887 -7.80 10.46 -55.47
N LEU F 2888 -7.02 10.28 -54.40
CA LEU F 2888 -5.58 10.34 -54.53
C LEU F 2888 -5.17 9.64 -55.80
N LEU F 2889 -5.48 8.36 -55.89
CA LEU F 2889 -5.25 7.71 -57.15
C LEU F 2889 -6.36 8.12 -58.11
N ARG F 2890 -5.99 8.90 -59.11
CA ARG F 2890 -6.68 8.98 -60.38
C ARG F 2890 -6.03 8.13 -61.45
N LEU F 2891 -4.82 7.62 -61.17
CA LEU F 2891 -3.95 7.03 -62.19
C LEU F 2891 -4.12 5.52 -62.26
N LEU F 2892 -3.69 4.85 -61.21
CA LEU F 2892 -3.90 3.42 -60.99
C LEU F 2892 -5.35 2.96 -61.10
N PRO F 2893 -6.37 3.78 -60.78
CA PRO F 2893 -7.76 3.30 -60.89
C PRO F 2893 -8.11 2.52 -62.15
N ALA F 2894 -7.28 2.58 -63.19
CA ALA F 2894 -7.48 1.73 -64.35
C ALA F 2894 -6.93 0.31 -64.17
N GLU F 2895 -6.45 -0.04 -62.96
CA GLU F 2895 -5.97 -1.39 -62.63
C GLU F 2895 -4.65 -1.75 -63.33
N LEU F 2896 -3.85 -0.75 -63.68
CA LEU F 2896 -2.53 -1.06 -64.22
C LEU F 2896 -1.57 0.03 -63.80
N PRO F 2897 -0.26 -0.25 -63.80
CA PRO F 2897 0.71 0.76 -63.37
C PRO F 2897 0.67 2.00 -64.26
N ALA F 2898 0.59 3.17 -63.64
CA ALA F 2898 0.81 4.44 -64.32
C ALA F 2898 2.18 4.93 -63.88
N LYS F 2899 3.15 4.89 -64.79
CA LYS F 2899 4.51 5.26 -64.41
C LYS F 2899 4.53 6.61 -63.70
N ARG F 2900 3.57 7.47 -64.04
CA ARG F 2900 3.40 8.72 -63.34
C ARG F 2900 2.78 8.55 -61.97
N VAL F 2901 2.31 7.36 -61.63
CA VAL F 2901 1.76 7.18 -60.28
C VAL F 2901 2.91 7.10 -59.29
N ARG F 2902 2.57 7.30 -58.03
CA ARG F 2902 3.52 7.61 -56.99
C ARG F 2902 4.02 6.33 -56.31
N GLY F 2903 5.34 6.19 -56.21
CA GLY F 2903 5.87 5.29 -55.21
C GLY F 2903 5.38 5.66 -53.84
N LYS F 2904 5.03 6.94 -53.66
CA LYS F 2904 4.35 7.41 -52.47
C LYS F 2904 2.86 7.20 -52.58
N ALA F 2905 2.39 6.54 -53.63
CA ALA F 2905 1.03 6.06 -53.65
C ALA F 2905 1.02 4.55 -53.43
N ARG F 2906 1.62 3.81 -54.34
CA ARG F 2906 1.71 2.37 -54.18
C ARG F 2906 2.47 2.01 -52.92
N LEU F 2907 3.71 2.46 -52.84
CA LEU F 2907 4.57 2.05 -51.73
C LEU F 2907 3.91 2.18 -50.37
N PRO F 2908 3.31 3.31 -50.01
CA PRO F 2908 2.85 3.45 -48.65
C PRO F 2908 1.96 2.29 -48.27
N PRO F 2909 1.04 1.89 -49.13
CA PRO F 2909 0.44 0.59 -48.93
C PRO F 2909 1.44 -0.51 -48.67
N ASP F 2910 2.53 -0.55 -49.43
CA ASP F 2910 3.41 -1.70 -49.32
C ASP F 2910 3.89 -1.76 -47.90
N VAL F 2911 4.69 -0.76 -47.57
CA VAL F 2911 5.29 -0.66 -46.26
C VAL F 2911 4.24 -0.87 -45.17
N LEU F 2912 3.03 -0.34 -45.36
CA LEU F 2912 2.08 -0.49 -44.27
C LEU F 2912 1.65 -1.93 -44.11
N ARG F 2913 1.18 -2.55 -45.18
CA ARG F 2913 0.77 -3.93 -45.04
C ARG F 2913 1.91 -4.85 -44.68
N TRP F 2914 3.15 -4.37 -44.77
CA TRP F 2914 4.24 -5.13 -44.18
C TRP F 2914 3.92 -5.49 -42.74
N VAL F 2915 3.25 -4.60 -42.00
CA VAL F 2915 2.79 -4.96 -40.67
C VAL F 2915 1.43 -5.60 -40.71
N GLU F 2916 0.84 -5.72 -41.88
CA GLU F 2916 -0.20 -6.71 -42.09
C GLU F 2916 0.36 -8.03 -42.51
N LEU F 2917 1.67 -8.21 -42.46
CA LEU F 2917 2.29 -9.42 -42.98
C LEU F 2917 1.56 -10.63 -42.47
N ALA F 2918 1.10 -11.45 -43.41
CA ALA F 2918 0.21 -12.56 -43.17
C ALA F 2918 0.11 -13.32 -44.49
N LYS F 2919 -0.67 -14.38 -44.51
CA LYS F 2919 -0.85 -15.11 -45.76
C LYS F 2919 -1.34 -14.22 -46.88
N LEU F 2920 -2.47 -13.56 -46.67
CA LEU F 2920 -3.19 -12.85 -47.71
C LEU F 2920 -2.49 -11.55 -48.05
N TYR F 2921 -2.33 -10.68 -47.06
CA TYR F 2921 -1.54 -9.49 -47.27
C TYR F 2921 -0.24 -9.84 -47.97
N ARG F 2922 0.63 -10.63 -47.35
CA ARG F 2922 1.90 -10.93 -48.01
C ARG F 2922 1.66 -11.41 -49.42
N SER F 2923 0.60 -12.18 -49.62
CA SER F 2923 0.20 -12.47 -50.98
C SER F 2923 -0.32 -11.21 -51.66
N ILE F 2924 -0.89 -10.28 -50.89
CA ILE F 2924 -1.50 -9.12 -51.51
C ILE F 2924 -0.37 -8.33 -52.14
N GLY F 2925 0.43 -7.70 -51.29
CA GLY F 2925 1.48 -6.84 -51.79
C GLY F 2925 2.54 -7.61 -52.53
N GLU F 2926 2.67 -8.90 -52.22
CA GLU F 2926 3.83 -9.66 -52.66
C GLU F 2926 3.98 -9.44 -54.14
N TYR F 2927 2.86 -9.40 -54.85
CA TYR F 2927 2.93 -8.79 -56.15
C TYR F 2927 2.17 -7.48 -56.23
N ASP F 2928 1.46 -7.07 -55.20
CA ASP F 2928 0.23 -6.35 -55.48
C ASP F 2928 0.42 -5.12 -56.34
N VAL F 2929 0.96 -4.05 -55.75
CA VAL F 2929 1.28 -2.88 -56.57
C VAL F 2929 2.57 -3.14 -57.31
N LEU F 2930 3.13 -4.32 -57.16
CA LEU F 2930 4.14 -4.75 -58.10
C LEU F 2930 3.52 -5.06 -59.44
N ARG F 2931 2.19 -5.05 -59.52
CA ARG F 2931 1.54 -4.66 -60.75
C ARG F 2931 1.59 -3.16 -60.93
N GLY F 2932 1.26 -2.40 -59.88
CA GLY F 2932 1.40 -0.96 -59.95
C GLY F 2932 2.79 -0.50 -60.32
N ILE F 2933 3.78 -1.39 -60.26
CA ILE F 2933 5.05 -1.24 -60.94
C ILE F 2933 5.08 -2.24 -62.07
N PHE F 2934 5.00 -1.76 -63.32
CA PHE F 2934 5.11 -2.69 -64.43
C PHE F 2934 6.50 -3.29 -64.53
N THR F 2935 7.49 -2.74 -63.82
CA THR F 2935 8.81 -3.36 -63.82
C THR F 2935 8.82 -4.62 -62.97
N SER F 2936 8.28 -4.52 -61.76
CA SER F 2936 8.36 -5.62 -60.80
C SER F 2936 7.90 -6.93 -61.41
N GLU F 2937 6.91 -6.84 -62.30
CA GLU F 2937 6.08 -7.99 -62.66
C GLU F 2937 6.89 -9.24 -62.91
N ILE F 2938 7.91 -9.11 -63.75
CA ILE F 2938 8.42 -10.29 -64.42
C ILE F 2938 9.06 -11.22 -63.41
N GLY F 2939 9.84 -10.65 -62.51
CA GLY F 2939 10.36 -11.47 -61.43
C GLY F 2939 9.41 -11.57 -60.26
N THR F 2940 8.59 -10.55 -60.06
CA THR F 2940 7.80 -10.49 -58.84
C THR F 2940 6.71 -11.55 -58.85
N LYS F 2941 5.92 -11.58 -59.92
CA LYS F 2941 4.92 -12.62 -60.09
C LYS F 2941 5.51 -13.98 -59.81
N GLN F 2942 6.72 -14.23 -60.34
CA GLN F 2942 7.46 -15.44 -60.06
C GLN F 2942 7.51 -15.67 -58.56
N ILE F 2943 8.26 -14.79 -57.90
CA ILE F 2943 8.65 -15.05 -56.52
C ILE F 2943 7.45 -15.03 -55.58
N THR F 2944 6.32 -14.50 -56.04
CA THR F 2944 5.10 -14.61 -55.26
C THR F 2944 4.89 -16.03 -54.79
N GLN F 2945 5.08 -17.00 -55.69
CA GLN F 2945 4.81 -18.40 -55.40
C GLN F 2945 5.49 -18.84 -54.13
N SER F 2946 6.70 -18.34 -53.87
CA SER F 2946 7.41 -18.73 -52.67
C SER F 2946 6.57 -18.49 -51.43
N ALA F 2947 6.18 -17.24 -51.20
CA ALA F 2947 5.25 -16.95 -50.12
C ALA F 2947 3.93 -17.65 -50.34
N LEU F 2948 3.58 -17.91 -51.59
CA LEU F 2948 2.42 -18.75 -51.89
C LEU F 2948 2.71 -20.17 -51.46
N LEU F 2949 3.86 -20.70 -51.84
CA LEU F 2949 4.35 -21.90 -51.20
C LEU F 2949 4.68 -21.65 -49.76
N ALA F 2950 4.57 -20.40 -49.32
CA ALA F 2950 4.93 -19.99 -47.97
C ALA F 2950 6.43 -20.21 -47.75
N GLU F 2951 7.23 -19.71 -48.67
CA GLU F 2951 8.67 -19.83 -48.55
C GLU F 2951 9.18 -18.63 -47.78
N ALA F 2952 9.60 -18.87 -46.54
CA ALA F 2952 10.31 -17.89 -45.74
C ALA F 2952 11.79 -18.05 -45.88
N ARG F 2953 12.22 -18.90 -46.81
CA ARG F 2953 13.61 -19.28 -46.76
C ARG F 2953 14.39 -18.98 -48.03
N SER F 2954 14.20 -19.80 -49.06
CA SER F 2954 15.20 -19.91 -50.11
C SER F 2954 14.59 -19.77 -51.49
N ASP F 2955 13.60 -20.61 -51.78
CA ASP F 2955 13.01 -20.68 -53.11
C ASP F 2955 12.73 -19.29 -53.67
N TYR F 2956 12.28 -18.37 -52.82
CA TYR F 2956 12.44 -16.95 -53.15
C TYR F 2956 13.90 -16.62 -53.36
N SER F 2957 14.68 -16.65 -52.28
CA SER F 2957 16.02 -16.08 -52.30
C SER F 2957 16.76 -16.47 -53.56
N GLU F 2958 16.59 -17.71 -53.99
CA GLU F 2958 17.03 -18.08 -55.32
C GLU F 2958 16.17 -17.40 -56.38
N ALA F 2959 14.85 -17.39 -56.17
CA ALA F 2959 13.93 -16.87 -57.18
C ALA F 2959 14.16 -15.39 -57.45
N ALA F 2960 14.02 -14.56 -56.43
CA ALA F 2960 14.18 -13.13 -56.57
C ALA F 2960 15.54 -12.57 -56.23
N LYS F 2961 16.42 -13.34 -55.57
CA LYS F 2961 17.58 -12.69 -54.99
C LYS F 2961 18.37 -11.92 -56.04
N GLN F 2962 18.39 -12.41 -57.27
CA GLN F 2962 19.15 -11.75 -58.31
C GLN F 2962 18.54 -10.42 -58.69
N TYR F 2963 17.28 -10.18 -58.32
CA TYR F 2963 16.63 -8.99 -58.82
C TYR F 2963 17.40 -7.77 -58.36
N ASP F 2964 17.38 -7.51 -57.05
CA ASP F 2964 18.27 -6.50 -56.52
C ASP F 2964 19.71 -6.98 -56.54
N GLU F 2965 19.93 -8.28 -56.35
CA GLU F 2965 21.27 -8.80 -56.13
C GLU F 2965 22.13 -8.61 -57.38
N ALA F 2966 21.53 -8.74 -58.56
CA ALA F 2966 22.26 -8.35 -59.76
C ALA F 2966 22.41 -6.84 -59.86
N LEU F 2967 21.80 -6.10 -58.94
CA LEU F 2967 21.50 -4.70 -59.21
C LEU F 2967 20.81 -4.64 -60.56
N ASN F 2968 19.93 -5.61 -60.78
CA ASN F 2968 18.99 -5.57 -61.88
C ASN F 2968 19.67 -5.63 -63.23
N LYS F 2969 20.79 -6.35 -63.33
CA LYS F 2969 21.48 -6.47 -64.60
C LYS F 2969 20.51 -6.95 -65.67
N GLN F 2970 20.15 -8.22 -65.57
CA GLN F 2970 19.13 -8.79 -66.43
C GLN F 2970 17.81 -8.05 -66.25
N ASP F 2971 17.62 -7.43 -65.10
CA ASP F 2971 16.32 -6.82 -64.79
C ASP F 2971 16.17 -5.46 -65.47
N TRP F 2972 17.14 -4.58 -65.26
CA TRP F 2972 16.94 -3.19 -65.68
C TRP F 2972 16.76 -3.08 -67.18
N VAL F 2973 17.30 -4.04 -67.94
CA VAL F 2973 17.30 -3.92 -69.39
C VAL F 2973 15.91 -4.05 -69.98
N ASP F 2974 14.94 -4.48 -69.18
CA ASP F 2974 13.56 -4.51 -69.66
C ASP F 2974 13.13 -3.13 -70.15
N GLY F 2975 13.22 -2.14 -69.28
CA GLY F 2975 13.02 -0.76 -69.62
C GLY F 2975 13.66 0.02 -68.50
N GLU F 2976 13.82 1.32 -68.71
CA GLU F 2976 14.45 2.14 -67.68
C GLU F 2976 13.81 1.99 -66.31
N PRO F 2977 12.49 1.83 -66.14
CA PRO F 2977 11.99 1.64 -64.78
C PRO F 2977 12.50 0.34 -64.17
N THR F 2978 13.14 0.47 -63.02
CA THR F 2978 13.29 -0.53 -61.98
C THR F 2978 12.94 0.24 -60.73
N GLU F 2979 13.61 1.37 -60.62
CA GLU F 2979 13.43 2.35 -59.57
C GLU F 2979 13.86 1.70 -58.26
N ALA F 2980 13.11 1.93 -57.20
CA ALA F 2980 13.65 1.85 -55.86
C ALA F 2980 12.72 1.00 -54.99
N GLU F 2981 11.48 1.42 -54.86
CA GLU F 2981 10.46 0.60 -54.21
C GLU F 2981 10.47 -0.82 -54.75
N LYS F 2982 10.61 -1.00 -56.06
CA LYS F 2982 10.87 -2.35 -56.54
C LYS F 2982 12.10 -2.91 -55.88
N ASP F 2983 13.12 -2.08 -55.73
CA ASP F 2983 14.34 -2.55 -55.10
C ASP F 2983 14.22 -2.46 -53.59
N PHE F 2984 13.51 -1.45 -53.08
CA PHE F 2984 13.27 -1.34 -51.66
C PHE F 2984 12.63 -2.62 -51.18
N TRP F 2985 11.35 -2.68 -51.54
CA TRP F 2985 10.54 -3.85 -51.33
C TRP F 2985 11.26 -5.10 -51.78
N GLU F 2986 11.95 -5.04 -52.89
CA GLU F 2986 12.57 -6.25 -53.39
C GLU F 2986 13.58 -6.76 -52.37
N LEU F 2987 14.34 -5.86 -51.81
CA LEU F 2987 15.35 -6.25 -50.84
C LEU F 2987 14.71 -6.62 -49.52
N ALA F 2988 14.09 -5.65 -48.86
CA ALA F 2988 13.42 -5.88 -47.58
C ALA F 2988 12.57 -7.13 -47.66
N SER F 2989 11.94 -7.32 -48.81
CA SER F 2989 11.36 -8.58 -49.19
C SER F 2989 12.35 -9.67 -48.87
N LEU F 2990 13.40 -9.74 -49.68
CA LEU F 2990 14.31 -10.88 -49.56
C LEU F 2990 14.68 -11.17 -48.13
N ASP F 2991 15.00 -10.13 -47.37
CA ASP F 2991 15.54 -10.44 -46.05
C ASP F 2991 14.44 -10.84 -45.10
N CYS F 2992 13.28 -10.20 -45.18
CA CYS F 2992 12.28 -10.42 -44.15
C CYS F 2992 11.87 -11.89 -44.06
N TYR F 2993 12.24 -12.69 -45.04
CA TYR F 2993 11.74 -14.05 -45.15
C TYR F 2993 12.35 -14.90 -44.07
N ASN F 2994 13.66 -15.03 -44.13
CA ASN F 2994 14.36 -15.67 -43.05
C ASN F 2994 14.51 -14.77 -41.84
N HIS F 2995 14.30 -13.47 -42.01
CA HIS F 2995 14.15 -12.61 -40.85
C HIS F 2995 13.04 -13.12 -39.94
N LEU F 2996 11.99 -13.66 -40.54
CA LEU F 2996 11.09 -14.48 -39.74
C LEU F 2996 11.63 -15.89 -39.59
N ALA F 2997 12.28 -16.42 -40.61
CA ALA F 2997 12.64 -17.83 -40.63
C ALA F 2997 14.01 -18.11 -40.02
N GLU F 2998 14.67 -17.11 -39.45
CA GLU F 2998 15.99 -17.27 -38.79
C GLU F 2998 16.98 -17.89 -39.77
N TRP F 2999 17.84 -18.78 -39.28
CA TRP F 2999 19.03 -19.33 -39.94
C TRP F 2999 19.97 -18.22 -40.42
N LYS F 3000 20.84 -18.53 -41.38
CA LYS F 3000 21.95 -17.62 -41.66
C LYS F 3000 21.60 -16.53 -42.64
N SER F 3001 20.69 -16.83 -43.56
CA SER F 3001 20.17 -15.80 -44.45
C SER F 3001 19.65 -14.63 -43.65
N LEU F 3002 19.32 -14.86 -42.39
CA LEU F 3002 19.06 -13.76 -41.49
C LEU F 3002 20.34 -13.02 -41.15
N GLU F 3003 21.39 -13.75 -40.78
CA GLU F 3003 22.67 -13.09 -40.59
C GLU F 3003 23.20 -12.56 -41.91
N TYR F 3004 23.15 -13.39 -42.95
CA TYR F 3004 23.67 -12.97 -44.25
C TYR F 3004 22.95 -11.74 -44.77
N CYS F 3005 21.63 -11.83 -44.89
CA CYS F 3005 20.87 -10.77 -45.53
C CYS F 3005 20.73 -9.56 -44.61
N SER F 3006 20.56 -9.81 -43.31
CA SER F 3006 20.65 -8.73 -42.34
C SER F 3006 21.90 -7.92 -42.60
N THR F 3007 23.02 -8.61 -42.74
CA THR F 3007 24.24 -7.95 -43.18
C THR F 3007 24.01 -7.23 -44.49
N ALA F 3008 23.30 -7.87 -45.42
CA ALA F 3008 23.06 -7.25 -46.72
C ALA F 3008 22.28 -5.95 -46.58
N SER F 3009 21.66 -5.74 -45.43
CA SER F 3009 20.90 -4.52 -45.24
C SER F 3009 21.81 -3.34 -44.93
N ILE F 3010 22.74 -3.51 -43.99
CA ILE F 3010 23.37 -2.40 -43.30
C ILE F 3010 24.69 -2.85 -42.72
N ASP F 3011 25.58 -1.88 -42.46
CA ASP F 3011 26.71 -2.15 -41.57
C ASP F 3011 26.22 -2.56 -40.20
N SER F 3012 26.72 -3.69 -39.72
CA SER F 3012 26.66 -4.02 -38.31
C SER F 3012 27.80 -3.34 -37.57
N GLU F 3013 28.47 -2.44 -38.29
CA GLU F 3013 29.60 -1.70 -37.77
C GLU F 3013 29.04 -0.42 -37.16
N ASN F 3014 29.08 -0.34 -35.83
CA ASN F 3014 28.31 0.61 -35.04
C ASN F 3014 26.88 0.77 -35.57
N PRO F 3015 26.03 -0.24 -35.42
CA PRO F 3015 24.62 -0.05 -35.66
C PRO F 3015 24.07 1.09 -34.83
N PRO F 3016 24.34 1.17 -33.49
CA PRO F 3016 23.39 1.88 -32.61
C PRO F 3016 22.88 3.17 -33.20
N ASP F 3017 23.80 3.93 -33.76
CA ASP F 3017 23.41 5.14 -34.45
C ASP F 3017 23.44 4.97 -35.97
N LEU F 3018 23.77 3.78 -36.47
CA LEU F 3018 23.28 3.41 -37.78
C LEU F 3018 21.80 3.13 -37.71
N ASN F 3019 21.25 3.26 -36.51
CA ASN F 3019 19.88 2.94 -36.20
C ASN F 3019 19.18 4.22 -35.76
N LYS F 3020 19.70 4.83 -34.71
CA LYS F 3020 19.30 6.15 -34.25
C LYS F 3020 19.63 7.13 -35.36
N ILE F 3021 20.25 6.60 -36.42
CA ILE F 3021 20.65 7.28 -37.63
C ILE F 3021 19.54 8.16 -38.17
N TRP F 3022 18.29 7.82 -37.86
CA TRP F 3022 17.14 8.62 -38.23
C TRP F 3022 16.32 8.94 -36.99
N SER F 3023 15.53 10.00 -37.09
CA SER F 3023 14.27 10.09 -36.37
C SER F 3023 13.09 9.73 -37.28
N GLU F 3024 13.37 9.50 -38.56
CA GLU F 3024 12.39 9.07 -39.55
C GLU F 3024 13.07 7.98 -40.37
N PRO F 3025 12.89 6.71 -40.01
CA PRO F 3025 13.50 5.69 -40.86
C PRO F 3025 12.85 5.81 -42.23
N PHE F 3026 13.67 6.03 -43.25
CA PHE F 3026 13.12 5.77 -44.56
C PHE F 3026 12.82 4.29 -44.65
N TYR F 3027 13.73 3.53 -44.08
CA TYR F 3027 13.69 2.09 -43.95
C TYR F 3027 14.06 1.78 -42.52
N GLN F 3028 15.21 2.31 -42.18
CA GLN F 3028 16.21 1.68 -41.34
C GLN F 3028 15.66 0.95 -40.15
N GLU F 3029 14.65 1.51 -39.49
CA GLU F 3029 14.02 0.75 -38.43
C GLU F 3029 13.54 -0.59 -38.93
N THR F 3030 13.33 -0.70 -40.24
CA THR F 3030 12.86 -1.96 -40.79
C THR F 3030 13.92 -3.02 -40.67
N TYR F 3031 15.18 -2.69 -40.97
CA TYR F 3031 16.20 -3.66 -40.66
C TYR F 3031 16.41 -3.77 -39.18
N LEU F 3032 15.90 -2.81 -38.43
CA LEU F 3032 16.15 -2.72 -37.02
C LEU F 3032 16.07 -4.09 -36.36
N PRO F 3033 14.96 -4.81 -36.47
CA PRO F 3033 14.90 -6.12 -35.84
C PRO F 3033 15.97 -7.06 -36.30
N TYR F 3034 16.42 -6.94 -37.55
CA TYR F 3034 17.08 -8.07 -38.20
C TYR F 3034 18.16 -8.72 -37.37
N MET F 3035 19.20 -7.97 -37.07
CA MET F 3035 20.33 -8.56 -36.39
C MET F 3035 19.99 -8.84 -34.94
N ILE F 3036 19.23 -7.96 -34.32
CA ILE F 3036 18.67 -8.29 -33.02
C ILE F 3036 17.65 -9.39 -33.19
N ARG F 3037 17.11 -9.53 -34.39
CA ARG F 3037 16.50 -10.79 -34.79
C ARG F 3037 17.55 -11.86 -35.00
N SER F 3038 18.59 -11.56 -35.77
CA SER F 3038 19.57 -12.55 -36.12
C SER F 3038 20.09 -13.28 -34.90
N LYS F 3039 20.10 -12.62 -33.76
CA LYS F 3039 20.67 -13.20 -32.57
C LYS F 3039 20.04 -14.55 -32.27
N LEU F 3040 18.81 -14.76 -32.73
CA LEU F 3040 18.02 -15.88 -32.20
C LEU F 3040 18.59 -17.21 -32.65
N LYS F 3041 18.72 -17.42 -33.96
CA LYS F 3041 19.48 -18.59 -34.40
C LYS F 3041 20.82 -18.62 -33.70
N LEU F 3042 21.37 -17.45 -33.43
CA LEU F 3042 22.61 -17.33 -32.72
C LEU F 3042 22.41 -17.67 -31.26
N LEU F 3043 21.40 -17.08 -30.63
CA LEU F 3043 21.13 -17.35 -29.23
C LEU F 3043 20.89 -18.82 -28.97
N LEU F 3044 20.64 -19.61 -30.02
CA LEU F 3044 20.43 -21.04 -29.84
C LEU F 3044 21.53 -21.66 -29.01
N GLN F 3045 22.78 -21.48 -29.43
CA GLN F 3045 23.86 -22.16 -28.75
C GLN F 3045 24.32 -21.44 -27.48
N GLY F 3046 24.47 -20.11 -27.53
CA GLY F 3046 25.20 -19.45 -26.46
C GLY F 3046 25.25 -17.94 -26.61
N GLU F 3047 26.27 -17.34 -25.97
CA GLU F 3047 26.37 -15.92 -25.68
C GLU F 3047 27.49 -15.25 -26.46
N ALA F 3048 27.74 -14.00 -26.08
CA ALA F 3048 28.92 -13.23 -26.44
C ALA F 3048 29.00 -12.99 -27.95
N ASP F 3049 28.12 -12.10 -28.40
CA ASP F 3049 28.22 -11.54 -29.75
C ASP F 3049 27.76 -10.09 -29.81
N GLN F 3050 27.61 -9.60 -31.03
CA GLN F 3050 27.34 -8.20 -31.35
C GLN F 3050 26.25 -7.59 -30.48
N SER F 3051 25.03 -8.01 -30.75
CA SER F 3051 23.88 -7.34 -30.16
C SER F 3051 23.88 -7.46 -28.66
N LEU F 3052 24.61 -8.42 -28.12
CA LEU F 3052 24.63 -8.62 -26.68
C LEU F 3052 24.91 -7.31 -25.97
N LEU F 3053 26.16 -6.88 -26.04
CA LEU F 3053 26.48 -5.63 -25.41
C LEU F 3053 26.01 -4.48 -26.26
N THR F 3054 26.23 -4.56 -27.57
CA THR F 3054 25.98 -3.42 -28.42
C THR F 3054 24.55 -2.96 -28.28
N PHE F 3055 23.62 -3.87 -28.40
CA PHE F 3055 22.24 -3.47 -28.23
C PHE F 3055 21.88 -3.32 -26.77
N ILE F 3056 22.47 -4.13 -25.88
CA ILE F 3056 22.05 -4.01 -24.49
C ILE F 3056 22.29 -2.59 -24.02
N ASP F 3057 23.32 -1.95 -24.54
CA ASP F 3057 23.60 -0.56 -24.23
C ASP F 3057 22.78 0.39 -25.10
N LYS F 3058 22.77 0.16 -26.41
CA LYS F 3058 22.11 1.15 -27.25
C LYS F 3058 20.61 1.16 -27.02
N ALA F 3059 20.11 0.21 -26.25
CA ALA F 3059 18.83 0.36 -25.60
C ALA F 3059 18.97 1.06 -24.27
N MET F 3060 20.19 1.17 -23.75
CA MET F 3060 20.49 2.05 -22.62
C MET F 3060 20.74 3.46 -23.09
N HIS F 3061 20.55 3.71 -24.38
CA HIS F 3061 20.72 5.02 -24.98
C HIS F 3061 19.49 5.42 -25.78
N GLY F 3062 19.09 4.63 -26.77
CA GLY F 3062 17.73 4.70 -27.26
C GLY F 3062 16.74 4.64 -26.13
N GLU F 3063 17.09 3.93 -25.06
CA GLU F 3063 16.46 4.16 -23.77
C GLU F 3063 16.44 5.64 -23.44
N LEU F 3064 17.59 6.29 -23.54
CA LEU F 3064 17.64 7.71 -23.22
C LEU F 3064 16.93 8.56 -24.25
N GLN F 3065 16.44 7.96 -25.35
CA GLN F 3065 15.65 8.66 -26.34
C GLN F 3065 14.20 8.75 -25.88
N LYS F 3066 13.46 7.66 -26.00
CA LYS F 3066 12.18 7.51 -25.34
C LYS F 3066 11.97 6.01 -25.15
N ALA F 3067 11.36 5.63 -24.03
CA ALA F 3067 11.39 4.23 -23.61
C ALA F 3067 10.32 3.37 -24.29
N ILE F 3068 9.08 3.85 -24.34
CA ILE F 3068 7.93 2.99 -24.63
C ILE F 3068 8.05 2.27 -25.97
N LEU F 3069 7.89 2.99 -27.08
CA LEU F 3069 7.89 2.33 -28.38
C LEU F 3069 9.18 1.54 -28.62
N GLU F 3070 10.30 2.03 -28.11
CA GLU F 3070 11.54 1.29 -28.05
C GLU F 3070 11.28 -0.12 -27.53
N LEU F 3071 10.81 -0.20 -26.29
CA LEU F 3071 10.37 -1.47 -25.74
C LEU F 3071 9.53 -2.19 -26.75
N HIS F 3072 8.55 -1.48 -27.31
CA HIS F 3072 7.57 -2.10 -28.16
C HIS F 3072 8.24 -2.77 -29.34
N TYR F 3073 9.39 -2.26 -29.74
CA TYR F 3073 10.14 -2.84 -30.83
C TYR F 3073 11.07 -3.94 -30.36
N SER F 3074 11.56 -3.84 -29.14
CA SER F 3074 12.36 -4.92 -28.59
C SER F 3074 11.91 -5.22 -27.17
N GLN F 3075 11.27 -6.36 -26.99
CA GLN F 3075 11.60 -7.25 -25.89
C GLN F 3075 12.56 -8.31 -26.37
N GLU F 3076 13.04 -8.14 -27.60
CA GLU F 3076 14.36 -8.62 -27.98
C GLU F 3076 15.22 -8.28 -26.79
N LEU F 3077 14.96 -7.08 -26.27
CA LEU F 3077 15.31 -6.66 -24.92
C LEU F 3077 15.14 -7.79 -23.92
N SER F 3078 13.89 -8.18 -23.67
CA SER F 3078 13.70 -9.30 -22.79
C SER F 3078 14.19 -10.61 -23.42
N LEU F 3079 14.40 -10.65 -24.73
CA LEU F 3079 14.75 -11.91 -25.37
C LEU F 3079 16.14 -12.37 -24.98
N LEU F 3080 17.17 -11.59 -25.33
CA LEU F 3080 18.53 -12.02 -25.08
C LEU F 3080 18.72 -12.50 -23.66
N TYR F 3081 17.98 -11.93 -22.71
CA TYR F 3081 18.22 -12.20 -21.30
C TYR F 3081 18.37 -13.68 -21.04
N LEU F 3082 17.65 -14.50 -21.81
CA LEU F 3082 17.62 -15.94 -21.59
C LEU F 3082 19.01 -16.52 -21.54
N LEU F 3083 19.97 -15.82 -22.13
CA LEU F 3083 21.35 -16.27 -22.09
C LEU F 3083 22.02 -15.93 -20.76
N GLN F 3084 21.89 -14.69 -20.33
CA GLN F 3084 22.77 -14.12 -19.33
C GLN F 3084 22.23 -14.27 -17.92
N ASP F 3085 21.01 -14.77 -17.79
CA ASP F 3085 20.35 -14.98 -16.50
C ASP F 3085 20.42 -13.70 -15.65
N ASP F 3086 19.79 -12.66 -16.15
CA ASP F 3086 19.48 -11.48 -15.35
C ASP F 3086 18.33 -11.83 -14.44
N VAL F 3087 18.53 -11.65 -13.13
CA VAL F 3087 17.41 -11.76 -12.22
C VAL F 3087 16.62 -10.46 -12.16
N ASP F 3088 17.01 -9.48 -12.97
CA ASP F 3088 16.66 -8.09 -12.71
C ASP F 3088 16.12 -7.41 -13.95
N ARG F 3089 16.96 -7.16 -14.95
CA ARG F 3089 16.42 -6.55 -16.15
C ARG F 3089 15.46 -7.52 -16.82
N ALA F 3090 15.64 -8.82 -16.56
CA ALA F 3090 14.53 -9.72 -16.82
C ALA F 3090 13.27 -9.20 -16.17
N LYS F 3091 13.32 -8.98 -14.86
CA LYS F 3091 12.15 -8.51 -14.11
C LYS F 3091 11.50 -7.31 -14.77
N TYR F 3092 12.19 -6.18 -14.73
CA TYR F 3092 11.54 -4.96 -15.17
C TYR F 3092 11.18 -5.02 -16.63
N TYR F 3093 11.97 -5.71 -17.44
CA TYR F 3093 11.78 -5.59 -18.87
C TYR F 3093 10.79 -6.60 -19.42
N ILE F 3094 10.50 -7.67 -18.69
CA ILE F 3094 9.25 -8.35 -18.96
C ILE F 3094 8.10 -7.51 -18.49
N GLN F 3095 8.22 -6.87 -17.32
CA GLN F 3095 7.22 -5.90 -16.94
C GLN F 3095 6.97 -4.92 -18.08
N ASN F 3096 8.00 -4.72 -18.90
CA ASN F 3096 7.86 -3.86 -20.05
C ASN F 3096 7.14 -4.58 -21.17
N GLY F 3097 7.44 -5.86 -21.38
CA GLY F 3097 6.57 -6.63 -22.25
C GLY F 3097 5.14 -6.60 -21.78
N ILE F 3098 4.93 -6.34 -20.50
CA ILE F 3098 3.67 -6.55 -19.82
C ILE F 3098 2.79 -5.33 -19.97
N GLN F 3099 3.25 -4.21 -19.41
CA GLN F 3099 2.64 -2.93 -19.76
C GLN F 3099 2.53 -2.83 -21.27
N SER F 3100 3.48 -3.42 -21.99
CA SER F 3100 3.42 -3.43 -23.44
C SER F 3100 2.12 -4.02 -23.94
N PHE F 3101 1.89 -5.31 -23.72
CA PHE F 3101 0.66 -5.80 -24.30
C PHE F 3101 -0.55 -5.24 -23.59
N MET F 3102 -0.37 -4.64 -22.40
CA MET F 3102 -1.40 -3.75 -21.91
C MET F 3102 -1.77 -2.78 -22.99
N GLN F 3103 -0.76 -2.10 -23.53
CA GLN F 3103 -1.00 -1.30 -24.73
C GLN F 3103 -1.68 -2.14 -25.79
N ASN F 3104 -1.11 -3.30 -26.10
CA ASN F 3104 -1.54 -4.06 -27.26
C ASN F 3104 -3.04 -4.26 -27.26
N TYR F 3105 -3.52 -5.08 -26.34
CA TYR F 3105 -4.95 -5.36 -26.30
C TYR F 3105 -5.73 -4.10 -26.02
N SER F 3106 -5.17 -3.19 -25.22
CA SER F 3106 -5.87 -1.93 -25.02
C SER F 3106 -5.83 -1.08 -26.27
N SER F 3107 -4.85 -1.32 -27.13
CA SER F 3107 -4.73 -0.57 -28.37
C SER F 3107 -5.58 -1.11 -29.48
N ILE F 3108 -6.39 -2.12 -29.21
CA ILE F 3108 -6.96 -2.90 -30.30
C ILE F 3108 -8.48 -2.97 -30.17
N ASP F 3109 -9.12 -3.34 -31.28
CA ASP F 3109 -10.56 -3.52 -31.45
C ASP F 3109 -10.70 -4.55 -32.55
N VAL F 3110 -11.93 -4.67 -33.07
CA VAL F 3110 -12.23 -5.37 -34.32
C VAL F 3110 -11.37 -6.61 -34.27
N LEU F 3111 -11.67 -7.43 -33.31
CA LEU F 3111 -10.76 -8.45 -32.84
C LEU F 3111 -10.40 -9.34 -34.00
N LEU F 3112 -9.11 -9.53 -34.24
CA LEU F 3112 -8.65 -10.21 -35.43
C LEU F 3112 -7.31 -10.87 -35.18
N HIS F 3113 -7.05 -11.97 -35.88
CA HIS F 3113 -5.75 -12.63 -35.79
C HIS F 3113 -4.62 -11.61 -35.74
N GLN F 3114 -4.65 -10.65 -36.67
CA GLN F 3114 -3.69 -9.56 -36.64
C GLN F 3114 -3.87 -8.80 -35.35
N SER F 3115 -5.10 -8.37 -35.07
CA SER F 3115 -5.42 -7.84 -33.76
C SER F 3115 -5.06 -8.83 -32.68
N ARG F 3116 -4.90 -10.11 -33.02
CA ARG F 3116 -4.79 -11.09 -31.96
C ARG F 3116 -3.59 -12.00 -32.13
N LEU F 3117 -3.64 -12.90 -33.10
CA LEU F 3117 -2.66 -13.97 -33.21
C LEU F 3117 -1.27 -13.42 -33.05
N THR F 3118 -1.09 -12.24 -33.61
CA THR F 3118 0.00 -11.39 -33.26
C THR F 3118 0.17 -11.35 -31.75
N LYS F 3119 -0.75 -10.66 -31.08
CA LYS F 3119 -0.72 -10.56 -29.63
C LYS F 3119 -0.66 -11.92 -28.99
N LEU F 3120 -1.01 -12.95 -29.73
CA LEU F 3120 -1.12 -14.27 -29.14
C LEU F 3120 0.25 -14.89 -29.04
N GLN F 3121 0.92 -15.06 -30.17
CA GLN F 3121 2.31 -15.41 -30.19
C GLN F 3121 3.02 -14.58 -29.15
N SER F 3122 2.63 -13.31 -29.07
CA SER F 3122 3.22 -12.39 -28.14
C SER F 3122 3.11 -12.93 -26.72
N VAL F 3123 1.91 -12.86 -26.17
CA VAL F 3123 1.73 -13.19 -24.77
C VAL F 3123 2.21 -14.60 -24.50
N GLN F 3124 2.11 -15.47 -25.50
CA GLN F 3124 2.61 -16.82 -25.40
C GLN F 3124 4.06 -16.77 -25.01
N ALA F 3125 4.90 -16.41 -25.97
CA ALA F 3125 6.33 -16.38 -25.70
C ALA F 3125 6.58 -15.67 -24.38
N LEU F 3126 5.91 -14.55 -24.18
CA LEU F 3126 6.06 -13.74 -22.98
C LEU F 3126 5.99 -14.55 -21.72
N THR F 3127 4.78 -14.97 -21.41
CA THR F 3127 4.57 -15.57 -20.11
C THR F 3127 5.22 -16.94 -20.06
N GLU F 3128 5.49 -17.54 -21.22
CA GLU F 3128 6.44 -18.62 -21.26
C GLU F 3128 7.73 -18.19 -20.59
N ILE F 3129 8.14 -16.95 -20.83
CA ILE F 3129 9.37 -16.50 -20.22
C ILE F 3129 9.15 -16.21 -18.74
N GLN F 3130 8.07 -15.49 -18.41
CA GLN F 3130 7.83 -15.22 -16.99
C GLN F 3130 7.79 -16.52 -16.19
N GLU F 3131 7.31 -17.59 -16.81
CA GLU F 3131 7.61 -18.93 -16.33
C GLU F 3131 9.11 -19.00 -16.14
N PHE F 3132 9.81 -18.99 -17.26
CA PHE F 3132 11.18 -19.45 -17.25
C PHE F 3132 11.98 -18.74 -16.18
N ILE F 3133 12.00 -17.42 -16.25
CA ILE F 3133 12.50 -16.54 -15.23
C ILE F 3133 12.01 -17.01 -13.89
N SER F 3134 10.71 -16.83 -13.66
CA SER F 3134 10.18 -16.91 -12.30
C SER F 3134 10.58 -18.22 -11.63
N PHE F 3135 10.75 -19.29 -12.40
CA PHE F 3135 11.31 -20.48 -11.80
C PHE F 3135 12.80 -20.54 -11.90
N ILE F 3136 13.44 -19.59 -12.57
CA ILE F 3136 14.84 -19.40 -12.25
C ILE F 3136 14.92 -18.70 -10.91
N SER F 3137 13.91 -17.87 -10.62
CA SER F 3137 13.86 -17.13 -9.38
C SER F 3137 13.66 -18.07 -8.20
N LYS F 3138 12.60 -18.87 -8.26
CA LYS F 3138 12.34 -19.78 -7.15
C LYS F 3138 12.93 -21.15 -7.36
N GLN F 3139 13.47 -21.45 -8.55
CA GLN F 3139 14.13 -22.73 -8.71
C GLN F 3139 15.20 -22.89 -7.65
N GLY F 3140 15.87 -21.80 -7.28
CA GLY F 3140 16.75 -21.83 -6.13
C GLY F 3140 15.98 -22.00 -4.84
N ASN F 3141 14.87 -21.24 -4.69
CA ASN F 3141 14.10 -21.27 -3.45
C ASN F 3141 13.74 -22.68 -3.04
N LEU F 3142 13.58 -23.56 -4.01
CA LEU F 3142 13.40 -24.95 -3.71
C LEU F 3142 14.20 -25.79 -4.70
N SER F 3143 15.16 -26.56 -4.21
CA SER F 3143 15.51 -26.59 -2.80
C SER F 3143 16.39 -25.41 -2.27
N SER F 3144 17.58 -25.06 -2.79
CA SER F 3144 18.40 -25.60 -3.89
C SER F 3144 17.66 -25.76 -5.20
N GLN F 3145 17.53 -26.98 -5.69
CA GLN F 3145 16.72 -27.25 -6.88
C GLN F 3145 15.86 -28.49 -6.64
N VAL F 3146 14.56 -28.30 -6.53
CA VAL F 3146 13.61 -29.42 -6.57
C VAL F 3146 13.46 -30.00 -7.97
N PRO F 3147 13.39 -29.20 -9.05
CA PRO F 3147 13.22 -29.82 -10.36
C PRO F 3147 14.31 -30.81 -10.69
N LEU F 3148 15.44 -30.74 -9.98
CA LEU F 3148 16.39 -31.83 -10.01
C LEU F 3148 15.67 -33.15 -9.81
N LYS F 3149 14.83 -33.21 -8.79
CA LYS F 3149 13.95 -34.35 -8.58
C LYS F 3149 12.77 -34.33 -9.52
N ARG F 3150 12.42 -33.16 -10.04
CA ARG F 3150 11.27 -33.05 -10.92
C ARG F 3150 11.67 -32.65 -12.32
N LEU F 3151 11.94 -31.36 -12.51
CA LEU F 3151 12.16 -30.69 -13.79
C LEU F 3151 10.90 -30.70 -14.60
N LEU F 3152 9.98 -31.60 -14.25
CA LEU F 3152 8.80 -31.84 -15.05
C LEU F 3152 7.96 -30.59 -15.10
N ASN F 3153 8.39 -29.56 -14.38
CA ASN F 3153 8.13 -28.20 -14.81
C ASN F 3153 8.42 -28.07 -16.29
N THR F 3154 9.41 -28.82 -16.77
CA THR F 3154 9.64 -28.91 -18.20
C THR F 3154 8.40 -29.43 -18.92
N TRP F 3155 7.83 -30.55 -18.45
CA TRP F 3155 6.56 -31.01 -18.98
C TRP F 3155 5.55 -29.87 -18.94
N THR F 3156 5.42 -29.30 -17.76
CA THR F 3156 4.50 -28.21 -17.48
C THR F 3156 4.70 -27.05 -18.42
N ASN F 3157 5.88 -26.96 -19.02
CA ASN F 3157 6.19 -25.94 -20.00
C ASN F 3157 5.89 -26.36 -21.43
N ARG F 3158 6.26 -27.56 -21.82
CA ARG F 3158 6.11 -27.87 -23.24
C ARG F 3158 4.73 -28.37 -23.59
N TYR F 3159 4.18 -29.24 -22.76
CA TYR F 3159 2.80 -29.65 -22.96
C TYR F 3159 1.89 -28.45 -23.11
N PRO F 3160 1.82 -27.55 -22.12
CA PRO F 3160 0.72 -26.57 -22.08
C PRO F 3160 0.51 -25.83 -23.37
N ASP F 3161 1.57 -25.42 -24.06
CA ASP F 3161 1.41 -24.81 -25.36
C ASP F 3161 2.08 -25.71 -26.38
N ALA F 3162 1.27 -26.36 -27.19
CA ALA F 3162 1.68 -27.04 -28.40
C ALA F 3162 1.56 -26.04 -29.54
N LYS F 3163 1.57 -26.56 -30.75
CA LYS F 3163 1.74 -25.74 -31.94
C LYS F 3163 0.44 -25.58 -32.70
N MET F 3164 -0.07 -24.36 -32.67
CA MET F 3164 -1.28 -23.94 -33.36
C MET F 3164 -0.97 -23.82 -34.86
N ASP F 3165 -1.89 -23.23 -35.61
CA ASP F 3165 -1.68 -23.07 -37.05
C ASP F 3165 -0.47 -22.22 -37.42
N PRO F 3166 -0.34 -20.96 -36.97
CA PRO F 3166 0.73 -20.10 -37.51
C PRO F 3166 2.13 -20.52 -37.04
N MET F 3167 3.08 -20.58 -37.97
CA MET F 3167 4.35 -21.23 -37.68
C MET F 3167 5.44 -20.29 -37.18
N ASN F 3168 5.23 -18.97 -37.28
CA ASN F 3168 6.11 -18.04 -36.59
C ASN F 3168 6.35 -18.51 -35.17
N ILE F 3169 5.26 -18.50 -34.40
CA ILE F 3169 5.27 -19.02 -33.06
C ILE F 3169 5.96 -20.37 -33.05
N TRP F 3170 5.53 -21.23 -33.97
CA TRP F 3170 5.92 -22.62 -34.05
C TRP F 3170 7.42 -22.78 -34.15
N ASP F 3171 8.12 -21.69 -34.42
CA ASP F 3171 9.55 -21.60 -34.22
C ASP F 3171 9.84 -21.03 -32.84
N ASP F 3172 9.27 -19.86 -32.57
CA ASP F 3172 9.57 -19.05 -31.41
C ASP F 3172 9.67 -19.93 -30.18
N ILE F 3173 8.81 -20.93 -30.15
CA ILE F 3173 8.83 -21.92 -29.10
C ILE F 3173 10.19 -22.57 -29.00
N ILE F 3174 10.53 -23.45 -29.95
CA ILE F 3174 11.74 -24.24 -29.85
C ILE F 3174 12.92 -23.34 -29.64
N THR F 3175 12.84 -22.09 -30.11
CA THR F 3175 13.80 -21.09 -29.65
C THR F 3175 13.83 -21.06 -28.13
N ASN F 3176 12.73 -20.57 -27.55
CA ASN F 3176 12.64 -20.44 -26.11
C ASN F 3176 13.10 -21.72 -25.43
N ARG F 3177 12.58 -22.85 -25.92
CA ARG F 3177 12.89 -24.16 -25.36
C ARG F 3177 14.39 -24.35 -25.25
N CYS F 3178 15.09 -24.25 -26.38
CA CYS F 3178 16.54 -24.35 -26.34
C CYS F 3178 17.11 -23.45 -25.27
N PHE F 3179 16.67 -22.20 -25.27
CA PHE F 3179 17.16 -21.21 -24.32
C PHE F 3179 16.92 -21.65 -22.91
N PHE F 3180 16.08 -22.65 -22.74
CA PHE F 3180 15.70 -23.04 -21.40
C PHE F 3180 16.38 -24.33 -21.01
N LEU F 3181 16.13 -25.40 -21.77
CA LEU F 3181 16.85 -26.66 -21.57
C LEU F 3181 18.33 -26.41 -21.37
N SER F 3182 18.86 -25.45 -22.12
CA SER F 3182 20.19 -24.92 -21.84
C SER F 3182 20.32 -24.55 -20.37
N LYS F 3183 19.60 -23.50 -19.96
CA LYS F 3183 19.69 -23.02 -18.60
C LYS F 3183 19.43 -24.12 -17.59
N ILE F 3184 18.65 -25.13 -17.96
CA ILE F 3184 18.37 -26.31 -17.17
C ILE F 3184 19.69 -26.99 -16.90
N GLU F 3185 20.31 -27.49 -17.97
CA GLU F 3185 21.49 -28.30 -17.77
C GLU F 3185 22.60 -27.49 -17.11
N GLU F 3186 22.67 -26.18 -17.36
CA GLU F 3186 23.67 -25.38 -16.65
C GLU F 3186 23.26 -25.10 -15.21
N LYS F 3187 21.97 -25.18 -14.91
CA LYS F 3187 21.52 -25.09 -13.54
C LYS F 3187 21.33 -26.46 -12.91
N LEU F 3188 21.64 -27.54 -13.63
CA LEU F 3188 21.75 -28.83 -12.96
C LEU F 3188 22.78 -28.80 -11.86
N THR F 3189 23.79 -27.95 -11.97
CA THR F 3189 24.81 -27.88 -10.92
C THR F 3189 24.28 -27.27 -9.63
N PRO F 3190 23.64 -26.09 -9.62
CA PRO F 3190 23.15 -25.56 -8.35
C PRO F 3190 21.96 -26.31 -7.77
N ILE F 3218 19.35 -37.07 -14.30
CA ILE F 3218 19.78 -35.67 -14.27
C ILE F 3218 19.79 -35.13 -15.69
N SER F 3219 20.76 -35.58 -16.47
CA SER F 3219 20.79 -35.21 -17.88
C SER F 3219 19.88 -36.10 -18.71
N SER F 3220 19.65 -37.35 -18.29
CA SER F 3220 18.62 -38.16 -18.96
C SER F 3220 17.33 -37.39 -18.99
N LEU F 3221 17.08 -36.64 -17.94
CA LEU F 3221 15.95 -35.74 -17.86
C LEU F 3221 16.00 -34.76 -19.01
N ILE F 3222 16.95 -33.82 -18.98
CA ILE F 3222 16.90 -32.68 -19.86
C ILE F 3222 17.07 -33.11 -21.31
N ARG F 3223 17.92 -34.11 -21.56
CA ARG F 3223 17.99 -34.77 -22.85
C ARG F 3223 16.61 -35.24 -23.29
N SER F 3224 15.96 -36.01 -22.43
CA SER F 3224 14.60 -36.43 -22.75
C SER F 3224 13.74 -35.23 -23.09
N CYS F 3225 13.99 -34.10 -22.42
CA CYS F 3225 13.30 -32.88 -22.76
C CYS F 3225 13.75 -32.35 -24.11
N LYS F 3226 14.90 -32.80 -24.60
CA LYS F 3226 15.32 -32.40 -25.93
C LYS F 3226 14.55 -33.17 -26.98
N PHE F 3227 14.51 -34.50 -26.84
CA PHE F 3227 13.59 -35.30 -27.65
C PHE F 3227 12.23 -34.66 -27.64
N SER F 3228 11.75 -34.33 -26.44
CA SER F 3228 10.53 -33.57 -26.27
C SER F 3228 10.49 -32.37 -27.20
N MET F 3229 11.38 -31.40 -26.97
CA MET F 3229 11.34 -30.17 -27.75
C MET F 3229 11.29 -30.45 -29.22
N LYS F 3230 11.97 -31.48 -29.67
CA LYS F 3230 12.14 -31.66 -31.09
C LYS F 3230 10.90 -32.27 -31.72
N MET F 3231 10.38 -33.35 -31.12
CA MET F 3231 9.33 -34.12 -31.79
C MET F 3231 8.13 -33.26 -32.16
N LYS F 3232 7.64 -32.45 -31.21
CA LYS F 3232 6.48 -31.62 -31.47
C LYS F 3232 6.73 -30.70 -32.65
N MET F 3233 7.91 -30.10 -32.70
CA MET F 3233 8.25 -29.26 -33.84
C MET F 3233 8.15 -30.07 -35.12
N ILE F 3234 8.75 -31.26 -35.11
CA ILE F 3234 8.82 -32.17 -36.25
C ILE F 3234 7.45 -32.42 -36.84
N ASP F 3235 6.65 -33.16 -36.08
CA ASP F 3235 5.30 -33.47 -36.54
C ASP F 3235 4.53 -32.21 -36.86
N SER F 3236 4.87 -31.10 -36.23
CA SER F 3236 4.13 -29.87 -36.42
C SER F 3236 4.67 -29.02 -37.56
N ALA F 3237 5.72 -29.47 -38.22
CA ALA F 3237 5.91 -29.12 -39.62
C ALA F 3237 5.13 -30.09 -40.49
N ARG F 3238 5.10 -31.36 -40.09
CA ARG F 3238 4.31 -32.34 -40.83
C ARG F 3238 2.89 -31.85 -41.03
N LYS F 3239 2.40 -31.02 -40.10
CA LYS F 3239 1.19 -30.27 -40.39
C LYS F 3239 1.48 -29.17 -41.39
N GLN F 3240 2.48 -28.33 -41.11
CA GLN F 3240 2.75 -27.15 -41.90
C GLN F 3240 3.08 -27.48 -43.33
N ASN F 3241 3.59 -28.67 -43.58
CA ASN F 3241 3.80 -29.17 -44.92
C ASN F 3241 4.79 -28.31 -45.68
N ASN F 3242 5.73 -27.71 -44.95
CA ASN F 3242 6.61 -26.71 -45.52
C ASN F 3242 8.04 -27.25 -45.56
N PHE F 3243 8.68 -27.11 -46.72
CA PHE F 3243 9.89 -27.85 -47.04
C PHE F 3243 11.10 -27.38 -46.24
N SER F 3244 11.52 -26.15 -46.52
CA SER F 3244 12.84 -25.66 -46.16
C SER F 3244 13.14 -25.81 -44.68
N LEU F 3245 12.51 -24.97 -43.88
CA LEU F 3245 12.84 -24.94 -42.47
C LEU F 3245 12.60 -26.29 -41.84
N ALA F 3246 11.79 -27.12 -42.47
CA ALA F 3246 11.64 -28.48 -41.98
C ALA F 3246 13.00 -29.13 -41.97
N MET F 3247 13.52 -29.47 -43.14
CA MET F 3247 14.77 -30.21 -43.19
C MET F 3247 15.87 -29.44 -42.49
N LYS F 3248 15.76 -28.12 -42.47
CA LYS F 3248 16.52 -27.36 -41.49
C LYS F 3248 16.42 -28.02 -40.13
N LEU F 3249 15.19 -28.31 -39.74
CA LEU F 3249 15.00 -28.91 -38.45
C LEU F 3249 15.30 -30.40 -38.45
N LEU F 3250 15.27 -31.05 -39.61
CA LEU F 3250 15.57 -32.49 -39.62
C LEU F 3250 17.06 -32.72 -39.44
N LYS F 3251 17.86 -32.04 -40.25
CA LYS F 3251 19.29 -31.97 -39.99
C LYS F 3251 19.51 -31.61 -38.54
N GLU F 3252 18.83 -30.56 -38.08
CA GLU F 3252 18.88 -30.18 -36.69
C GLU F 3252 18.61 -31.37 -35.78
N LEU F 3253 17.78 -32.31 -36.22
CA LEU F 3253 17.50 -33.49 -35.41
C LEU F 3253 18.68 -34.45 -35.44
N HIS F 3254 19.14 -34.82 -36.65
CA HIS F 3254 20.29 -35.70 -36.77
C HIS F 3254 21.41 -35.24 -35.87
N LYS F 3255 21.61 -33.93 -35.81
CA LYS F 3255 22.44 -33.34 -34.77
C LYS F 3255 21.91 -33.68 -33.38
N GLU F 3256 20.67 -33.27 -33.12
CA GLU F 3256 20.18 -33.22 -31.74
C GLU F 3256 20.09 -34.60 -31.09
N SER F 3257 19.26 -35.48 -31.64
CA SER F 3257 19.03 -36.74 -30.96
C SER F 3257 20.15 -37.74 -31.22
N LYS F 3258 20.50 -37.95 -32.48
CA LYS F 3258 21.57 -38.88 -32.86
C LYS F 3258 21.32 -40.27 -32.28
N THR F 3259 20.07 -40.54 -31.91
CA THR F 3259 19.69 -41.80 -31.31
C THR F 3259 19.35 -42.81 -32.39
N ARG F 3260 19.02 -44.03 -31.95
CA ARG F 3260 18.45 -45.00 -32.86
C ARG F 3260 17.22 -44.45 -33.55
N ASP F 3261 16.36 -43.76 -32.81
CA ASP F 3261 15.14 -43.22 -33.39
C ASP F 3261 15.26 -41.76 -33.79
N ASP F 3262 16.41 -41.14 -33.52
CA ASP F 3262 16.71 -39.84 -34.11
C ASP F 3262 16.41 -39.87 -35.59
N TRP F 3263 17.04 -40.81 -36.27
CA TRP F 3263 16.73 -41.05 -37.65
C TRP F 3263 15.25 -41.37 -37.82
N LEU F 3264 14.78 -42.47 -37.23
CA LEU F 3264 13.42 -42.95 -37.51
C LEU F 3264 12.41 -41.83 -37.56
N VAL F 3265 12.57 -40.85 -36.67
CA VAL F 3265 11.75 -39.67 -36.75
C VAL F 3265 12.16 -38.80 -37.95
N SER F 3266 13.47 -38.61 -38.13
CA SER F 3266 13.91 -37.90 -39.33
C SER F 3266 13.29 -38.50 -40.56
N TRP F 3267 13.37 -39.82 -40.68
CA TRP F 3267 12.70 -40.63 -41.65
C TRP F 3267 11.24 -40.24 -41.77
N VAL F 3268 10.45 -40.55 -40.74
CA VAL F 3268 9.01 -40.35 -40.86
C VAL F 3268 8.72 -38.96 -41.39
N GLN F 3269 9.45 -37.97 -40.90
CA GLN F 3269 9.20 -36.63 -41.37
C GLN F 3269 9.54 -36.50 -42.84
N SER F 3270 10.77 -36.89 -43.22
CA SER F 3270 11.15 -36.85 -44.63
C SER F 3270 10.08 -37.50 -45.49
N TYR F 3271 9.52 -38.59 -45.00
CA TYR F 3271 8.48 -39.30 -45.73
C TYR F 3271 7.31 -38.39 -46.01
N CYS F 3272 6.76 -37.80 -44.95
CA CYS F 3272 5.70 -36.84 -45.17
C CYS F 3272 6.17 -35.70 -46.05
N ARG F 3273 7.43 -35.31 -45.91
CA ARG F 3273 7.98 -34.18 -46.65
C ARG F 3273 7.85 -34.41 -48.13
N LEU F 3274 8.12 -35.63 -48.57
CA LEU F 3274 7.73 -35.96 -49.93
C LEU F 3274 6.30 -35.52 -50.12
N SER F 3275 5.36 -36.16 -49.41
CA SER F 3275 3.96 -35.92 -49.70
C SER F 3275 3.62 -34.44 -49.68
N HIS F 3276 4.49 -33.64 -49.06
CA HIS F 3276 4.44 -32.20 -49.23
C HIS F 3276 4.94 -31.80 -50.60
N CYS F 3277 5.85 -32.58 -51.18
CA CYS F 3277 6.17 -32.41 -52.59
C CYS F 3277 5.09 -33.01 -53.47
N ARG F 3278 4.65 -34.22 -53.13
CA ARG F 3278 3.48 -34.85 -53.73
C ARG F 3278 2.32 -33.89 -53.76
N SER F 3279 2.29 -32.95 -52.83
CA SER F 3279 1.29 -31.89 -52.81
C SER F 3279 1.23 -31.24 -54.18
N ARG F 3280 2.29 -30.52 -54.54
CA ARG F 3280 2.31 -29.88 -55.84
C ARG F 3280 2.51 -30.92 -56.93
N SER F 3281 2.42 -30.46 -58.18
CA SER F 3281 2.76 -31.32 -59.32
C SER F 3281 4.25 -31.33 -59.58
N GLN F 3282 4.92 -30.20 -59.33
CA GLN F 3282 6.35 -30.11 -59.53
C GLN F 3282 7.06 -31.17 -58.69
N GLY F 3283 8.16 -31.69 -59.21
CA GLY F 3283 8.74 -32.89 -58.65
C GLY F 3283 8.21 -34.15 -59.28
N CYS F 3284 7.75 -34.06 -60.52
CA CYS F 3284 6.97 -35.11 -61.17
C CYS F 3284 7.58 -36.47 -60.96
N SER F 3285 8.69 -36.71 -61.62
CA SER F 3285 9.43 -37.95 -61.45
C SER F 3285 10.41 -37.86 -60.30
N GLU F 3286 10.34 -36.80 -59.51
CA GLU F 3286 11.53 -36.39 -58.79
C GLU F 3286 11.53 -36.81 -57.33
N GLN F 3287 10.76 -36.10 -56.51
CA GLN F 3287 10.81 -36.37 -55.08
C GLN F 3287 10.51 -37.83 -54.80
N VAL F 3288 9.70 -38.42 -55.68
CA VAL F 3288 9.26 -39.81 -55.54
C VAL F 3288 10.43 -40.71 -55.18
N LEU F 3289 11.36 -40.91 -56.11
CA LEU F 3289 12.51 -41.68 -55.70
C LEU F 3289 13.35 -40.88 -54.74
N THR F 3290 13.33 -39.55 -54.86
CA THR F 3290 14.26 -38.72 -54.10
C THR F 3290 14.37 -39.20 -52.66
N VAL F 3291 13.28 -39.11 -51.91
CA VAL F 3291 13.37 -39.81 -50.63
C VAL F 3291 13.07 -41.29 -50.77
N LEU F 3292 12.27 -41.69 -51.77
CA LEU F 3292 12.04 -43.11 -52.01
C LEU F 3292 13.34 -43.84 -52.29
N LYS F 3293 14.39 -43.10 -52.68
CA LYS F 3293 15.73 -43.65 -52.60
C LYS F 3293 15.94 -44.30 -51.26
N THR F 3294 15.44 -43.68 -50.22
CA THR F 3294 15.49 -44.24 -48.89
C THR F 3294 14.12 -44.83 -48.62
N VAL F 3295 13.99 -46.16 -48.71
CA VAL F 3295 12.66 -46.72 -48.59
C VAL F 3295 12.58 -47.81 -47.51
N SER F 3296 12.88 -49.06 -47.85
CA SER F 3296 12.95 -50.10 -46.84
C SER F 3296 14.37 -50.44 -46.49
N LEU F 3297 15.31 -49.86 -47.24
CA LEU F 3297 16.72 -50.15 -47.08
C LEU F 3297 17.13 -49.83 -45.65
N LEU F 3298 17.10 -48.56 -45.29
CA LEU F 3298 17.23 -48.19 -43.88
C LEU F 3298 15.92 -47.55 -43.48
N ASP F 3299 15.02 -48.31 -42.86
CA ASP F 3299 13.99 -47.71 -42.02
C ASP F 3299 13.68 -48.59 -40.80
N GLU F 3300 12.97 -49.69 -41.03
CA GLU F 3300 12.67 -50.62 -39.94
C GLU F 3300 13.91 -51.38 -39.52
N ASN F 3301 14.94 -51.35 -40.36
CA ASN F 3301 16.24 -51.81 -39.91
C ASN F 3301 16.73 -50.97 -38.74
N ASN F 3302 16.13 -49.80 -38.51
CA ASN F 3302 16.41 -48.96 -37.37
C ASN F 3302 15.44 -49.15 -36.21
N VAL F 3303 14.50 -50.08 -36.30
CA VAL F 3303 13.50 -50.20 -35.29
C VAL F 3303 13.82 -51.39 -34.38
N SER F 3304 13.04 -51.53 -33.31
CA SER F 3304 13.10 -52.69 -32.43
C SER F 3304 12.01 -53.71 -32.70
N SER F 3305 11.12 -53.44 -33.64
CA SER F 3305 9.76 -53.94 -33.56
C SER F 3305 9.32 -53.72 -32.09
N TYR F 3306 9.30 -52.49 -31.54
CA TYR F 3306 9.04 -51.17 -32.15
C TYR F 3306 7.61 -51.04 -32.64
N LEU F 3307 6.72 -50.78 -31.67
CA LEU F 3307 5.43 -50.18 -31.97
C LEU F 3307 5.63 -48.97 -32.87
N SER F 3308 4.70 -48.78 -33.80
CA SER F 3308 4.68 -47.77 -34.84
C SER F 3308 5.48 -48.25 -36.04
N LYS F 3309 6.04 -49.46 -35.99
CA LYS F 3309 6.26 -50.20 -37.23
C LYS F 3309 5.01 -50.13 -38.06
N ASN F 3310 3.89 -50.04 -37.38
CA ASN F 3310 2.70 -49.42 -37.89
C ASN F 3310 3.02 -48.18 -38.71
N ILE F 3311 3.44 -47.10 -38.04
CA ILE F 3311 3.54 -45.81 -38.72
C ILE F 3311 4.56 -45.82 -39.83
N LEU F 3312 5.55 -46.69 -39.77
CA LEU F 3312 6.55 -46.75 -40.83
C LEU F 3312 6.06 -47.58 -42.03
N ALA F 3313 5.73 -48.85 -41.80
CA ALA F 3313 5.10 -49.63 -42.87
C ALA F 3313 4.02 -48.83 -43.56
N PHE F 3314 3.23 -48.13 -42.75
CA PHE F 3314 2.44 -47.00 -43.20
C PHE F 3314 3.24 -46.09 -44.13
N ARG F 3315 4.32 -45.50 -43.65
CA ARG F 3315 5.12 -44.58 -44.46
C ARG F 3315 5.43 -45.14 -45.84
N ASP F 3316 5.81 -46.42 -45.91
CA ASP F 3316 5.82 -47.15 -47.17
C ASP F 3316 4.57 -46.86 -47.96
N GLN F 3317 3.44 -47.26 -47.38
CA GLN F 3317 2.19 -47.13 -48.08
C GLN F 3317 1.97 -45.72 -48.60
N ASN F 3318 2.34 -44.73 -47.79
CA ASN F 3318 2.46 -43.35 -48.26
C ASN F 3318 3.26 -43.29 -49.55
N ILE F 3319 4.45 -43.89 -49.52
CA ILE F 3319 5.33 -43.83 -50.69
C ILE F 3319 4.61 -44.34 -51.91
N LEU F 3320 4.33 -45.64 -51.92
CA LEU F 3320 3.72 -46.26 -53.09
C LEU F 3320 2.44 -45.55 -53.49
N LEU F 3321 1.79 -44.87 -52.55
CA LEU F 3321 0.79 -43.88 -52.95
C LEU F 3321 1.41 -42.84 -53.88
N GLY F 3322 2.56 -42.32 -53.51
CA GLY F 3322 3.19 -41.38 -54.41
C GLY F 3322 3.66 -42.00 -55.70
N THR F 3323 4.56 -42.98 -55.58
CA THR F 3323 5.17 -43.61 -56.74
C THR F 3323 4.10 -44.10 -57.69
N THR F 3324 3.04 -44.65 -57.15
CA THR F 3324 1.83 -44.95 -57.91
C THR F 3324 1.36 -43.69 -58.59
N TYR F 3325 1.00 -42.71 -57.76
CA TYR F 3325 0.05 -41.70 -58.18
C TYR F 3325 0.58 -40.85 -59.32
N ARG F 3326 1.90 -40.71 -59.45
CA ARG F 3326 2.40 -39.83 -60.49
C ARG F 3326 1.91 -40.26 -61.87
N ILE F 3327 1.32 -41.44 -61.96
CA ILE F 3327 0.51 -41.76 -63.13
C ILE F 3327 -0.93 -41.54 -62.70
N ILE F 3328 -1.41 -40.33 -62.97
CA ILE F 3328 -2.70 -40.08 -63.61
C ILE F 3328 -2.49 -39.80 -65.07
N ALA F 3329 -1.24 -39.88 -65.50
CA ALA F 3329 -0.66 -39.41 -66.73
C ALA F 3329 -0.03 -40.54 -67.51
N ASN F 3330 0.78 -41.36 -66.83
CA ASN F 3330 2.00 -41.97 -67.33
C ASN F 3330 3.12 -40.94 -67.38
N ALA F 3331 3.19 -40.11 -66.35
CA ALA F 3331 4.26 -39.15 -66.22
C ALA F 3331 5.53 -39.92 -65.94
N LEU F 3332 5.61 -40.56 -64.77
CA LEU F 3332 6.66 -41.55 -64.53
C LEU F 3332 6.68 -42.59 -65.64
N SER F 3333 5.50 -43.11 -66.00
CA SER F 3333 5.46 -44.19 -66.98
C SER F 3333 5.99 -43.75 -68.34
N SER F 3334 5.95 -42.46 -68.63
CA SER F 3334 6.65 -41.96 -69.80
C SER F 3334 8.00 -41.36 -69.44
N GLU F 3335 8.38 -41.33 -68.16
CA GLU F 3335 9.68 -40.77 -67.83
C GLU F 3335 10.60 -41.86 -67.30
N PRO F 3336 11.51 -42.38 -68.11
CA PRO F 3336 12.65 -43.14 -67.58
C PRO F 3336 13.90 -42.29 -67.53
N ALA F 3337 14.01 -41.35 -66.60
CA ALA F 3337 15.04 -40.34 -66.77
C ALA F 3337 16.42 -40.88 -66.40
N CYS F 3338 16.68 -41.02 -65.11
CA CYS F 3338 17.91 -41.56 -64.62
C CYS F 3338 17.56 -42.60 -63.57
N LEU F 3339 16.83 -42.13 -62.57
CA LEU F 3339 16.38 -42.95 -61.46
C LEU F 3339 15.28 -43.93 -61.85
N ALA F 3340 14.26 -43.46 -62.59
CA ALA F 3340 13.05 -44.25 -62.82
C ALA F 3340 13.35 -45.66 -63.30
N GLU F 3341 14.48 -45.81 -63.98
CA GLU F 3341 15.15 -47.08 -64.16
C GLU F 3341 15.19 -47.79 -62.82
N ILE F 3342 16.00 -47.25 -61.91
CA ILE F 3342 16.17 -47.83 -60.58
C ILE F 3342 14.83 -48.05 -59.91
N GLU F 3343 13.88 -47.15 -60.16
CA GLU F 3343 12.53 -47.37 -59.63
C GLU F 3343 11.95 -48.68 -60.11
N GLU F 3344 11.92 -48.91 -61.42
CA GLU F 3344 11.41 -50.18 -61.92
C GLU F 3344 12.21 -51.33 -61.35
N ASP F 3345 13.51 -51.12 -61.18
CA ASP F 3345 14.37 -52.16 -60.64
C ASP F 3345 13.83 -52.63 -59.30
N LYS F 3346 13.89 -51.77 -58.29
CA LYS F 3346 13.33 -52.08 -56.99
C LYS F 3346 11.87 -52.50 -57.09
N ALA F 3347 11.19 -52.08 -58.15
CA ALA F 3347 9.73 -52.12 -58.18
C ALA F 3347 9.22 -53.54 -58.05
N ARG F 3348 9.60 -54.40 -58.98
CA ARG F 3348 9.29 -55.81 -58.81
C ARG F 3348 9.78 -56.35 -57.48
N ARG F 3349 10.82 -55.73 -56.91
CA ARG F 3349 11.48 -56.26 -55.74
C ARG F 3349 10.97 -55.68 -54.43
N ILE F 3350 9.93 -54.86 -54.46
CA ILE F 3350 9.38 -54.33 -53.21
C ILE F 3350 7.88 -54.55 -53.15
N VAL F 3364 13.61 -49.43 -65.54
CA VAL F 3364 12.99 -48.89 -66.73
C VAL F 3364 11.62 -48.32 -66.40
N ILE F 3365 10.81 -48.07 -67.43
CA ILE F 3365 9.37 -47.87 -67.25
C ILE F 3365 8.54 -49.07 -67.69
N ALA F 3366 9.18 -50.12 -68.23
CA ALA F 3366 8.43 -51.19 -68.87
C ALA F 3366 7.64 -52.02 -67.85
N GLY F 3367 8.32 -52.49 -66.80
CA GLY F 3367 7.60 -53.13 -65.71
C GLY F 3367 6.74 -52.16 -64.92
N LEU F 3368 7.24 -50.95 -64.70
CA LEU F 3368 6.42 -49.91 -64.10
C LEU F 3368 5.15 -49.70 -64.90
N TYR F 3369 5.23 -49.88 -66.21
CA TYR F 3369 4.09 -49.65 -67.08
C TYR F 3369 2.87 -50.42 -66.58
N GLN F 3370 2.89 -51.74 -66.72
CA GLN F 3370 1.78 -52.53 -66.19
C GLN F 3370 1.93 -52.77 -64.69
N ARG F 3371 3.10 -53.25 -64.28
CA ARG F 3371 3.22 -53.99 -63.05
C ARG F 3371 3.70 -53.15 -61.87
N ALA F 3372 3.92 -51.85 -62.07
CA ALA F 3372 4.14 -51.00 -60.91
C ALA F 3372 3.00 -51.15 -59.92
N PHE F 3373 1.76 -51.00 -60.39
CA PHE F 3373 0.61 -51.04 -59.50
C PHE F 3373 0.63 -52.29 -58.64
N GLN F 3374 1.15 -53.39 -59.17
CA GLN F 3374 1.35 -54.59 -58.36
C GLN F 3374 2.35 -54.31 -57.26
N HIS F 3375 3.44 -53.66 -57.61
CA HIS F 3375 4.55 -53.43 -56.69
C HIS F 3375 4.13 -52.48 -55.58
N LEU F 3376 3.60 -51.34 -55.99
CA LEU F 3376 2.93 -50.39 -55.12
C LEU F 3376 1.95 -51.11 -54.22
N SER F 3377 1.11 -51.93 -54.82
CA SER F 3377 0.02 -52.56 -54.09
C SER F 3377 0.55 -53.45 -52.99
N GLU F 3378 1.44 -54.38 -53.33
CA GLU F 3378 1.78 -55.45 -52.41
C GLU F 3378 2.93 -55.07 -51.48
N ALA F 3379 3.67 -54.00 -51.79
CA ALA F 3379 4.55 -53.47 -50.75
C ALA F 3379 3.78 -52.57 -49.81
N VAL F 3380 2.78 -51.86 -50.33
CA VAL F 3380 1.81 -51.19 -49.45
C VAL F 3380 1.20 -52.19 -48.49
N GLN F 3381 0.43 -53.13 -49.02
CA GLN F 3381 -0.34 -54.05 -48.19
C GLN F 3381 0.59 -54.98 -47.42
N ALA F 3382 1.72 -55.31 -48.02
CA ALA F 3382 2.80 -55.93 -47.26
C ALA F 3382 3.07 -55.12 -46.00
N ALA F 3383 3.23 -53.82 -46.18
CA ALA F 3383 3.40 -52.94 -45.04
C ALA F 3383 2.13 -52.89 -44.20
N GLU F 3384 1.00 -53.32 -44.76
CA GLU F 3384 -0.24 -53.30 -44.00
C GLU F 3384 -0.29 -54.44 -43.01
N GLU F 3385 0.24 -55.60 -43.38
CA GLU F 3385 0.38 -56.64 -42.38
C GLU F 3385 1.62 -56.44 -41.51
N GLU F 3386 2.59 -55.65 -41.97
CA GLU F 3386 3.64 -55.19 -41.07
C GLU F 3386 3.05 -54.30 -39.98
N ALA F 3387 2.01 -53.55 -40.33
CA ALA F 3387 1.43 -52.54 -39.46
C ALA F 3387 0.13 -52.94 -38.75
N GLN F 3388 -0.46 -54.11 -39.05
CA GLN F 3388 -1.85 -54.32 -38.62
C GLN F 3388 -2.00 -54.43 -37.11
N PRO F 3389 -1.27 -55.29 -36.39
CA PRO F 3389 -1.42 -55.32 -34.93
C PRO F 3389 -1.08 -54.00 -34.28
N PRO F 3390 0.01 -53.31 -34.68
CA PRO F 3390 0.28 -52.01 -34.06
C PRO F 3390 -0.79 -50.97 -34.32
N SER F 3391 -1.65 -51.16 -35.34
CA SER F 3391 -2.84 -50.33 -35.44
C SER F 3391 -3.70 -50.46 -34.19
N TRP F 3392 -3.93 -51.69 -33.74
CA TRP F 3392 -4.60 -51.91 -32.47
C TRP F 3392 -3.76 -51.48 -31.28
N SER F 3393 -2.44 -51.47 -31.42
CA SER F 3393 -1.55 -51.31 -30.26
C SER F 3393 -1.31 -49.85 -29.86
N CYS F 3394 -1.02 -48.96 -30.83
CA CYS F 3394 -0.34 -47.71 -30.53
C CYS F 3394 -1.18 -46.80 -29.63
N GLY F 3395 -2.36 -46.41 -30.09
CA GLY F 3395 -3.20 -45.48 -29.36
C GLY F 3395 -4.55 -45.34 -30.02
N PRO F 3396 -5.54 -44.89 -29.26
CA PRO F 3396 -6.87 -44.73 -29.83
C PRO F 3396 -6.82 -43.81 -31.04
N ALA F 3397 -7.36 -44.30 -32.14
CA ALA F 3397 -7.32 -43.62 -33.43
C ALA F 3397 -5.89 -43.25 -33.82
N ALA F 3398 -4.90 -43.98 -33.32
CA ALA F 3398 -3.52 -43.70 -33.70
C ALA F 3398 -3.27 -44.32 -35.06
N GLY F 3399 -3.11 -45.63 -35.14
CA GLY F 3399 -2.80 -46.24 -36.40
C GLY F 3399 -3.88 -47.02 -37.12
N VAL F 3400 -4.96 -47.37 -36.43
CA VAL F 3400 -6.04 -48.06 -37.11
C VAL F 3400 -6.57 -47.22 -38.25
N ILE F 3401 -7.04 -46.02 -37.95
CA ILE F 3401 -7.45 -45.07 -38.97
C ILE F 3401 -6.41 -44.97 -40.06
N ASP F 3402 -5.14 -44.91 -39.66
CA ASP F 3402 -4.04 -44.73 -40.60
C ASP F 3402 -4.03 -45.88 -41.60
N ALA F 3403 -3.59 -47.06 -41.15
CA ALA F 3403 -3.38 -48.17 -42.07
C ALA F 3403 -4.66 -48.48 -42.82
N TYR F 3404 -5.78 -48.31 -42.16
CA TYR F 3404 -7.01 -48.90 -42.63
C TYR F 3404 -7.71 -47.96 -43.60
N MET F 3405 -8.08 -46.75 -43.15
CA MET F 3405 -8.50 -45.75 -44.11
C MET F 3405 -7.54 -45.70 -45.26
N THR F 3406 -6.25 -45.82 -44.97
CA THR F 3406 -5.20 -45.80 -45.96
C THR F 3406 -5.47 -46.81 -47.07
N LEU F 3407 -5.29 -48.08 -46.77
CA LEU F 3407 -5.34 -49.05 -47.85
C LEU F 3407 -6.72 -49.07 -48.47
N ALA F 3408 -7.74 -48.72 -47.69
CA ALA F 3408 -9.03 -48.42 -48.25
C ALA F 3408 -8.90 -47.46 -49.42
N ASP F 3409 -8.42 -46.26 -49.12
CA ASP F 3409 -8.24 -45.23 -50.13
C ASP F 3409 -7.48 -45.79 -51.32
N PHE F 3410 -6.35 -46.44 -51.04
CA PHE F 3410 -5.51 -47.02 -52.07
C PHE F 3410 -6.36 -47.83 -53.04
N CYS F 3411 -7.14 -48.75 -52.48
CA CYS F 3411 -8.09 -49.52 -53.26
C CYS F 3411 -8.97 -48.57 -54.05
N ASP F 3412 -9.90 -47.90 -53.37
CA ASP F 3412 -10.97 -47.20 -54.07
C ASP F 3412 -10.45 -46.33 -55.18
N GLN F 3413 -9.29 -45.73 -54.97
CA GLN F 3413 -8.62 -45.06 -56.07
C GLN F 3413 -8.46 -46.05 -57.21
N GLN F 3414 -7.79 -47.15 -56.92
CA GLN F 3414 -7.58 -48.15 -57.95
C GLN F 3414 -8.89 -48.69 -58.49
N LEU F 3415 -9.94 -48.70 -57.67
CA LEU F 3415 -11.27 -48.88 -58.20
C LEU F 3415 -11.53 -47.89 -59.30
N ARG F 3416 -11.54 -46.60 -58.97
CA ARG F 3416 -11.81 -45.57 -59.97
C ARG F 3416 -11.06 -45.84 -61.25
N LYS F 3417 -9.80 -46.24 -61.12
CA LYS F 3417 -9.05 -46.73 -62.27
C LYS F 3417 -9.92 -47.74 -62.99
N GLU F 3418 -10.24 -48.83 -62.31
CA GLU F 3418 -10.95 -49.91 -62.99
C GLU F 3418 -12.34 -49.51 -63.44
N GLU F 3419 -12.89 -48.45 -62.88
CA GLU F 3419 -14.09 -47.87 -63.42
C GLU F 3419 -13.80 -47.34 -64.83
N GLU F 3420 -12.66 -46.67 -64.97
CA GLU F 3420 -12.25 -46.22 -66.28
C GLU F 3420 -11.76 -47.37 -67.14
N ASN F 3421 -10.79 -48.12 -66.63
CA ASN F 3421 -10.06 -49.08 -67.45
C ASN F 3421 -10.41 -50.49 -67.04
N ALA F 3422 -10.22 -51.43 -67.96
CA ALA F 3422 -10.59 -52.82 -67.76
C ALA F 3422 -9.33 -53.66 -67.58
N SER F 3423 -9.10 -54.14 -66.36
CA SER F 3423 -8.10 -55.16 -66.07
C SER F 3423 -8.73 -56.19 -65.14
N VAL F 3424 -8.86 -57.42 -65.62
CA VAL F 3424 -9.64 -58.43 -64.89
C VAL F 3424 -9.01 -58.71 -63.53
N ILE F 3425 -7.69 -58.81 -63.48
CA ILE F 3425 -7.04 -59.09 -62.20
C ILE F 3425 -7.15 -57.88 -61.30
N ASP F 3426 -7.03 -56.68 -61.86
CA ASP F 3426 -7.28 -55.48 -61.09
C ASP F 3426 -8.66 -55.54 -60.45
N SER F 3427 -9.63 -56.15 -61.14
CA SER F 3427 -10.91 -56.39 -60.51
C SER F 3427 -10.82 -57.53 -59.50
N ALA F 3428 -9.85 -58.43 -59.70
CA ALA F 3428 -9.77 -59.61 -58.83
C ALA F 3428 -9.33 -59.23 -57.43
N GLU F 3429 -8.19 -58.56 -57.31
CA GLU F 3429 -7.79 -58.09 -55.99
C GLU F 3429 -8.53 -56.82 -55.61
N LEU F 3430 -8.78 -55.94 -56.59
CA LEU F 3430 -9.60 -54.76 -56.33
C LEU F 3430 -10.89 -55.11 -55.65
N GLN F 3431 -11.49 -56.23 -56.02
CA GLN F 3431 -12.70 -56.68 -55.39
C GLN F 3431 -12.43 -57.74 -54.33
N ALA F 3432 -11.20 -58.20 -54.22
CA ALA F 3432 -10.88 -59.06 -53.08
C ALA F 3432 -10.73 -58.24 -51.83
N TYR F 3433 -10.02 -57.12 -51.96
CA TYR F 3433 -9.57 -56.36 -50.80
C TYR F 3433 -10.66 -55.61 -50.07
N PRO F 3434 -11.61 -54.88 -50.74
CA PRO F 3434 -12.45 -53.90 -50.02
C PRO F 3434 -13.15 -54.54 -48.85
N ALA F 3435 -13.27 -55.87 -48.94
CA ALA F 3435 -13.75 -56.68 -47.83
C ALA F 3435 -13.09 -56.29 -46.53
N LEU F 3436 -11.76 -56.18 -46.53
CA LEU F 3436 -11.05 -55.90 -45.29
C LEU F 3436 -11.40 -54.52 -44.77
N VAL F 3437 -11.19 -53.51 -45.60
CA VAL F 3437 -11.14 -52.14 -45.11
C VAL F 3437 -12.50 -51.69 -44.61
N VAL F 3438 -13.57 -52.15 -45.24
CA VAL F 3438 -14.90 -51.71 -44.83
C VAL F 3438 -15.12 -51.99 -43.36
N GLU F 3439 -14.71 -53.18 -42.90
CA GLU F 3439 -15.09 -53.67 -41.59
C GLU F 3439 -14.53 -52.81 -40.46
N LYS F 3440 -13.54 -51.98 -40.77
CA LYS F 3440 -12.79 -51.34 -39.70
C LYS F 3440 -13.66 -50.47 -38.82
N MET F 3441 -14.87 -50.12 -39.26
CA MET F 3441 -15.69 -49.17 -38.53
C MET F 3441 -15.85 -49.55 -37.08
N LEU F 3442 -15.64 -50.81 -36.74
CA LEU F 3442 -15.47 -51.15 -35.33
C LEU F 3442 -14.28 -50.37 -34.81
N LYS F 3443 -13.07 -50.79 -35.20
CA LYS F 3443 -11.89 -49.97 -34.96
C LYS F 3443 -12.15 -48.55 -35.45
N ALA F 3444 -12.59 -48.45 -36.69
CA ALA F 3444 -12.81 -47.17 -37.32
C ALA F 3444 -14.13 -46.64 -36.82
N LEU F 3445 -14.64 -45.66 -37.55
CA LEU F 3445 -15.89 -45.01 -37.22
C LEU F 3445 -15.80 -44.39 -35.83
N LYS F 3446 -14.59 -44.16 -35.35
CA LYS F 3446 -14.35 -43.34 -34.19
C LYS F 3446 -13.94 -41.93 -34.58
N LEU F 3447 -13.74 -41.69 -35.87
CA LEU F 3447 -13.65 -40.37 -36.45
C LEU F 3447 -14.61 -40.33 -37.63
N ASN F 3448 -14.74 -39.18 -38.28
CA ASN F 3448 -15.65 -39.07 -39.42
C ASN F 3448 -15.30 -40.09 -40.49
N SER F 3449 -14.11 -39.98 -41.07
CA SER F 3449 -13.64 -40.93 -42.08
C SER F 3449 -14.72 -41.18 -43.11
N ASN F 3450 -15.47 -40.12 -43.39
CA ASN F 3450 -16.69 -40.18 -44.17
C ASN F 3450 -16.48 -40.82 -45.52
N GLU F 3451 -15.23 -40.84 -45.99
CA GLU F 3451 -14.85 -41.74 -47.06
C GLU F 3451 -15.47 -43.11 -46.84
N ALA F 3452 -15.08 -43.75 -45.75
CA ALA F 3452 -15.57 -45.08 -45.44
C ALA F 3452 -17.08 -45.14 -45.59
N ARG F 3453 -17.76 -44.23 -44.92
CA ARG F 3453 -19.20 -44.33 -44.80
C ARG F 3453 -19.90 -44.15 -46.13
N LEU F 3454 -19.34 -43.33 -47.00
CA LEU F 3454 -19.99 -43.06 -48.28
C LEU F 3454 -19.66 -44.12 -49.32
N LYS F 3455 -18.42 -44.56 -49.33
CA LYS F 3455 -18.02 -45.73 -50.10
C LYS F 3455 -18.93 -46.90 -49.84
N PHE F 3456 -19.01 -47.31 -48.58
CA PHE F 3456 -19.52 -48.64 -48.27
C PHE F 3456 -20.85 -48.95 -48.92
N PRO F 3457 -21.86 -48.08 -48.87
CA PRO F 3457 -23.10 -48.43 -49.59
C PRO F 3457 -22.83 -48.62 -51.05
N ARG F 3458 -22.13 -47.66 -51.65
CA ARG F 3458 -21.94 -47.64 -53.08
C ARG F 3458 -21.36 -48.96 -53.57
N LEU F 3459 -20.55 -49.60 -52.72
CA LEU F 3459 -19.93 -50.88 -53.00
C LEU F 3459 -20.96 -51.86 -53.55
N LEU F 3460 -21.82 -52.33 -52.66
CA LEU F 3460 -22.88 -53.22 -53.11
C LEU F 3460 -23.76 -52.52 -54.13
N GLN F 3461 -24.01 -51.22 -53.94
CA GLN F 3461 -24.97 -50.49 -54.76
C GLN F 3461 -24.74 -50.78 -56.23
N ILE F 3462 -23.50 -50.66 -56.68
CA ILE F 3462 -23.23 -51.10 -58.04
C ILE F 3462 -23.11 -52.61 -58.10
N ILE F 3463 -22.35 -53.20 -57.19
CA ILE F 3463 -21.92 -54.59 -57.34
C ILE F 3463 -21.82 -55.24 -55.98
N GLU F 3464 -22.25 -56.49 -55.88
CA GLU F 3464 -21.90 -57.24 -54.69
C GLU F 3464 -21.43 -58.63 -55.08
N ARG F 3465 -20.17 -58.90 -54.81
CA ARG F 3465 -19.60 -60.23 -54.83
C ARG F 3465 -19.68 -60.93 -53.48
N TYR F 3466 -19.90 -60.20 -52.39
CA TYR F 3466 -19.89 -60.78 -51.06
C TYR F 3466 -21.31 -60.80 -50.53
N PRO F 3467 -21.98 -61.93 -50.52
CA PRO F 3467 -23.42 -61.90 -50.25
C PRO F 3467 -23.77 -61.40 -48.86
N GLU F 3468 -23.26 -62.05 -47.82
CA GLU F 3468 -23.54 -61.59 -46.47
C GLU F 3468 -22.43 -60.75 -45.89
N GLU F 3469 -21.23 -60.78 -46.47
CA GLU F 3469 -20.10 -60.13 -45.84
C GLU F 3469 -20.44 -58.67 -45.65
N THR F 3470 -20.65 -58.03 -46.78
CA THR F 3470 -21.19 -56.69 -46.85
C THR F 3470 -22.35 -56.59 -45.87
N LEU F 3471 -23.17 -57.62 -45.82
CA LEU F 3471 -24.35 -57.52 -44.97
C LEU F 3471 -24.00 -57.84 -43.53
N SER F 3472 -23.14 -58.84 -43.31
CA SER F 3472 -22.77 -59.20 -41.95
C SER F 3472 -22.24 -57.99 -41.22
N LEU F 3473 -21.03 -57.60 -41.60
CA LEU F 3473 -20.30 -56.64 -40.79
C LEU F 3473 -20.93 -55.26 -40.91
N MET F 3474 -21.10 -54.79 -42.14
CA MET F 3474 -21.71 -53.48 -42.28
C MET F 3474 -23.10 -53.46 -41.69
N THR F 3475 -23.87 -54.53 -41.79
CA THR F 3475 -25.12 -54.57 -41.08
C THR F 3475 -24.88 -54.35 -39.60
N LYS F 3476 -23.78 -54.89 -39.09
CA LYS F 3476 -23.39 -54.54 -37.73
C LYS F 3476 -23.06 -53.07 -37.58
N GLU F 3477 -22.89 -52.30 -38.68
CA GLU F 3477 -22.46 -50.92 -38.44
C GLU F 3477 -23.36 -50.04 -37.58
N ILE F 3478 -24.37 -49.42 -38.18
CA ILE F 3478 -25.04 -48.37 -37.44
C ILE F 3478 -26.09 -48.99 -36.57
N SER F 3479 -26.44 -50.23 -36.89
CA SER F 3479 -26.94 -51.15 -35.88
C SER F 3479 -26.05 -50.97 -34.67
N SER F 3480 -24.78 -51.34 -34.84
CA SER F 3480 -23.84 -51.37 -33.73
C SER F 3480 -23.41 -49.98 -33.33
N VAL F 3481 -22.64 -49.32 -34.19
CA VAL F 3481 -22.11 -48.00 -33.86
C VAL F 3481 -23.31 -47.09 -33.64
N PRO F 3482 -23.14 -45.99 -32.92
CA PRO F 3482 -24.30 -45.21 -32.50
C PRO F 3482 -25.29 -44.98 -33.63
N CYS F 3483 -26.56 -44.94 -33.26
CA CYS F 3483 -27.65 -44.63 -34.16
C CYS F 3483 -27.25 -43.47 -35.04
N TRP F 3484 -26.61 -42.49 -34.42
CA TRP F 3484 -26.25 -41.30 -35.15
C TRP F 3484 -25.26 -41.60 -36.26
N GLN F 3485 -24.51 -42.68 -36.16
CA GLN F 3485 -23.33 -42.76 -37.01
C GLN F 3485 -23.69 -42.90 -38.47
N PHE F 3486 -24.94 -43.22 -38.79
CA PHE F 3486 -25.35 -43.29 -40.18
C PHE F 3486 -25.70 -41.95 -40.77
N ILE F 3487 -26.12 -41.02 -39.92
CA ILE F 3487 -27.06 -39.97 -40.33
C ILE F 3487 -26.56 -39.22 -41.55
N SER F 3488 -25.25 -39.00 -41.64
CA SER F 3488 -24.77 -38.14 -42.70
C SER F 3488 -25.18 -38.62 -44.08
N TRP F 3489 -25.22 -39.94 -44.29
CA TRP F 3489 -25.60 -40.46 -45.60
C TRP F 3489 -27.06 -40.93 -45.67
N ILE F 3490 -27.90 -40.50 -44.71
CA ILE F 3490 -29.34 -40.77 -44.70
C ILE F 3490 -29.95 -40.66 -46.09
N SER F 3491 -29.80 -39.50 -46.72
CA SER F 3491 -30.38 -39.30 -48.04
C SER F 3491 -30.14 -40.52 -48.89
N HIS F 3492 -28.90 -40.98 -48.92
CA HIS F 3492 -28.55 -42.22 -49.59
C HIS F 3492 -29.57 -43.28 -49.25
N MET F 3493 -29.49 -43.78 -48.03
CA MET F 3493 -30.39 -44.85 -47.66
C MET F 3493 -31.82 -44.53 -47.99
N VAL F 3494 -32.26 -43.30 -47.77
CA VAL F 3494 -33.68 -43.06 -47.82
C VAL F 3494 -34.21 -43.32 -49.22
N ALA F 3495 -33.42 -43.00 -50.24
CA ALA F 3495 -33.76 -43.53 -51.55
C ALA F 3495 -33.17 -44.92 -51.74
N LEU F 3496 -31.97 -45.13 -51.22
CA LEU F 3496 -31.32 -46.42 -51.36
C LEU F 3496 -32.21 -47.53 -50.81
N LEU F 3497 -32.58 -47.41 -49.54
CA LEU F 3497 -33.51 -48.37 -48.98
C LEU F 3497 -34.81 -48.42 -49.77
N ASP F 3498 -35.24 -47.28 -50.33
CA ASP F 3498 -36.51 -47.29 -51.05
C ASP F 3498 -36.32 -47.86 -52.44
N LYS F 3499 -35.79 -47.09 -53.39
CA LYS F 3499 -35.81 -47.60 -54.75
C LYS F 3499 -34.68 -48.59 -54.99
N ASP F 3500 -33.53 -48.39 -54.35
CA ASP F 3500 -32.33 -49.11 -54.77
C ASP F 3500 -32.29 -50.53 -54.26
N GLN F 3501 -32.50 -50.74 -52.99
CA GLN F 3501 -31.93 -51.90 -52.33
C GLN F 3501 -32.73 -53.14 -52.64
N ALA F 3502 -32.07 -54.11 -53.27
CA ALA F 3502 -32.49 -55.49 -53.17
C ALA F 3502 -31.93 -56.16 -51.92
N VAL F 3503 -30.91 -55.57 -51.30
CA VAL F 3503 -30.34 -56.06 -50.06
C VAL F 3503 -30.89 -55.36 -48.83
N ALA F 3504 -31.90 -54.50 -49.02
CA ALA F 3504 -32.49 -53.73 -47.93
C ALA F 3504 -32.74 -54.58 -46.70
N VAL F 3505 -33.64 -55.56 -46.83
CA VAL F 3505 -34.11 -56.32 -45.68
C VAL F 3505 -32.94 -56.97 -44.95
N GLN F 3506 -31.94 -57.41 -45.69
CA GLN F 3506 -30.83 -58.12 -45.11
C GLN F 3506 -29.92 -57.17 -44.36
N HIS F 3507 -29.97 -55.89 -44.69
CA HIS F 3507 -28.91 -55.01 -44.28
C HIS F 3507 -29.39 -53.66 -43.74
N SER F 3508 -29.88 -52.85 -44.68
CA SER F 3508 -30.33 -51.51 -44.34
C SER F 3508 -31.50 -51.58 -43.39
N VAL F 3509 -32.54 -52.33 -43.78
CA VAL F 3509 -33.65 -52.59 -42.88
C VAL F 3509 -33.13 -52.96 -41.51
N GLU F 3510 -32.14 -53.86 -41.47
CA GLU F 3510 -31.52 -54.19 -40.20
C GLU F 3510 -31.14 -52.93 -39.45
N GLU F 3511 -30.13 -52.21 -39.93
CA GLU F 3511 -29.58 -51.15 -39.11
C GLU F 3511 -30.62 -50.10 -38.80
N ILE F 3512 -31.44 -49.73 -39.77
CA ILE F 3512 -32.40 -48.64 -39.56
C ILE F 3512 -33.40 -49.03 -38.49
N THR F 3513 -34.01 -50.20 -38.63
CA THR F 3513 -34.87 -50.71 -37.60
C THR F 3513 -34.12 -50.93 -36.31
N ASP F 3514 -32.80 -50.93 -36.36
CA ASP F 3514 -32.02 -51.01 -35.14
C ASP F 3514 -31.93 -49.64 -34.51
N ASN F 3515 -31.89 -48.60 -35.33
CA ASN F 3515 -31.57 -47.27 -34.86
C ASN F 3515 -32.80 -46.45 -34.55
N TYR F 3516 -33.99 -46.89 -34.97
CA TYR F 3516 -35.18 -46.33 -34.36
C TYR F 3516 -35.24 -46.62 -32.87
N PRO F 3517 -35.13 -47.87 -32.41
CA PRO F 3517 -35.05 -48.10 -30.97
C PRO F 3517 -33.78 -47.59 -30.35
N GLN F 3518 -32.77 -47.29 -31.16
CA GLN F 3518 -31.63 -46.51 -30.74
C GLN F 3518 -31.89 -45.04 -30.89
N ALA F 3519 -33.17 -44.69 -31.02
CA ALA F 3519 -33.61 -43.32 -31.17
C ALA F 3519 -33.11 -42.77 -32.48
N ILE F 3520 -33.64 -43.30 -33.57
CA ILE F 3520 -33.80 -42.51 -34.76
C ILE F 3520 -35.30 -42.38 -34.97
N VAL F 3521 -35.73 -41.17 -35.30
CA VAL F 3521 -37.13 -40.83 -35.36
C VAL F 3521 -37.39 -40.18 -36.71
N TYR F 3522 -36.67 -39.10 -36.98
CA TYR F 3522 -36.89 -38.34 -38.21
C TYR F 3522 -36.96 -39.14 -39.50
N PRO F 3523 -36.20 -40.24 -39.71
CA PRO F 3523 -36.10 -40.80 -41.07
C PRO F 3523 -37.44 -40.99 -41.74
N PHE F 3524 -38.49 -41.00 -40.91
CA PHE F 3524 -39.84 -40.98 -41.40
C PHE F 3524 -40.01 -39.94 -42.50
N ILE F 3525 -39.86 -38.68 -42.10
CA ILE F 3525 -40.17 -37.50 -42.91
C ILE F 3525 -39.63 -37.68 -44.32
N ILE F 3526 -38.32 -37.72 -44.44
CA ILE F 3526 -37.66 -38.05 -45.68
C ILE F 3526 -38.32 -39.27 -46.33
N SER F 3527 -38.25 -40.42 -45.67
CA SER F 3527 -38.95 -41.60 -46.15
C SER F 3527 -40.39 -41.30 -46.49
N SER F 3528 -41.05 -40.58 -45.60
CA SER F 3528 -42.39 -40.06 -45.86
C SER F 3528 -42.35 -39.46 -47.24
N GLU F 3529 -41.57 -38.41 -47.37
CA GLU F 3529 -41.28 -37.87 -48.70
C GLU F 3529 -40.84 -38.95 -49.66
N SER F 3530 -39.81 -39.71 -49.30
CA SER F 3530 -39.10 -40.49 -50.28
C SER F 3530 -39.98 -41.63 -50.76
N TYR F 3531 -40.28 -42.53 -49.85
CA TYR F 3531 -41.16 -43.62 -50.17
C TYR F 3531 -42.48 -43.10 -50.75
N SER F 3532 -42.76 -41.81 -50.57
CA SER F 3532 -43.93 -41.19 -51.20
C SER F 3532 -43.97 -41.49 -52.69
N PHE F 3533 -42.92 -41.08 -53.41
CA PHE F 3533 -42.97 -41.17 -54.87
C PHE F 3533 -43.12 -42.60 -55.34
N LYS F 3534 -42.06 -43.39 -55.19
CA LYS F 3534 -42.07 -44.76 -55.65
C LYS F 3534 -42.03 -45.70 -54.46
N ASP F 3535 -43.13 -46.39 -54.25
CA ASP F 3535 -43.07 -47.61 -53.49
C ASP F 3535 -42.35 -48.65 -54.33
N THR F 3536 -41.48 -49.39 -53.68
CA THR F 3536 -40.45 -50.08 -54.43
C THR F 3536 -41.02 -51.34 -55.07
N SER F 3537 -41.04 -51.35 -56.39
CA SER F 3537 -41.48 -52.51 -57.15
C SER F 3537 -40.33 -53.37 -57.63
N THR F 3538 -39.10 -53.00 -57.25
CA THR F 3538 -37.92 -53.71 -57.76
C THR F 3538 -38.01 -55.19 -57.49
N GLY F 3539 -38.48 -55.57 -56.32
CA GLY F 3539 -38.57 -56.98 -55.98
C GLY F 3539 -39.70 -57.25 -55.02
N HIS F 3540 -40.21 -58.47 -55.09
CA HIS F 3540 -41.30 -58.93 -54.25
C HIS F 3540 -40.95 -58.87 -52.77
N LYS F 3541 -40.10 -59.79 -52.34
CA LYS F 3541 -39.70 -59.91 -50.95
C LYS F 3541 -39.28 -58.57 -50.37
N ASN F 3542 -38.51 -57.82 -51.16
CA ASN F 3542 -37.99 -56.51 -50.81
C ASN F 3542 -39.12 -55.60 -50.37
N LYS F 3543 -39.97 -55.25 -51.34
CA LYS F 3543 -41.10 -54.39 -51.04
C LYS F 3543 -41.89 -54.91 -49.85
N GLU F 3544 -41.95 -56.23 -49.68
CA GLU F 3544 -42.73 -56.77 -48.59
C GLU F 3544 -42.14 -56.39 -47.25
N PHE F 3545 -40.89 -56.75 -46.99
CA PHE F 3545 -40.38 -56.58 -45.64
C PHE F 3545 -40.02 -55.12 -45.37
N VAL F 3546 -39.57 -54.42 -46.41
CA VAL F 3546 -39.28 -53.00 -46.23
C VAL F 3546 -40.57 -52.23 -46.00
N ALA F 3547 -41.56 -52.43 -46.87
CA ALA F 3547 -42.87 -51.83 -46.63
C ALA F 3547 -43.37 -52.14 -45.24
N ARG F 3548 -43.12 -53.37 -44.78
CA ARG F 3548 -43.30 -53.68 -43.37
C ARG F 3548 -42.59 -52.66 -42.50
N ILE F 3549 -41.32 -52.36 -42.80
CA ILE F 3549 -40.61 -51.37 -42.01
C ILE F 3549 -41.39 -50.08 -41.99
N LYS F 3550 -41.78 -49.62 -43.19
CA LYS F 3550 -42.60 -48.42 -43.33
C LYS F 3550 -43.76 -48.42 -42.36
N SER F 3551 -44.51 -49.51 -42.33
CA SER F 3551 -45.68 -49.57 -41.45
C SER F 3551 -45.26 -49.54 -39.99
N LYS F 3552 -44.22 -50.30 -39.64
CA LYS F 3552 -43.71 -50.33 -38.27
C LYS F 3552 -43.41 -48.94 -37.77
N LEU F 3553 -42.67 -48.17 -38.55
CA LEU F 3553 -42.18 -46.89 -38.09
C LEU F 3553 -43.22 -45.77 -38.25
N ASP F 3554 -44.21 -45.96 -39.12
CA ASP F 3554 -45.20 -44.91 -39.36
C ASP F 3554 -45.83 -44.41 -38.07
N GLN F 3555 -46.23 -45.33 -37.20
CA GLN F 3555 -46.86 -44.92 -35.95
C GLN F 3555 -45.89 -44.08 -35.12
N GLY F 3556 -46.42 -43.00 -34.57
CA GLY F 3556 -45.61 -41.98 -33.96
C GLY F 3556 -44.98 -41.06 -34.97
N GLY F 3557 -44.81 -41.51 -36.20
CA GLY F 3557 -44.73 -40.63 -37.33
C GLY F 3557 -46.08 -40.13 -37.75
N VAL F 3558 -47.10 -40.68 -37.09
CA VAL F 3558 -48.44 -40.10 -37.17
C VAL F 3558 -48.39 -38.61 -36.97
N ILE F 3559 -47.61 -38.15 -35.99
CA ILE F 3559 -47.60 -36.73 -35.69
C ILE F 3559 -46.71 -35.99 -36.67
N GLN F 3560 -45.77 -36.71 -37.29
CA GLN F 3560 -45.13 -36.16 -38.45
C GLN F 3560 -46.17 -35.81 -39.48
N ASP F 3561 -46.88 -36.83 -39.95
CA ASP F 3561 -47.96 -36.69 -40.92
C ASP F 3561 -48.82 -35.52 -40.48
N PHE F 3562 -49.02 -35.43 -39.17
CA PHE F 3562 -49.64 -34.25 -38.59
C PHE F 3562 -48.88 -33.00 -38.98
N ILE F 3563 -47.57 -33.08 -39.12
CA ILE F 3563 -46.91 -31.88 -39.60
C ILE F 3563 -47.15 -31.75 -41.09
N ASN F 3564 -47.24 -32.88 -41.78
CA ASN F 3564 -47.50 -32.92 -43.21
C ASN F 3564 -48.75 -32.19 -43.59
N ALA F 3565 -49.90 -32.79 -43.32
CA ALA F 3565 -51.14 -32.09 -43.51
C ALA F 3565 -51.11 -30.76 -42.78
N LEU F 3566 -50.52 -30.76 -41.58
CA LEU F 3566 -50.38 -29.53 -40.81
C LEU F 3566 -49.76 -28.44 -41.64
N ASP F 3567 -48.96 -28.79 -42.60
CA ASP F 3567 -48.53 -27.81 -43.55
C ASP F 3567 -49.13 -28.26 -44.88
N GLN F 3568 -50.29 -27.73 -45.19
CA GLN F 3568 -50.67 -27.53 -46.58
C GLN F 3568 -50.21 -26.15 -46.99
N LEU F 3569 -49.56 -25.47 -46.06
CA LEU F 3569 -48.99 -24.15 -46.19
C LEU F 3569 -48.12 -24.16 -47.43
N SER F 3570 -47.97 -23.03 -48.11
CA SER F 3570 -48.29 -21.70 -47.64
C SER F 3570 -49.62 -21.20 -48.14
N ASN F 3571 -49.69 -21.09 -49.45
CA ASN F 3571 -50.90 -20.85 -50.20
C ASN F 3571 -51.06 -21.99 -51.19
N PRO F 3572 -52.28 -22.46 -51.42
CA PRO F 3572 -52.47 -23.57 -52.36
C PRO F 3572 -52.04 -23.21 -53.75
N GLU F 3573 -51.85 -21.93 -54.00
CA GLU F 3573 -51.72 -21.44 -55.36
C GLU F 3573 -50.66 -22.22 -56.14
N LEU F 3574 -49.63 -22.73 -55.46
CA LEU F 3574 -48.73 -23.68 -56.11
C LEU F 3574 -49.30 -25.09 -56.09
N LEU F 3575 -50.13 -25.43 -55.12
CA LEU F 3575 -50.79 -26.72 -55.19
C LEU F 3575 -51.55 -26.82 -56.51
N PHE F 3576 -52.39 -25.83 -56.77
CA PHE F 3576 -53.10 -25.65 -58.03
C PHE F 3576 -52.17 -25.55 -59.23
N LYS F 3577 -51.36 -24.50 -59.30
CA LYS F 3577 -50.56 -24.27 -60.49
C LYS F 3577 -49.64 -25.44 -60.77
N ASP F 3578 -48.96 -25.92 -59.74
CA ASP F 3578 -48.11 -27.09 -59.89
C ASP F 3578 -48.93 -28.31 -60.30
N TRP F 3579 -50.20 -28.35 -59.90
CA TRP F 3579 -51.10 -29.36 -60.44
C TRP F 3579 -51.29 -29.17 -61.94
N SER F 3580 -51.43 -27.91 -62.37
CA SER F 3580 -51.56 -27.62 -63.80
C SER F 3580 -50.29 -28.02 -64.54
N ASN F 3581 -49.16 -27.96 -63.85
CA ASN F 3581 -47.87 -28.18 -64.48
C ASN F 3581 -47.55 -29.65 -64.59
N ASP F 3582 -47.80 -30.40 -63.51
CA ASP F 3582 -47.59 -31.84 -63.53
C ASP F 3582 -48.66 -32.53 -64.37
N VAL F 3583 -49.92 -32.23 -64.07
CA VAL F 3583 -51.03 -32.75 -64.85
C VAL F 3583 -50.88 -32.36 -66.30
N ARG F 3584 -51.00 -31.06 -66.59
CA ARG F 3584 -50.87 -30.56 -67.95
C ARG F 3584 -49.59 -31.05 -68.61
N ALA F 3585 -48.54 -31.29 -67.81
CA ALA F 3585 -47.31 -31.85 -68.35
C ALA F 3585 -47.52 -33.28 -68.83
N GLU F 3586 -48.27 -34.09 -68.08
CA GLU F 3586 -48.53 -35.48 -68.47
C GLU F 3586 -49.35 -35.58 -69.75
N LEU F 3587 -49.86 -34.47 -70.26
CA LEU F 3587 -50.61 -34.49 -71.50
C LEU F 3587 -49.72 -34.64 -72.72
N ALA F 3588 -48.41 -34.51 -72.56
CA ALA F 3588 -47.47 -34.77 -73.64
C ALA F 3588 -47.00 -36.22 -73.65
N LYS F 3589 -47.54 -37.06 -72.77
CA LYS F 3589 -47.08 -38.43 -72.64
C LYS F 3589 -47.66 -39.29 -73.76
N THR F 3590 -47.42 -40.60 -73.68
CA THR F 3590 -47.99 -41.63 -74.55
C THR F 3590 -49.35 -42.00 -73.98
N PRO F 3591 -50.03 -43.04 -74.51
CA PRO F 3591 -51.16 -43.59 -73.75
C PRO F 3591 -50.73 -44.06 -72.38
N VAL F 3592 -51.67 -44.63 -71.63
CA VAL F 3592 -51.51 -44.85 -70.19
C VAL F 3592 -51.33 -43.49 -69.52
N ASN F 3593 -52.40 -42.69 -69.52
CA ASN F 3593 -52.48 -41.45 -68.77
C ASN F 3593 -53.02 -41.65 -67.37
N LYS F 3594 -53.25 -42.90 -66.96
CA LYS F 3594 -54.05 -43.18 -65.79
C LYS F 3594 -53.31 -42.86 -64.50
N LYS F 3595 -52.22 -43.57 -64.23
CA LYS F 3595 -51.42 -43.25 -63.05
C LYS F 3595 -51.04 -41.78 -63.04
N ASN F 3596 -50.69 -41.24 -64.22
CA ASN F 3596 -50.15 -39.90 -64.42
C ASN F 3596 -50.93 -38.87 -63.64
N ILE F 3597 -52.16 -38.60 -64.08
CA ILE F 3597 -52.98 -37.65 -63.37
C ILE F 3597 -53.71 -38.33 -62.23
N GLU F 3598 -53.55 -39.64 -62.11
CA GLU F 3598 -54.27 -40.42 -61.11
C GLU F 3598 -53.83 -40.05 -59.71
N LYS F 3599 -52.54 -40.19 -59.41
CA LYS F 3599 -52.12 -39.75 -58.09
C LYS F 3599 -52.30 -38.25 -57.92
N MET F 3600 -52.09 -37.51 -59.01
CA MET F 3600 -52.36 -36.07 -59.00
C MET F 3600 -53.79 -35.79 -58.53
N TYR F 3601 -54.72 -36.66 -58.90
CA TYR F 3601 -56.09 -36.54 -58.41
C TYR F 3601 -56.17 -36.91 -56.94
N GLU F 3602 -55.51 -38.01 -56.56
CA GLU F 3602 -55.48 -38.43 -55.16
C GLU F 3602 -55.16 -37.24 -54.29
N ARG F 3603 -54.12 -36.52 -54.65
CA ARG F 3603 -53.64 -35.45 -53.80
C ARG F 3603 -54.23 -34.11 -54.22
N MET F 3604 -55.11 -34.14 -55.22
CA MET F 3604 -55.86 -32.94 -55.58
C MET F 3604 -57.17 -32.89 -54.82
N TYR F 3605 -58.11 -33.76 -55.16
CA TYR F 3605 -59.32 -33.87 -54.37
C TYR F 3605 -59.02 -34.36 -52.96
N ALA F 3606 -57.77 -34.76 -52.70
CA ALA F 3606 -57.27 -34.77 -51.33
C ALA F 3606 -56.80 -33.38 -50.91
N ALA F 3607 -56.11 -32.67 -51.78
CA ALA F 3607 -55.57 -31.36 -51.40
C ALA F 3607 -56.57 -30.22 -51.60
N LEU F 3608 -57.23 -30.18 -52.75
CA LEU F 3608 -57.79 -28.91 -53.22
C LEU F 3608 -59.24 -28.98 -53.68
N GLY F 3609 -59.48 -29.78 -54.73
CA GLY F 3609 -60.75 -29.72 -55.45
C GLY F 3609 -61.95 -29.96 -54.57
N ASP F 3610 -61.73 -30.43 -53.34
CA ASP F 3610 -62.77 -30.65 -52.36
C ASP F 3610 -62.44 -29.82 -51.13
N PRO F 3611 -62.34 -28.50 -51.27
CA PRO F 3611 -61.82 -27.70 -50.15
C PRO F 3611 -62.73 -27.81 -48.95
N LYS F 3612 -64.03 -27.66 -49.16
CA LYS F 3612 -65.00 -27.79 -48.09
C LYS F 3612 -65.19 -29.23 -47.65
N ALA F 3613 -64.60 -30.20 -48.35
CA ALA F 3613 -64.68 -31.57 -47.87
C ALA F 3613 -64.15 -31.60 -46.45
N PRO F 3614 -64.95 -32.03 -45.49
CA PRO F 3614 -64.57 -31.83 -44.08
C PRO F 3614 -63.24 -32.47 -43.72
N GLY F 3615 -63.03 -33.72 -44.13
CA GLY F 3615 -61.73 -34.32 -43.98
C GLY F 3615 -60.65 -33.46 -44.60
N LEU F 3616 -60.88 -33.01 -45.84
CA LEU F 3616 -60.03 -31.96 -46.39
C LEU F 3616 -60.12 -30.70 -45.54
N GLY F 3617 -61.34 -30.32 -45.15
CA GLY F 3617 -61.56 -29.06 -44.47
C GLY F 3617 -60.62 -28.81 -43.30
N ALA F 3618 -60.45 -29.81 -42.44
CA ALA F 3618 -59.49 -29.67 -41.36
C ALA F 3618 -58.12 -29.35 -41.91
N PHE F 3619 -57.60 -30.23 -42.75
CA PHE F 3619 -56.31 -30.03 -43.36
C PHE F 3619 -56.35 -28.94 -44.43
N ARG F 3620 -57.53 -28.62 -44.93
CA ARG F 3620 -57.73 -27.35 -45.61
C ARG F 3620 -57.43 -26.19 -44.69
N ARG F 3621 -56.88 -25.14 -45.25
CA ARG F 3621 -56.40 -24.04 -44.44
C ARG F 3621 -57.37 -22.86 -44.51
N LYS F 3622 -57.06 -21.81 -43.75
CA LYS F 3622 -57.94 -20.65 -43.72
C LYS F 3622 -57.88 -19.88 -45.00
N PHE F 3623 -56.70 -19.76 -45.60
CA PHE F 3623 -56.65 -19.26 -46.96
C PHE F 3623 -57.60 -20.04 -47.85
N ILE F 3624 -57.54 -21.38 -47.78
CA ILE F 3624 -58.47 -22.19 -48.53
C ILE F 3624 -59.86 -22.01 -47.96
N GLN F 3625 -59.95 -21.93 -46.63
CA GLN F 3625 -61.22 -21.72 -45.98
C GLN F 3625 -61.94 -20.54 -46.61
N THR F 3626 -61.19 -19.58 -47.14
CA THR F 3626 -61.77 -18.40 -47.75
C THR F 3626 -61.79 -18.53 -49.26
N PHE F 3627 -60.65 -18.33 -49.90
CA PHE F 3627 -60.61 -18.12 -51.31
C PHE F 3627 -60.23 -19.38 -52.08
N GLY F 3628 -59.94 -20.46 -51.37
CA GLY F 3628 -59.60 -21.74 -51.94
C GLY F 3628 -60.80 -22.63 -52.18
N LYS F 3629 -61.97 -22.01 -52.30
CA LYS F 3629 -63.24 -22.74 -52.41
C LYS F 3629 -64.04 -22.29 -53.61
N GLU F 3630 -64.44 -21.02 -53.64
CA GLU F 3630 -65.43 -20.57 -54.61
C GLU F 3630 -64.90 -20.66 -56.03
N PHE F 3631 -63.63 -20.33 -56.22
CA PHE F 3631 -63.01 -20.60 -57.51
C PHE F 3631 -62.60 -22.05 -57.63
N ASP F 3632 -62.32 -22.72 -56.50
CA ASP F 3632 -62.16 -24.17 -56.51
C ASP F 3632 -63.43 -24.86 -56.98
N LYS F 3633 -64.54 -24.13 -57.05
CA LYS F 3633 -65.77 -24.65 -57.63
C LYS F 3633 -65.75 -24.58 -59.15
N HIS F 3634 -65.23 -23.48 -59.72
CA HIS F 3634 -64.77 -23.53 -61.11
C HIS F 3634 -63.93 -24.76 -61.34
N PHE F 3635 -62.98 -25.00 -60.44
CA PHE F 3635 -61.89 -25.91 -60.73
C PHE F 3635 -62.33 -27.37 -60.61
N GLY F 3636 -63.23 -27.67 -59.67
CA GLY F 3636 -63.70 -29.04 -59.52
C GLY F 3636 -64.55 -29.53 -60.65
N LYS F 3637 -64.99 -28.65 -61.54
CA LYS F 3637 -65.90 -29.05 -62.61
C LYS F 3637 -65.12 -29.47 -63.84
N GLY F 3638 -64.51 -28.50 -64.53
CA GLY F 3638 -63.57 -28.85 -65.58
C GLY F 3638 -62.51 -29.80 -65.08
N GLY F 3639 -62.16 -29.68 -63.79
CA GLY F 3639 -61.32 -30.66 -63.15
C GLY F 3639 -62.02 -31.98 -62.86
N SER F 3640 -63.35 -31.99 -62.89
CA SER F 3640 -64.04 -33.27 -62.81
C SER F 3640 -64.04 -33.95 -64.16
N LYS F 3641 -64.29 -33.20 -65.24
CA LYS F 3641 -64.06 -33.69 -66.59
C LYS F 3641 -62.66 -34.26 -66.74
N LEU F 3642 -61.66 -33.39 -66.57
CA LEU F 3642 -60.27 -33.81 -66.55
C LEU F 3642 -60.09 -35.02 -65.65
N LEU F 3643 -60.79 -35.05 -64.52
CA LEU F 3643 -60.79 -36.23 -63.67
C LEU F 3643 -61.37 -37.43 -64.41
N ARG F 3644 -62.20 -37.20 -65.43
CA ARG F 3644 -62.79 -38.29 -66.19
C ARG F 3644 -62.03 -38.68 -67.45
N MET F 3645 -61.07 -37.86 -67.92
CA MET F 3645 -60.63 -37.97 -69.30
C MET F 3645 -59.21 -38.51 -69.45
N LYS F 3646 -58.22 -37.75 -68.99
CA LYS F 3646 -56.81 -38.10 -69.17
C LYS F 3646 -56.42 -38.13 -70.64
N LEU F 3647 -56.76 -37.06 -71.34
CA LEU F 3647 -56.35 -36.82 -72.72
C LEU F 3647 -55.80 -35.41 -72.83
N SER F 3648 -54.95 -35.18 -73.84
CA SER F 3648 -54.11 -33.99 -73.90
C SER F 3648 -54.87 -32.69 -74.13
N ASP F 3649 -56.15 -32.76 -74.51
CA ASP F 3649 -56.88 -31.54 -74.87
C ASP F 3649 -56.73 -30.45 -73.83
N PHE F 3650 -56.79 -30.83 -72.54
CA PHE F 3650 -56.81 -29.84 -71.48
C PHE F 3650 -55.59 -28.95 -71.47
N ASN F 3651 -54.54 -29.28 -72.25
CA ASN F 3651 -53.45 -28.33 -72.42
C ASN F 3651 -53.96 -26.93 -72.73
N ASP F 3652 -54.93 -26.82 -73.65
CA ASP F 3652 -55.55 -25.52 -73.87
C ASP F 3652 -56.50 -25.16 -72.75
N ILE F 3653 -57.27 -26.13 -72.27
CA ILE F 3653 -58.22 -25.87 -71.19
C ILE F 3653 -57.47 -25.47 -69.92
N THR F 3654 -56.36 -26.17 -69.63
CA THR F 3654 -55.51 -25.73 -68.53
C THR F 3654 -55.00 -24.32 -68.78
N ASN F 3655 -54.69 -24.00 -70.04
CA ASN F 3655 -54.41 -22.62 -70.39
C ASN F 3655 -55.50 -21.70 -69.86
N MET F 3656 -56.76 -22.03 -70.13
CA MET F 3656 -57.86 -21.41 -69.41
C MET F 3656 -57.67 -21.61 -67.90
N LEU F 3657 -57.71 -22.87 -67.47
CA LEU F 3657 -57.68 -23.19 -66.05
C LEU F 3657 -56.57 -22.45 -65.32
N LEU F 3658 -55.33 -22.61 -65.79
CA LEU F 3658 -54.21 -21.92 -65.16
C LEU F 3658 -54.52 -20.44 -65.03
N LEU F 3659 -54.81 -19.78 -66.15
CA LEU F 3659 -55.19 -18.37 -66.11
C LEU F 3659 -56.29 -18.13 -65.10
N LYS F 3660 -57.31 -18.98 -65.10
CA LYS F 3660 -58.34 -18.86 -64.08
C LYS F 3660 -57.77 -19.19 -62.71
N MET F 3661 -57.16 -20.38 -62.58
CA MET F 3661 -56.86 -20.90 -61.25
C MET F 3661 -55.86 -20.01 -60.53
N ASN F 3662 -55.02 -19.29 -61.26
CA ASN F 3662 -54.11 -18.34 -60.65
C ASN F 3662 -54.76 -16.98 -60.38
N LYS F 3663 -55.52 -16.45 -61.36
CA LYS F 3663 -55.85 -15.03 -61.29
C LYS F 3663 -56.80 -14.71 -60.16
N ASP F 3664 -57.59 -15.66 -59.71
CA ASP F 3664 -58.51 -15.46 -58.61
C ASP F 3664 -57.90 -15.86 -57.28
N SER F 3665 -56.66 -16.32 -57.29
CA SER F 3665 -55.89 -16.65 -56.11
C SER F 3665 -54.99 -15.50 -55.65
N LYS F 3666 -55.09 -14.34 -56.28
CA LYS F 3666 -54.08 -13.30 -56.07
C LYS F 3666 -54.15 -12.63 -54.70
N PRO F 3667 -55.27 -12.07 -54.25
CA PRO F 3667 -55.25 -11.21 -53.02
C PRO F 3667 -54.78 -11.93 -51.76
N PRO F 3668 -55.00 -13.24 -51.60
CA PRO F 3668 -54.59 -13.91 -50.35
C PRO F 3668 -53.09 -14.06 -50.11
N GLY F 3669 -52.74 -14.95 -49.17
CA GLY F 3669 -51.47 -14.94 -48.47
C GLY F 3669 -51.53 -13.94 -47.34
N ASN F 3670 -52.59 -14.04 -46.55
CA ASN F 3670 -52.96 -13.05 -45.56
C ASN F 3670 -52.40 -13.31 -44.17
N LEU F 3671 -51.53 -14.31 -44.00
CA LEU F 3671 -50.50 -14.17 -42.99
C LEU F 3671 -51.01 -14.04 -41.55
N LYS F 3672 -51.19 -15.17 -40.86
CA LYS F 3672 -51.96 -15.33 -39.65
C LYS F 3672 -53.44 -15.28 -39.95
N GLU F 3673 -53.78 -15.66 -41.19
CA GLU F 3673 -54.95 -16.49 -41.43
C GLU F 3673 -54.48 -17.95 -41.46
N CYS F 3674 -53.54 -18.23 -42.36
CA CYS F 3674 -52.82 -19.50 -42.36
C CYS F 3674 -52.36 -19.89 -40.97
N SER F 3675 -51.84 -18.93 -40.21
CA SER F 3675 -51.14 -19.28 -38.97
C SER F 3675 -52.07 -19.85 -37.92
N PRO F 3676 -53.22 -19.25 -37.62
CA PRO F 3676 -54.12 -19.88 -36.64
C PRO F 3676 -54.69 -21.19 -37.09
N TRP F 3677 -55.07 -21.32 -38.36
CA TRP F 3677 -55.37 -22.65 -38.88
C TRP F 3677 -54.24 -23.58 -38.51
N MET F 3678 -53.02 -23.12 -38.77
CA MET F 3678 -51.81 -23.79 -38.37
C MET F 3678 -51.67 -23.84 -36.86
N SER F 3679 -52.56 -23.24 -36.11
CA SER F 3679 -52.35 -23.25 -34.68
C SER F 3679 -52.75 -24.56 -34.05
N ASP F 3680 -53.22 -25.53 -34.83
CA ASP F 3680 -53.02 -26.87 -34.33
C ASP F 3680 -51.53 -27.12 -34.41
N PHE F 3681 -51.08 -28.26 -33.88
CA PHE F 3681 -49.82 -28.41 -33.16
C PHE F 3681 -50.02 -28.62 -31.67
N LYS F 3682 -51.26 -28.60 -31.21
CA LYS F 3682 -51.54 -29.41 -30.02
C LYS F 3682 -50.75 -28.99 -28.78
N VAL F 3683 -49.84 -29.88 -28.37
CA VAL F 3683 -49.20 -29.95 -27.05
C VAL F 3683 -50.25 -30.32 -26.02
N GLU F 3684 -50.71 -31.56 -26.08
CA GLU F 3684 -51.50 -32.19 -25.03
C GLU F 3684 -51.03 -33.63 -24.89
N PHE F 3685 -51.15 -34.16 -23.67
CA PHE F 3685 -50.33 -35.27 -23.23
C PHE F 3685 -48.90 -34.92 -23.61
N LEU F 3686 -48.57 -33.64 -23.45
CA LEU F 3686 -47.37 -33.01 -23.96
C LEU F 3686 -47.13 -33.50 -25.38
N ARG F 3687 -47.97 -33.06 -26.31
CA ARG F 3687 -47.92 -33.57 -27.67
C ARG F 3687 -48.05 -35.09 -27.71
N ASN F 3688 -48.83 -35.64 -26.79
CA ASN F 3688 -49.14 -37.08 -26.76
C ASN F 3688 -47.90 -37.94 -26.64
N GLU F 3689 -46.82 -37.39 -26.09
CA GLU F 3689 -45.62 -38.16 -25.79
C GLU F 3689 -45.06 -38.84 -27.05
N LEU F 3690 -44.69 -38.01 -28.01
CA LEU F 3690 -43.90 -38.45 -29.16
C LEU F 3690 -42.82 -37.40 -29.38
N GLU F 3691 -41.57 -37.78 -29.18
CA GLU F 3691 -40.52 -36.78 -29.26
C GLU F 3691 -40.24 -36.43 -30.70
N ILE F 3692 -39.88 -35.17 -30.91
CA ILE F 3692 -39.94 -34.53 -32.21
C ILE F 3692 -38.59 -33.89 -32.51
N PRO F 3693 -38.11 -33.89 -33.76
CA PRO F 3693 -36.85 -33.20 -34.06
C PRO F 3693 -36.99 -31.73 -33.77
N GLY F 3694 -35.89 -31.01 -33.91
CA GLY F 3694 -35.86 -29.58 -33.88
C GLY F 3694 -36.02 -29.16 -35.32
N GLN F 3695 -36.73 -29.98 -36.10
CA GLN F 3695 -36.72 -29.88 -37.55
C GLN F 3695 -35.40 -30.28 -38.15
N TYR F 3696 -35.21 -31.59 -38.33
CA TYR F 3696 -33.98 -32.09 -38.91
C TYR F 3696 -32.81 -31.75 -38.03
N ASP F 3697 -32.61 -32.55 -37.01
CA ASP F 3697 -31.63 -32.23 -36.01
C ASP F 3697 -30.32 -32.93 -36.34
N GLY F 3698 -29.34 -32.16 -36.71
CA GLY F 3698 -27.95 -32.57 -36.65
C GLY F 3698 -27.33 -32.87 -38.00
N ARG F 3699 -26.04 -32.60 -38.08
CA ARG F 3699 -25.27 -32.61 -39.33
C ARG F 3699 -24.46 -33.87 -39.52
N GLY F 3700 -24.64 -34.89 -38.69
CA GLY F 3700 -23.79 -36.05 -38.77
C GLY F 3700 -22.59 -36.05 -37.87
N LYS F 3701 -22.67 -35.48 -36.69
CA LYS F 3701 -21.62 -35.76 -35.75
C LYS F 3701 -22.14 -36.56 -34.56
N PRO F 3702 -21.31 -37.43 -33.98
CA PRO F 3702 -21.83 -38.65 -33.33
C PRO F 3702 -22.81 -38.41 -32.20
N LEU F 3703 -23.55 -39.48 -31.89
CA LEU F 3703 -24.52 -39.58 -30.82
C LEU F 3703 -25.75 -38.75 -31.18
N PRO F 3704 -26.93 -39.07 -30.64
CA PRO F 3704 -28.15 -38.43 -31.16
C PRO F 3704 -28.05 -36.94 -30.96
N GLU F 3705 -28.14 -36.21 -32.06
CA GLU F 3705 -28.00 -34.77 -31.98
C GLU F 3705 -29.34 -34.10 -31.80
N TYR F 3706 -30.40 -34.86 -31.63
CA TYR F 3706 -31.64 -34.30 -31.16
C TYR F 3706 -31.87 -34.81 -29.76
N HIS F 3707 -31.61 -33.95 -28.80
CA HIS F 3707 -32.16 -34.03 -27.47
C HIS F 3707 -33.24 -32.99 -27.26
N VAL F 3708 -33.64 -32.32 -28.33
CA VAL F 3708 -34.58 -31.22 -28.30
C VAL F 3708 -35.85 -31.62 -29.02
N ARG F 3709 -36.95 -30.96 -28.64
CA ARG F 3709 -38.25 -31.15 -29.27
C ARG F 3709 -38.67 -29.88 -29.98
N ILE F 3710 -39.08 -29.99 -31.25
CA ILE F 3710 -39.46 -28.81 -32.01
C ILE F 3710 -40.54 -28.00 -31.32
N ALA F 3711 -41.50 -28.68 -30.70
CA ALA F 3711 -42.54 -28.02 -29.95
C ALA F 3711 -43.25 -26.93 -30.72
N GLY F 3712 -43.54 -25.84 -30.04
CA GLY F 3712 -44.58 -24.92 -30.42
C GLY F 3712 -44.23 -24.04 -31.58
N PHE F 3713 -45.10 -23.06 -31.84
CA PHE F 3713 -44.97 -22.19 -32.98
C PHE F 3713 -45.67 -20.87 -32.67
N ASP F 3714 -45.12 -19.78 -33.17
CA ASP F 3714 -45.82 -18.51 -33.13
C ASP F 3714 -46.42 -18.25 -34.50
N GLU F 3715 -47.58 -17.62 -34.52
CA GLU F 3715 -48.25 -17.35 -35.78
C GLU F 3715 -47.50 -16.38 -36.67
N ARG F 3716 -46.47 -15.72 -36.15
CA ARG F 3716 -45.74 -14.74 -36.96
C ARG F 3716 -45.12 -15.41 -38.17
N VAL F 3717 -45.43 -14.89 -39.36
CA VAL F 3717 -44.93 -15.47 -40.59
C VAL F 3717 -44.95 -14.39 -41.67
N THR F 3718 -44.06 -14.54 -42.65
CA THR F 3718 -44.13 -13.75 -43.86
C THR F 3718 -43.42 -14.54 -44.96
N VAL F 3719 -43.77 -14.23 -46.20
CA VAL F 3719 -43.13 -14.83 -47.36
C VAL F 3719 -42.26 -13.79 -48.01
N MET F 3720 -41.14 -14.23 -48.56
CA MET F 3720 -40.47 -13.44 -49.56
C MET F 3720 -41.24 -13.59 -50.86
N ALA F 3721 -41.63 -12.46 -51.44
CA ALA F 3721 -42.38 -12.49 -52.70
C ALA F 3721 -41.58 -13.25 -53.73
N SER F 3722 -42.17 -14.30 -54.29
CA SER F 3722 -41.40 -15.25 -55.06
C SER F 3722 -42.33 -16.00 -55.98
N LEU F 3723 -41.75 -16.85 -56.80
CA LEU F 3723 -42.51 -17.99 -57.28
C LEU F 3723 -42.82 -18.93 -56.13
N ARG F 3724 -42.00 -18.92 -55.09
CA ARG F 3724 -42.31 -19.70 -53.90
C ARG F 3724 -43.29 -18.98 -52.99
N ARG F 3725 -43.09 -17.68 -52.75
CA ARG F 3725 -43.66 -16.98 -51.61
C ARG F 3725 -43.57 -17.89 -50.39
N PRO F 3726 -42.38 -18.27 -49.97
CA PRO F 3726 -42.24 -19.22 -48.88
C PRO F 3726 -42.60 -18.58 -47.55
N LYS F 3727 -43.42 -19.27 -46.76
CA LYS F 3727 -43.75 -18.76 -45.44
C LYS F 3727 -42.61 -18.98 -44.47
N ARG F 3728 -42.22 -17.91 -43.80
CA ARG F 3728 -41.21 -17.96 -42.74
C ARG F 3728 -41.93 -17.97 -41.41
N ILE F 3729 -41.90 -19.11 -40.76
CA ILE F 3729 -42.78 -19.43 -39.67
C ILE F 3729 -41.96 -19.57 -38.40
N ILE F 3730 -42.63 -19.50 -37.27
CA ILE F 3730 -41.97 -19.54 -35.97
C ILE F 3730 -41.98 -20.96 -35.45
N ILE F 3731 -40.80 -21.49 -35.18
CA ILE F 3731 -40.68 -22.74 -34.44
C ILE F 3731 -40.47 -22.39 -32.97
N ARG F 3732 -41.47 -22.66 -32.14
CA ARG F 3732 -41.36 -22.33 -30.73
C ARG F 3732 -40.96 -23.56 -29.92
N GLY F 3733 -40.05 -23.34 -28.98
CA GLY F 3733 -39.19 -24.40 -28.48
C GLY F 3733 -39.77 -25.16 -27.29
N HIS F 3734 -39.35 -26.40 -27.19
CA HIS F 3734 -39.65 -27.27 -26.06
C HIS F 3734 -38.81 -26.89 -24.85
N ASP F 3735 -37.50 -27.01 -25.00
CA ASP F 3735 -36.52 -26.87 -23.96
C ASP F 3735 -36.13 -25.41 -23.74
N GLU F 3736 -36.98 -24.48 -24.17
CA GLU F 3736 -36.71 -23.05 -24.13
C GLU F 3736 -35.66 -22.66 -25.15
N ARG F 3737 -35.90 -23.07 -26.39
CA ARG F 3737 -35.16 -22.64 -27.56
C ARG F 3737 -36.10 -21.82 -28.44
N GLU F 3738 -35.53 -21.00 -29.32
CA GLU F 3738 -36.33 -20.25 -30.27
C GLU F 3738 -35.79 -20.44 -31.67
N HIS F 3739 -36.64 -20.91 -32.58
CA HIS F 3739 -36.20 -21.39 -33.89
C HIS F 3739 -37.19 -21.12 -34.99
N PRO F 3740 -37.26 -19.90 -35.49
CA PRO F 3740 -38.02 -19.64 -36.72
C PRO F 3740 -37.24 -20.05 -37.96
N PHE F 3741 -37.99 -20.35 -39.02
CA PHE F 3741 -37.39 -20.83 -40.28
C PHE F 3741 -38.30 -20.52 -41.44
N LEU F 3742 -38.01 -21.14 -42.58
CA LEU F 3742 -38.75 -20.94 -43.82
C LEU F 3742 -39.31 -22.27 -44.30
N VAL F 3743 -39.94 -22.26 -45.47
CA VAL F 3743 -40.67 -23.41 -45.99
C VAL F 3743 -40.54 -23.40 -47.51
N LYS F 3744 -40.51 -24.57 -48.13
CA LYS F 3744 -40.65 -24.66 -49.59
C LYS F 3744 -41.72 -25.70 -49.93
N GLY F 3745 -42.86 -25.22 -50.42
CA GLY F 3745 -44.00 -26.09 -50.54
C GLY F 3745 -44.31 -26.64 -51.91
N GLY F 3746 -43.81 -25.99 -52.94
CA GLY F 3746 -44.13 -26.42 -54.29
C GLY F 3746 -43.00 -27.32 -54.76
N GLU F 3747 -41.92 -27.29 -54.00
CA GLU F 3747 -40.74 -28.06 -54.29
C GLU F 3747 -40.23 -28.68 -53.01
N ASP F 3748 -39.56 -29.82 -53.16
CA ASP F 3748 -38.95 -30.53 -52.05
C ASP F 3748 -37.55 -30.94 -52.49
N LEU F 3749 -36.54 -30.64 -51.67
CA LEU F 3749 -35.16 -30.79 -52.10
C LEU F 3749 -34.46 -31.85 -51.29
N ARG F 3750 -34.27 -33.02 -51.89
CA ARG F 3750 -33.28 -33.97 -51.43
C ARG F 3750 -31.98 -33.79 -52.16
N GLN F 3751 -32.00 -32.98 -53.21
CA GLN F 3751 -30.83 -32.61 -53.99
C GLN F 3751 -29.98 -31.61 -53.23
N ASP F 3752 -30.52 -30.43 -52.93
CA ASP F 3752 -29.70 -29.49 -52.17
C ASP F 3752 -29.34 -30.07 -50.82
N GLN F 3753 -30.11 -31.05 -50.35
CA GLN F 3753 -29.62 -31.90 -49.29
C GLN F 3753 -28.20 -32.29 -49.64
N ARG F 3754 -28.06 -33.06 -50.71
CA ARG F 3754 -26.73 -33.44 -51.16
C ARG F 3754 -25.81 -32.25 -51.27
N VAL F 3755 -26.36 -31.11 -51.66
CA VAL F 3755 -25.53 -29.95 -51.93
C VAL F 3755 -24.78 -29.53 -50.67
N GLU F 3756 -25.52 -29.26 -49.61
CA GLU F 3756 -24.79 -29.02 -48.38
C GLU F 3756 -23.99 -30.25 -48.02
N GLN F 3757 -24.56 -31.43 -48.26
CA GLN F 3757 -23.89 -32.66 -47.91
C GLN F 3757 -22.50 -32.68 -48.47
N LEU F 3758 -22.25 -31.94 -49.53
CA LEU F 3758 -20.87 -31.67 -49.87
C LEU F 3758 -20.30 -30.53 -49.06
N PHE F 3759 -21.03 -29.40 -48.98
CA PHE F 3759 -20.42 -28.23 -48.36
C PHE F 3759 -19.76 -28.60 -47.06
N GLN F 3760 -20.52 -29.26 -46.21
CA GLN F 3760 -20.03 -29.78 -44.95
C GLN F 3760 -18.72 -30.52 -45.14
N VAL F 3761 -18.60 -31.29 -46.21
CA VAL F 3761 -17.32 -31.92 -46.44
C VAL F 3761 -16.27 -30.86 -46.65
N MET F 3762 -16.49 -30.03 -47.66
CA MET F 3762 -15.48 -29.10 -48.11
C MET F 3762 -14.92 -28.30 -46.94
N ASN F 3763 -15.78 -27.53 -46.28
CA ASN F 3763 -15.27 -26.86 -45.10
C ASN F 3763 -14.73 -27.86 -44.10
N GLY F 3764 -15.18 -29.10 -44.15
CA GLY F 3764 -14.45 -30.16 -43.47
C GLY F 3764 -12.98 -30.11 -43.84
N ILE F 3765 -12.70 -29.83 -45.10
CA ILE F 3765 -11.31 -29.72 -45.48
C ILE F 3765 -10.76 -28.40 -44.99
N LEU F 3766 -11.58 -27.34 -44.97
CA LEU F 3766 -11.14 -26.12 -44.33
C LEU F 3766 -10.56 -26.43 -42.96
N ALA F 3767 -11.20 -27.37 -42.26
CA ALA F 3767 -10.61 -27.85 -41.02
C ALA F 3767 -9.32 -28.59 -41.30
N GLN F 3768 -9.31 -29.45 -42.32
CA GLN F 3768 -8.13 -30.26 -42.55
C GLN F 3768 -6.88 -29.42 -42.71
N ASP F 3769 -7.03 -28.18 -43.17
CA ASP F 3769 -5.92 -27.28 -43.32
C ASP F 3769 -5.95 -26.17 -42.29
N SER F 3770 -4.89 -26.10 -41.48
CA SER F 3770 -4.64 -24.93 -40.65
C SER F 3770 -4.80 -23.65 -41.45
N ALA F 3771 -3.98 -23.49 -42.49
CA ALA F 3771 -3.95 -22.25 -43.25
C ALA F 3771 -5.35 -21.80 -43.67
N CYS F 3772 -6.26 -22.75 -43.87
CA CYS F 3772 -7.66 -22.37 -44.05
C CYS F 3772 -8.18 -21.58 -42.86
N SER F 3773 -8.05 -22.16 -41.67
CA SER F 3773 -8.32 -21.41 -40.45
C SER F 3773 -7.60 -20.08 -40.48
N GLN F 3774 -6.32 -20.10 -40.86
CA GLN F 3774 -5.56 -18.87 -40.96
C GLN F 3774 -6.23 -17.90 -41.90
N ARG F 3775 -7.07 -18.40 -42.79
CA ARG F 3775 -7.95 -17.55 -43.56
C ARG F 3775 -9.37 -17.53 -43.02
N ALA F 3776 -9.64 -18.27 -41.95
CA ALA F 3776 -10.96 -18.29 -41.31
C ALA F 3776 -12.04 -18.54 -42.37
N LEU F 3777 -12.02 -19.77 -42.86
CA LEU F 3777 -12.80 -20.13 -44.02
C LEU F 3777 -14.06 -20.85 -43.58
N GLN F 3778 -15.19 -20.21 -43.82
CA GLN F 3778 -16.42 -20.59 -43.18
C GLN F 3778 -17.21 -21.53 -44.08
N LEU F 3779 -18.46 -21.76 -43.71
CA LEU F 3779 -19.44 -22.30 -44.62
C LEU F 3779 -20.79 -21.67 -44.35
N ARG F 3780 -21.38 -21.07 -45.38
CA ARG F 3780 -22.82 -20.91 -45.38
C ARG F 3780 -23.47 -22.27 -45.59
N THR F 3781 -24.49 -22.55 -44.80
CA THR F 3781 -25.19 -23.83 -44.83
C THR F 3781 -26.68 -23.57 -44.98
N TYR F 3782 -27.48 -24.61 -44.76
CA TYR F 3782 -28.92 -24.48 -44.62
C TYR F 3782 -29.46 -25.82 -44.15
N SER F 3783 -30.79 -25.92 -44.11
CA SER F 3783 -31.45 -27.15 -43.72
C SER F 3783 -32.84 -27.20 -44.33
N VAL F 3784 -33.37 -28.43 -44.39
CA VAL F 3784 -34.64 -28.72 -45.04
C VAL F 3784 -35.31 -29.85 -44.28
N VAL F 3785 -36.64 -29.81 -44.22
CA VAL F 3785 -37.43 -30.83 -43.55
C VAL F 3785 -38.41 -31.40 -44.56
N PRO F 3786 -37.89 -32.12 -45.56
CA PRO F 3786 -38.65 -32.73 -46.65
C PRO F 3786 -39.60 -33.83 -46.20
N MET F 3787 -40.84 -33.45 -45.89
CA MET F 3787 -41.83 -34.42 -45.49
C MET F 3787 -42.38 -35.19 -46.67
N THR F 3788 -42.60 -34.52 -47.80
CA THR F 3788 -43.28 -35.18 -48.89
C THR F 3788 -42.87 -34.56 -50.23
N SER F 3789 -43.61 -34.96 -51.25
CA SER F 3789 -43.12 -34.92 -52.63
C SER F 3789 -42.78 -33.51 -53.09
N ARG F 3790 -43.77 -32.61 -53.08
CA ARG F 3790 -43.53 -31.26 -53.57
C ARG F 3790 -43.05 -30.33 -52.49
N LEU F 3791 -42.77 -30.81 -51.29
CA LEU F 3791 -42.54 -29.82 -50.28
C LEU F 3791 -41.73 -30.37 -49.13
N GLY F 3792 -41.11 -29.44 -48.43
CA GLY F 3792 -40.53 -29.69 -47.13
C GLY F 3792 -40.25 -28.37 -46.47
N LEU F 3793 -40.11 -28.41 -45.16
CA LEU F 3793 -39.68 -27.21 -44.46
C LEU F 3793 -38.24 -26.93 -44.82
N ILE F 3794 -37.88 -25.65 -44.84
CA ILE F 3794 -36.52 -25.27 -45.18
C ILE F 3794 -36.01 -24.29 -44.14
N GLU F 3795 -34.76 -24.46 -43.74
CA GLU F 3795 -34.21 -23.61 -42.70
C GLU F 3795 -34.22 -22.15 -43.16
N TRP F 3796 -34.21 -21.24 -42.19
CA TRP F 3796 -34.09 -19.83 -42.52
C TRP F 3796 -33.16 -19.13 -41.53
N LEU F 3797 -32.51 -18.07 -42.00
CA LEU F 3797 -31.61 -17.29 -41.16
C LEU F 3797 -31.67 -15.83 -41.58
N GLU F 3798 -31.39 -14.94 -40.62
CA GLU F 3798 -31.78 -13.54 -40.67
C GLU F 3798 -30.58 -12.61 -40.73
N ASN F 3799 -30.90 -11.31 -40.62
CA ASN F 3799 -29.98 -10.20 -40.88
C ASN F 3799 -29.49 -10.26 -42.31
N THR F 3800 -30.26 -10.95 -43.14
CA THR F 3800 -29.78 -11.53 -44.39
C THR F 3800 -30.71 -11.10 -45.51
N VAL F 3801 -30.22 -10.27 -46.41
CA VAL F 3801 -31.02 -9.75 -47.51
C VAL F 3801 -30.09 -9.55 -48.70
N THR F 3802 -30.65 -9.66 -49.89
CA THR F 3802 -29.83 -9.57 -51.09
C THR F 3802 -28.95 -8.34 -51.01
N LEU F 3803 -27.72 -8.53 -51.40
CA LEU F 3803 -26.91 -7.39 -51.77
C LEU F 3803 -27.69 -6.43 -52.65
N LYS F 3804 -28.48 -6.97 -53.57
CA LYS F 3804 -29.23 -6.16 -54.51
C LYS F 3804 -30.06 -5.14 -53.76
N ASP F 3805 -30.52 -5.49 -52.57
CA ASP F 3805 -31.31 -4.57 -51.77
C ASP F 3805 -30.58 -3.25 -51.58
N LEU F 3806 -29.57 -3.30 -50.72
CA LEU F 3806 -28.88 -2.08 -50.37
C LEU F 3806 -28.36 -1.42 -51.62
N LEU F 3807 -27.87 -2.24 -52.54
CA LEU F 3807 -27.53 -1.76 -53.87
C LEU F 3807 -28.60 -0.85 -54.41
N LEU F 3808 -29.83 -1.28 -54.31
CA LEU F 3808 -30.88 -0.54 -54.97
C LEU F 3808 -31.26 0.67 -54.17
N ASN F 3809 -31.55 0.50 -52.89
CA ASN F 3809 -32.01 1.64 -52.11
C ASN F 3809 -31.05 2.80 -52.26
N THR F 3810 -29.75 2.51 -52.19
CA THR F 3810 -28.82 3.57 -52.50
C THR F 3810 -28.88 3.94 -53.97
N MET F 3811 -29.17 2.98 -54.84
CA MET F 3811 -29.23 3.27 -56.26
C MET F 3811 -30.29 4.32 -56.56
N SER F 3812 -31.55 3.90 -56.47
CA SER F 3812 -32.69 4.81 -56.59
C SER F 3812 -32.53 6.04 -55.72
N GLN F 3813 -32.64 5.88 -54.40
CA GLN F 3813 -32.73 7.10 -53.60
C GLN F 3813 -31.49 7.95 -53.73
N GLU F 3814 -30.42 7.40 -54.29
CA GLU F 3814 -29.49 8.31 -54.92
C GLU F 3814 -29.90 8.62 -56.35
N GLU F 3815 -29.93 7.63 -57.22
CA GLU F 3815 -30.18 8.00 -58.61
C GLU F 3815 -31.64 8.35 -58.75
N LYS F 3816 -31.88 9.64 -58.95
CA LYS F 3816 -33.19 10.24 -58.79
C LYS F 3816 -33.77 9.70 -57.49
N ALA F 3817 -35.00 9.19 -57.46
CA ALA F 3817 -35.60 8.81 -56.19
C ALA F 3817 -35.88 7.32 -56.10
N ALA F 3818 -36.88 6.84 -56.84
CA ALA F 3818 -37.22 5.42 -56.87
C ALA F 3818 -36.72 4.69 -58.12
N TYR F 3819 -36.10 5.38 -59.07
CA TYR F 3819 -35.88 4.81 -60.38
C TYR F 3819 -34.83 3.73 -60.44
N LEU F 3820 -34.02 3.58 -59.39
CA LEU F 3820 -32.72 2.96 -59.54
C LEU F 3820 -32.05 3.79 -60.63
N SER F 3821 -31.23 3.14 -61.45
CA SER F 3821 -30.99 3.58 -62.80
C SER F 3821 -31.71 2.70 -63.82
N ASP F 3822 -32.38 1.66 -63.37
CA ASP F 3822 -32.77 0.57 -64.27
C ASP F 3822 -33.50 1.04 -65.52
N PRO F 3823 -34.42 2.05 -65.47
CA PRO F 3823 -34.95 2.65 -66.71
C PRO F 3823 -33.97 3.60 -67.38
N ARG F 3824 -32.72 3.17 -67.51
CA ARG F 3824 -31.80 3.81 -68.43
C ARG F 3824 -32.12 3.34 -69.83
N ALA F 3825 -31.81 4.19 -70.80
CA ALA F 3825 -31.77 3.71 -72.17
C ALA F 3825 -30.77 2.57 -72.36
N PRO F 3826 -29.54 2.64 -71.84
CA PRO F 3826 -28.51 1.64 -72.17
C PRO F 3826 -28.97 0.21 -72.00
N PRO F 3827 -29.63 -0.18 -70.90
CA PRO F 3827 -30.02 -1.60 -70.78
C PRO F 3827 -30.86 -2.07 -71.94
N CYS F 3828 -31.90 -1.30 -72.26
CA CYS F 3828 -32.76 -1.64 -73.38
C CYS F 3828 -32.01 -1.51 -74.69
N GLU F 3829 -30.92 -0.74 -74.68
CA GLU F 3829 -30.13 -0.55 -75.90
C GLU F 3829 -29.23 -1.74 -76.18
N TYR F 3830 -28.61 -2.31 -75.14
CA TYR F 3830 -27.93 -3.58 -75.35
C TYR F 3830 -28.92 -4.65 -75.72
N LYS F 3831 -30.11 -4.62 -75.12
CA LYS F 3831 -31.18 -5.46 -75.63
C LYS F 3831 -31.42 -5.19 -77.11
N ASP F 3832 -31.22 -3.94 -77.55
CA ASP F 3832 -31.40 -3.62 -78.96
C ASP F 3832 -30.32 -4.27 -79.81
N TRP F 3833 -29.07 -4.24 -79.35
CA TRP F 3833 -28.01 -4.90 -80.11
C TRP F 3833 -28.20 -6.40 -80.13
N LEU F 3834 -28.63 -6.97 -79.01
CA LEU F 3834 -29.08 -8.35 -78.97
C LEU F 3834 -30.10 -8.62 -80.07
N THR F 3835 -31.11 -7.77 -80.15
CA THR F 3835 -32.17 -7.96 -81.14
C THR F 3835 -31.66 -7.74 -82.55
N LYS F 3836 -30.58 -6.96 -82.70
CA LYS F 3836 -30.05 -6.73 -84.04
C LYS F 3836 -29.23 -7.91 -84.51
N MET F 3837 -28.49 -8.54 -83.61
CA MET F 3837 -27.66 -9.67 -83.97
C MET F 3837 -28.28 -11.02 -83.62
N SER F 3838 -29.46 -11.04 -83.01
CA SER F 3838 -30.19 -12.29 -82.82
C SER F 3838 -31.67 -11.93 -82.65
N GLY F 3839 -32.47 -12.90 -82.21
CA GLY F 3839 -33.90 -12.81 -82.41
C GLY F 3839 -34.55 -11.65 -81.69
N LYS F 3840 -35.85 -11.49 -81.95
CA LYS F 3840 -36.68 -10.53 -81.22
C LYS F 3840 -37.61 -11.36 -80.33
N HIS F 3841 -37.27 -11.45 -79.04
CA HIS F 3841 -38.14 -11.95 -77.97
C HIS F 3841 -37.34 -12.16 -76.70
N ASP F 3842 -38.03 -12.30 -75.56
CA ASP F 3842 -37.38 -12.34 -74.25
C ASP F 3842 -36.94 -13.74 -73.84
N VAL F 3843 -37.05 -14.72 -74.72
CA VAL F 3843 -36.69 -16.09 -74.38
C VAL F 3843 -35.30 -16.37 -74.90
N GLY F 3844 -35.18 -16.50 -76.21
CA GLY F 3844 -33.92 -16.69 -76.90
C GLY F 3844 -33.38 -15.36 -77.34
N ALA F 3845 -32.77 -15.32 -78.52
CA ALA F 3845 -32.06 -14.20 -79.10
C ALA F 3845 -30.69 -14.09 -78.46
N TYR F 3846 -30.39 -14.95 -77.49
CA TYR F 3846 -29.01 -15.23 -77.15
C TYR F 3846 -28.48 -16.37 -77.99
N MET F 3847 -29.29 -16.81 -78.93
CA MET F 3847 -28.96 -17.85 -79.87
C MET F 3847 -27.80 -17.47 -80.78
N LEU F 3848 -28.02 -16.48 -81.65
CA LEU F 3848 -27.20 -16.35 -82.85
C LEU F 3848 -25.79 -15.95 -82.46
N MET F 3849 -25.62 -14.74 -81.93
CA MET F 3849 -24.41 -14.44 -81.18
C MET F 3849 -23.16 -14.56 -82.05
N TYR F 3850 -22.98 -13.55 -82.88
CA TYR F 3850 -21.84 -13.43 -83.76
C TYR F 3850 -21.01 -12.22 -83.36
N LYS F 3851 -19.96 -11.95 -84.13
CA LYS F 3851 -19.10 -10.77 -83.95
C LYS F 3851 -18.43 -10.78 -82.58
N GLY F 3852 -17.54 -11.76 -82.41
CA GLY F 3852 -16.95 -12.01 -81.11
C GLY F 3852 -16.04 -10.87 -80.66
N ALA F 3853 -15.25 -10.35 -81.58
CA ALA F 3853 -14.59 -9.08 -81.31
C ALA F 3853 -15.63 -8.02 -80.98
N ASN F 3854 -16.65 -7.89 -81.82
CA ASN F 3854 -17.73 -6.96 -81.51
C ASN F 3854 -18.47 -7.37 -80.24
N ARG F 3855 -18.52 -8.66 -79.96
CA ARG F 3855 -19.10 -9.10 -78.70
C ARG F 3855 -18.35 -8.42 -77.55
N THR F 3856 -17.03 -8.55 -77.56
CA THR F 3856 -16.20 -7.79 -76.62
C THR F 3856 -16.55 -6.32 -76.66
N GLU F 3857 -16.50 -5.72 -77.86
CA GLU F 3857 -16.72 -4.29 -78.04
C GLU F 3857 -17.95 -3.81 -77.29
N THR F 3858 -19.11 -4.29 -77.74
CA THR F 3858 -20.36 -3.97 -77.08
C THR F 3858 -20.25 -4.15 -75.57
N VAL F 3859 -20.05 -5.39 -75.13
CA VAL F 3859 -20.26 -5.67 -73.72
C VAL F 3859 -19.35 -4.81 -72.85
N THR F 3860 -18.14 -4.53 -73.33
CA THR F 3860 -17.33 -3.50 -72.70
C THR F 3860 -18.11 -2.21 -72.64
N SER F 3861 -18.33 -1.64 -73.82
CA SER F 3861 -18.89 -0.31 -73.94
C SER F 3861 -20.13 -0.14 -73.08
N PHE F 3862 -21.20 -0.85 -73.44
CA PHE F 3862 -22.41 -0.89 -72.63
C PHE F 3862 -22.06 -1.09 -71.17
N ARG F 3863 -21.47 -2.27 -70.90
CA ARG F 3863 -21.26 -2.75 -69.55
C ARG F 3863 -20.72 -1.67 -68.64
N LYS F 3864 -19.74 -0.93 -69.13
CA LYS F 3864 -19.02 -0.04 -68.27
C LYS F 3864 -19.82 1.22 -67.97
N ARG F 3865 -20.39 1.83 -69.00
CA ARG F 3865 -21.22 3.01 -68.78
C ARG F 3865 -22.44 2.67 -67.93
N GLU F 3866 -22.87 1.43 -67.95
CA GLU F 3866 -23.93 0.98 -67.05
C GLU F 3866 -23.43 0.87 -65.62
N SER F 3867 -22.26 0.24 -65.45
CA SER F 3867 -21.93 -0.51 -64.24
C SER F 3867 -21.04 0.20 -63.23
N LYS F 3868 -20.57 1.41 -63.51
CA LYS F 3868 -19.57 1.97 -62.61
C LYS F 3868 -20.21 2.51 -61.33
N VAL F 3869 -21.23 3.34 -61.48
CA VAL F 3869 -21.87 3.94 -60.32
C VAL F 3869 -22.37 2.89 -59.33
N PRO F 3870 -23.00 1.80 -59.76
CA PRO F 3870 -23.44 0.81 -58.77
C PRO F 3870 -22.31 0.21 -57.97
N ALA F 3871 -21.08 0.25 -58.49
CA ALA F 3871 -19.95 -0.06 -57.64
C ALA F 3871 -19.85 0.92 -56.48
N ASP F 3872 -19.98 2.22 -56.77
CA ASP F 3872 -20.04 3.22 -55.72
C ASP F 3872 -21.09 2.85 -54.71
N LEU F 3873 -22.12 2.13 -55.14
CA LEU F 3873 -23.13 1.65 -54.23
C LEU F 3873 -22.63 0.46 -53.43
N LEU F 3874 -21.90 -0.45 -54.06
CA LEU F 3874 -21.38 -1.61 -53.33
C LEU F 3874 -20.54 -1.15 -52.18
N LYS F 3875 -19.52 -0.36 -52.48
CA LYS F 3875 -18.74 0.28 -51.46
C LYS F 3875 -19.62 1.15 -50.58
N ARG F 3876 -20.70 1.68 -51.14
CA ARG F 3876 -21.40 2.80 -50.51
C ARG F 3876 -22.35 2.31 -49.42
N ALA F 3877 -23.43 1.68 -49.83
CA ALA F 3877 -24.23 0.95 -48.86
C ALA F 3877 -23.36 -0.01 -48.07
N PHE F 3878 -22.29 -0.53 -48.67
CA PHE F 3878 -21.32 -1.23 -47.86
C PHE F 3878 -20.94 -0.34 -46.69
N VAL F 3879 -20.82 0.96 -46.94
CA VAL F 3879 -20.49 1.89 -45.86
C VAL F 3879 -21.65 2.04 -44.90
N ARG F 3880 -22.84 2.35 -45.41
CA ARG F 3880 -23.94 2.55 -44.48
C ARG F 3880 -24.09 1.31 -43.59
N MET F 3881 -23.64 0.17 -44.08
CA MET F 3881 -23.32 -0.96 -43.23
C MET F 3881 -22.11 -0.71 -42.37
N SER F 3882 -21.06 -0.15 -42.95
CA SER F 3882 -19.74 -0.17 -42.33
C SER F 3882 -19.64 0.92 -41.27
N THR F 3883 -19.41 0.52 -40.01
CA THR F 3883 -19.39 1.49 -38.92
C THR F 3883 -18.13 2.35 -38.94
N SER F 3884 -16.97 1.72 -38.93
CA SER F 3884 -15.71 2.44 -38.86
C SER F 3884 -15.00 2.25 -40.19
N PRO F 3885 -14.15 3.21 -40.56
CA PRO F 3885 -13.43 3.06 -41.82
C PRO F 3885 -12.72 1.74 -41.95
N GLU F 3886 -12.01 1.31 -40.91
CA GLU F 3886 -11.28 0.07 -41.02
C GLU F 3886 -12.21 -1.12 -40.93
N ALA F 3887 -13.33 -0.96 -40.26
CA ALA F 3887 -14.34 -2.01 -40.26
C ALA F 3887 -14.76 -2.35 -41.69
N PHE F 3888 -14.68 -1.38 -42.59
CA PHE F 3888 -15.14 -1.58 -43.96
C PHE F 3888 -14.47 -2.78 -44.60
N LEU F 3889 -13.18 -2.65 -44.87
CA LEU F 3889 -12.50 -3.75 -45.52
C LEU F 3889 -12.26 -4.89 -44.56
N ALA F 3890 -12.20 -4.59 -43.26
CA ALA F 3890 -12.30 -5.67 -42.30
C ALA F 3890 -13.49 -6.56 -42.64
N LEU F 3891 -14.59 -5.94 -43.07
CA LEU F 3891 -15.76 -6.68 -43.54
C LEU F 3891 -15.44 -7.43 -44.82
N ARG F 3892 -14.99 -6.69 -45.83
CA ARG F 3892 -14.84 -7.34 -47.11
C ARG F 3892 -13.82 -8.47 -47.02
N SER F 3893 -13.11 -8.58 -45.90
CA SER F 3893 -12.35 -9.78 -45.60
C SER F 3893 -13.25 -10.98 -45.82
N HIS F 3894 -14.23 -11.14 -44.94
CA HIS F 3894 -15.11 -12.28 -45.12
C HIS F 3894 -16.08 -12.12 -46.27
N PHE F 3895 -16.43 -10.89 -46.66
CA PHE F 3895 -17.31 -10.78 -47.82
C PHE F 3895 -16.66 -11.37 -49.05
N ALA F 3896 -15.49 -10.86 -49.40
CA ALA F 3896 -14.73 -11.50 -50.46
C ALA F 3896 -14.60 -12.98 -50.19
N SER F 3897 -14.29 -13.34 -48.93
CA SER F 3897 -14.12 -14.74 -48.58
C SER F 3897 -15.29 -15.53 -49.14
N SER F 3898 -16.48 -14.97 -49.02
CA SER F 3898 -17.62 -15.51 -49.71
C SER F 3898 -17.27 -15.58 -51.17
N HIS F 3899 -17.23 -14.43 -51.86
CA HIS F 3899 -17.34 -14.51 -53.31
C HIS F 3899 -16.35 -15.52 -53.85
N ALA F 3900 -15.20 -15.62 -53.21
CA ALA F 3900 -14.26 -16.68 -53.49
C ALA F 3900 -14.91 -18.04 -53.32
N LEU F 3901 -15.10 -18.41 -52.06
CA LEU F 3901 -15.52 -19.76 -51.75
C LEU F 3901 -16.74 -20.11 -52.59
N ILE F 3902 -17.59 -19.13 -52.80
CA ILE F 3902 -18.69 -19.15 -53.73
C ILE F 3902 -18.21 -19.69 -55.06
N CYS F 3903 -17.42 -18.88 -55.75
CA CYS F 3903 -17.08 -19.19 -57.11
C CYS F 3903 -16.43 -20.56 -57.21
N ILE F 3904 -15.67 -20.93 -56.17
CA ILE F 3904 -15.21 -22.31 -56.08
C ILE F 3904 -16.38 -23.25 -56.22
N SER F 3905 -17.36 -23.10 -55.34
CA SER F 3905 -18.49 -24.02 -55.33
C SER F 3905 -19.13 -24.09 -56.69
N HIS F 3906 -19.20 -22.96 -57.37
CA HIS F 3906 -19.91 -22.95 -58.62
C HIS F 3906 -19.09 -23.52 -59.75
N TRP F 3907 -17.78 -23.65 -59.57
CA TRP F 3907 -17.13 -24.62 -60.44
C TRP F 3907 -17.42 -26.03 -59.98
N ILE F 3908 -17.47 -26.25 -58.68
CA ILE F 3908 -17.76 -27.58 -58.19
C ILE F 3908 -19.08 -28.04 -58.78
N LEU F 3909 -20.02 -27.11 -58.97
CA LEU F 3909 -21.08 -27.30 -59.95
C LEU F 3909 -21.70 -25.96 -60.31
N GLY F 3910 -22.35 -25.92 -61.46
CA GLY F 3910 -22.75 -24.67 -62.06
C GLY F 3910 -23.69 -23.85 -61.19
N ILE F 3911 -23.68 -22.55 -61.44
CA ILE F 3911 -24.50 -21.60 -60.71
C ILE F 3911 -25.87 -21.45 -61.35
N GLY F 3912 -26.86 -21.47 -60.50
CA GLY F 3912 -28.20 -21.02 -60.80
C GLY F 3912 -28.73 -20.50 -59.48
N ASP F 3913 -30.02 -20.13 -59.49
CA ASP F 3913 -30.72 -19.73 -58.28
C ASP F 3913 -30.09 -18.45 -57.70
N ARG F 3914 -29.42 -17.68 -58.56
CA ARG F 3914 -28.73 -16.45 -58.20
C ARG F 3914 -28.97 -15.42 -59.29
N HIS F 3915 -29.60 -14.28 -58.99
CA HIS F 3915 -29.70 -13.33 -60.09
C HIS F 3915 -28.40 -12.57 -60.20
N LEU F 3916 -28.33 -11.44 -59.50
CA LEU F 3916 -27.21 -11.11 -58.63
C LEU F 3916 -27.62 -11.08 -57.16
N ASN F 3917 -28.91 -11.09 -56.88
CA ASN F 3917 -29.45 -10.75 -55.57
C ASN F 3917 -29.34 -11.92 -54.60
N ASN F 3918 -29.44 -13.13 -55.14
CA ASN F 3918 -29.73 -14.30 -54.35
C ASN F 3918 -28.65 -14.64 -53.33
N PHE F 3919 -27.57 -13.89 -53.28
CA PHE F 3919 -26.67 -13.94 -52.15
C PHE F 3919 -27.02 -12.79 -51.21
N MET F 3920 -27.06 -13.06 -49.91
CA MET F 3920 -27.75 -12.12 -49.04
C MET F 3920 -26.98 -11.92 -47.76
N VAL F 3921 -26.72 -10.65 -47.44
CA VAL F 3921 -25.92 -10.29 -46.29
C VAL F 3921 -26.56 -10.81 -45.03
N ALA F 3922 -25.75 -11.37 -44.15
CA ALA F 3922 -26.05 -11.49 -42.73
C ALA F 3922 -25.25 -10.42 -42.01
N MET F 3923 -25.94 -9.58 -41.26
CA MET F 3923 -25.29 -8.39 -40.74
C MET F 3923 -24.20 -8.71 -39.72
N GLU F 3924 -24.34 -9.84 -39.00
CA GLU F 3924 -23.37 -10.14 -37.96
C GLU F 3924 -22.04 -10.54 -38.56
N THR F 3925 -22.05 -11.51 -39.46
CA THR F 3925 -20.91 -11.59 -40.34
C THR F 3925 -20.92 -10.44 -41.32
N GLY F 3926 -22.07 -9.78 -41.46
CA GLY F 3926 -22.18 -8.63 -42.35
C GLY F 3926 -21.81 -8.93 -43.78
N GLY F 3927 -22.14 -10.10 -44.28
CA GLY F 3927 -21.81 -10.44 -45.66
C GLY F 3927 -22.80 -11.40 -46.25
N VAL F 3928 -22.94 -11.35 -47.56
CA VAL F 3928 -23.91 -12.18 -48.25
C VAL F 3928 -23.52 -13.63 -48.09
N ILE F 3929 -24.49 -14.49 -48.29
CA ILE F 3929 -24.26 -15.91 -48.39
C ILE F 3929 -25.09 -16.43 -49.55
N GLY F 3930 -24.53 -17.38 -50.27
CA GLY F 3930 -25.35 -18.27 -51.03
C GLY F 3930 -26.01 -19.38 -50.24
N ILE F 3931 -27.33 -19.41 -50.17
CA ILE F 3931 -28.08 -20.59 -49.78
C ILE F 3931 -28.78 -21.25 -50.97
N ASP F 3932 -28.72 -20.66 -52.14
CA ASP F 3932 -29.64 -20.91 -53.24
C ASP F 3932 -29.00 -21.83 -54.26
N PHE F 3933 -29.62 -22.97 -54.52
CA PHE F 3933 -29.09 -23.89 -55.53
C PHE F 3933 -30.24 -24.40 -56.39
N GLY F 3934 -30.28 -23.98 -57.65
CA GLY F 3934 -31.26 -24.47 -58.59
C GLY F 3934 -30.72 -25.30 -59.73
N HIS F 3935 -29.40 -25.46 -59.84
CA HIS F 3935 -28.81 -26.02 -61.05
C HIS F 3935 -27.43 -26.58 -60.74
N ALA F 3936 -26.92 -27.36 -61.68
CA ALA F 3936 -25.57 -27.89 -61.52
C ALA F 3936 -25.04 -28.35 -62.87
N PHE F 3937 -23.79 -28.76 -62.84
CA PHE F 3937 -23.11 -29.61 -63.81
C PHE F 3937 -23.17 -28.97 -65.19
N GLY F 3938 -23.28 -29.76 -66.24
CA GLY F 3938 -23.21 -29.22 -67.58
C GLY F 3938 -24.57 -29.22 -68.23
N SER F 3939 -25.52 -29.88 -67.57
CA SER F 3939 -26.88 -29.88 -68.09
C SER F 3939 -27.40 -28.46 -68.21
N ALA F 3940 -27.58 -27.80 -67.08
CA ALA F 3940 -28.18 -26.47 -67.02
C ALA F 3940 -27.58 -25.53 -68.04
N THR F 3941 -26.29 -25.23 -67.91
CA THR F 3941 -25.64 -24.39 -68.90
C THR F 3941 -25.80 -24.98 -70.30
N GLN F 3942 -25.78 -26.29 -70.41
CA GLN F 3942 -25.88 -26.91 -71.72
C GLN F 3942 -27.23 -26.65 -72.34
N PHE F 3943 -28.14 -26.03 -71.61
CA PHE F 3943 -29.42 -25.71 -72.20
C PHE F 3943 -29.21 -24.65 -73.26
N LEU F 3944 -29.66 -24.96 -74.46
CA LEU F 3944 -29.66 -23.97 -75.52
C LEU F 3944 -30.33 -22.68 -75.10
N PRO F 3945 -31.43 -22.69 -74.34
CA PRO F 3945 -31.89 -21.43 -73.73
C PRO F 3945 -30.83 -20.79 -72.86
N VAL F 3946 -30.18 -21.56 -72.00
CA VAL F 3946 -29.24 -20.94 -71.06
C VAL F 3946 -27.85 -21.53 -71.18
N PRO F 3947 -27.14 -21.26 -72.27
CA PRO F 3947 -25.70 -21.49 -72.27
C PRO F 3947 -25.02 -20.53 -71.32
N GLU F 3948 -24.18 -21.06 -70.44
CA GLU F 3948 -23.34 -20.24 -69.58
C GLU F 3948 -21.96 -20.87 -69.50
N LEU F 3949 -20.94 -20.20 -70.03
CA LEU F 3949 -19.61 -20.77 -69.91
C LEU F 3949 -18.99 -20.42 -68.58
N MET F 3950 -19.39 -19.30 -68.04
CA MET F 3950 -18.75 -18.70 -66.89
C MET F 3950 -18.63 -19.71 -65.77
N PRO F 3951 -17.42 -19.98 -65.28
CA PRO F 3951 -17.26 -20.90 -64.14
C PRO F 3951 -17.85 -20.34 -62.87
N PHE F 3952 -18.14 -19.04 -62.85
CA PHE F 3952 -18.78 -18.37 -61.73
C PHE F 3952 -19.42 -17.13 -62.30
N ARG F 3953 -19.90 -16.25 -61.43
CA ARG F 3953 -20.32 -14.93 -61.87
C ARG F 3953 -19.77 -13.87 -60.95
N LEU F 3954 -18.93 -13.01 -61.49
CA LEU F 3954 -18.60 -11.71 -60.91
C LEU F 3954 -19.35 -10.67 -61.72
N THR F 3955 -19.13 -9.39 -61.39
CA THR F 3955 -19.53 -8.29 -62.26
C THR F 3955 -18.50 -7.18 -62.16
N ARG F 3956 -18.74 -6.16 -62.98
CA ARG F 3956 -17.90 -4.98 -63.02
C ARG F 3956 -17.83 -4.33 -61.66
N GLN F 3957 -18.99 -3.83 -61.25
CA GLN F 3957 -19.12 -3.21 -59.95
C GLN F 3957 -18.49 -4.06 -58.88
N PHE F 3958 -18.56 -5.39 -59.02
CA PHE F 3958 -17.92 -6.24 -58.03
C PHE F 3958 -16.46 -5.90 -57.92
N ILE F 3959 -15.68 -6.24 -58.94
CA ILE F 3959 -14.26 -5.99 -58.87
C ILE F 3959 -13.98 -4.56 -58.45
N ASN F 3960 -14.85 -3.63 -58.83
CA ASN F 3960 -14.64 -2.24 -58.43
C ASN F 3960 -14.68 -2.12 -56.92
N LEU F 3961 -15.80 -2.54 -56.32
CA LEU F 3961 -15.90 -2.63 -54.87
C LEU F 3961 -14.70 -3.35 -54.28
N MET F 3962 -14.44 -4.53 -54.79
CA MET F 3962 -13.48 -5.47 -54.28
C MET F 3962 -12.12 -4.80 -54.16
N LEU F 3963 -11.85 -3.87 -55.04
CA LEU F 3963 -11.01 -2.69 -54.85
C LEU F 3963 -10.73 -2.01 -56.16
N PRO F 3964 -10.11 -0.88 -56.10
CA PRO F 3964 -9.10 -0.57 -57.11
C PRO F 3964 -7.94 -1.54 -56.94
N MET F 3965 -8.28 -2.81 -57.12
CA MET F 3965 -7.38 -3.93 -57.20
C MET F 3965 -8.12 -4.85 -58.17
N LYS F 3966 -7.51 -5.79 -58.91
CA LYS F 3966 -6.21 -6.46 -58.70
C LYS F 3966 -6.37 -7.39 -57.50
N GLU F 3967 -7.59 -7.34 -56.97
CA GLU F 3967 -8.18 -8.47 -56.29
C GLU F 3967 -8.11 -9.68 -57.17
N THR F 3968 -7.79 -9.46 -58.44
CA THR F 3968 -7.35 -10.49 -59.35
C THR F 3968 -6.47 -11.39 -58.53
N GLY F 3969 -5.33 -10.87 -58.14
CA GLY F 3969 -4.57 -11.54 -57.13
C GLY F 3969 -5.34 -11.66 -55.83
N LEU F 3970 -5.85 -10.54 -55.31
CA LEU F 3970 -6.04 -10.46 -53.88
C LEU F 3970 -7.06 -11.46 -53.36
N MET F 3971 -7.96 -11.90 -54.20
CA MET F 3971 -8.69 -13.12 -53.95
C MET F 3971 -8.19 -14.30 -54.75
N TYR F 3972 -7.36 -14.06 -55.78
CA TYR F 3972 -6.84 -15.13 -56.60
C TYR F 3972 -6.23 -16.22 -55.74
N SER F 3973 -5.07 -15.91 -55.15
CA SER F 3973 -4.37 -16.96 -54.44
C SER F 3973 -5.22 -17.53 -53.33
N ILE F 3974 -6.17 -16.74 -52.84
CA ILE F 3974 -7.16 -17.29 -51.95
C ILE F 3974 -7.78 -18.52 -52.59
N MET F 3975 -8.31 -18.31 -53.79
CA MET F 3975 -8.83 -19.41 -54.58
C MET F 3975 -7.81 -20.52 -54.60
N VAL F 3976 -6.55 -20.14 -54.71
CA VAL F 3976 -5.53 -21.18 -54.75
C VAL F 3976 -5.73 -22.02 -53.52
N HIS F 3977 -5.68 -21.39 -52.36
CA HIS F 3977 -5.78 -22.16 -51.14
C HIS F 3977 -6.97 -23.06 -51.20
N ALA F 3978 -8.04 -22.59 -51.84
CA ALA F 3978 -9.12 -23.51 -52.14
C ALA F 3978 -8.57 -24.73 -52.86
N LEU F 3979 -7.67 -24.51 -53.79
CA LEU F 3979 -7.20 -25.65 -54.56
C LEU F 3979 -6.15 -26.46 -53.81
N ARG F 3980 -5.13 -25.80 -53.26
CA ARG F 3980 -4.12 -26.54 -52.52
C ARG F 3980 -4.79 -27.38 -51.47
N ALA F 3981 -5.83 -26.84 -50.86
CA ALA F 3981 -6.81 -27.69 -50.23
C ALA F 3981 -7.24 -28.81 -51.16
N PHE F 3982 -7.92 -28.46 -52.26
CA PHE F 3982 -8.55 -29.43 -53.13
C PHE F 3982 -7.62 -30.57 -53.45
N ARG F 3983 -6.36 -30.25 -53.69
CA ARG F 3983 -5.46 -31.31 -54.11
C ARG F 3983 -5.06 -32.23 -52.97
N SER F 3984 -5.47 -31.93 -51.74
CA SER F 3984 -5.04 -32.73 -50.60
C SER F 3984 -5.40 -34.22 -50.74
N ASP F 3985 -6.67 -34.58 -50.57
CA ASP F 3985 -7.08 -35.98 -50.76
C ASP F 3985 -8.10 -36.11 -51.88
N PRO F 3986 -7.81 -36.92 -52.90
CA PRO F 3986 -8.80 -37.05 -53.99
C PRO F 3986 -10.11 -37.65 -53.54
N GLY F 3987 -10.06 -38.74 -52.77
CA GLY F 3987 -11.23 -39.57 -52.57
C GLY F 3987 -12.42 -38.83 -52.02
N LEU F 3988 -12.19 -37.66 -51.43
CA LEU F 3988 -13.22 -36.97 -50.71
C LEU F 3988 -14.42 -36.66 -51.60
N LEU F 3989 -14.24 -35.64 -52.42
CA LEU F 3989 -15.29 -35.29 -53.35
C LEU F 3989 -15.52 -36.42 -54.31
N THR F 3990 -14.49 -37.23 -54.53
CA THR F 3990 -14.60 -38.40 -55.37
C THR F 3990 -15.83 -39.20 -54.99
N ASN F 3991 -15.84 -39.72 -53.76
CA ASN F 3991 -17.05 -40.35 -53.27
C ASN F 3991 -18.21 -39.38 -53.34
N THR F 3992 -17.97 -38.12 -53.02
CA THR F 3992 -19.08 -37.19 -52.86
C THR F 3992 -19.97 -37.15 -54.08
N MET F 3993 -19.45 -36.51 -55.12
CA MET F 3993 -20.18 -36.51 -56.36
C MET F 3993 -20.38 -37.92 -56.86
N ASP F 3994 -19.53 -38.84 -56.46
CA ASP F 3994 -19.57 -40.20 -56.95
C ASP F 3994 -20.93 -40.82 -56.69
N VAL F 3995 -21.16 -41.22 -55.45
CA VAL F 3995 -22.45 -41.82 -55.14
C VAL F 3995 -23.52 -40.76 -55.25
N PHE F 3996 -23.12 -39.50 -55.12
CA PHE F 3996 -23.99 -38.36 -55.30
C PHE F 3996 -24.78 -38.52 -56.57
N VAL F 3997 -24.14 -38.33 -57.72
CA VAL F 3997 -24.88 -38.45 -58.95
C VAL F 3997 -25.17 -39.89 -59.26
N LYS F 3998 -24.52 -40.82 -58.58
CA LYS F 3998 -24.80 -42.21 -58.89
C LYS F 3998 -26.22 -42.55 -58.47
N GLU F 3999 -26.65 -42.01 -57.34
CA GLU F 3999 -27.94 -42.43 -56.78
C GLU F 3999 -29.15 -41.95 -57.58
N PRO F 4000 -29.30 -40.67 -57.89
CA PRO F 4000 -30.65 -40.12 -58.02
C PRO F 4000 -31.37 -40.66 -59.24
N SER F 4001 -32.62 -41.02 -59.05
CA SER F 4001 -33.58 -40.83 -60.10
C SER F 4001 -34.21 -39.45 -60.00
N PHE F 4002 -33.97 -38.77 -58.87
CA PHE F 4002 -34.54 -37.45 -58.66
C PHE F 4002 -33.84 -36.43 -59.53
N ASP F 4003 -32.53 -36.35 -59.38
CA ASP F 4003 -31.76 -35.20 -59.80
C ASP F 4003 -31.81 -35.05 -61.31
N TRP F 4004 -32.44 -35.98 -62.01
CA TRP F 4004 -32.49 -35.76 -63.44
C TRP F 4004 -33.93 -35.50 -63.86
N LYS F 4005 -34.71 -36.58 -63.99
CA LYS F 4005 -36.08 -36.43 -64.46
C LYS F 4005 -36.92 -35.70 -63.44
N ASN F 4006 -36.69 -35.97 -62.17
CA ASN F 4006 -37.42 -35.22 -61.17
C ASN F 4006 -36.82 -33.83 -61.02
N PHE F 4007 -35.55 -33.69 -61.29
CA PHE F 4007 -35.00 -32.34 -61.34
C PHE F 4007 -35.33 -31.67 -62.67
N GLU F 4008 -35.47 -32.45 -63.73
CA GLU F 4008 -36.22 -31.94 -64.86
C GLU F 4008 -37.51 -31.34 -64.37
N GLN F 4009 -38.23 -32.10 -63.55
CA GLN F 4009 -39.49 -31.63 -62.98
C GLN F 4009 -39.27 -30.35 -62.19
N LYS F 4010 -38.09 -30.19 -61.58
CA LYS F 4010 -37.84 -29.00 -60.78
C LYS F 4010 -37.62 -27.78 -61.65
N MET F 4011 -36.65 -27.88 -62.56
CA MET F 4011 -36.38 -26.80 -63.51
C MET F 4011 -37.65 -26.38 -64.21
N LEU F 4012 -38.44 -27.38 -64.60
CA LEU F 4012 -39.84 -27.16 -64.84
C LEU F 4012 -40.43 -26.27 -63.76
N LYS F 4013 -40.41 -26.76 -62.52
CA LYS F 4013 -41.21 -26.14 -61.47
C LYS F 4013 -40.87 -24.67 -61.26
N LYS F 4014 -39.75 -24.20 -61.78
CA LYS F 4014 -39.55 -22.76 -61.86
C LYS F 4014 -39.11 -22.30 -63.23
N GLY F 4015 -37.95 -22.78 -63.69
CA GLY F 4015 -37.35 -22.21 -64.88
C GLY F 4015 -38.24 -22.17 -66.10
N GLY F 4016 -38.42 -20.96 -66.65
CA GLY F 4016 -39.33 -20.76 -67.76
C GLY F 4016 -38.87 -21.35 -69.07
N SER F 4017 -37.73 -20.89 -69.59
CA SER F 4017 -37.20 -21.46 -70.82
C SER F 4017 -36.71 -22.88 -70.60
N TRP F 4018 -36.64 -23.29 -69.35
CA TRP F 4018 -36.48 -24.68 -68.94
C TRP F 4018 -37.66 -25.52 -69.38
N ILE F 4019 -38.66 -24.90 -70.00
CA ILE F 4019 -39.94 -25.50 -70.34
C ILE F 4019 -39.83 -26.89 -70.95
N GLN F 4020 -39.43 -27.00 -72.21
CA GLN F 4020 -39.30 -28.30 -72.85
C GLN F 4020 -37.92 -28.90 -72.67
N GLU F 4021 -36.96 -28.08 -72.28
CA GLU F 4021 -35.56 -28.44 -72.26
C GLU F 4021 -35.33 -29.73 -71.50
N ILE F 4022 -36.01 -29.88 -70.37
CA ILE F 4022 -35.64 -30.87 -69.37
C ILE F 4022 -35.66 -32.28 -69.96
N ASN F 4023 -36.82 -32.68 -70.48
CA ASN F 4023 -37.05 -34.06 -70.88
C ASN F 4023 -36.32 -34.36 -72.19
N VAL F 4024 -36.66 -33.62 -73.25
CA VAL F 4024 -35.99 -33.78 -74.52
C VAL F 4024 -34.49 -33.58 -74.39
N ALA F 4025 -34.04 -33.12 -73.22
CA ALA F 4025 -32.62 -32.99 -72.95
C ALA F 4025 -32.06 -34.29 -72.40
N GLU F 4026 -32.37 -34.61 -71.14
CA GLU F 4026 -31.62 -35.69 -70.48
C GLU F 4026 -31.76 -37.02 -71.19
N LYS F 4027 -32.72 -37.14 -72.10
CA LYS F 4027 -32.97 -38.39 -72.81
C LYS F 4027 -31.70 -38.90 -73.48
N ASN F 4028 -31.54 -40.23 -73.46
CA ASN F 4028 -30.39 -40.92 -74.06
C ASN F 4028 -29.06 -40.30 -73.66
N TRP F 4029 -28.97 -39.81 -72.44
CA TRP F 4029 -27.79 -39.09 -72.05
C TRP F 4029 -27.49 -39.30 -70.58
N TYR F 4030 -26.19 -39.25 -70.25
CA TYR F 4030 -25.68 -39.47 -68.92
C TYR F 4030 -25.50 -38.15 -68.23
N PRO F 4031 -26.41 -37.74 -67.35
CA PRO F 4031 -25.98 -36.94 -66.22
C PRO F 4031 -25.07 -37.75 -65.33
N ARG F 4032 -24.97 -39.07 -65.57
CA ARG F 4032 -24.18 -39.97 -64.76
C ARG F 4032 -22.75 -40.15 -65.22
N GLN F 4033 -22.55 -41.00 -66.21
CA GLN F 4033 -21.24 -41.63 -66.30
C GLN F 4033 -20.24 -40.79 -67.07
N LYS F 4034 -20.66 -40.14 -68.14
CA LYS F 4034 -19.74 -39.17 -68.71
C LYS F 4034 -19.64 -37.97 -67.77
N ILE F 4035 -20.70 -37.68 -67.03
CA ILE F 4035 -20.55 -36.71 -65.96
C ILE F 4035 -19.67 -37.27 -64.87
N CYS F 4036 -19.78 -38.57 -64.62
CA CYS F 4036 -18.85 -39.23 -63.71
C CYS F 4036 -17.42 -38.87 -64.05
N TYR F 4037 -16.99 -39.23 -65.25
CA TYR F 4037 -15.60 -39.03 -65.59
C TYR F 4037 -15.28 -37.55 -65.78
N ALA F 4038 -16.09 -36.84 -66.56
CA ALA F 4038 -15.87 -35.42 -66.80
C ALA F 4038 -15.70 -34.67 -65.49
N LYS F 4039 -16.38 -35.12 -64.46
CA LYS F 4039 -16.22 -34.50 -63.16
C LYS F 4039 -14.98 -35.03 -62.46
N ARG F 4040 -14.65 -36.30 -62.65
CA ARG F 4040 -13.49 -36.87 -61.98
C ARG F 4040 -12.19 -36.24 -62.48
N LYS F 4041 -11.96 -36.30 -63.79
CA LYS F 4041 -10.97 -35.45 -64.42
C LYS F 4041 -11.15 -34.02 -63.96
N LEU F 4042 -12.39 -33.54 -64.05
CA LEU F 4042 -12.69 -32.12 -63.84
C LEU F 4042 -12.01 -31.65 -62.57
N ALA F 4043 -11.98 -32.51 -61.56
CA ALA F 4043 -11.06 -32.33 -60.45
C ALA F 4043 -9.65 -32.06 -60.94
N GLY F 4044 -9.06 -33.02 -61.64
CA GLY F 4044 -7.64 -33.01 -61.87
C GLY F 4044 -7.08 -31.75 -62.50
N ALA F 4045 -7.57 -31.38 -63.68
CA ALA F 4045 -7.04 -30.21 -64.38
C ALA F 4045 -8.11 -29.69 -65.34
N ASN F 4046 -7.95 -28.43 -65.75
CA ASN F 4046 -8.88 -27.78 -66.67
C ASN F 4046 -8.23 -26.98 -67.78
N PRO F 4047 -8.04 -27.56 -68.92
CA PRO F 4047 -7.88 -26.74 -70.11
C PRO F 4047 -9.18 -26.01 -70.42
N ALA F 4048 -9.47 -24.98 -69.63
CA ALA F 4048 -10.49 -23.99 -69.95
C ALA F 4048 -11.88 -24.60 -70.09
N VAL F 4049 -12.42 -24.97 -68.94
CA VAL F 4049 -13.84 -25.29 -68.82
C VAL F 4049 -14.11 -26.39 -69.83
N ILE F 4050 -13.23 -27.38 -69.83
CA ILE F 4050 -13.13 -28.22 -71.00
C ILE F 4050 -14.26 -29.24 -71.07
N THR F 4051 -14.54 -29.95 -69.99
CA THR F 4051 -15.55 -31.00 -70.08
C THR F 4051 -16.93 -30.43 -70.30
N CYS F 4052 -17.17 -29.21 -69.84
CA CYS F 4052 -18.36 -28.49 -70.25
C CYS F 4052 -18.38 -28.36 -71.77
N ASP F 4053 -17.30 -27.83 -72.32
CA ASP F 4053 -17.18 -27.69 -73.75
C ASP F 4053 -17.46 -29.02 -74.44
N GLU F 4054 -17.17 -30.12 -73.76
CA GLU F 4054 -17.60 -31.43 -74.24
C GLU F 4054 -19.11 -31.52 -74.24
N LEU F 4055 -19.72 -31.18 -73.12
CA LEU F 4055 -21.16 -31.30 -72.95
C LEU F 4055 -21.90 -30.48 -73.99
N LEU F 4056 -21.82 -29.16 -73.84
CA LEU F 4056 -22.39 -28.26 -74.83
C LEU F 4056 -21.92 -28.61 -76.23
N LEU F 4057 -20.73 -29.22 -76.35
CA LEU F 4057 -20.28 -29.69 -77.64
C LEU F 4057 -21.25 -30.70 -78.22
N GLY F 4058 -21.51 -31.78 -77.48
CA GLY F 4058 -22.55 -32.68 -77.91
C GLY F 4058 -23.87 -31.96 -78.10
N HIS F 4059 -24.04 -30.84 -77.41
CA HIS F 4059 -25.24 -30.05 -77.51
C HIS F 4059 -25.24 -29.27 -78.82
N GLU F 4060 -26.26 -28.44 -79.00
CA GLU F 4060 -26.52 -27.73 -80.23
C GLU F 4060 -26.78 -26.27 -79.88
N LYS F 4061 -26.31 -25.29 -80.66
CA LYS F 4061 -25.69 -25.40 -81.98
C LYS F 4061 -24.49 -24.46 -82.13
N ALA F 4062 -24.01 -24.33 -83.37
CA ALA F 4062 -22.87 -23.48 -83.64
C ALA F 4062 -23.03 -22.02 -83.18
N PRO F 4063 -24.10 -21.31 -83.53
CA PRO F 4063 -24.09 -19.84 -83.32
C PRO F 4063 -23.85 -19.42 -81.89
N ALA F 4064 -24.50 -20.08 -80.95
CA ALA F 4064 -24.16 -19.85 -79.56
C ALA F 4064 -22.85 -20.53 -79.20
N PHE F 4065 -22.75 -21.81 -79.51
CA PHE F 4065 -21.71 -22.66 -78.92
C PHE F 4065 -20.47 -22.72 -79.79
N ARG F 4066 -20.54 -23.43 -80.92
CA ARG F 4066 -19.35 -23.61 -81.74
C ARG F 4066 -18.73 -22.26 -82.04
N ASP F 4067 -19.56 -21.23 -82.07
CA ASP F 4067 -19.00 -19.90 -81.98
C ASP F 4067 -18.18 -19.76 -80.71
N TYR F 4068 -18.84 -19.64 -79.56
CA TYR F 4068 -18.14 -18.97 -78.47
C TYR F 4068 -17.10 -19.87 -77.83
N VAL F 4069 -17.38 -21.16 -77.72
CA VAL F 4069 -16.38 -22.01 -77.10
C VAL F 4069 -15.05 -21.86 -77.82
N ALA F 4070 -15.11 -21.70 -79.13
CA ALA F 4070 -13.95 -21.15 -79.82
C ALA F 4070 -13.65 -19.73 -79.38
N VAL F 4071 -14.68 -18.88 -79.24
CA VAL F 4071 -14.46 -17.49 -78.88
C VAL F 4071 -14.20 -17.33 -77.40
N ALA F 4072 -14.35 -18.40 -76.62
CA ALA F 4072 -13.75 -18.45 -75.30
C ALA F 4072 -12.24 -18.36 -75.35
N ARG F 4073 -11.66 -18.61 -76.52
CA ARG F 4073 -10.22 -18.69 -76.73
C ARG F 4073 -9.61 -17.40 -77.24
N GLY F 4074 -10.33 -16.28 -77.19
CA GLY F 4074 -10.28 -15.24 -78.20
C GLY F 4074 -9.01 -14.42 -78.39
N SER F 4075 -9.17 -13.17 -78.84
CA SER F 4075 -8.08 -12.40 -79.38
C SER F 4075 -6.94 -12.29 -78.39
N LYS F 4076 -5.79 -11.87 -78.88
CA LYS F 4076 -4.65 -11.68 -78.01
C LYS F 4076 -5.03 -10.87 -76.79
N ASP F 4077 -6.14 -10.14 -76.88
CA ASP F 4077 -6.90 -9.79 -75.71
C ASP F 4077 -7.03 -11.03 -74.84
N HIS F 4078 -7.81 -11.99 -75.33
CA HIS F 4078 -8.19 -13.16 -74.55
C HIS F 4078 -7.33 -14.36 -74.88
N ASN F 4079 -6.45 -14.23 -75.86
CA ASN F 4079 -5.72 -15.39 -76.38
C ASN F 4079 -5.01 -16.11 -75.26
N ILE F 4080 -4.57 -15.37 -74.25
CA ILE F 4080 -4.06 -15.98 -73.03
C ILE F 4080 -5.01 -17.08 -72.57
N ARG F 4081 -6.28 -16.74 -72.44
CA ARG F 4081 -7.27 -17.71 -72.00
C ARG F 4081 -7.22 -18.98 -72.82
N ALA F 4082 -6.81 -18.88 -74.09
CA ALA F 4082 -6.67 -20.06 -74.91
C ALA F 4082 -5.36 -20.78 -74.65
N GLN F 4083 -4.27 -20.04 -74.67
CA GLN F 4083 -2.95 -20.63 -74.68
C GLN F 4083 -2.50 -20.97 -73.28
N GLU F 4084 -2.76 -20.08 -72.33
CA GLU F 4084 -2.51 -20.37 -70.92
C GLU F 4084 -2.93 -21.79 -70.52
N PRO F 4085 -4.12 -22.26 -70.86
CA PRO F 4085 -4.56 -23.56 -70.36
C PRO F 4085 -3.59 -24.70 -70.68
N GLU F 4086 -3.60 -25.69 -69.81
CA GLU F 4086 -2.89 -26.93 -70.02
C GLU F 4086 -3.82 -28.09 -69.69
N SER F 4087 -4.13 -28.89 -70.70
CA SER F 4087 -4.81 -30.15 -70.44
C SER F 4087 -4.00 -31.00 -69.48
N GLY F 4088 -2.70 -31.12 -69.72
CA GLY F 4088 -1.87 -32.00 -68.93
C GLY F 4088 -1.94 -31.70 -67.45
N LEU F 4089 -1.59 -30.48 -67.06
CA LEU F 4089 -1.75 -30.04 -65.69
C LEU F 4089 -2.14 -28.59 -65.65
N SER F 4090 -3.20 -28.28 -64.92
CA SER F 4090 -3.62 -26.91 -64.71
C SER F 4090 -4.10 -26.78 -63.28
N GLU F 4091 -3.54 -25.83 -62.52
CA GLU F 4091 -4.16 -25.58 -61.22
C GLU F 4091 -4.25 -24.12 -60.84
N GLU F 4092 -3.15 -23.53 -60.38
CA GLU F 4092 -3.17 -22.12 -60.07
C GLU F 4092 -3.49 -21.35 -61.31
N THR F 4093 -3.05 -21.88 -62.43
CA THR F 4093 -3.64 -21.64 -63.73
C THR F 4093 -5.15 -21.65 -63.66
N GLN F 4094 -5.72 -22.84 -63.38
CA GLN F 4094 -7.15 -23.04 -63.47
C GLN F 4094 -7.86 -21.88 -62.84
N VAL F 4095 -7.34 -21.49 -61.68
CA VAL F 4095 -7.73 -20.21 -61.12
C VAL F 4095 -7.59 -19.16 -62.20
N LYS F 4096 -6.34 -18.88 -62.56
CA LYS F 4096 -6.00 -17.68 -63.31
C LYS F 4096 -7.03 -17.45 -64.38
N CYS F 4097 -7.09 -18.38 -65.32
CA CYS F 4097 -8.14 -18.34 -66.32
C CYS F 4097 -9.50 -18.19 -65.67
N LEU F 4098 -9.95 -19.21 -64.95
CA LEU F 4098 -11.35 -19.27 -64.58
C LEU F 4098 -11.83 -17.97 -64.01
N MET F 4099 -10.91 -17.20 -63.47
CA MET F 4099 -11.20 -15.88 -62.98
C MET F 4099 -11.75 -15.03 -64.09
N ASP F 4100 -10.87 -14.62 -64.99
CA ASP F 4100 -11.23 -13.64 -65.99
C ASP F 4100 -11.63 -14.25 -67.31
N GLN F 4101 -11.74 -15.56 -67.36
CA GLN F 4101 -12.70 -16.12 -68.31
C GLN F 4101 -13.97 -15.32 -68.20
N ALA F 4102 -14.44 -15.16 -66.97
CA ALA F 4102 -15.65 -14.39 -66.72
C ALA F 4102 -15.47 -12.94 -67.08
N THR F 4103 -14.27 -12.39 -66.93
CA THR F 4103 -14.14 -10.98 -67.21
C THR F 4103 -14.48 -10.67 -68.65
N ASP F 4104 -14.69 -11.67 -69.45
CA ASP F 4104 -14.65 -11.47 -70.86
C ASP F 4104 -15.95 -10.86 -71.33
N PRO F 4105 -15.97 -9.59 -71.73
CA PRO F 4105 -17.20 -9.04 -72.32
C PRO F 4105 -17.76 -9.95 -73.37
N ASN F 4106 -16.86 -10.48 -74.18
CA ASN F 4106 -17.10 -11.64 -75.02
C ASN F 4106 -17.86 -12.72 -74.25
N ILE F 4107 -17.30 -13.21 -73.14
CA ILE F 4107 -18.10 -14.14 -72.33
C ILE F 4107 -19.29 -13.43 -71.69
N LEU F 4108 -19.19 -12.12 -71.48
CA LEU F 4108 -20.14 -11.46 -70.56
C LEU F 4108 -21.51 -11.25 -71.20
N GLY F 4109 -21.59 -10.43 -72.25
CA GLY F 4109 -22.90 -10.12 -72.76
C GLY F 4109 -23.66 -11.31 -73.27
N ARG F 4110 -23.04 -12.48 -73.30
CA ARG F 4110 -23.75 -13.70 -73.69
C ARG F 4110 -24.69 -14.17 -72.60
N THR F 4111 -24.12 -14.51 -71.44
CA THR F 4111 -24.75 -15.44 -70.51
C THR F 4111 -26.24 -15.19 -70.32
N TRP F 4112 -26.62 -14.09 -69.65
CA TRP F 4112 -28.02 -13.76 -69.45
C TRP F 4112 -28.16 -12.47 -68.67
N GLU F 4113 -29.31 -11.82 -68.84
CA GLU F 4113 -29.56 -10.52 -68.23
C GLU F 4113 -29.97 -10.64 -66.77
N GLY F 4114 -30.78 -11.63 -66.42
CA GLY F 4114 -31.21 -11.79 -65.04
C GLY F 4114 -30.05 -11.94 -64.09
N TRP F 4115 -28.87 -12.20 -64.61
CA TRP F 4115 -27.67 -12.20 -63.81
C TRP F 4115 -26.98 -10.85 -63.78
N GLU F 4116 -27.44 -9.91 -64.59
CA GLU F 4116 -26.97 -8.54 -64.69
C GLU F 4116 -25.49 -8.31 -64.47
N PRO F 4117 -24.58 -8.99 -65.17
CA PRO F 4117 -23.27 -8.38 -65.34
C PRO F 4117 -23.36 -7.20 -66.26
N TRP F 4118 -24.33 -7.22 -67.17
CA TRP F 4118 -24.58 -6.07 -68.02
C TRP F 4118 -24.93 -4.86 -67.17
N MET F 4119 -25.57 -5.09 -66.04
CA MET F 4119 -25.83 -4.01 -65.13
C MET F 4119 -25.09 -4.34 -63.85
#